data_6USF
#
_entry.id   6USF
#
_cell.length_a   1.00
_cell.length_b   1.00
_cell.length_c   1.00
_cell.angle_alpha   90.00
_cell.angle_beta   90.00
_cell.angle_gamma   90.00
#
_symmetry.space_group_name_H-M   'P 1'
#
loop_
_entity.id
_entity.type
_entity.pdbx_description
1 polymer 'chimera of soluble cytochrome b562 (BRIL) and neuronal acetylcholine receptor subunit alpha-4'
2 polymer 'Neuronal acetylcholine receptor subunit beta-2'
3 polymer 'Fab heavy chain'
4 polymer 'Fab light chain'
5 branched beta-D-mannopyranose-(1-4)-2-acetamido-2-deoxy-beta-D-glucopyranose
6 branched 2-acetamido-2-deoxy-beta-D-glucopyranose-(1-4)-2-acetamido-2-deoxy-beta-D-glucopyranose
7 non-polymer 2-acetamido-2-deoxy-beta-D-glucopyranose
8 non-polymer VARENICLINE
9 non-polymer beta-D-mannopyranose
#
loop_
_entity_poly.entity_id
_entity_poly.type
_entity_poly.pdbx_seq_one_letter_code
_entity_poly.pdbx_strand_id
1 'polypeptide(L)'
;SSHVETRAHAEERLLKKLFSGYNKWSRPVANISDVVLVRFGLSIAQLIDVDEKNQMMTTNVWVKQEWHDYKLRWDPADYE
NVTSIRIPSELIWRPDIVLYNNADGDFAVTHLTKAHLFHDGRVQWTPPAIYKSSCSIDVTFFPFDQQNCTMKFGSWTYDK
AKIDLVNMHSRVDQLDFWESGEWVIVDAVGTYNTRKYECCAEIYPDITYAFVIRRLPLFYTINLIIPCLLISCLTVLVFY
LPSECGEKITLCISVLLSLTVFLLLITEIIPSTSLVIPLIGEYLLFTMIFVTLSIVITVFVLNVHHRSPRTHTMPTWVRR
VFLDIVPRLLLMKRPSVVDTDFADLEDNWETLNDNLKVIEKADNAAQVKDALTKMRAAALDAQKATPPKLEDKSPDSPEM
KDFRHGFDILVGQIDDALKLANEGKVKEAQAAAEQLKTTRNAYIQKYEDWKYVAMVIDRIFLWMFIIVCLLGTVGLFLPP
WLAGMI
;
A,D
2 'polypeptide(L)'
;TDTEERLVEHLLDPSRYNKLIRPATNGSELVTVQLMVSLAQLISVHEREQIMTTNVWLTQEWEDYRLTWKPEEFDNMKKV
RLPSKHIWLPDVVLYNNADGMYEVSFYSNAVVSYDGSIFWLPPAIYKSACKIEVKHFPFDQQNCTMKFRSWTYDRTEIDL
VLKSEVASLDDFTPSGEWDIVALPGRRNENPDDSTYVDITYDFIIRRKPLFYTINLIIPCVLITSLAILVFYLPSDCGEK
MTLCISVLLALTVFLLLISKIVPPTSLDVPLVGKYLMFTMVLVTFSIVTSVCVLNVHHRSPTTHTMAPWVKVVFLEKLPA
LLFMQQDDDQSVSEDWKYVAMVIDRLFLWIFVFVCVFGTIGMFLQPLFQNYTTTTFLHSDHSAPSSKSAWSHPQFEK
;
B,C,E
3 'polypeptide(L)'
;EISEVQLVESGGGLVQPGGSLRLSCAASGFNVRSFSIHWVRQAPGKGLEWVAYISSSSGSTSYADSVKGRFTISADTSKN
TAYLQMNSLRAEDTAVYYCARWGYWPGEPWWKAFDYWGQGTLVTVSSASTKGPSVFPLAPSSKSTSGGTAALGCLVKDYF
PEPVTVSWNSGALTSGVHTFPAVLQSSGLYSLSSVVTVPSSSLGTQTYICNVNHKPSNTKVDKKVEPKS
;
H,K
4 'polypeptide(L)'
;SDIQMTQSPSSLSASVGDRVTITCRASQSVSSAVAWYQQKPGKAPKLLIYSASSLYSGVPSRFSGSRSGTDFTLTISSLQ
PEDFATYYCQQYLYYSLVTFGQGTKVEIKRTVAAPSVFIFPPSDSQLKSGTASVVCLLNNFYPREAKVQWKVDNALQSGN
SQESVTEQDSKDSTYSLSSTLTLSKADYEKHKVYACEVTHQGLSSPVTKSFNRGE
;
L,M
#
loop_
_chem_comp.id
_chem_comp.type
_chem_comp.name
_chem_comp.formula
BMA D-saccharide, beta linking beta-D-mannopyranose 'C6 H12 O6'
NAG D-saccharide, beta linking 2-acetamido-2-deoxy-beta-D-glucopyranose 'C8 H15 N O6'
QMR non-polymer VARENICLINE 'C13 H13 N3'
#
# COMPACT_ATOMS: atom_id res chain seq x y z
N GLU A 5 -97.90 3.41 -5.69
CA GLU A 5 -98.18 2.44 -4.64
C GLU A 5 -96.86 1.92 -4.09
N THR A 6 -95.91 1.71 -4.98
CA THR A 6 -94.58 1.34 -4.52
C THR A 6 -93.67 2.55 -4.52
N ARG A 7 -92.42 2.33 -4.14
CA ARG A 7 -91.54 3.47 -3.88
C ARG A 7 -90.91 3.98 -5.17
N ALA A 8 -90.43 3.07 -6.02
CA ALA A 8 -89.57 3.46 -7.14
C ALA A 8 -90.37 4.07 -8.27
N HIS A 9 -91.66 3.77 -8.33
CA HIS A 9 -92.55 4.45 -9.26
C HIS A 9 -92.80 5.89 -8.85
N ALA A 10 -92.90 6.13 -7.54
CA ALA A 10 -93.12 7.48 -7.04
C ALA A 10 -91.85 8.31 -7.14
N GLU A 11 -90.70 7.65 -7.04
CA GLU A 11 -89.42 8.34 -7.18
C GLU A 11 -89.18 8.71 -8.63
N GLU A 12 -89.66 7.87 -9.55
CA GLU A 12 -89.57 8.20 -10.96
C GLU A 12 -90.53 9.30 -11.35
N ARG A 13 -91.65 9.40 -10.64
CA ARG A 13 -92.61 10.49 -10.90
C ARG A 13 -92.09 11.84 -10.44
N LEU A 14 -91.45 11.90 -9.26
CA LEU A 14 -91.02 13.22 -8.79
C LEU A 14 -89.72 13.63 -9.47
N LEU A 15 -88.94 12.65 -9.95
CA LEU A 15 -87.75 13.00 -10.69
C LEU A 15 -88.11 13.39 -12.12
N LYS A 16 -89.28 12.96 -12.60
CA LYS A 16 -89.83 13.54 -13.81
C LYS A 16 -90.33 14.95 -13.58
N LYS A 17 -90.86 15.24 -12.39
CA LYS A 17 -91.50 16.54 -12.18
C LYS A 17 -90.49 17.64 -11.94
N LEU A 18 -89.38 17.35 -11.27
CA LEU A 18 -88.48 18.42 -10.82
C LEU A 18 -87.64 18.96 -11.96
N PHE A 19 -87.43 18.16 -13.00
CA PHE A 19 -86.62 18.61 -14.11
C PHE A 19 -87.46 19.01 -15.30
N SER A 20 -88.60 19.66 -15.06
CA SER A 20 -89.41 20.18 -16.14
C SER A 20 -88.79 21.45 -16.71
N GLY A 21 -88.69 22.48 -15.89
CA GLY A 21 -88.16 23.74 -16.35
C GLY A 21 -86.97 24.19 -15.53
N TYR A 22 -86.24 23.24 -14.99
CA TYR A 22 -84.99 23.53 -14.32
C TYR A 22 -83.95 23.85 -15.36
N ASN A 23 -83.09 24.81 -15.03
CA ASN A 23 -82.10 25.29 -15.98
C ASN A 23 -80.75 25.20 -15.30
N LYS A 24 -79.73 24.79 -16.04
CA LYS A 24 -78.47 24.43 -15.44
C LYS A 24 -77.66 25.64 -15.02
N TRP A 25 -77.73 26.72 -15.79
CA TRP A 25 -76.76 27.79 -15.62
C TRP A 25 -77.31 29.01 -14.91
N SER A 26 -78.49 28.91 -14.34
CA SER A 26 -79.07 30.00 -13.59
C SER A 26 -78.59 29.94 -12.16
N ARG A 27 -78.13 31.07 -11.64
CA ARG A 27 -77.62 31.11 -10.29
C ARG A 27 -78.77 31.06 -9.30
N PRO A 28 -78.93 29.99 -8.57
CA PRO A 28 -80.25 29.67 -8.01
C PRO A 28 -80.61 30.33 -6.69
N VAL A 29 -80.97 31.60 -6.76
CA VAL A 29 -81.67 32.28 -5.67
C VAL A 29 -82.91 32.90 -6.26
N ALA A 30 -83.75 33.46 -5.40
CA ALA A 30 -85.03 33.97 -5.85
C ALA A 30 -84.99 35.47 -6.09
N ASN A 31 -84.31 36.22 -5.23
CA ASN A 31 -84.14 37.65 -5.41
C ASN A 31 -82.66 37.89 -5.63
N ILE A 32 -82.34 38.89 -6.45
CA ILE A 32 -81.04 38.94 -7.14
C ILE A 32 -79.95 39.44 -6.20
N SER A 33 -80.33 40.14 -5.14
CA SER A 33 -79.36 40.56 -4.14
C SER A 33 -79.22 39.59 -2.98
N ASP A 34 -79.42 38.30 -3.22
CA ASP A 34 -79.29 37.29 -2.18
C ASP A 34 -78.24 36.28 -2.59
N VAL A 35 -77.40 35.89 -1.63
CA VAL A 35 -76.23 35.09 -1.94
C VAL A 35 -76.51 33.63 -1.63
N VAL A 36 -75.66 32.72 -2.10
CA VAL A 36 -75.66 31.35 -1.60
C VAL A 36 -74.45 31.22 -0.69
N LEU A 37 -74.44 30.15 0.09
CA LEU A 37 -73.37 29.96 1.06
C LEU A 37 -72.80 28.57 0.88
N VAL A 38 -71.82 28.46 0.01
CA VAL A 38 -71.20 27.19 -0.34
C VAL A 38 -70.30 26.76 0.80
N ARG A 39 -70.77 25.86 1.64
CA ARG A 39 -69.94 25.42 2.75
C ARG A 39 -68.93 24.41 2.28
N PHE A 40 -67.74 24.48 2.86
CA PHE A 40 -66.57 23.84 2.31
C PHE A 40 -65.96 22.92 3.36
N GLY A 41 -65.06 22.05 2.92
CA GLY A 41 -64.14 21.40 3.84
C GLY A 41 -63.52 20.18 3.23
N LEU A 42 -62.29 19.92 3.59
CA LEU A 42 -61.55 18.81 3.03
C LEU A 42 -61.55 17.63 3.97
N SER A 43 -60.92 16.55 3.52
CA SER A 43 -60.46 15.45 4.36
C SER A 43 -59.33 14.82 3.58
N ILE A 44 -58.17 14.60 4.20
CA ILE A 44 -57.09 14.02 3.43
C ILE A 44 -57.30 12.52 3.37
N ALA A 45 -57.07 11.95 2.21
CA ALA A 45 -57.01 10.51 2.10
C ALA A 45 -55.61 9.97 2.34
N GLN A 46 -54.63 10.38 1.55
CA GLN A 46 -53.23 10.09 1.86
C GLN A 46 -52.41 11.22 1.27
N LEU A 47 -51.13 11.22 1.61
CA LEU A 47 -50.19 12.23 1.13
C LEU A 47 -49.15 11.47 0.32
N ILE A 48 -49.21 11.56 -1.00
CA ILE A 48 -48.49 10.63 -1.84
C ILE A 48 -47.02 11.01 -1.95
N ASP A 49 -46.74 12.16 -2.56
CA ASP A 49 -45.38 12.57 -2.80
C ASP A 49 -45.19 13.97 -2.27
N VAL A 50 -44.01 14.24 -1.71
CA VAL A 50 -43.51 15.60 -1.56
C VAL A 50 -42.26 15.64 -2.42
N ASP A 51 -42.40 16.06 -3.66
CA ASP A 51 -41.32 15.98 -4.62
C ASP A 51 -40.46 17.21 -4.42
N GLU A 52 -39.29 17.01 -3.85
CA GLU A 52 -38.47 18.13 -3.41
C GLU A 52 -37.69 18.75 -4.54
N LYS A 53 -37.31 17.95 -5.53
CA LYS A 53 -36.42 18.41 -6.58
C LYS A 53 -37.15 19.28 -7.59
N ASN A 54 -38.46 19.14 -7.70
CA ASN A 54 -39.25 19.98 -8.58
C ASN A 54 -40.22 20.88 -7.83
N GLN A 55 -40.22 20.85 -6.49
CA GLN A 55 -41.07 21.61 -5.56
C GLN A 55 -42.55 21.40 -5.84
N MET A 56 -43.01 20.17 -5.64
CA MET A 56 -44.42 19.84 -5.81
C MET A 56 -44.88 19.04 -4.62
N MET A 57 -46.20 18.98 -4.44
CA MET A 57 -46.77 18.18 -3.38
C MET A 57 -48.04 17.54 -3.91
N THR A 58 -48.15 16.23 -3.83
CA THR A 58 -49.24 15.52 -4.47
C THR A 58 -50.17 14.92 -3.42
N THR A 59 -51.46 15.23 -3.50
CA THR A 59 -52.38 14.82 -2.45
C THR A 59 -53.60 14.18 -3.07
N ASN A 60 -54.24 13.27 -2.33
CA ASN A 60 -55.54 12.68 -2.64
C ASN A 60 -56.51 13.21 -1.60
N VAL A 61 -57.64 13.79 -2.02
CA VAL A 61 -58.47 14.56 -1.10
C VAL A 61 -59.94 14.52 -1.52
N TRP A 62 -60.84 14.35 -0.54
CA TRP A 62 -62.28 14.41 -0.73
C TRP A 62 -62.77 15.82 -0.48
N VAL A 63 -63.19 16.53 -1.52
CA VAL A 63 -63.70 17.88 -1.33
C VAL A 63 -65.18 17.86 -0.99
N LYS A 64 -65.54 18.34 0.19
CA LYS A 64 -66.94 18.33 0.60
C LYS A 64 -67.50 19.73 0.41
N GLN A 65 -68.48 19.88 -0.47
CA GLN A 65 -69.18 21.13 -0.68
C GLN A 65 -70.66 20.91 -0.51
N GLU A 66 -71.31 21.76 0.28
CA GLU A 66 -72.75 21.61 0.36
C GLU A 66 -73.43 22.96 0.47
N TRP A 67 -74.58 23.10 -0.16
CA TRP A 67 -75.16 24.42 -0.38
C TRP A 67 -76.67 24.32 -0.43
N HIS A 68 -77.34 25.43 -0.75
CA HIS A 68 -78.79 25.47 -0.87
C HIS A 68 -79.19 25.92 -2.25
N ASP A 69 -80.37 25.50 -2.69
CA ASP A 69 -81.08 26.21 -3.76
C ASP A 69 -82.58 26.17 -3.49
N TYR A 70 -83.36 26.56 -4.48
CA TYR A 70 -84.76 26.86 -4.23
C TYR A 70 -85.74 26.32 -5.24
N LYS A 71 -85.31 25.89 -6.42
CA LYS A 71 -86.27 25.25 -7.31
C LYS A 71 -86.17 23.74 -7.23
N LEU A 72 -85.49 23.22 -6.23
CA LEU A 72 -85.50 21.79 -5.99
C LEU A 72 -86.05 21.50 -4.60
N ARG A 73 -87.37 21.54 -4.49
CA ARG A 73 -88.00 21.29 -3.21
C ARG A 73 -89.36 20.66 -3.43
N TRP A 74 -89.77 19.83 -2.48
CA TRP A 74 -91.03 19.13 -2.58
C TRP A 74 -91.54 18.85 -1.17
N ASP A 75 -92.67 18.16 -1.10
CA ASP A 75 -93.38 17.92 0.12
C ASP A 75 -93.68 16.44 0.28
N PRO A 76 -92.98 15.73 1.15
CA PRO A 76 -92.92 14.28 1.06
C PRO A 76 -94.07 13.52 1.67
N ALA A 77 -95.23 14.12 1.89
CA ALA A 77 -96.41 13.32 2.16
C ALA A 77 -97.13 12.95 0.88
N ASP A 78 -96.76 13.60 -0.22
CA ASP A 78 -97.44 13.42 -1.48
C ASP A 78 -96.72 12.44 -2.41
N TYR A 79 -95.57 11.91 -1.99
CA TYR A 79 -94.75 11.10 -2.87
C TYR A 79 -94.35 9.80 -2.20
N GLU A 80 -95.11 9.42 -1.16
CA GLU A 80 -94.91 8.25 -0.28
C GLU A 80 -93.52 8.24 0.37
N ASN A 81 -93.24 9.33 1.09
CA ASN A 81 -92.22 9.42 2.14
C ASN A 81 -90.78 9.31 1.66
N VAL A 82 -90.51 9.66 0.40
CA VAL A 82 -89.14 9.76 -0.06
C VAL A 82 -88.55 11.06 0.44
N THR A 83 -87.32 10.99 0.90
CA THR A 83 -86.74 12.14 1.56
C THR A 83 -85.43 12.57 0.94
N SER A 84 -84.70 11.67 0.32
CA SER A 84 -83.42 12.03 -0.26
C SER A 84 -83.17 11.21 -1.50
N ILE A 85 -83.04 11.86 -2.65
CA ILE A 85 -82.79 11.11 -3.86
C ILE A 85 -81.37 11.38 -4.32
N ARG A 86 -80.89 10.60 -5.29
CA ARG A 86 -79.49 10.65 -5.70
C ARG A 86 -79.41 11.02 -7.15
N ILE A 87 -79.18 12.29 -7.45
CA ILE A 87 -79.19 12.68 -8.85
C ILE A 87 -77.77 12.91 -9.31
N PRO A 88 -77.40 12.52 -10.53
CA PRO A 88 -76.01 12.67 -10.95
C PRO A 88 -75.73 14.10 -11.33
N SER A 89 -74.49 14.50 -11.12
CA SER A 89 -74.18 15.91 -10.97
C SER A 89 -73.83 16.59 -12.25
N GLU A 90 -74.34 16.13 -13.38
CA GLU A 90 -74.31 16.95 -14.58
C GLU A 90 -75.66 17.54 -14.91
N LEU A 91 -76.64 17.44 -14.01
CA LEU A 91 -77.96 17.95 -14.30
C LEU A 91 -78.37 19.08 -13.37
N ILE A 92 -77.53 19.44 -12.41
CA ILE A 92 -77.84 20.50 -11.47
C ILE A 92 -76.83 21.61 -11.66
N TRP A 93 -77.13 22.78 -11.12
CA TRP A 93 -76.14 23.84 -11.05
C TRP A 93 -75.11 23.46 -10.02
N ARG A 94 -73.88 23.73 -10.32
CA ARG A 94 -72.82 23.22 -9.51
C ARG A 94 -71.68 24.23 -9.47
N PRO A 95 -71.24 24.68 -8.31
CA PRO A 95 -70.39 25.87 -8.26
C PRO A 95 -68.96 25.55 -8.59
N ASP A 96 -68.27 26.55 -9.10
CA ASP A 96 -66.93 26.31 -9.62
C ASP A 96 -65.91 26.66 -8.56
N ILE A 97 -65.22 25.65 -8.05
CA ILE A 97 -64.21 25.83 -7.04
C ILE A 97 -62.89 25.40 -7.65
N VAL A 98 -61.98 26.35 -7.79
CA VAL A 98 -60.77 26.17 -8.56
C VAL A 98 -59.59 26.38 -7.64
N LEU A 99 -58.68 25.41 -7.61
CA LEU A 99 -57.39 25.56 -6.97
C LEU A 99 -56.58 26.59 -7.74
N TYR A 100 -56.08 27.61 -7.05
CA TYR A 100 -55.35 28.70 -7.70
C TYR A 100 -53.88 28.40 -7.84
N ASN A 101 -53.42 27.26 -7.38
CA ASN A 101 -52.06 27.08 -6.96
C ASN A 101 -51.31 26.14 -7.87
N ASN A 102 -51.88 25.84 -9.04
CA ASN A 102 -51.63 24.58 -9.70
C ASN A 102 -50.32 24.54 -10.47
N ALA A 103 -49.79 23.33 -10.57
CA ALA A 103 -48.59 23.06 -11.35
C ALA A 103 -48.70 21.59 -11.76
N ASP A 104 -48.86 21.35 -13.07
CA ASP A 104 -49.12 20.05 -13.72
C ASP A 104 -50.37 19.40 -13.12
N GLY A 105 -51.48 20.14 -13.13
CA GLY A 105 -52.69 19.65 -12.51
C GLY A 105 -53.88 19.85 -13.42
N ASP A 106 -55.06 19.83 -12.79
CA ASP A 106 -56.27 19.67 -13.57
C ASP A 106 -57.30 20.74 -13.23
N PHE A 107 -57.01 21.60 -12.26
CA PHE A 107 -57.66 22.88 -11.92
C PHE A 107 -59.08 22.80 -11.41
N ALA A 108 -59.72 21.64 -11.36
CA ALA A 108 -61.15 21.57 -11.20
C ALA A 108 -61.42 20.34 -10.37
N VAL A 109 -62.61 19.85 -10.46
CA VAL A 109 -62.92 18.51 -10.01
C VAL A 109 -63.26 17.66 -11.21
N THR A 110 -62.65 16.48 -11.32
CA THR A 110 -62.77 15.73 -12.55
C THR A 110 -63.36 14.34 -12.42
N HIS A 111 -63.98 13.97 -11.29
CA HIS A 111 -64.53 12.62 -11.22
C HIS A 111 -66.04 12.60 -11.31
N LEU A 112 -66.73 13.56 -10.69
CA LEU A 112 -68.16 13.87 -10.84
C LEU A 112 -69.08 12.72 -10.43
N THR A 113 -69.13 12.45 -9.14
CA THR A 113 -70.04 11.43 -8.66
C THR A 113 -71.46 11.97 -8.49
N LYS A 114 -72.31 11.17 -7.87
CA LYS A 114 -73.69 11.56 -7.68
C LYS A 114 -73.82 12.48 -6.47
N ALA A 115 -74.86 13.32 -6.49
CA ALA A 115 -75.08 14.31 -5.41
C ALA A 115 -76.41 14.07 -4.69
N HIS A 116 -76.36 13.95 -3.36
CA HIS A 116 -77.57 13.69 -2.53
C HIS A 116 -78.44 14.95 -2.46
N LEU A 117 -79.67 14.87 -2.95
CA LEU A 117 -80.60 16.04 -2.91
C LEU A 117 -81.65 15.80 -1.81
N PHE A 118 -81.69 16.70 -0.82
CA PHE A 118 -82.65 16.60 0.32
C PHE A 118 -84.00 17.20 -0.08
N HIS A 119 -85.05 16.87 0.70
CA HIS A 119 -86.43 17.38 0.48
C HIS A 119 -86.46 18.91 0.65
N ASP A 120 -85.65 19.45 1.56
CA ASP A 120 -85.71 20.88 1.98
C ASP A 120 -84.84 21.75 1.06
N GLY A 121 -84.20 21.14 0.06
CA GLY A 121 -83.34 21.86 -0.90
C GLY A 121 -81.87 21.82 -0.55
N ARG A 122 -81.50 21.25 0.61
CA ARG A 122 -80.07 21.15 0.97
C ARG A 122 -79.39 20.21 -0.04
N VAL A 123 -78.18 20.54 -0.48
CA VAL A 123 -77.47 19.69 -1.48
C VAL A 123 -76.11 19.27 -0.92
N GLN A 124 -75.79 17.97 -1.02
CA GLN A 124 -74.48 17.43 -0.56
C GLN A 124 -73.75 16.85 -1.76
N TRP A 125 -72.47 17.22 -1.94
CA TRP A 125 -71.68 16.73 -3.11
C TRP A 125 -70.21 16.56 -2.72
N THR A 126 -69.81 15.33 -2.40
CA THR A 126 -68.42 15.04 -2.04
C THR A 126 -67.66 14.28 -3.14
N PRO A 127 -67.03 14.93 -4.10
CA PRO A 127 -66.28 14.20 -5.11
C PRO A 127 -64.80 14.09 -4.76
N PRO A 128 -64.12 13.02 -5.16
CA PRO A 128 -62.70 12.90 -4.84
C PRO A 128 -61.81 13.42 -5.95
N ALA A 129 -60.65 13.95 -5.56
CA ALA A 129 -59.76 14.52 -6.57
C ALA A 129 -58.33 14.39 -6.10
N ILE A 130 -57.41 14.40 -7.06
CA ILE A 130 -55.99 14.30 -6.79
C ILE A 130 -55.32 15.57 -7.25
N TYR A 131 -54.80 16.34 -6.31
CA TYR A 131 -54.28 17.66 -6.62
C TYR A 131 -52.78 17.66 -6.55
N LYS A 132 -52.15 18.48 -7.37
CA LYS A 132 -50.70 18.61 -7.38
C LYS A 132 -50.37 20.07 -7.11
N SER A 133 -50.29 20.45 -5.86
CA SER A 133 -50.06 21.84 -5.55
C SER A 133 -48.58 22.14 -5.62
N SER A 134 -48.27 23.41 -5.72
CA SER A 134 -46.90 23.90 -5.88
C SER A 134 -46.52 24.68 -4.64
N CYS A 135 -45.68 24.11 -3.80
CA CYS A 135 -45.36 24.71 -2.52
C CYS A 135 -43.89 25.06 -2.47
N SER A 136 -43.49 25.81 -1.45
CA SER A 136 -42.14 26.37 -1.39
C SER A 136 -41.31 25.68 -0.33
N ILE A 137 -40.23 25.06 -0.76
CA ILE A 137 -39.41 24.17 0.07
C ILE A 137 -38.22 24.96 0.58
N ASP A 138 -37.98 24.92 1.89
CA ASP A 138 -36.72 25.41 2.45
C ASP A 138 -36.00 24.27 3.15
N VAL A 139 -34.70 24.17 2.92
CA VAL A 139 -33.89 23.13 3.54
C VAL A 139 -32.60 23.71 4.09
N THR A 140 -32.63 24.15 5.34
CA THR A 140 -31.37 24.39 6.03
C THR A 140 -30.99 23.20 6.87
N PHE A 141 -31.89 22.75 7.73
CA PHE A 141 -31.59 21.66 8.64
C PHE A 141 -31.97 20.31 8.06
N PHE A 142 -31.37 19.96 6.93
CA PHE A 142 -31.62 18.68 6.31
C PHE A 142 -30.86 17.60 7.08
N PRO A 143 -31.52 16.50 7.45
CA PRO A 143 -32.93 16.15 7.29
C PRO A 143 -33.82 16.36 8.48
N PHE A 144 -33.33 16.95 9.57
CA PHE A 144 -34.22 17.24 10.73
C PHE A 144 -35.01 18.50 10.34
N ASP A 145 -35.85 18.37 9.31
CA ASP A 145 -36.58 19.54 8.75
C ASP A 145 -38.07 19.54 9.12
N GLN A 146 -38.75 20.60 8.67
CA GLN A 146 -40.15 20.93 8.83
C GLN A 146 -40.61 21.78 7.65
N GLN A 147 -41.30 21.16 6.72
CA GLN A 147 -41.79 21.88 5.56
C GLN A 147 -43.18 22.44 5.82
N ASN A 148 -43.58 23.35 4.95
CA ASN A 148 -44.75 24.18 5.18
C ASN A 148 -45.39 24.40 3.83
N CYS A 149 -46.39 23.61 3.48
CA CYS A 149 -46.94 23.69 2.14
C CYS A 149 -48.42 24.02 2.16
N THR A 150 -48.81 24.89 1.23
CA THR A 150 -50.11 25.52 1.25
C THR A 150 -50.97 25.02 0.11
N MET A 151 -52.24 25.41 0.16
CA MET A 151 -53.23 25.11 -0.87
C MET A 151 -54.21 26.27 -0.85
N LYS A 152 -54.78 26.65 -1.98
CA LYS A 152 -55.60 27.86 -2.02
C LYS A 152 -56.85 27.71 -2.86
N PHE A 153 -57.96 27.34 -2.25
CA PHE A 153 -59.18 27.12 -3.02
C PHE A 153 -60.02 28.36 -3.06
N GLY A 154 -60.45 28.73 -4.24
CA GLY A 154 -61.24 29.92 -4.38
C GLY A 154 -62.48 29.65 -5.18
N SER A 155 -63.06 30.71 -5.67
CA SER A 155 -64.12 30.62 -6.64
C SER A 155 -63.73 31.47 -7.83
N TRP A 156 -64.09 31.02 -9.02
CA TRP A 156 -63.47 31.63 -10.18
C TRP A 156 -64.23 32.83 -10.71
N THR A 157 -65.46 32.68 -11.15
CA THR A 157 -66.11 33.79 -11.82
C THR A 157 -67.21 34.42 -10.99
N TYR A 158 -67.10 34.35 -9.67
CA TYR A 158 -68.16 34.84 -8.81
C TYR A 158 -67.55 35.59 -7.66
N ASP A 159 -68.13 36.72 -7.31
CA ASP A 159 -67.55 37.61 -6.33
C ASP A 159 -68.25 37.42 -4.99
N LYS A 160 -67.93 38.28 -4.02
CA LYS A 160 -68.38 38.12 -2.65
C LYS A 160 -69.85 38.43 -2.44
N ALA A 161 -70.45 39.24 -3.29
CA ALA A 161 -71.86 39.55 -3.15
C ALA A 161 -72.76 38.60 -3.93
N LYS A 162 -72.22 37.49 -4.44
CA LYS A 162 -73.02 36.44 -5.08
C LYS A 162 -72.67 35.05 -4.63
N ILE A 163 -71.49 34.82 -4.07
CA ILE A 163 -71.09 33.54 -3.53
C ILE A 163 -70.23 33.87 -2.32
N ASP A 164 -70.15 32.94 -1.39
CA ASP A 164 -69.37 33.16 -0.17
C ASP A 164 -69.00 31.81 0.41
N LEU A 165 -67.71 31.55 0.59
CA LEU A 165 -67.36 30.33 1.27
C LEU A 165 -67.49 30.51 2.77
N VAL A 166 -67.88 29.44 3.45
CA VAL A 166 -67.94 29.37 4.91
C VAL A 166 -67.36 28.03 5.28
N ASN A 167 -66.25 28.00 6.00
CA ASN A 167 -65.66 26.72 6.38
C ASN A 167 -66.33 26.26 7.67
N MET A 168 -66.52 24.95 7.79
CA MET A 168 -67.20 24.40 8.96
C MET A 168 -66.28 24.39 10.15
N HIS A 169 -65.24 23.57 10.07
CA HIS A 169 -64.27 23.37 11.13
C HIS A 169 -62.92 23.79 10.59
N SER A 170 -62.15 24.49 11.41
CA SER A 170 -60.95 25.14 10.88
C SER A 170 -59.78 24.18 10.74
N ARG A 171 -59.89 22.96 11.26
CA ARG A 171 -58.89 21.94 11.06
C ARG A 171 -59.40 20.95 10.03
N VAL A 172 -58.49 20.48 9.24
CA VAL A 172 -58.72 19.52 8.19
C VAL A 172 -59.04 18.19 8.82
N ASP A 173 -60.07 17.51 8.32
CA ASP A 173 -60.47 16.22 8.85
C ASP A 173 -59.45 15.15 8.48
N GLN A 174 -59.17 14.26 9.41
CA GLN A 174 -58.16 13.26 9.19
C GLN A 174 -58.65 11.88 9.55
N LEU A 175 -59.96 11.64 9.45
CA LEU A 175 -60.53 10.46 10.11
C LEU A 175 -60.43 9.20 9.27
N ASP A 176 -59.82 9.26 8.09
CA ASP A 176 -59.60 8.09 7.26
C ASP A 176 -58.22 8.10 6.61
N PHE A 177 -57.23 8.61 7.31
CA PHE A 177 -55.88 8.84 6.81
C PHE A 177 -55.13 7.54 6.57
N TRP A 178 -54.15 7.58 5.67
CA TRP A 178 -53.24 6.47 5.44
C TRP A 178 -51.88 6.95 5.91
N GLU A 179 -51.34 6.32 6.94
CA GLU A 179 -50.12 6.79 7.57
C GLU A 179 -48.92 6.48 6.70
N SER A 180 -48.23 7.53 6.29
CA SER A 180 -47.37 7.45 5.12
C SER A 180 -46.04 6.77 5.43
N GLY A 181 -45.45 7.07 6.57
CA GLY A 181 -44.23 6.38 6.93
C GLY A 181 -43.02 7.17 6.50
N GLU A 182 -43.24 8.37 5.99
CA GLU A 182 -42.15 9.27 5.68
C GLU A 182 -42.38 10.65 6.27
N TRP A 183 -43.60 11.11 6.30
CA TRP A 183 -43.95 12.42 6.81
C TRP A 183 -45.11 12.28 7.78
N VAL A 184 -45.12 13.08 8.82
CA VAL A 184 -46.33 13.19 9.62
C VAL A 184 -46.81 14.63 9.61
N ILE A 185 -48.12 14.79 9.71
CA ILE A 185 -48.74 16.09 9.71
C ILE A 185 -48.74 16.57 11.15
N VAL A 186 -48.09 17.70 11.39
CA VAL A 186 -48.26 18.36 12.68
C VAL A 186 -49.50 19.22 12.66
N ASP A 187 -49.59 20.14 11.70
CA ASP A 187 -50.72 21.07 11.73
C ASP A 187 -51.38 21.13 10.37
N ALA A 188 -52.68 21.40 10.37
CA ALA A 188 -53.42 21.56 9.12
C ALA A 188 -54.59 22.50 9.35
N VAL A 189 -54.43 23.77 9.06
CA VAL A 189 -55.45 24.75 9.41
C VAL A 189 -56.01 25.41 8.17
N GLY A 190 -57.16 26.06 8.34
CA GLY A 190 -57.77 26.74 7.21
C GLY A 190 -58.17 28.17 7.43
N THR A 191 -57.52 29.09 6.75
CA THR A 191 -57.73 30.51 6.91
C THR A 191 -58.74 30.99 5.89
N TYR A 192 -59.57 31.95 6.28
CA TYR A 192 -60.37 32.70 5.33
C TYR A 192 -59.54 33.87 4.81
N ASN A 193 -59.84 34.30 3.59
CA ASN A 193 -59.14 35.44 3.00
C ASN A 193 -60.08 36.14 2.05
N THR A 194 -59.83 37.43 1.86
CA THR A 194 -60.46 38.20 0.81
C THR A 194 -59.42 39.07 0.13
N ARG A 195 -59.59 39.30 -1.17
CA ARG A 195 -58.57 39.99 -1.94
C ARG A 195 -59.23 40.68 -3.11
N LYS A 196 -58.62 41.75 -3.59
CA LYS A 196 -59.09 42.48 -4.74
C LYS A 196 -58.09 42.31 -5.87
N TYR A 197 -58.56 41.91 -7.04
CA TYR A 197 -57.67 41.51 -8.12
C TYR A 197 -57.65 42.57 -9.19
N GLU A 198 -56.71 42.40 -10.13
CA GLU A 198 -56.44 43.33 -11.27
C GLU A 198 -57.65 43.46 -12.20
N CYS A 199 -57.95 42.42 -12.99
CA CYS A 199 -59.13 42.38 -13.90
C CYS A 199 -60.34 42.91 -13.13
N CYS A 200 -60.73 42.20 -12.07
CA CYS A 200 -61.78 42.69 -11.15
C CYS A 200 -62.16 43.87 -10.24
N ALA A 201 -63.30 44.51 -10.54
CA ALA A 201 -63.91 45.51 -9.68
C ALA A 201 -64.08 45.08 -8.24
N GLU A 202 -64.74 43.94 -8.00
CA GLU A 202 -65.20 43.61 -6.67
C GLU A 202 -64.12 42.91 -5.86
N ILE A 203 -64.54 42.33 -4.75
CA ILE A 203 -63.65 41.63 -3.88
C ILE A 203 -64.00 40.16 -3.91
N TYR A 204 -62.98 39.31 -3.86
CA TYR A 204 -63.18 37.91 -4.08
C TYR A 204 -62.75 37.17 -2.82
N PRO A 205 -63.55 36.22 -2.34
CA PRO A 205 -63.15 35.42 -1.18
C PRO A 205 -62.56 34.10 -1.60
N ASP A 206 -61.73 33.55 -0.71
CA ASP A 206 -61.02 32.27 -0.91
C ASP A 206 -60.53 31.74 0.43
N ILE A 207 -60.16 30.47 0.44
CA ILE A 207 -59.77 29.77 1.66
C ILE A 207 -58.38 29.20 1.45
N THR A 208 -57.48 29.50 2.37
CA THR A 208 -56.10 29.04 2.28
C THR A 208 -55.87 27.95 3.30
N TYR A 209 -55.53 26.76 2.85
CA TYR A 209 -55.17 25.68 3.75
C TYR A 209 -53.67 25.68 3.91
N ALA A 210 -53.21 25.48 5.13
CA ALA A 210 -51.79 25.39 5.39
C ALA A 210 -51.50 24.06 6.07
N PHE A 211 -50.60 23.27 5.47
CA PHE A 211 -50.13 22.04 6.05
C PHE A 211 -48.73 22.28 6.59
N VAL A 212 -48.49 21.90 7.83
CA VAL A 212 -47.17 21.96 8.43
C VAL A 212 -46.76 20.54 8.73
N ILE A 213 -45.75 20.05 8.00
CA ILE A 213 -45.37 18.64 8.03
C ILE A 213 -43.92 18.50 8.45
N ARG A 214 -43.66 17.45 9.22
CA ARG A 214 -42.36 17.13 9.78
C ARG A 214 -41.80 15.94 9.04
N ARG A 215 -40.48 15.79 9.03
CA ARG A 215 -39.89 14.60 8.43
C ARG A 215 -39.38 13.70 9.54
N LEU A 216 -39.80 12.44 9.52
CA LEU A 216 -39.17 11.43 10.36
C LEU A 216 -37.77 11.16 9.85
N PRO A 217 -36.73 11.30 10.66
CA PRO A 217 -35.39 11.51 10.12
C PRO A 217 -34.47 10.32 10.03
N LEU A 218 -34.93 9.08 10.22
CA LEU A 218 -33.99 7.99 10.52
C LEU A 218 -33.28 7.47 9.28
N PHE A 219 -33.95 7.53 8.12
CA PHE A 219 -33.47 6.97 6.87
C PHE A 219 -32.27 7.72 6.33
N TYR A 220 -32.32 9.03 6.36
CA TYR A 220 -31.17 9.79 5.89
C TYR A 220 -30.10 9.89 6.95
N THR A 221 -30.44 9.61 8.21
CA THR A 221 -29.43 9.54 9.26
C THR A 221 -28.57 8.30 9.08
N ILE A 222 -29.18 7.19 8.70
CA ILE A 222 -28.39 6.00 8.43
C ILE A 222 -27.70 6.06 7.07
N ASN A 223 -28.40 6.42 6.00
CA ASN A 223 -27.79 6.26 4.70
C ASN A 223 -26.99 7.42 4.17
N LEU A 224 -27.01 8.58 4.84
CA LEU A 224 -26.24 9.68 4.29
C LEU A 224 -25.33 10.40 5.26
N ILE A 225 -25.71 10.56 6.53
CA ILE A 225 -24.87 11.38 7.39
C ILE A 225 -23.94 10.54 8.24
N ILE A 226 -24.20 9.23 8.40
CA ILE A 226 -23.24 8.37 9.11
C ILE A 226 -22.00 8.02 8.28
N PRO A 227 -22.07 7.65 6.93
CA PRO A 227 -20.81 7.52 6.19
C PRO A 227 -20.06 8.83 5.93
N CYS A 228 -20.81 9.92 5.82
CA CYS A 228 -20.21 11.24 5.65
C CYS A 228 -19.51 11.70 6.92
N LEU A 229 -20.12 11.43 8.06
CA LEU A 229 -19.49 11.77 9.32
C LEU A 229 -18.42 10.75 9.70
N LEU A 230 -18.44 9.58 9.07
CA LEU A 230 -17.38 8.60 9.26
C LEU A 230 -16.11 9.02 8.56
N ILE A 231 -16.18 9.36 7.26
CA ILE A 231 -14.97 9.75 6.56
C ILE A 231 -14.68 11.24 6.66
N SER A 232 -15.44 11.98 7.45
CA SER A 232 -14.96 13.29 7.86
C SER A 232 -14.05 13.20 9.07
N CYS A 233 -14.03 12.07 9.76
CA CYS A 233 -13.12 11.87 10.88
C CYS A 233 -11.70 11.62 10.41
N LEU A 234 -11.55 11.04 9.22
CA LEU A 234 -10.27 10.58 8.71
C LEU A 234 -9.55 11.63 7.88
N THR A 235 -9.78 12.90 8.12
CA THR A 235 -9.10 13.91 7.32
C THR A 235 -7.74 14.24 7.91
N VAL A 236 -7.64 14.21 9.23
CA VAL A 236 -6.46 14.74 9.91
C VAL A 236 -5.40 13.66 10.09
N LEU A 237 -5.71 12.41 9.78
CA LEU A 237 -4.84 11.32 10.19
C LEU A 237 -3.69 11.10 9.22
N VAL A 238 -3.68 11.80 8.09
CA VAL A 238 -2.63 11.71 7.08
C VAL A 238 -1.31 12.29 7.59
N PHE A 239 -1.36 13.18 8.59
CA PHE A 239 -0.14 13.67 9.20
C PHE A 239 0.44 12.71 10.22
N TYR A 240 -0.31 11.68 10.61
CA TYR A 240 0.31 10.75 11.54
C TYR A 240 1.05 9.62 10.84
N LEU A 241 1.06 9.58 9.53
CA LEU A 241 1.80 8.53 8.85
C LEU A 241 3.27 8.90 8.79
N PRO A 242 4.17 7.93 8.81
CA PRO A 242 5.57 8.23 8.52
C PRO A 242 5.82 8.27 7.03
N SER A 243 6.78 9.09 6.60
CA SER A 243 6.97 9.30 5.18
C SER A 243 7.80 8.23 4.50
N GLU A 244 8.43 7.34 5.27
CA GLU A 244 9.09 6.18 4.70
C GLU A 244 8.13 5.08 4.28
N CYS A 245 6.87 5.15 4.68
CA CYS A 245 5.88 4.19 4.23
C CYS A 245 5.57 4.38 2.76
N GLY A 246 5.28 5.61 2.37
CA GLY A 246 5.03 5.89 0.97
C GLY A 246 3.56 5.71 0.67
N GLU A 247 2.72 5.91 1.67
CA GLU A 247 1.28 5.83 1.45
C GLU A 247 0.53 6.93 2.15
N LYS A 248 0.95 8.19 1.99
CA LYS A 248 0.17 9.26 2.57
C LYS A 248 -0.88 9.77 1.58
N ILE A 249 -0.49 9.90 0.32
CA ILE A 249 -1.38 10.57 -0.60
C ILE A 249 -2.39 9.61 -1.19
N THR A 250 -2.23 8.31 -0.97
CA THR A 250 -3.29 7.32 -1.17
C THR A 250 -4.48 7.62 -0.26
N LEU A 251 -4.18 7.90 1.00
CA LEU A 251 -5.20 8.19 2.00
C LEU A 251 -5.84 9.55 1.76
N CYS A 252 -5.04 10.51 1.32
CA CYS A 252 -5.57 11.86 1.14
C CYS A 252 -6.40 12.00 -0.14
N ILE A 253 -6.00 11.31 -1.22
CA ILE A 253 -6.76 11.30 -2.47
C ILE A 253 -8.06 10.52 -2.32
N SER A 254 -8.05 9.44 -1.53
CA SER A 254 -9.27 8.65 -1.35
C SER A 254 -10.28 9.34 -0.44
N VAL A 255 -9.79 10.15 0.51
CA VAL A 255 -10.67 10.97 1.35
C VAL A 255 -11.33 12.08 0.53
N LEU A 256 -10.57 12.72 -0.38
CA LEU A 256 -11.11 13.85 -1.15
C LEU A 256 -12.11 13.40 -2.20
N LEU A 257 -11.87 12.25 -2.83
CA LEU A 257 -12.78 11.80 -3.87
C LEU A 257 -14.04 11.20 -3.27
N SER A 258 -13.96 10.61 -2.07
CA SER A 258 -15.17 10.06 -1.47
C SER A 258 -16.06 11.16 -0.88
N LEU A 259 -15.47 12.26 -0.39
CA LEU A 259 -16.31 13.39 0.04
C LEU A 259 -16.91 14.14 -1.13
N THR A 260 -16.22 14.14 -2.29
CA THR A 260 -16.81 14.85 -3.42
C THR A 260 -17.86 14.01 -4.12
N VAL A 261 -17.86 12.69 -3.92
CA VAL A 261 -18.98 11.92 -4.45
C VAL A 261 -20.17 11.99 -3.49
N PHE A 262 -19.93 12.31 -2.21
CA PHE A 262 -21.07 12.57 -1.33
C PHE A 262 -21.70 13.92 -1.57
N LEU A 263 -20.92 14.91 -2.01
CA LEU A 263 -21.53 16.19 -2.36
C LEU A 263 -22.29 16.10 -3.68
N LEU A 264 -21.76 15.34 -4.64
CA LEU A 264 -22.50 15.19 -5.89
C LEU A 264 -23.56 14.11 -5.84
N LEU A 265 -23.76 13.45 -4.69
CA LEU A 265 -24.94 12.65 -4.41
C LEU A 265 -25.97 13.41 -3.56
N ILE A 266 -25.53 14.41 -2.79
CA ILE A 266 -26.49 15.20 -2.02
C ILE A 266 -27.05 16.34 -2.86
N THR A 267 -26.48 16.59 -4.04
CA THR A 267 -26.98 17.69 -4.86
C THR A 267 -28.28 17.42 -5.60
N GLU A 268 -28.89 16.24 -5.47
CA GLU A 268 -30.11 15.99 -6.22
C GLU A 268 -31.31 15.73 -5.33
N ILE A 269 -31.12 15.62 -4.01
CA ILE A 269 -32.29 15.47 -3.15
C ILE A 269 -32.60 16.79 -2.46
N ILE A 270 -31.88 17.85 -2.77
CA ILE A 270 -32.27 19.18 -2.32
C ILE A 270 -32.74 19.93 -3.57
N PRO A 271 -33.57 20.95 -3.45
CA PRO A 271 -33.91 21.73 -4.65
C PRO A 271 -32.83 22.70 -5.01
N SER A 272 -32.91 23.30 -6.18
CA SER A 272 -31.83 24.09 -6.72
C SER A 272 -32.04 25.59 -6.51
N THR A 273 -32.69 25.95 -5.41
CA THR A 273 -32.91 27.36 -5.14
C THR A 273 -31.65 28.00 -4.58
N SER A 274 -31.62 29.33 -4.60
CA SER A 274 -30.44 30.04 -4.23
C SER A 274 -30.61 30.94 -3.01
N LEU A 275 -31.55 30.65 -2.12
CA LEU A 275 -31.74 31.52 -0.97
C LEU A 275 -31.07 30.97 0.27
N VAL A 276 -31.30 29.70 0.57
CA VAL A 276 -30.70 29.06 1.71
C VAL A 276 -29.61 28.11 1.21
N ILE A 277 -28.77 27.68 2.12
CA ILE A 277 -27.83 26.59 1.85
C ILE A 277 -27.94 25.57 2.96
N PRO A 278 -27.98 24.29 2.59
CA PRO A 278 -28.17 23.26 3.61
C PRO A 278 -26.91 23.00 4.38
N LEU A 279 -27.05 22.60 5.63
CA LEU A 279 -25.91 22.48 6.52
C LEU A 279 -25.10 21.23 6.31
N ILE A 280 -25.52 20.31 5.45
CA ILE A 280 -24.64 19.20 5.08
C ILE A 280 -23.74 19.61 3.92
N GLY A 281 -24.25 20.42 3.00
CA GLY A 281 -23.44 20.85 1.86
C GLY A 281 -22.38 21.88 2.21
N GLU A 282 -22.69 22.74 3.19
CA GLU A 282 -21.74 23.73 3.66
C GLU A 282 -20.62 23.10 4.48
N TYR A 283 -20.97 22.11 5.30
CA TYR A 283 -19.98 21.40 6.13
C TYR A 283 -19.10 20.49 5.27
N LEU A 284 -19.68 19.93 4.21
CA LEU A 284 -18.91 19.13 3.27
C LEU A 284 -17.96 19.99 2.44
N LEU A 285 -18.34 21.23 2.16
CA LEU A 285 -17.44 22.08 1.38
C LEU A 285 -16.32 22.64 2.24
N PHE A 286 -16.57 22.78 3.56
CA PHE A 286 -15.49 23.13 4.50
C PHE A 286 -14.48 21.99 4.63
N THR A 287 -14.97 20.75 4.63
CA THR A 287 -14.10 19.57 4.72
C THR A 287 -13.29 19.39 3.44
N MET A 288 -13.85 19.78 2.30
CA MET A 288 -13.13 19.66 1.04
C MET A 288 -12.03 20.72 0.89
N ILE A 289 -12.27 21.93 1.45
CA ILE A 289 -11.27 22.99 1.49
C ILE A 289 -10.06 22.60 2.35
N PHE A 290 -10.34 22.01 3.52
CA PHE A 290 -9.22 21.63 4.38
C PHE A 290 -8.50 20.37 3.92
N VAL A 291 -9.16 19.50 3.15
CA VAL A 291 -8.47 18.31 2.66
C VAL A 291 -7.56 18.67 1.48
N THR A 292 -7.96 19.65 0.64
CA THR A 292 -7.03 20.02 -0.43
C THR A 292 -5.88 20.92 0.06
N LEU A 293 -6.06 21.61 1.20
CA LEU A 293 -4.88 22.26 1.79
C LEU A 293 -4.00 21.24 2.51
N SER A 294 -4.58 20.12 2.94
CA SER A 294 -3.77 19.04 3.48
C SER A 294 -2.96 18.31 2.41
N ILE A 295 -3.46 18.26 1.17
CA ILE A 295 -2.66 17.60 0.13
C ILE A 295 -1.52 18.50 -0.34
N VAL A 296 -1.68 19.83 -0.23
CA VAL A 296 -0.56 20.72 -0.59
C VAL A 296 0.51 20.72 0.51
N ILE A 297 0.08 20.56 1.76
CA ILE A 297 1.02 20.51 2.88
C ILE A 297 1.78 19.18 2.91
N THR A 298 1.11 18.08 2.53
CA THR A 298 1.86 16.82 2.53
C THR A 298 2.69 16.60 1.28
N VAL A 299 2.46 17.34 0.17
CA VAL A 299 3.44 17.23 -0.92
C VAL A 299 4.67 18.09 -0.62
N PHE A 300 4.51 19.15 0.19
CA PHE A 300 5.68 19.93 0.62
C PHE A 300 6.49 19.17 1.67
N VAL A 301 5.80 18.40 2.52
CA VAL A 301 6.46 17.61 3.56
C VAL A 301 7.19 16.43 2.95
N LEU A 302 6.57 15.79 1.95
CA LEU A 302 7.24 14.71 1.24
C LEU A 302 8.33 15.19 0.31
N ASN A 303 8.32 16.47 -0.08
CA ASN A 303 9.49 17.01 -0.76
C ASN A 303 10.63 17.26 0.20
N VAL A 304 10.33 17.72 1.42
CA VAL A 304 11.41 18.14 2.31
C VAL A 304 11.95 16.95 3.09
N HIS A 305 11.28 15.81 3.00
CA HIS A 305 11.80 14.60 3.63
C HIS A 305 12.94 14.00 2.83
N HIS A 306 12.80 13.94 1.51
CA HIS A 306 13.76 13.18 0.74
C HIS A 306 14.91 14.00 0.21
N ARG A 307 15.29 15.09 0.87
CA ARG A 307 16.46 15.82 0.45
C ARG A 307 17.72 15.21 1.03
N SER A 308 18.87 15.75 0.68
CA SER A 308 20.19 15.21 0.96
C SER A 308 21.17 16.34 0.71
N PRO A 309 22.29 16.40 1.45
CA PRO A 309 23.19 17.55 1.27
C PRO A 309 24.07 17.48 0.04
N ARG A 310 24.08 16.35 -0.68
CA ARG A 310 24.78 16.29 -1.95
C ARG A 310 24.03 17.08 -3.02
N THR A 311 22.70 17.07 -2.96
CA THR A 311 21.91 17.72 -4.01
C THR A 311 21.22 18.97 -3.49
N HIS A 312 21.33 19.26 -2.20
CA HIS A 312 20.74 20.47 -1.66
C HIS A 312 21.75 21.23 -0.82
N THR A 313 21.26 22.35 -0.26
CA THR A 313 22.07 23.22 0.63
C THR A 313 21.27 23.49 1.90
N MET A 314 21.78 23.08 3.06
CA MET A 314 21.06 23.26 4.34
C MET A 314 20.91 24.76 4.62
N PRO A 315 19.75 25.17 5.15
CA PRO A 315 19.49 26.59 5.46
C PRO A 315 20.48 27.06 6.52
N THR A 316 20.98 28.29 6.38
CA THR A 316 21.96 28.86 7.35
C THR A 316 21.23 29.36 8.59
N TRP A 317 19.94 29.03 8.73
CA TRP A 317 19.18 29.48 9.88
C TRP A 317 18.23 28.43 10.41
N VAL A 318 18.20 27.24 9.80
CA VAL A 318 17.10 26.31 10.07
C VAL A 318 17.42 25.48 11.30
N ARG A 319 18.70 25.47 11.70
CA ARG A 319 19.16 24.65 12.82
C ARG A 319 18.71 25.25 14.14
N ARG A 320 18.80 26.59 14.24
CA ARG A 320 18.45 27.32 15.45
C ARG A 320 16.95 27.24 15.71
N VAL A 321 16.14 27.41 14.68
CA VAL A 321 14.69 27.46 14.87
C VAL A 321 14.13 26.04 15.04
N PHE A 322 14.76 25.04 14.41
CA PHE A 322 14.14 23.72 14.55
C PHE A 322 14.68 22.95 15.75
N LEU A 323 15.91 23.23 16.19
CA LEU A 323 16.35 22.76 17.49
C LEU A 323 15.95 23.70 18.63
N ASP A 324 15.27 24.81 18.31
CA ASP A 324 14.49 25.58 19.26
C ASP A 324 13.06 25.10 19.38
N ILE A 325 12.48 24.54 18.33
CA ILE A 325 11.06 24.25 18.34
C ILE A 325 10.79 22.79 18.64
N VAL A 326 11.82 21.95 18.70
CA VAL A 326 11.57 20.63 19.29
C VAL A 326 11.30 20.60 20.81
N PRO A 327 11.87 21.42 21.73
CA PRO A 327 11.41 21.29 23.12
C PRO A 327 10.29 22.24 23.49
N ARG A 328 9.78 23.04 22.54
CA ARG A 328 8.56 23.78 22.84
C ARG A 328 7.36 22.87 22.75
N LEU A 329 7.44 21.83 21.94
CA LEU A 329 6.35 20.91 21.71
C LEU A 329 6.56 19.55 22.35
N LEU A 330 7.44 19.51 23.36
CA LEU A 330 7.77 18.36 24.22
C LEU A 330 8.27 17.16 23.43
N LEU A 331 9.42 17.27 22.79
CA LEU A 331 9.96 16.23 21.93
C LEU A 331 11.49 16.35 22.00
N MET A 332 12.10 15.45 22.77
CA MET A 332 13.55 15.28 22.99
C MET A 332 14.29 16.53 23.46
N ALA A 343 29.14 14.18 26.56
CA ALA A 343 29.12 15.52 27.12
C ALA A 343 28.40 16.48 26.19
N ASP A 344 28.78 17.76 26.22
CA ASP A 344 28.18 18.77 25.34
C ASP A 344 28.98 18.83 24.07
N LEU A 345 28.31 18.59 22.94
CA LEU A 345 28.96 18.81 21.66
C LEU A 345 29.02 20.30 21.35
N GLU A 346 27.91 21.01 21.54
CA GLU A 346 27.80 22.35 20.95
C GLU A 346 28.42 23.42 21.82
N ASP A 347 28.82 23.09 23.06
CA ASP A 347 29.60 24.05 23.84
C ASP A 347 31.04 24.07 23.35
N ASN A 348 31.50 22.98 22.75
CA ASN A 348 32.69 23.06 21.93
C ASN A 348 32.39 23.82 20.64
N TRP A 349 31.20 23.62 20.09
CA TRP A 349 30.92 24.13 18.77
C TRP A 349 30.32 25.52 18.80
N GLU A 350 30.11 26.09 19.99
CA GLU A 350 29.99 27.53 20.07
C GLU A 350 31.33 28.18 19.79
N THR A 351 32.41 27.58 20.33
CA THR A 351 33.71 28.23 20.47
C THR A 351 34.42 28.32 19.13
N LEU A 352 34.13 27.38 18.24
CA LEU A 352 34.62 27.50 16.87
C LEU A 352 33.80 28.52 16.09
N ASN A 353 32.55 28.73 16.50
CA ASN A 353 31.66 29.55 15.69
C ASN A 353 31.85 31.03 16.00
N ASP A 354 31.86 31.41 17.27
CA ASP A 354 31.81 32.83 17.60
C ASP A 354 33.20 33.45 17.65
N ASN A 355 34.17 32.72 18.20
CA ASN A 355 35.48 33.30 18.48
C ASN A 355 36.38 33.31 17.26
N LEU A 356 35.93 32.71 16.16
CA LEU A 356 36.63 32.82 14.89
C LEU A 356 36.30 34.15 14.21
N LYS A 357 35.26 34.86 14.68
CA LYS A 357 35.02 36.22 14.21
C LYS A 357 35.96 37.22 14.87
N VAL A 358 36.59 36.84 15.98
CA VAL A 358 37.62 37.66 16.61
C VAL A 358 38.90 37.63 15.78
N ILE A 359 39.28 36.44 15.30
CA ILE A 359 40.58 36.25 14.65
C ILE A 359 40.54 36.73 13.19
N GLU A 360 39.34 36.96 12.66
CA GLU A 360 39.22 37.70 11.40
C GLU A 360 39.53 39.18 11.62
N LYS A 361 39.23 39.70 12.82
CA LYS A 361 39.44 41.13 13.10
C LYS A 361 40.52 41.39 14.14
N ALA A 362 41.37 40.40 14.44
CA ALA A 362 42.37 40.54 15.50
C ALA A 362 43.53 41.43 15.05
N ASP A 363 43.89 42.38 15.92
CA ASP A 363 44.75 43.48 15.51
C ASP A 363 46.12 43.44 16.15
N ASN A 364 46.26 42.82 17.33
CA ASN A 364 47.57 42.70 17.95
C ASN A 364 47.77 41.29 18.53
N ALA A 365 48.86 41.15 19.29
CA ALA A 365 49.41 39.83 19.58
C ALA A 365 48.64 39.07 20.64
N ALA A 366 47.87 39.77 21.49
CA ALA A 366 47.18 39.10 22.59
C ALA A 366 45.93 38.38 22.09
N GLN A 367 45.13 39.06 21.27
CA GLN A 367 43.81 38.53 20.93
C GLN A 367 43.89 37.52 19.79
N VAL A 368 45.04 37.42 19.14
CA VAL A 368 45.32 36.24 18.34
C VAL A 368 45.50 35.03 19.25
N LYS A 369 46.52 35.07 20.10
CA LYS A 369 47.05 33.85 20.71
C LYS A 369 46.21 33.40 21.89
N ASP A 370 45.34 34.28 22.40
CA ASP A 370 44.36 33.84 23.38
C ASP A 370 43.20 33.13 22.70
N ALA A 371 42.81 33.57 21.49
CA ALA A 371 41.66 32.99 20.82
C ALA A 371 42.02 31.66 20.19
N LEU A 372 43.29 31.47 19.85
CA LEU A 372 43.71 30.20 19.25
C LEU A 372 43.93 29.14 20.32
N THR A 373 44.07 29.56 21.57
CA THR A 373 44.06 28.64 22.69
C THR A 373 42.66 28.06 22.89
N LYS A 374 41.63 28.89 22.70
CA LYS A 374 40.26 28.48 22.94
C LYS A 374 39.73 27.55 21.86
N MET A 375 40.19 27.73 20.63
CA MET A 375 39.70 26.88 19.56
C MET A 375 40.48 25.57 19.51
N ARG A 376 41.65 25.51 20.15
CA ARG A 376 42.30 24.23 20.40
C ARG A 376 41.66 23.55 21.61
N ALA A 377 41.08 24.35 22.50
CA ALA A 377 40.34 23.77 23.62
C ALA A 377 39.00 23.21 23.17
N ALA A 378 38.46 23.76 22.09
CA ALA A 378 37.19 23.28 21.57
C ALA A 378 37.35 22.00 20.78
N ALA A 379 38.36 21.94 19.92
CA ALA A 379 38.43 20.88 18.92
C ALA A 379 38.96 19.57 19.50
N LEU A 380 39.57 19.62 20.67
CA LEU A 380 39.99 18.40 21.33
C LEU A 380 38.81 17.67 21.93
N ASP A 381 37.82 18.42 22.43
CA ASP A 381 36.74 17.80 23.16
C ASP A 381 35.66 17.26 22.24
N ALA A 382 35.63 17.72 21.00
CA ALA A 382 34.57 17.30 20.09
C ALA A 382 34.90 15.98 19.41
N GLN A 383 36.15 15.54 19.47
CA GLN A 383 36.52 14.29 18.81
C GLN A 383 36.14 13.06 19.62
N LYS A 384 36.19 13.16 20.94
CA LYS A 384 36.09 11.96 21.78
C LYS A 384 34.66 11.47 21.95
N ALA A 385 33.68 12.31 21.63
CA ALA A 385 32.28 12.01 21.86
C ALA A 385 31.69 11.17 20.73
N THR A 386 30.37 11.17 20.66
CA THR A 386 29.60 10.51 19.61
C THR A 386 28.74 11.58 18.95
N PRO A 387 28.63 11.61 17.61
CA PRO A 387 27.71 12.54 16.97
C PRO A 387 26.27 12.11 17.20
N PRO A 388 25.30 13.03 17.12
CA PRO A 388 23.89 12.63 17.32
C PRO A 388 23.19 12.04 16.10
N LYS A 389 23.90 11.58 15.08
CA LYS A 389 23.28 10.88 13.96
C LYS A 389 23.63 9.39 13.91
N LEU A 390 24.78 8.98 14.48
CA LEU A 390 25.32 7.65 14.33
C LEU A 390 25.56 6.99 15.69
N GLU A 391 24.58 6.23 16.18
CA GLU A 391 24.64 5.73 17.56
C GLU A 391 24.96 4.24 17.64
N ASP A 392 24.14 3.39 17.01
CA ASP A 392 24.31 1.95 17.12
C ASP A 392 25.34 1.40 16.15
N LYS A 393 25.80 2.21 15.20
CA LYS A 393 27.08 1.93 14.56
C LYS A 393 28.17 2.19 15.58
N SER A 394 29.05 1.22 15.78
CA SER A 394 30.06 1.03 16.81
C SER A 394 31.14 2.09 16.70
N PRO A 395 31.81 2.49 17.80
CA PRO A 395 32.82 3.56 17.70
C PRO A 395 34.14 3.18 17.02
N ASP A 396 34.37 1.90 16.74
CA ASP A 396 35.53 1.48 15.97
C ASP A 396 35.22 1.26 14.50
N SER A 397 34.01 1.57 14.06
CA SER A 397 33.65 1.44 12.67
C SER A 397 34.27 2.58 11.86
N PRO A 398 34.44 2.39 10.54
CA PRO A 398 34.93 3.52 9.71
C PRO A 398 33.90 4.62 9.41
N GLU A 399 32.65 4.46 9.83
CA GLU A 399 31.75 5.60 10.00
C GLU A 399 32.31 6.55 11.05
N MET A 400 32.71 6.00 12.19
CA MET A 400 33.24 6.84 13.26
C MET A 400 34.67 7.25 12.99
N LYS A 401 35.40 6.49 12.18
CA LYS A 401 36.81 6.78 12.00
C LYS A 401 37.04 7.90 11.02
N ASP A 402 36.15 8.03 10.01
CA ASP A 402 36.27 9.13 9.06
C ASP A 402 35.82 10.45 9.68
N PHE A 403 34.94 10.38 10.68
CA PHE A 403 34.74 11.49 11.60
C PHE A 403 35.99 11.80 12.40
N ARG A 404 36.69 10.76 12.85
CA ARG A 404 37.88 11.01 13.66
C ARG A 404 39.09 11.26 12.78
N HIS A 405 39.00 10.97 11.48
CA HIS A 405 40.08 11.34 10.57
C HIS A 405 40.09 12.84 10.30
N GLY A 406 38.91 13.47 10.35
CA GLY A 406 38.87 14.89 10.06
C GLY A 406 39.30 15.74 11.22
N PHE A 407 39.25 15.19 12.43
CA PHE A 407 39.44 16.01 13.61
C PHE A 407 40.88 16.04 14.11
N ASP A 408 41.83 15.52 13.34
CA ASP A 408 43.20 15.86 13.67
C ASP A 408 43.68 17.02 12.82
N ILE A 409 42.96 17.30 11.74
CA ILE A 409 43.31 18.40 10.85
C ILE A 409 42.98 19.73 11.51
N LEU A 410 41.94 19.75 12.34
CA LEU A 410 41.43 21.01 12.88
C LEU A 410 42.28 21.50 14.04
N VAL A 411 43.05 20.61 14.65
CA VAL A 411 44.11 21.06 15.53
C VAL A 411 45.27 21.57 14.69
N GLY A 412 45.53 20.91 13.56
CA GLY A 412 46.71 21.22 12.77
C GLY A 412 46.53 22.47 11.93
N GLN A 413 45.29 22.88 11.70
CA GLN A 413 45.09 24.19 11.07
C GLN A 413 45.16 25.30 12.10
N ILE A 414 44.96 24.98 13.39
CA ILE A 414 45.37 25.92 14.43
C ILE A 414 46.88 25.84 14.60
N ASP A 415 47.47 24.66 14.34
CA ASP A 415 48.92 24.55 14.35
C ASP A 415 49.53 25.00 13.03
N ASP A 416 48.70 25.28 12.02
CA ASP A 416 49.16 26.10 10.91
C ASP A 416 49.01 27.58 11.26
N ALA A 417 48.00 27.90 12.07
CA ALA A 417 47.78 29.29 12.48
C ALA A 417 48.74 29.73 13.57
N LEU A 418 49.06 28.85 14.52
CA LEU A 418 49.97 29.23 15.59
C LEU A 418 51.42 29.17 15.15
N LYS A 419 51.68 28.49 14.02
CA LYS A 419 53.02 28.44 13.43
C LYS A 419 53.48 29.81 12.97
N LEU A 420 52.59 30.54 12.30
CA LEU A 420 52.93 31.88 11.87
C LEU A 420 52.71 32.90 13.00
N ALA A 421 52.00 32.50 14.05
CA ALA A 421 51.66 33.45 15.10
C ALA A 421 52.81 33.64 16.09
N ASN A 422 53.83 32.77 16.03
CA ASN A 422 54.95 32.86 16.94
C ASN A 422 55.92 33.97 16.56
N GLU A 423 55.80 34.50 15.34
CA GLU A 423 56.36 35.79 14.98
C GLU A 423 55.42 36.93 15.35
N GLY A 424 54.11 36.67 15.41
CA GLY A 424 53.16 37.73 15.67
C GLY A 424 52.80 38.58 14.47
N LYS A 425 53.13 38.13 13.26
CA LYS A 425 52.73 38.79 12.02
C LYS A 425 51.24 38.59 11.83
N VAL A 426 50.53 39.70 11.71
CA VAL A 426 49.09 39.71 11.96
C VAL A 426 48.34 39.18 10.75
N LYS A 427 48.80 39.55 9.55
CA LYS A 427 48.14 39.14 8.31
C LYS A 427 48.45 37.69 7.97
N GLU A 428 49.56 37.16 8.50
CA GLU A 428 49.85 35.75 8.36
C GLU A 428 49.22 34.96 9.50
N ALA A 429 48.86 35.64 10.58
CA ALA A 429 47.92 35.05 11.52
C ALA A 429 46.49 35.20 11.01
N GLN A 430 46.26 36.14 10.08
CA GLN A 430 44.96 36.22 9.44
C GLN A 430 44.96 35.45 8.12
N ALA A 431 46.07 34.81 7.77
CA ALA A 431 46.07 33.97 6.58
C ALA A 431 45.38 32.64 6.85
N ALA A 432 45.49 32.13 8.08
CA ALA A 432 44.81 30.89 8.41
C ALA A 432 43.52 31.14 9.16
N ALA A 433 43.21 32.40 9.43
CA ALA A 433 41.97 32.74 10.14
C ALA A 433 40.75 32.61 9.23
N GLU A 434 40.95 32.77 7.93
CA GLU A 434 39.85 32.55 6.99
C GLU A 434 39.85 31.11 6.51
N GLN A 435 40.85 30.33 6.92
CA GLN A 435 40.97 28.94 6.48
C GLN A 435 40.10 28.02 7.31
N LEU A 436 39.81 28.39 8.56
CA LEU A 436 39.18 27.46 9.48
C LEU A 436 37.69 27.30 9.24
N LYS A 437 37.09 28.24 8.52
CA LYS A 437 35.68 28.07 8.15
C LYS A 437 35.55 27.08 7.01
N THR A 438 36.61 26.89 6.24
CA THR A 438 36.56 26.05 5.05
C THR A 438 36.57 24.57 5.42
N THR A 439 37.09 24.25 6.59
CA THR A 439 37.02 22.88 7.08
C THR A 439 36.05 22.78 8.25
N ARG A 440 35.47 23.89 8.67
CA ARG A 440 34.31 23.80 9.53
C ARG A 440 33.09 23.36 8.73
N ASN A 441 32.91 23.97 7.55
CA ASN A 441 31.66 23.82 6.79
C ASN A 441 31.59 22.49 6.07
N ALA A 442 32.73 21.79 5.92
CA ALA A 442 32.69 20.42 5.48
C ALA A 442 32.22 19.46 6.57
N TYR A 443 32.25 19.86 7.83
CA TYR A 443 31.92 18.98 8.94
C TYR A 443 30.72 19.54 9.69
N ILE A 444 29.75 20.09 8.96
CA ILE A 444 28.46 20.40 9.57
C ILE A 444 27.48 19.37 9.07
N GLN A 445 27.32 18.28 9.81
CA GLN A 445 26.52 17.14 9.40
C GLN A 445 25.46 16.82 10.46
N ASP A 449 20.31 15.56 7.78
CA ASP A 449 19.73 16.60 8.68
C ASP A 449 18.32 16.96 8.21
N TRP A 450 17.88 16.38 7.09
CA TRP A 450 16.56 16.64 6.55
C TRP A 450 15.55 15.63 7.06
N LYS A 451 16.02 14.49 7.55
CA LYS A 451 15.07 13.46 7.93
C LYS A 451 14.55 13.66 9.35
N TYR A 452 15.15 14.59 10.11
CA TYR A 452 14.56 14.95 11.39
C TYR A 452 13.65 16.15 11.24
N VAL A 453 13.89 16.98 10.23
CA VAL A 453 13.09 18.20 10.10
C VAL A 453 11.75 17.87 9.43
N ALA A 454 11.64 16.70 8.79
CA ALA A 454 10.39 16.28 8.18
C ALA A 454 9.38 15.81 9.20
N MET A 455 9.83 15.47 10.40
CA MET A 455 8.89 15.14 11.45
C MET A 455 8.38 16.40 12.15
N VAL A 456 9.17 17.46 12.15
CA VAL A 456 8.83 18.61 13.00
C VAL A 456 7.86 19.54 12.26
N ILE A 457 8.02 19.65 10.92
CA ILE A 457 7.07 20.41 10.10
C ILE A 457 5.77 19.63 9.92
N ASP A 458 5.83 18.31 10.14
CA ASP A 458 4.63 17.52 10.20
C ASP A 458 3.78 17.82 11.43
N ARG A 459 4.36 17.70 12.63
CA ARG A 459 3.51 17.68 13.81
C ARG A 459 3.27 19.08 14.37
N ILE A 460 3.71 20.13 13.69
CA ILE A 460 3.12 21.42 13.96
C ILE A 460 1.73 21.50 13.33
N PHE A 461 1.56 20.85 12.18
CA PHE A 461 0.32 20.98 11.42
C PHE A 461 -0.76 20.07 11.94
N LEU A 462 -0.41 19.04 12.71
CA LEU A 462 -1.42 18.20 13.32
C LEU A 462 -2.10 18.93 14.46
N TRP A 463 -1.37 19.79 15.17
CA TRP A 463 -2.02 20.61 16.19
C TRP A 463 -2.60 21.87 15.59
N MET A 464 -2.31 22.15 14.32
CA MET A 464 -2.92 23.30 13.68
C MET A 464 -4.23 22.91 13.00
N PHE A 465 -4.39 21.64 12.65
CA PHE A 465 -5.61 21.24 11.96
C PHE A 465 -6.62 20.58 12.88
N ILE A 466 -6.17 20.02 14.01
CA ILE A 466 -7.13 19.37 14.90
C ILE A 466 -7.78 20.40 15.81
N ILE A 467 -7.22 21.60 15.87
CA ILE A 467 -7.95 22.75 16.37
C ILE A 467 -9.10 23.09 15.41
N VAL A 468 -8.78 23.21 14.12
CA VAL A 468 -9.71 23.89 13.22
C VAL A 468 -10.75 22.90 12.69
N CYS A 469 -10.51 21.61 12.84
CA CYS A 469 -11.56 20.64 12.54
C CYS A 469 -12.55 20.60 13.68
N LEU A 470 -12.07 20.81 14.91
CA LEU A 470 -12.98 20.91 16.04
C LEU A 470 -13.53 22.33 16.16
N LEU A 471 -12.87 23.30 15.54
CA LEU A 471 -13.45 24.64 15.47
C LEU A 471 -14.48 24.75 14.36
N GLY A 472 -14.44 23.82 13.40
CA GLY A 472 -15.38 23.88 12.30
C GLY A 472 -16.75 23.37 12.69
N THR A 473 -16.79 22.21 13.36
CA THR A 473 -18.03 21.46 13.55
C THR A 473 -18.92 22.09 14.61
N VAL A 474 -18.35 22.62 15.68
CA VAL A 474 -19.16 23.34 16.66
C VAL A 474 -19.20 24.83 16.33
N GLY A 475 -18.43 25.24 15.31
CA GLY A 475 -18.48 26.61 14.87
C GLY A 475 -19.54 26.88 13.84
N LEU A 476 -20.37 25.90 13.51
CA LEU A 476 -21.50 26.10 12.61
C LEU A 476 -22.82 25.72 13.26
N PHE A 477 -22.81 24.65 14.07
CA PHE A 477 -24.03 23.95 14.43
C PHE A 477 -24.68 24.53 15.67
N LEU A 478 -23.86 24.90 16.66
CA LEU A 478 -24.31 25.41 17.98
C LEU A 478 -24.71 26.89 17.94
N PRO A 479 -24.10 27.76 17.10
CA PRO A 479 -24.43 29.19 17.10
C PRO A 479 -25.90 29.53 16.77
N PRO A 480 -26.59 28.89 15.66
CA PRO A 480 -28.13 28.89 14.93
C PRO A 480 -29.23 28.37 15.86
N TRP A 481 -28.96 27.22 16.48
CA TRP A 481 -29.82 26.50 17.42
C TRP A 481 -29.55 26.94 18.86
N ASP B 2 -85.21 34.15 -11.56
CA ASP B 2 -86.20 33.61 -12.47
C ASP B 2 -86.11 34.24 -13.85
N THR B 3 -85.99 35.58 -13.88
CA THR B 3 -85.97 36.30 -15.15
C THR B 3 -84.65 36.11 -15.88
N GLU B 4 -83.58 35.89 -15.12
CA GLU B 4 -82.28 35.51 -15.65
C GLU B 4 -82.35 34.14 -16.33
N GLU B 5 -83.14 33.24 -15.75
CA GLU B 5 -83.36 31.90 -16.30
C GLU B 5 -84.16 31.96 -17.60
N ARG B 6 -85.08 32.92 -17.69
CA ARG B 6 -85.80 33.16 -18.93
C ARG B 6 -84.88 33.81 -19.97
N LEU B 7 -83.91 34.59 -19.50
CA LEU B 7 -82.95 35.22 -20.41
C LEU B 7 -81.94 34.22 -20.96
N VAL B 8 -81.50 33.26 -20.13
CA VAL B 8 -80.50 32.29 -20.57
C VAL B 8 -81.15 31.24 -21.46
N GLU B 9 -82.45 31.00 -21.27
CA GLU B 9 -83.18 30.23 -22.28
C GLU B 9 -83.46 31.03 -23.54
N HIS B 10 -83.49 32.36 -23.44
CA HIS B 10 -83.66 33.14 -24.66
C HIS B 10 -82.36 33.25 -25.47
N LEU B 11 -81.21 33.37 -24.81
CA LEU B 11 -80.00 33.76 -25.53
C LEU B 11 -79.33 32.60 -26.24
N LEU B 12 -79.22 31.44 -25.62
CA LEU B 12 -78.51 30.32 -26.20
C LEU B 12 -79.43 29.35 -26.89
N ASP B 13 -80.51 29.83 -27.47
CA ASP B 13 -81.53 29.02 -28.10
C ASP B 13 -80.98 28.53 -29.42
N PRO B 14 -80.87 27.21 -29.66
CA PRO B 14 -80.11 26.72 -30.83
C PRO B 14 -80.81 26.87 -32.17
N SER B 15 -82.07 27.32 -32.20
CA SER B 15 -82.64 27.81 -33.43
C SER B 15 -82.18 29.23 -33.72
N ARG B 16 -81.84 29.97 -32.68
CA ARG B 16 -81.52 31.39 -32.84
C ARG B 16 -80.04 31.62 -33.07
N TYR B 17 -79.20 30.82 -32.43
CA TYR B 17 -77.78 31.12 -32.27
C TYR B 17 -76.95 29.93 -32.67
N ASN B 18 -76.55 29.88 -33.92
CA ASN B 18 -75.64 28.82 -34.35
C ASN B 18 -74.24 29.19 -33.94
N LYS B 19 -73.59 28.26 -33.25
CA LYS B 19 -72.37 28.50 -32.51
C LYS B 19 -71.15 28.73 -33.38
N LEU B 20 -70.96 27.93 -34.41
CA LEU B 20 -69.70 27.99 -35.13
C LEU B 20 -69.78 28.80 -36.41
N ILE B 21 -70.50 29.91 -36.40
CA ILE B 21 -70.29 31.00 -37.35
C ILE B 21 -69.68 32.16 -36.60
N ARG B 22 -69.22 33.17 -37.34
CA ARG B 22 -68.59 34.28 -36.64
C ARG B 22 -69.50 35.50 -36.67
N PRO B 23 -69.45 36.36 -35.64
CA PRO B 23 -70.39 37.48 -35.62
C PRO B 23 -69.97 38.61 -36.52
N ALA B 24 -70.63 38.70 -37.66
CA ALA B 24 -70.43 39.83 -38.53
C ALA B 24 -71.73 40.10 -39.24
N THR B 25 -71.96 41.34 -39.67
CA THR B 25 -73.28 41.65 -40.30
C THR B 25 -73.16 42.19 -41.73
N ASN B 26 -72.35 43.24 -41.95
CA ASN B 26 -72.31 43.89 -43.29
C ASN B 26 -71.12 43.43 -44.15
N GLY B 27 -71.42 42.66 -45.21
CA GLY B 27 -70.52 42.18 -46.24
C GLY B 27 -69.11 41.97 -45.74
N SER B 28 -68.96 41.04 -44.78
CA SER B 28 -67.68 40.55 -44.22
C SER B 28 -66.87 41.65 -43.54
N GLU B 29 -67.36 42.14 -42.41
CA GLU B 29 -66.55 43.00 -41.56
C GLU B 29 -65.85 42.20 -40.48
N LEU B 30 -64.79 42.78 -39.93
CA LEU B 30 -63.91 42.07 -39.00
C LEU B 30 -64.53 41.94 -37.63
N VAL B 31 -63.84 41.19 -36.77
CA VAL B 31 -64.03 41.27 -35.33
C VAL B 31 -62.70 41.57 -34.70
N THR B 32 -62.72 42.23 -33.56
CA THR B 32 -61.48 42.58 -32.90
C THR B 32 -61.34 41.82 -31.60
N VAL B 33 -60.25 41.11 -31.48
CA VAL B 33 -59.99 40.35 -30.27
C VAL B 33 -58.84 41.01 -29.56
N GLN B 34 -59.08 41.61 -28.41
CA GLN B 34 -58.00 42.21 -27.65
C GLN B 34 -57.57 41.19 -26.63
N LEU B 35 -56.27 41.06 -26.38
CA LEU B 35 -55.84 40.16 -25.34
C LEU B 35 -54.63 40.70 -24.61
N MET B 36 -54.49 40.28 -23.35
CA MET B 36 -53.24 40.49 -22.64
C MET B 36 -53.00 39.32 -21.72
N VAL B 37 -51.80 39.22 -21.18
CA VAL B 37 -51.36 38.08 -20.43
C VAL B 37 -51.01 38.47 -19.01
N SER B 38 -51.53 37.73 -18.04
CA SER B 38 -51.16 37.97 -16.65
C SER B 38 -50.49 36.72 -16.12
N LEU B 39 -49.25 36.85 -15.69
CA LEU B 39 -48.51 35.69 -15.22
C LEU B 39 -48.94 35.35 -13.82
N ALA B 40 -48.76 34.09 -13.42
CA ALA B 40 -49.02 33.70 -12.05
C ALA B 40 -47.76 33.23 -11.35
N GLN B 41 -47.05 32.25 -11.91
CA GLN B 41 -45.69 31.94 -11.50
C GLN B 41 -44.96 31.31 -12.65
N LEU B 42 -43.64 31.36 -12.61
CA LEU B 42 -42.82 30.58 -13.52
C LEU B 42 -42.45 29.32 -12.79
N ILE B 43 -42.94 28.17 -13.25
CA ILE B 43 -42.70 26.93 -12.52
C ILE B 43 -41.31 26.40 -12.76
N SER B 44 -40.98 26.08 -14.02
CA SER B 44 -39.68 25.50 -14.25
C SER B 44 -39.13 25.88 -15.61
N VAL B 45 -37.81 25.96 -15.68
CA VAL B 45 -37.12 25.96 -16.96
C VAL B 45 -36.28 24.70 -17.01
N HIS B 46 -36.58 23.83 -17.95
CA HIS B 46 -35.95 22.53 -18.05
C HIS B 46 -34.94 22.63 -19.16
N GLU B 47 -33.68 22.34 -18.84
CA GLU B 47 -32.59 22.61 -19.76
C GLU B 47 -32.18 21.37 -20.52
N ARG B 48 -32.55 20.20 -20.03
CA ARG B 48 -32.15 18.96 -20.68
C ARG B 48 -32.93 18.72 -21.95
N GLU B 49 -34.13 19.28 -22.05
CA GLU B 49 -34.97 19.09 -23.21
C GLU B 49 -35.49 20.39 -23.78
N GLN B 50 -35.04 21.54 -23.25
CA GLN B 50 -35.35 22.91 -23.66
C GLN B 50 -36.85 23.23 -23.62
N ILE B 51 -37.42 23.18 -22.42
CA ILE B 51 -38.86 23.34 -22.26
C ILE B 51 -39.14 24.19 -21.03
N MET B 52 -39.98 25.21 -21.18
CA MET B 52 -40.35 26.08 -20.08
C MET B 52 -41.79 25.81 -19.67
N THR B 53 -42.04 25.56 -18.40
CA THR B 53 -43.37 25.30 -17.87
C THR B 53 -43.83 26.50 -17.05
N THR B 54 -44.93 27.15 -17.47
CA THR B 54 -45.44 28.35 -16.81
C THR B 54 -46.94 28.26 -16.54
N ASN B 55 -47.42 29.21 -15.75
CA ASN B 55 -48.81 29.33 -15.31
C ASN B 55 -49.29 30.72 -15.66
N VAL B 56 -50.30 30.82 -16.51
CA VAL B 56 -50.65 32.10 -17.11
C VAL B 56 -52.15 32.21 -17.33
N TRP B 57 -52.73 33.31 -16.87
CA TRP B 57 -54.12 33.62 -17.13
C TRP B 57 -54.12 34.63 -18.25
N LEU B 58 -54.73 34.31 -19.38
CA LEU B 58 -54.81 35.27 -20.49
C LEU B 58 -56.22 35.84 -20.58
N THR B 59 -56.33 37.14 -20.76
CA THR B 59 -57.62 37.82 -20.78
C THR B 59 -57.93 38.18 -22.20
N GLN B 60 -59.03 37.67 -22.73
CA GLN B 60 -59.48 38.04 -24.06
C GLN B 60 -60.80 38.76 -23.98
N GLU B 61 -60.95 39.82 -24.75
CA GLU B 61 -62.24 40.46 -24.85
C GLU B 61 -62.55 40.82 -26.28
N TRP B 62 -63.77 40.52 -26.71
CA TRP B 62 -64.15 40.81 -28.09
C TRP B 62 -65.55 41.38 -28.08
N GLU B 63 -66.15 41.51 -29.25
CA GLU B 63 -67.41 42.21 -29.38
C GLU B 63 -68.34 41.50 -30.33
N ASP B 64 -69.40 40.90 -29.79
CA ASP B 64 -70.40 40.16 -30.53
C ASP B 64 -71.58 41.09 -30.75
N TYR B 65 -72.51 40.71 -31.63
CA TYR B 65 -73.68 41.55 -31.84
C TYR B 65 -75.00 40.84 -31.64
N ARG B 66 -75.05 39.52 -31.73
CA ARG B 66 -76.33 38.84 -31.59
C ARG B 66 -76.54 38.29 -30.20
N LEU B 67 -75.66 38.62 -29.27
CA LEU B 67 -75.94 38.52 -27.85
C LEU B 67 -76.28 39.88 -27.29
N THR B 68 -77.53 40.29 -27.47
CA THR B 68 -78.01 41.59 -27.01
C THR B 68 -79.39 41.37 -26.41
N TRP B 69 -79.66 42.04 -25.30
CA TRP B 69 -81.02 42.10 -24.81
C TRP B 69 -81.34 43.54 -24.52
N LYS B 70 -82.62 43.86 -24.51
CA LYS B 70 -83.10 45.23 -24.25
C LYS B 70 -83.40 45.31 -22.76
N PRO B 71 -82.51 45.90 -21.96
CA PRO B 71 -82.39 45.49 -20.55
C PRO B 71 -83.46 46.01 -19.60
N GLU B 72 -84.38 46.86 -20.05
CA GLU B 72 -85.49 47.21 -19.18
C GLU B 72 -86.66 46.27 -19.39
N GLU B 73 -86.57 45.38 -20.37
CA GLU B 73 -87.58 44.34 -20.48
C GLU B 73 -87.29 43.19 -19.53
N PHE B 74 -86.02 43.01 -19.18
CA PHE B 74 -85.64 41.92 -18.29
C PHE B 74 -85.27 42.41 -16.91
N ASP B 75 -85.98 43.48 -16.50
CA ASP B 75 -86.06 43.99 -15.12
C ASP B 75 -84.72 44.50 -14.59
N ASN B 76 -84.06 45.32 -15.41
CA ASN B 76 -82.79 46.02 -15.17
C ASN B 76 -81.64 45.06 -14.86
N MET B 77 -81.29 44.25 -15.85
CA MET B 77 -80.17 43.35 -15.77
C MET B 77 -79.09 43.81 -16.73
N LYS B 78 -77.88 44.02 -16.22
CA LYS B 78 -76.82 44.53 -17.06
C LYS B 78 -75.82 43.48 -17.50
N LYS B 79 -75.77 42.34 -16.84
CA LYS B 79 -74.55 41.56 -16.87
C LYS B 79 -74.85 40.13 -16.47
N VAL B 80 -74.79 39.19 -17.41
CA VAL B 80 -75.03 37.80 -17.08
C VAL B 80 -73.74 37.01 -17.21
N ARG B 81 -73.75 35.80 -16.69
CA ARG B 81 -72.69 34.85 -16.95
C ARG B 81 -73.21 33.83 -17.95
N LEU B 82 -72.30 33.22 -18.68
CA LEU B 82 -72.67 32.21 -19.67
C LEU B 82 -71.60 31.15 -19.67
N PRO B 83 -71.97 29.90 -19.95
CA PRO B 83 -70.94 28.87 -20.10
C PRO B 83 -70.30 28.96 -21.48
N SER B 84 -68.99 28.79 -21.53
CA SER B 84 -68.26 29.11 -22.74
C SER B 84 -68.05 27.93 -23.63
N LYS B 85 -68.82 26.87 -23.49
CA LYS B 85 -68.86 25.87 -24.52
C LYS B 85 -69.94 26.14 -25.55
N HIS B 86 -70.83 27.06 -25.27
CA HIS B 86 -72.03 27.20 -26.06
C HIS B 86 -72.13 28.54 -26.76
N ILE B 87 -71.17 29.43 -26.56
CA ILE B 87 -71.11 30.67 -27.30
C ILE B 87 -69.99 30.52 -28.30
N TRP B 88 -69.79 31.53 -29.15
CA TRP B 88 -68.64 31.53 -30.04
C TRP B 88 -67.38 31.76 -29.24
N LEU B 89 -66.29 31.15 -29.68
CA LEU B 89 -64.97 31.52 -29.21
C LEU B 89 -64.15 31.94 -30.41
N PRO B 90 -63.31 32.95 -30.27
CA PRO B 90 -62.20 33.05 -31.20
C PRO B 90 -61.15 32.10 -30.68
N ASP B 91 -60.57 31.35 -31.58
CA ASP B 91 -59.60 30.38 -31.12
C ASP B 91 -58.26 31.06 -30.98
N VAL B 92 -57.77 31.15 -29.75
CA VAL B 92 -56.45 31.70 -29.50
C VAL B 92 -55.65 30.61 -28.80
N VAL B 93 -54.59 30.16 -29.44
CA VAL B 93 -53.84 28.99 -29.00
C VAL B 93 -52.38 29.36 -28.80
N LEU B 94 -51.56 28.40 -28.41
CA LEU B 94 -50.12 28.56 -28.54
C LEU B 94 -49.72 28.19 -29.95
N TYR B 95 -48.45 28.43 -30.28
CA TYR B 95 -48.01 28.00 -31.58
C TYR B 95 -46.62 27.39 -31.60
N ASN B 96 -45.79 27.69 -30.61
CA ASN B 96 -44.50 27.03 -30.51
C ASN B 96 -44.51 25.92 -29.51
N ASN B 97 -45.62 25.21 -29.41
CA ASN B 97 -45.91 24.40 -28.25
C ASN B 97 -45.22 23.05 -28.30
N ALA B 98 -44.44 22.75 -27.28
CA ALA B 98 -43.98 21.38 -27.10
C ALA B 98 -44.99 20.61 -26.27
N ASP B 99 -45.08 19.31 -26.56
CA ASP B 99 -45.92 18.25 -26.00
C ASP B 99 -47.40 18.36 -26.30
N GLY B 100 -47.82 19.27 -27.17
CA GLY B 100 -49.09 19.12 -27.87
C GLY B 100 -50.39 19.34 -27.15
N MET B 101 -50.45 20.25 -26.20
CA MET B 101 -51.74 20.73 -25.70
C MET B 101 -51.94 22.15 -26.22
N TYR B 102 -53.00 22.35 -27.00
CA TYR B 102 -53.16 23.65 -27.70
C TYR B 102 -54.20 24.57 -27.07
N GLU B 103 -55.29 24.02 -26.51
CA GLU B 103 -56.34 24.85 -25.97
C GLU B 103 -56.02 25.21 -24.51
N VAL B 104 -56.91 25.97 -23.88
CA VAL B 104 -56.79 26.33 -22.47
C VAL B 104 -57.35 25.22 -21.59
N SER B 105 -57.18 25.33 -20.27
CA SER B 105 -57.32 24.17 -19.42
C SER B 105 -58.61 24.10 -18.60
N PHE B 106 -59.41 25.17 -18.56
CA PHE B 106 -60.55 25.10 -17.65
C PHE B 106 -61.89 25.32 -18.34
N TYR B 107 -61.96 26.25 -19.31
CA TYR B 107 -63.16 26.75 -20.00
C TYR B 107 -64.19 27.31 -19.01
N SER B 108 -63.82 28.43 -18.41
CA SER B 108 -64.63 29.07 -17.40
C SER B 108 -65.80 29.83 -18.00
N ASN B 109 -66.50 30.58 -17.15
CA ASN B 109 -67.66 31.33 -17.60
C ASN B 109 -67.22 32.62 -18.27
N ALA B 110 -68.08 33.13 -19.15
CA ALA B 110 -67.83 34.39 -19.82
C ALA B 110 -68.85 35.38 -19.33
N VAL B 111 -68.45 36.57 -19.15
CA VAL B 111 -69.35 37.60 -18.65
C VAL B 111 -69.83 38.42 -19.82
N VAL B 112 -71.14 38.48 -19.99
CA VAL B 112 -71.71 39.13 -21.15
C VAL B 112 -72.50 40.32 -20.67
N SER B 113 -72.09 41.49 -21.13
CA SER B 113 -72.80 42.73 -20.86
C SER B 113 -73.87 42.92 -21.91
N TYR B 114 -74.66 43.97 -21.76
CA TYR B 114 -75.82 44.15 -22.62
C TYR B 114 -75.48 44.76 -23.96
N ASP B 115 -74.27 45.27 -24.13
CA ASP B 115 -73.80 45.72 -25.42
C ASP B 115 -73.34 44.56 -26.30
N GLY B 116 -72.87 43.49 -25.70
CA GLY B 116 -72.26 42.41 -26.42
C GLY B 116 -70.78 42.29 -26.23
N SER B 117 -70.17 43.12 -25.39
CA SER B 117 -68.75 43.01 -25.17
C SER B 117 -68.47 41.88 -24.20
N ILE B 118 -67.66 40.93 -24.65
CA ILE B 118 -67.48 39.70 -23.91
C ILE B 118 -66.08 39.69 -23.34
N PHE B 119 -66.02 39.54 -22.03
CA PHE B 119 -64.78 39.43 -21.26
C PHE B 119 -64.61 37.95 -20.99
N TRP B 120 -63.39 37.44 -21.03
CA TRP B 120 -63.19 36.01 -20.81
C TRP B 120 -61.80 35.80 -20.27
N LEU B 121 -61.68 34.97 -19.25
CA LEU B 121 -60.36 34.77 -18.64
C LEU B 121 -60.17 33.34 -18.19
N PRO B 122 -59.67 32.44 -19.02
CA PRO B 122 -59.42 31.10 -18.56
C PRO B 122 -58.00 30.96 -18.07
N PRO B 123 -57.73 30.03 -17.19
CA PRO B 123 -56.35 29.82 -16.75
C PRO B 123 -55.67 28.75 -17.58
N ALA B 124 -54.34 28.73 -17.62
CA ALA B 124 -53.69 27.62 -18.29
C ALA B 124 -52.36 27.38 -17.64
N ILE B 125 -51.85 26.15 -17.80
CA ILE B 125 -50.42 25.93 -17.73
C ILE B 125 -49.95 25.60 -19.14
N TYR B 126 -48.76 26.03 -19.47
CA TYR B 126 -48.25 25.89 -20.82
C TYR B 126 -46.82 25.42 -20.77
N LYS B 127 -46.50 24.50 -21.65
CA LYS B 127 -45.15 23.99 -21.79
C LYS B 127 -44.62 24.55 -23.10
N SER B 128 -44.11 25.76 -23.05
CA SER B 128 -43.59 26.41 -24.24
C SER B 128 -42.20 25.91 -24.52
N ALA B 129 -41.78 26.02 -25.78
CA ALA B 129 -40.45 25.57 -26.19
C ALA B 129 -39.62 26.82 -26.46
N CYS B 130 -38.36 26.80 -26.03
CA CYS B 130 -37.48 27.95 -26.16
C CYS B 130 -36.05 27.49 -26.22
N LYS B 131 -35.19 28.29 -26.84
CA LYS B 131 -33.87 27.82 -27.19
C LYS B 131 -32.82 28.33 -26.23
N ILE B 132 -32.31 27.43 -25.42
CA ILE B 132 -31.41 27.75 -24.32
C ILE B 132 -30.02 27.92 -24.89
N GLU B 133 -29.42 29.09 -24.67
CA GLU B 133 -28.02 29.31 -25.04
C GLU B 133 -27.17 29.27 -23.77
N VAL B 134 -26.10 28.50 -23.83
CA VAL B 134 -25.26 28.24 -22.66
C VAL B 134 -23.81 28.46 -23.08
N LYS B 135 -23.37 29.65 -22.93
CA LYS B 135 -21.95 29.96 -23.00
C LYS B 135 -21.47 30.52 -21.69
N HIS B 136 -22.20 31.45 -21.11
CA HIS B 136 -21.93 31.96 -19.78
C HIS B 136 -22.71 31.22 -18.72
N PHE B 137 -22.56 29.90 -18.69
CA PHE B 137 -23.07 29.12 -17.59
C PHE B 137 -22.15 29.33 -16.40
N PRO B 138 -22.70 29.41 -15.18
CA PRO B 138 -24.07 29.57 -14.75
C PRO B 138 -24.41 31.00 -14.38
N PHE B 139 -24.06 31.96 -15.24
CA PHE B 139 -24.37 33.36 -14.95
C PHE B 139 -25.24 33.99 -16.02
N ASP B 140 -25.84 33.19 -16.89
CA ASP B 140 -26.36 33.65 -18.18
C ASP B 140 -27.68 34.39 -18.06
N GLN B 141 -28.15 34.87 -19.20
CA GLN B 141 -29.39 35.65 -19.28
C GLN B 141 -30.24 35.01 -20.37
N GLN B 142 -31.17 34.16 -19.96
CA GLN B 142 -31.92 33.38 -20.91
C GLN B 142 -33.12 34.15 -21.43
N ASN B 143 -33.65 33.66 -22.52
CA ASN B 143 -34.63 34.37 -23.33
C ASN B 143 -35.62 33.32 -23.82
N CYS B 144 -36.86 33.41 -23.37
CA CYS B 144 -37.85 32.45 -23.84
C CYS B 144 -39.13 33.14 -24.27
N THR B 145 -39.58 32.82 -25.47
CA THR B 145 -40.65 33.54 -26.11
C THR B 145 -41.96 32.77 -26.03
N MET B 146 -43.03 33.41 -26.46
CA MET B 146 -44.36 32.82 -26.44
C MET B 146 -45.17 33.39 -27.59
N LYS B 147 -45.64 32.53 -28.48
CA LYS B 147 -46.45 33.05 -29.59
C LYS B 147 -47.92 32.77 -29.38
N PHE B 148 -48.74 33.78 -29.54
CA PHE B 148 -50.18 33.57 -29.54
C PHE B 148 -50.67 33.94 -30.92
N ARG B 149 -51.27 32.99 -31.58
CA ARG B 149 -51.65 33.04 -32.97
C ARG B 149 -53.06 32.50 -33.00
N SER B 150 -53.87 32.90 -33.96
CA SER B 150 -55.17 32.28 -34.05
C SER B 150 -55.07 30.94 -34.76
N TRP B 151 -56.18 30.21 -34.79
CA TRP B 151 -56.00 28.81 -35.14
C TRP B 151 -56.69 28.42 -36.43
N THR B 152 -57.91 28.90 -36.65
CA THR B 152 -58.63 28.51 -37.86
C THR B 152 -58.92 29.72 -38.73
N TYR B 153 -58.57 30.90 -38.29
CA TYR B 153 -58.90 32.15 -38.97
C TYR B 153 -57.62 32.81 -39.43
N ASP B 154 -57.73 34.00 -40.03
CA ASP B 154 -56.54 34.68 -40.53
C ASP B 154 -56.71 36.19 -40.43
N ARG B 155 -55.85 36.90 -41.16
CA ARG B 155 -55.68 38.34 -41.03
C ARG B 155 -56.86 39.13 -41.56
N THR B 156 -57.57 38.61 -42.55
CA THR B 156 -58.75 39.30 -43.05
C THR B 156 -60.02 38.90 -42.35
N GLU B 157 -59.94 38.13 -41.26
CA GLU B 157 -61.14 37.83 -40.49
C GLU B 157 -61.10 38.30 -39.05
N ILE B 158 -60.12 37.91 -38.24
CA ILE B 158 -59.98 38.45 -36.89
C ILE B 158 -58.65 39.19 -36.81
N ASP B 159 -58.52 40.06 -35.81
CA ASP B 159 -57.38 40.97 -35.77
C ASP B 159 -56.96 41.18 -34.33
N LEU B 160 -55.81 40.67 -33.95
CA LEU B 160 -55.39 40.71 -32.56
C LEU B 160 -54.68 42.02 -32.22
N VAL B 161 -55.30 42.78 -31.33
CA VAL B 161 -54.76 44.06 -30.90
C VAL B 161 -54.28 43.87 -29.47
N LEU B 162 -53.14 44.43 -29.13
CA LEU B 162 -52.68 44.44 -27.75
C LEU B 162 -53.39 45.50 -26.92
N LYS B 163 -53.10 45.49 -25.62
CA LYS B 163 -53.61 46.49 -24.70
C LYS B 163 -52.56 47.12 -23.82
N SER B 164 -51.52 46.37 -23.45
CA SER B 164 -50.47 46.89 -22.60
C SER B 164 -49.16 46.24 -22.99
N GLU B 165 -48.19 47.09 -23.33
CA GLU B 165 -46.84 46.80 -23.82
C GLU B 165 -46.04 45.89 -22.92
N VAL B 166 -46.21 46.02 -21.61
CA VAL B 166 -45.64 45.11 -20.65
C VAL B 166 -46.79 44.29 -20.10
N ALA B 167 -46.63 42.97 -20.07
CA ALA B 167 -47.65 42.10 -19.52
C ALA B 167 -47.68 42.20 -18.01
N SER B 168 -48.81 41.82 -17.42
CA SER B 168 -49.06 42.11 -16.02
C SER B 168 -48.31 41.15 -15.10
N LEU B 169 -47.81 41.70 -14.01
CA LEU B 169 -46.89 40.97 -13.17
C LEU B 169 -47.17 41.18 -11.69
N ASP B 170 -48.35 41.68 -11.31
CA ASP B 170 -48.57 41.95 -9.90
C ASP B 170 -49.39 40.87 -9.23
N ASP B 171 -49.65 39.77 -9.93
CA ASP B 171 -50.16 38.56 -9.29
C ASP B 171 -49.08 37.52 -9.15
N PHE B 172 -47.83 37.91 -9.31
CA PHE B 172 -46.72 36.99 -9.38
C PHE B 172 -46.32 36.51 -8.00
N THR B 173 -46.31 35.20 -7.81
CA THR B 173 -45.52 34.74 -6.68
C THR B 173 -44.06 34.71 -7.11
N PRO B 174 -43.09 34.97 -6.24
CA PRO B 174 -41.69 34.93 -6.68
C PRO B 174 -41.20 33.51 -6.88
N SER B 175 -40.12 33.37 -7.64
CA SER B 175 -39.81 32.08 -8.22
C SER B 175 -38.63 31.35 -7.60
N GLY B 176 -37.93 31.95 -6.65
CA GLY B 176 -36.83 31.21 -6.07
C GLY B 176 -35.60 31.41 -6.91
N GLU B 177 -35.36 30.51 -7.86
CA GLU B 177 -34.15 30.57 -8.66
C GLU B 177 -34.17 31.66 -9.71
N TRP B 178 -35.13 31.63 -10.63
CA TRP B 178 -35.13 32.54 -11.76
C TRP B 178 -35.85 33.83 -11.44
N ASP B 179 -35.13 34.94 -11.38
CA ASP B 179 -35.78 36.22 -11.19
C ASP B 179 -36.13 36.80 -12.56
N ILE B 180 -37.16 37.62 -12.62
CA ILE B 180 -37.59 38.16 -13.90
C ILE B 180 -37.04 39.57 -14.06
N VAL B 181 -36.27 39.76 -15.13
CA VAL B 181 -35.66 41.05 -15.41
C VAL B 181 -36.67 41.95 -16.13
N ALA B 182 -37.12 41.54 -17.31
CA ALA B 182 -38.05 42.34 -18.07
C ALA B 182 -38.87 41.43 -18.96
N LEU B 183 -40.01 41.93 -19.41
CA LEU B 183 -41.05 41.09 -20.00
C LEU B 183 -41.96 41.86 -20.95
N PRO B 184 -41.49 42.20 -22.16
CA PRO B 184 -42.36 42.95 -23.07
C PRO B 184 -43.14 42.06 -24.01
N GLY B 185 -44.03 42.70 -24.78
CA GLY B 185 -44.82 41.97 -25.75
C GLY B 185 -45.29 42.82 -26.90
N ARG B 186 -45.27 42.28 -28.11
CA ARG B 186 -45.51 43.10 -29.28
C ARG B 186 -46.20 42.32 -30.38
N ARG B 187 -46.72 43.05 -31.35
CA ARG B 187 -47.53 42.43 -32.39
C ARG B 187 -46.71 42.29 -33.66
N ASN B 188 -46.73 41.09 -34.23
CA ASN B 188 -46.02 40.81 -35.46
C ASN B 188 -47.00 40.52 -36.56
N GLU B 189 -46.66 40.96 -37.76
CA GLU B 189 -47.51 40.88 -38.93
C GLU B 189 -46.62 40.84 -40.15
N ASN B 190 -46.96 40.00 -41.13
CA ASN B 190 -45.99 39.66 -42.16
C ASN B 190 -46.27 40.46 -43.43
N PRO B 191 -45.29 41.23 -43.94
CA PRO B 191 -45.61 42.24 -44.96
C PRO B 191 -45.70 41.70 -46.37
N ASP B 192 -45.35 40.44 -46.59
CA ASP B 192 -45.44 39.88 -47.94
C ASP B 192 -46.39 38.69 -47.98
N ASP B 193 -46.90 38.28 -46.82
CA ASP B 193 -47.80 37.13 -46.75
C ASP B 193 -49.25 37.57 -46.64
N SER B 194 -49.54 38.48 -45.71
CA SER B 194 -50.81 39.12 -45.40
C SER B 194 -51.93 38.16 -45.03
N THR B 195 -51.62 36.97 -44.51
CA THR B 195 -52.55 36.09 -43.82
C THR B 195 -51.93 35.61 -42.50
N TYR B 196 -51.42 36.55 -41.71
CA TYR B 196 -50.53 36.23 -40.60
C TYR B 196 -50.55 37.37 -39.59
N VAL B 197 -51.21 37.17 -38.45
CA VAL B 197 -51.00 38.03 -37.28
C VAL B 197 -50.70 37.15 -36.08
N ASP B 198 -49.76 37.61 -35.26
CA ASP B 198 -49.57 36.97 -33.98
C ASP B 198 -49.07 37.99 -32.99
N ILE B 199 -49.16 37.65 -31.72
CA ILE B 199 -48.66 38.48 -30.67
C ILE B 199 -47.63 37.69 -29.91
N THR B 200 -46.40 38.19 -29.87
CA THR B 200 -45.32 37.42 -29.27
C THR B 200 -44.88 38.13 -28.01
N TYR B 201 -44.69 37.35 -26.96
CA TYR B 201 -44.16 37.88 -25.72
C TYR B 201 -42.75 37.38 -25.55
N ASP B 202 -41.91 38.18 -24.92
CA ASP B 202 -40.53 37.80 -24.63
C ASP B 202 -40.42 37.70 -23.13
N PHE B 203 -39.72 36.70 -22.64
CA PHE B 203 -39.41 36.64 -21.22
C PHE B 203 -37.91 36.71 -21.11
N ILE B 204 -37.37 37.70 -20.40
CA ILE B 204 -35.93 37.78 -20.24
C ILE B 204 -35.60 37.42 -18.81
N ILE B 205 -35.19 36.20 -18.58
CA ILE B 205 -34.99 35.70 -17.23
C ILE B 205 -33.51 35.53 -16.98
N ARG B 206 -33.15 35.49 -15.70
CA ARG B 206 -31.76 35.52 -15.29
C ARG B 206 -31.57 34.49 -14.21
N ARG B 207 -30.43 33.81 -14.21
CA ARG B 207 -30.13 32.88 -13.12
C ARG B 207 -29.74 33.61 -11.87
N LYS B 208 -30.09 33.05 -10.78
CA LYS B 208 -29.40 33.41 -9.57
C LYS B 208 -28.26 32.43 -9.33
N PRO B 209 -27.04 32.87 -9.29
CA PRO B 209 -25.94 31.96 -9.57
C PRO B 209 -25.34 31.27 -8.39
N LEU B 210 -25.97 31.21 -7.22
CA LEU B 210 -25.25 30.82 -6.01
C LEU B 210 -25.03 29.31 -5.91
N PHE B 211 -26.09 28.55 -6.16
CA PHE B 211 -26.11 27.12 -5.85
C PHE B 211 -25.26 26.33 -6.83
N TYR B 212 -25.22 26.77 -8.09
CA TYR B 212 -24.39 26.08 -9.06
C TYR B 212 -22.94 26.45 -8.92
N THR B 213 -22.66 27.64 -8.37
CA THR B 213 -21.30 28.04 -8.04
C THR B 213 -20.74 27.17 -6.93
N ILE B 214 -21.55 27.00 -5.87
CA ILE B 214 -21.19 26.22 -4.67
C ILE B 214 -21.02 24.75 -5.01
N ASN B 215 -21.82 24.22 -5.94
CA ASN B 215 -21.69 22.81 -6.20
C ASN B 215 -20.87 22.45 -7.43
N LEU B 216 -20.59 23.35 -8.37
CA LEU B 216 -19.84 22.92 -9.53
C LEU B 216 -18.75 23.87 -9.99
N ILE B 217 -18.44 24.94 -9.26
CA ILE B 217 -17.30 25.76 -9.63
C ILE B 217 -16.19 25.59 -8.60
N ILE B 218 -16.59 25.54 -7.33
CA ILE B 218 -15.69 25.30 -6.21
C ILE B 218 -15.08 23.89 -6.21
N PRO B 219 -15.79 22.74 -6.39
CA PRO B 219 -15.04 21.46 -6.45
C PRO B 219 -14.29 21.23 -7.74
N CYS B 220 -14.68 21.96 -8.79
CA CYS B 220 -13.97 21.94 -10.06
C CYS B 220 -12.61 22.63 -9.94
N VAL B 221 -12.57 23.76 -9.25
CA VAL B 221 -11.32 24.52 -9.07
C VAL B 221 -10.41 23.83 -8.06
N LEU B 222 -11.01 23.24 -7.01
CA LEU B 222 -10.25 22.50 -6.01
C LEU B 222 -9.67 21.19 -6.55
N ILE B 223 -10.28 20.62 -7.58
CA ILE B 223 -9.63 19.49 -8.25
C ILE B 223 -8.55 19.99 -9.20
N THR B 224 -8.86 21.01 -10.02
CA THR B 224 -7.93 21.33 -11.11
C THR B 224 -6.74 22.17 -10.67
N SER B 225 -6.67 22.59 -9.40
CA SER B 225 -5.41 23.16 -8.92
C SER B 225 -4.35 22.12 -8.59
N LEU B 226 -4.65 20.82 -8.64
CA LEU B 226 -3.66 19.80 -8.42
C LEU B 226 -3.08 19.25 -9.72
N ALA B 227 -3.11 20.01 -10.79
CA ALA B 227 -2.46 19.57 -12.01
C ALA B 227 -0.96 19.79 -11.98
N ILE B 228 -0.50 20.86 -11.34
CA ILE B 228 0.89 21.31 -11.38
C ILE B 228 1.67 20.73 -10.23
N LEU B 229 1.02 19.91 -9.42
CA LEU B 229 1.57 19.45 -8.17
C LEU B 229 2.55 18.31 -8.33
N VAL B 230 2.49 17.61 -9.46
CA VAL B 230 3.13 16.31 -9.61
C VAL B 230 4.64 16.48 -9.83
N PHE B 231 5.05 17.64 -10.33
CA PHE B 231 6.47 17.89 -10.51
C PHE B 231 7.16 18.29 -9.22
N TYR B 232 6.41 18.64 -8.20
CA TYR B 232 7.05 18.96 -6.94
C TYR B 232 7.19 17.75 -6.04
N LEU B 233 6.77 16.56 -6.48
CA LEU B 233 7.13 15.36 -5.75
C LEU B 233 8.60 15.05 -5.97
N PRO B 234 9.26 14.37 -5.04
CA PRO B 234 10.51 13.70 -5.41
C PRO B 234 10.17 12.40 -6.10
N SER B 235 11.08 11.92 -6.94
CA SER B 235 10.80 10.72 -7.71
C SER B 235 10.98 9.46 -6.88
N ASP B 236 11.69 9.55 -5.76
CA ASP B 236 12.05 8.39 -4.98
C ASP B 236 10.91 7.89 -4.10
N CYS B 237 9.82 8.64 -3.98
CA CYS B 237 8.75 8.29 -3.05
C CYS B 237 7.91 7.14 -3.57
N GLY B 238 7.80 7.00 -4.88
CA GLY B 238 7.02 5.91 -5.44
C GLY B 238 5.56 6.29 -5.56
N GLU B 239 5.28 7.58 -5.47
CA GLU B 239 3.90 8.05 -5.48
C GLU B 239 3.63 9.14 -6.50
N LYS B 240 4.12 9.04 -7.73
CA LYS B 240 3.74 10.02 -8.74
C LYS B 240 2.45 9.62 -9.43
N MET B 241 2.39 8.34 -9.83
CA MET B 241 1.42 7.87 -10.81
C MET B 241 0.02 7.79 -10.23
N THR B 242 -0.06 7.59 -8.91
CA THR B 242 -1.30 7.64 -8.13
C THR B 242 -1.97 9.00 -8.21
N LEU B 243 -1.15 10.06 -8.07
CA LEU B 243 -1.64 11.42 -8.06
C LEU B 243 -2.09 11.88 -9.44
N CYS B 244 -1.28 11.63 -10.46
CA CYS B 244 -1.67 12.16 -11.78
C CYS B 244 -2.76 11.33 -12.46
N ILE B 245 -2.85 10.02 -12.13
CA ILE B 245 -3.92 9.19 -12.68
C ILE B 245 -5.25 9.50 -12.01
N SER B 246 -5.22 9.78 -10.70
CA SER B 246 -6.46 10.08 -10.00
C SER B 246 -6.98 11.48 -10.32
N VAL B 247 -6.07 12.39 -10.68
CA VAL B 247 -6.48 13.74 -11.10
C VAL B 247 -7.14 13.70 -12.48
N LEU B 248 -6.65 12.81 -13.37
CA LEU B 248 -7.26 12.66 -14.69
C LEU B 248 -8.65 12.00 -14.62
N LEU B 249 -8.84 11.07 -13.69
CA LEU B 249 -10.14 10.40 -13.63
C LEU B 249 -11.20 11.26 -12.92
N ALA B 250 -10.79 12.10 -11.97
CA ALA B 250 -11.73 13.04 -11.37
C ALA B 250 -12.13 14.15 -12.32
N LEU B 251 -11.21 14.55 -13.21
CA LEU B 251 -11.51 15.57 -14.21
C LEU B 251 -12.48 15.06 -15.28
N THR B 252 -12.35 13.80 -15.71
CA THR B 252 -13.28 13.33 -16.73
C THR B 252 -14.66 13.00 -16.15
N VAL B 253 -14.73 12.73 -14.83
CA VAL B 253 -16.04 12.57 -14.18
C VAL B 253 -16.78 13.92 -14.11
N PHE B 254 -16.03 15.00 -13.88
CA PHE B 254 -16.65 16.33 -13.87
C PHE B 254 -17.05 16.83 -15.25
N LEU B 255 -16.32 16.39 -16.29
CA LEU B 255 -16.69 16.73 -17.66
C LEU B 255 -17.98 16.04 -18.09
N LEU B 256 -18.18 14.79 -17.64
CA LEU B 256 -19.43 14.11 -18.00
C LEU B 256 -20.63 14.61 -17.22
N LEU B 257 -20.45 15.08 -15.99
CA LEU B 257 -21.63 15.57 -15.25
C LEU B 257 -22.05 16.96 -15.70
N ILE B 258 -21.08 17.81 -16.08
CA ILE B 258 -21.39 19.11 -16.68
C ILE B 258 -22.04 18.92 -18.05
N SER B 259 -21.63 17.87 -18.76
CA SER B 259 -22.32 17.55 -19.99
C SER B 259 -23.64 16.82 -19.81
N LYS B 260 -23.99 16.38 -18.60
CA LYS B 260 -25.36 15.89 -18.42
C LYS B 260 -26.30 16.99 -17.99
N ILE B 261 -25.80 18.11 -17.46
CA ILE B 261 -26.72 19.21 -17.13
C ILE B 261 -27.18 19.95 -18.39
N VAL B 262 -26.24 20.36 -19.25
CA VAL B 262 -26.47 21.23 -20.41
C VAL B 262 -27.22 20.50 -21.53
N PRO B 263 -27.91 21.19 -22.45
CA PRO B 263 -28.60 20.50 -23.55
C PRO B 263 -27.62 19.97 -24.58
N PRO B 264 -28.03 18.99 -25.46
CA PRO B 264 -27.16 18.56 -26.56
C PRO B 264 -27.30 19.38 -27.83
N THR B 265 -27.31 20.70 -27.69
CA THR B 265 -27.23 21.59 -28.84
C THR B 265 -25.75 21.69 -29.22
N SER B 266 -25.44 21.35 -30.46
CA SER B 266 -24.06 21.27 -30.89
C SER B 266 -23.51 22.55 -31.46
N LEU B 267 -24.26 23.66 -31.36
CA LEU B 267 -23.78 24.92 -31.91
C LEU B 267 -22.71 25.53 -31.02
N ASP B 268 -22.79 25.28 -29.73
CA ASP B 268 -22.02 26.02 -28.76
C ASP B 268 -21.59 25.12 -27.63
N VAL B 269 -20.48 25.49 -27.01
CA VAL B 269 -19.97 24.82 -25.82
C VAL B 269 -20.05 25.81 -24.67
N PRO B 270 -20.13 25.38 -23.42
CA PRO B 270 -20.00 26.34 -22.33
C PRO B 270 -18.53 26.60 -22.04
N LEU B 271 -18.23 27.60 -21.23
CA LEU B 271 -16.85 27.88 -20.90
C LEU B 271 -16.29 26.94 -19.85
N VAL B 272 -17.14 26.18 -19.17
CA VAL B 272 -16.64 25.18 -18.23
C VAL B 272 -16.09 23.98 -18.98
N GLY B 273 -16.72 23.62 -20.11
CA GLY B 273 -16.31 22.44 -20.85
C GLY B 273 -15.01 22.64 -21.62
N LYS B 274 -14.78 23.86 -22.12
CA LYS B 274 -13.53 24.21 -22.79
C LYS B 274 -12.36 24.21 -21.83
N TYR B 275 -12.60 24.71 -20.62
CA TYR B 275 -11.57 24.81 -19.61
C TYR B 275 -11.22 23.44 -19.03
N LEU B 276 -12.22 22.57 -18.91
CA LEU B 276 -11.96 21.24 -18.39
C LEU B 276 -11.29 20.34 -19.42
N MET B 277 -11.59 20.55 -20.70
CA MET B 277 -10.92 19.77 -21.73
C MET B 277 -9.47 20.23 -21.93
N PHE B 278 -9.21 21.53 -21.71
CA PHE B 278 -7.85 22.03 -21.84
C PHE B 278 -6.99 21.62 -20.65
N THR B 279 -7.58 21.53 -19.45
CA THR B 279 -6.75 21.05 -18.34
C THR B 279 -6.64 19.53 -18.33
N MET B 280 -7.51 18.81 -19.04
CA MET B 280 -7.31 17.37 -19.17
C MET B 280 -6.22 17.03 -20.15
N VAL B 281 -6.04 17.84 -21.21
CA VAL B 281 -4.93 17.56 -22.13
C VAL B 281 -3.60 18.00 -21.51
N LEU B 282 -3.66 18.97 -20.57
CA LEU B 282 -2.46 19.33 -19.80
C LEU B 282 -2.07 18.23 -18.81
N VAL B 283 -3.06 17.52 -18.25
CA VAL B 283 -2.76 16.45 -17.30
C VAL B 283 -2.20 15.19 -17.98
N THR B 284 -2.66 14.86 -19.20
CA THR B 284 -2.05 13.70 -19.86
C THR B 284 -0.69 14.02 -20.50
N PHE B 285 -0.41 15.31 -20.77
CA PHE B 285 0.95 15.69 -21.12
C PHE B 285 1.89 15.59 -19.93
N SER B 286 1.36 15.84 -18.73
CA SER B 286 2.12 15.62 -17.51
C SER B 286 2.33 14.15 -17.19
N ILE B 287 1.42 13.26 -17.64
CA ILE B 287 1.60 11.80 -17.52
C ILE B 287 2.82 11.34 -18.32
N VAL B 288 2.93 11.80 -19.57
CA VAL B 288 4.00 11.38 -20.47
C VAL B 288 5.37 11.91 -20.02
N THR B 289 5.44 13.18 -19.61
CA THR B 289 6.73 13.69 -19.14
C THR B 289 7.07 13.21 -17.72
N SER B 290 6.08 12.74 -16.96
CA SER B 290 6.40 12.17 -15.66
C SER B 290 6.97 10.76 -15.79
N VAL B 291 6.52 9.99 -16.78
CA VAL B 291 7.12 8.66 -16.90
C VAL B 291 8.48 8.73 -17.61
N CYS B 292 8.73 9.80 -18.37
CA CYS B 292 10.07 9.97 -18.96
C CYS B 292 11.08 10.44 -17.91
N VAL B 293 10.62 11.26 -16.96
CA VAL B 293 11.45 11.67 -15.82
C VAL B 293 11.74 10.48 -14.90
N LEU B 294 10.74 9.63 -14.71
CA LEU B 294 10.94 8.52 -13.78
C LEU B 294 11.70 7.37 -14.44
N ASN B 295 11.81 7.36 -15.76
CA ASN B 295 12.78 6.46 -16.38
C ASN B 295 14.19 7.04 -16.33
N VAL B 296 14.32 8.37 -16.41
CA VAL B 296 15.63 9.02 -16.36
C VAL B 296 16.27 8.92 -14.98
N HIS B 297 15.44 8.84 -13.93
CA HIS B 297 15.92 8.82 -12.56
C HIS B 297 16.54 7.48 -12.16
N HIS B 298 15.94 6.38 -12.56
CA HIS B 298 16.33 5.10 -11.99
C HIS B 298 17.44 4.40 -12.77
N ARG B 299 18.36 5.11 -13.40
CA ARG B 299 19.42 4.45 -14.14
C ARG B 299 20.60 4.12 -13.22
N SER B 300 21.63 3.53 -13.81
CA SER B 300 22.67 2.79 -13.13
C SER B 300 24.00 3.03 -13.83
N PRO B 301 25.14 2.83 -13.15
CA PRO B 301 26.42 3.01 -13.84
C PRO B 301 26.77 1.89 -14.79
N THR B 302 26.26 0.68 -14.56
CA THR B 302 26.67 -0.45 -15.39
C THR B 302 25.84 -0.54 -16.65
N THR B 303 24.53 -0.29 -16.50
CA THR B 303 23.59 -0.32 -17.65
C THR B 303 23.77 0.95 -18.50
N HIS B 304 23.31 2.10 -18.00
CA HIS B 304 23.41 3.38 -18.75
C HIS B 304 24.82 3.99 -18.59
N THR B 305 25.47 4.19 -19.75
CA THR B 305 26.74 4.97 -19.89
C THR B 305 26.31 6.44 -20.12
N MET B 306 25.66 6.70 -21.26
CA MET B 306 24.93 7.95 -21.70
C MET B 306 25.71 9.09 -22.40
N ALA B 307 27.05 9.07 -22.52
CA ALA B 307 27.89 10.10 -23.22
C ALA B 307 27.99 11.48 -22.54
N PRO B 308 29.04 12.46 -22.96
CA PRO B 308 29.50 13.81 -22.54
C PRO B 308 28.38 14.85 -22.66
N TRP B 309 27.67 14.86 -23.79
CA TRP B 309 26.53 15.77 -24.04
C TRP B 309 25.64 15.98 -22.81
N VAL B 310 25.19 14.91 -22.13
CA VAL B 310 24.30 15.10 -20.99
C VAL B 310 25.01 15.78 -19.83
N LYS B 311 26.30 15.51 -19.63
CA LYS B 311 27.08 16.17 -18.57
C LYS B 311 27.33 17.63 -18.89
N VAL B 312 27.69 17.88 -20.17
CA VAL B 312 28.01 19.21 -20.67
C VAL B 312 26.77 20.11 -20.69
N VAL B 313 25.61 19.58 -21.11
CA VAL B 313 24.43 20.42 -21.11
C VAL B 313 23.78 20.45 -19.72
N PHE B 314 23.63 19.31 -19.07
CA PHE B 314 22.78 19.24 -17.90
C PHE B 314 23.55 19.45 -16.60
N LEU B 315 24.79 19.93 -16.68
CA LEU B 315 25.37 20.54 -15.49
C LEU B 315 25.70 22.01 -15.73
N GLU B 316 25.27 22.57 -16.86
CA GLU B 316 25.42 23.97 -17.22
C GLU B 316 24.08 24.68 -17.35
N LYS B 317 23.02 23.94 -17.68
CA LYS B 317 21.64 24.42 -17.79
C LYS B 317 21.09 24.97 -16.49
N LEU B 318 21.43 24.35 -15.36
CA LEU B 318 20.77 24.62 -14.10
C LEU B 318 21.00 25.98 -13.40
N PRO B 319 22.16 26.69 -13.49
CA PRO B 319 22.17 28.03 -12.88
C PRO B 319 21.60 29.10 -13.78
N ALA B 320 21.30 28.76 -15.03
CA ALA B 320 20.37 29.56 -15.82
C ALA B 320 18.93 29.18 -15.55
N LEU B 321 18.71 28.13 -14.76
CA LEU B 321 17.43 27.76 -14.19
C LEU B 321 17.33 28.16 -12.71
N LEU B 322 18.37 28.84 -12.20
CA LEU B 322 18.53 29.38 -10.84
C LEU B 322 18.44 28.33 -9.74
N PHE B 323 19.29 27.31 -9.81
CA PHE B 323 19.59 26.45 -8.67
C PHE B 323 20.73 27.02 -7.86
N MET B 324 21.21 26.20 -6.93
CA MET B 324 22.46 26.45 -6.22
C MET B 324 23.12 25.12 -5.84
N GLN B 325 23.87 24.55 -6.79
CA GLN B 325 24.63 23.32 -6.55
C GLN B 325 25.91 23.24 -7.36
N GLN B 326 26.51 22.04 -7.31
CA GLN B 326 27.75 21.76 -7.99
C GLN B 326 27.61 20.45 -8.78
N SER B 331 30.20 7.72 -8.20
CA SER B 331 29.68 9.07 -8.36
C SER B 331 28.84 9.18 -9.61
N VAL B 332 28.31 8.05 -10.06
CA VAL B 332 27.39 8.05 -11.20
C VAL B 332 25.98 7.75 -10.72
N SER B 333 25.89 6.99 -9.61
CA SER B 333 24.60 6.65 -9.03
C SER B 333 23.95 7.82 -8.31
N GLU B 334 24.73 8.81 -7.90
CA GLU B 334 24.16 10.04 -7.38
C GLU B 334 24.19 11.13 -8.43
N ASP B 335 24.75 10.82 -9.59
CA ASP B 335 24.74 11.78 -10.67
C ASP B 335 23.39 11.76 -11.39
N TRP B 336 22.74 10.60 -11.41
CA TRP B 336 21.55 10.44 -12.23
C TRP B 336 20.33 11.04 -11.57
N LYS B 337 20.32 11.09 -10.24
CA LYS B 337 19.21 11.69 -9.55
C LYS B 337 19.27 13.21 -9.63
N TYR B 338 20.45 13.77 -9.84
CA TYR B 338 20.55 15.20 -10.05
C TYR B 338 20.25 15.57 -11.51
N VAL B 339 20.24 14.58 -12.40
CA VAL B 339 19.69 14.82 -13.72
C VAL B 339 18.17 14.91 -13.63
N ALA B 340 17.57 14.09 -12.76
CA ALA B 340 16.12 13.99 -12.68
C ALA B 340 15.51 15.15 -11.91
N MET B 341 16.28 15.76 -11.01
CA MET B 341 15.73 16.88 -10.25
C MET B 341 16.01 18.20 -10.92
N VAL B 342 16.62 18.17 -12.10
CA VAL B 342 16.72 19.37 -12.92
C VAL B 342 15.51 19.49 -13.82
N ILE B 343 15.14 18.37 -14.46
CA ILE B 343 14.26 18.39 -15.62
C ILE B 343 12.80 18.62 -15.22
N ASP B 344 12.42 18.15 -14.03
CA ASP B 344 11.07 18.45 -13.55
C ASP B 344 10.99 19.87 -13.00
N ARG B 345 12.12 20.39 -12.52
CA ARG B 345 12.18 21.79 -12.12
C ARG B 345 12.21 22.69 -13.34
N LEU B 346 12.70 22.18 -14.46
CA LEU B 346 12.46 22.86 -15.73
C LEU B 346 10.99 22.76 -16.12
N PHE B 347 10.37 21.61 -15.87
CA PHE B 347 8.98 21.45 -16.29
C PHE B 347 8.01 22.03 -15.29
N LEU B 348 8.46 22.42 -14.11
CA LEU B 348 7.55 23.12 -13.22
C LEU B 348 7.47 24.57 -13.63
N TRP B 349 8.49 25.07 -14.32
CA TRP B 349 8.48 26.44 -14.78
C TRP B 349 7.56 26.65 -15.96
N ILE B 350 7.54 25.68 -16.89
CA ILE B 350 6.74 25.90 -18.08
C ILE B 350 5.36 25.25 -17.94
N PHE B 351 5.01 24.76 -16.76
CA PHE B 351 3.64 24.33 -16.52
C PHE B 351 2.94 25.24 -15.54
N VAL B 352 3.68 26.13 -14.89
CA VAL B 352 3.04 27.24 -14.21
C VAL B 352 3.03 28.44 -15.13
N PHE B 353 3.70 28.30 -16.28
CA PHE B 353 3.61 29.29 -17.34
C PHE B 353 2.23 29.29 -17.98
N VAL B 354 1.81 28.13 -18.51
CA VAL B 354 0.60 28.06 -19.34
C VAL B 354 -0.65 28.10 -18.47
N CYS B 355 -0.51 27.77 -17.18
CA CYS B 355 -1.63 27.79 -16.26
C CYS B 355 -2.00 29.22 -15.85
N VAL B 356 -1.10 30.18 -16.05
CA VAL B 356 -1.51 31.58 -15.91
C VAL B 356 -1.53 32.26 -17.27
N PHE B 357 -1.15 31.55 -18.32
CA PHE B 357 -1.25 32.12 -19.66
C PHE B 357 -2.58 31.78 -20.30
N GLY B 358 -3.01 30.53 -20.15
CA GLY B 358 -4.25 30.11 -20.80
C GLY B 358 -5.48 30.47 -19.99
N THR B 359 -5.29 30.83 -18.72
CA THR B 359 -6.42 31.19 -17.89
C THR B 359 -6.69 32.68 -17.96
N ILE B 360 -5.85 33.41 -18.69
CA ILE B 360 -6.27 34.69 -19.24
C ILE B 360 -6.61 34.50 -20.73
N GLY B 361 -7.01 33.27 -21.09
CA GLY B 361 -7.83 33.08 -22.27
C GLY B 361 -9.31 33.21 -21.97
N MET B 362 -9.66 33.42 -20.70
CA MET B 362 -11.00 33.89 -20.36
C MET B 362 -11.21 35.31 -20.88
N PHE B 363 -10.20 36.16 -20.74
CA PHE B 363 -10.32 37.57 -21.12
C PHE B 363 -9.89 37.81 -22.55
N ASP C 2 -74.96 35.97 -41.29
CA ASP C 2 -76.38 35.65 -41.43
C ASP C 2 -76.70 34.71 -42.58
N THR C 3 -76.16 35.01 -43.76
CA THR C 3 -76.42 34.19 -44.94
C THR C 3 -75.57 32.93 -44.92
N GLU C 4 -74.47 32.95 -44.17
CA GLU C 4 -73.59 31.81 -44.03
C GLU C 4 -74.24 30.70 -43.24
N GLU C 5 -75.12 31.07 -42.31
CA GLU C 5 -75.94 30.09 -41.59
C GLU C 5 -76.99 29.47 -42.52
N ARG C 6 -77.48 30.26 -43.48
CA ARG C 6 -78.44 29.74 -44.46
C ARG C 6 -77.76 28.79 -45.43
N LEU C 7 -76.49 29.04 -45.71
CA LEU C 7 -75.75 28.15 -46.62
C LEU C 7 -75.38 26.84 -45.94
N VAL C 8 -75.05 26.89 -44.64
CA VAL C 8 -74.72 25.67 -43.89
C VAL C 8 -75.99 24.85 -43.66
N GLU C 9 -77.12 25.53 -43.50
CA GLU C 9 -78.41 24.85 -43.44
C GLU C 9 -78.85 24.27 -44.79
N HIS C 10 -78.40 24.86 -45.89
CA HIS C 10 -78.75 24.29 -47.18
C HIS C 10 -77.90 23.09 -47.54
N LEU C 11 -76.59 23.11 -47.25
CA LEU C 11 -75.71 22.04 -47.70
C LEU C 11 -75.83 20.78 -46.86
N LEU C 12 -75.64 20.89 -45.55
CA LEU C 12 -75.69 19.69 -44.72
C LEU C 12 -77.10 19.35 -44.25
N ASP C 13 -78.05 19.23 -45.14
CA ASP C 13 -79.35 18.73 -44.76
C ASP C 13 -79.29 17.21 -44.84
N PRO C 14 -79.80 16.48 -43.86
CA PRO C 14 -79.67 15.02 -43.91
C PRO C 14 -80.67 14.33 -44.82
N SER C 15 -81.64 15.06 -45.37
CA SER C 15 -82.40 14.52 -46.48
C SER C 15 -81.61 14.62 -47.77
N ARG C 16 -80.76 15.63 -47.89
CA ARG C 16 -80.09 15.91 -49.15
C ARG C 16 -78.68 15.34 -49.17
N TYR C 17 -77.99 15.42 -48.04
CA TYR C 17 -76.63 14.95 -47.89
C TYR C 17 -76.65 13.70 -47.03
N ASN C 18 -75.70 12.82 -47.27
CA ASN C 18 -75.46 11.69 -46.38
C ASN C 18 -73.97 11.55 -46.17
N LYS C 19 -73.60 10.97 -45.06
CA LYS C 19 -72.21 10.95 -44.66
C LYS C 19 -71.52 9.65 -44.99
N LEU C 20 -72.22 8.53 -44.92
CA LEU C 20 -71.58 7.23 -44.96
C LEU C 20 -71.29 6.75 -46.38
N ILE C 21 -71.70 7.47 -47.42
CA ILE C 21 -71.44 7.07 -48.80
C ILE C 21 -70.41 8.00 -49.39
N ARG C 22 -69.99 7.69 -50.60
CA ARG C 22 -68.83 8.38 -51.14
C ARG C 22 -69.15 8.98 -52.51
N PRO C 23 -68.41 9.99 -52.99
CA PRO C 23 -68.73 10.56 -54.29
C PRO C 23 -68.25 9.72 -55.46
N ALA C 24 -68.98 8.66 -55.75
CA ALA C 24 -68.66 7.81 -56.87
C ALA C 24 -69.91 7.57 -57.69
N THR C 25 -69.90 8.10 -58.91
CA THR C 25 -70.97 7.92 -59.88
C THR C 25 -70.27 7.65 -61.20
N ASN C 26 -71.08 7.55 -62.28
CA ASN C 26 -70.68 7.13 -63.65
C ASN C 26 -70.02 5.74 -63.65
N GLY C 27 -70.56 4.83 -62.85
CA GLY C 27 -70.15 3.44 -62.87
C GLY C 27 -68.83 3.14 -62.19
N SER C 28 -68.78 3.42 -60.87
CA SER C 28 -67.62 3.24 -59.97
C SER C 28 -66.38 3.99 -60.43
N GLU C 29 -66.49 5.31 -60.54
CA GLU C 29 -65.30 6.13 -60.69
C GLU C 29 -64.57 6.20 -59.36
N LEU C 30 -63.28 6.47 -59.43
CA LEU C 30 -62.52 6.67 -58.22
C LEU C 30 -62.64 8.13 -57.78
N VAL C 31 -62.07 8.46 -56.64
CA VAL C 31 -61.80 9.84 -56.31
C VAL C 31 -60.30 10.01 -56.18
N THR C 32 -59.84 11.22 -56.30
CA THR C 32 -58.42 11.43 -56.15
C THR C 32 -58.15 12.26 -54.91
N VAL C 33 -57.42 11.66 -53.99
CA VAL C 33 -57.01 12.39 -52.79
C VAL C 33 -55.58 12.83 -53.03
N GLN C 34 -55.37 14.12 -53.25
CA GLN C 34 -54.01 14.62 -53.38
C GLN C 34 -53.56 15.02 -52.00
N LEU C 35 -52.49 14.40 -51.50
CA LEU C 35 -52.01 14.75 -50.19
C LEU C 35 -50.55 15.14 -50.24
N MET C 36 -50.19 16.12 -49.44
CA MET C 36 -48.77 16.38 -49.20
C MET C 36 -48.61 16.88 -47.77
N VAL C 37 -47.49 16.55 -47.16
CA VAL C 37 -47.28 16.91 -45.79
C VAL C 37 -46.47 18.17 -45.74
N SER C 38 -46.45 18.79 -44.56
CA SER C 38 -45.69 19.99 -44.31
C SER C 38 -45.13 19.87 -42.92
N LEU C 39 -43.83 20.03 -42.80
CA LEU C 39 -43.14 19.73 -41.56
C LEU C 39 -43.30 20.90 -40.60
N ALA C 40 -43.23 20.62 -39.31
CA ALA C 40 -43.21 21.71 -38.35
C ALA C 40 -41.90 21.76 -37.59
N GLN C 41 -41.53 20.70 -36.88
CA GLN C 41 -40.22 20.53 -36.29
C GLN C 41 -39.97 19.06 -36.06
N LEU C 42 -38.72 18.64 -36.24
CA LEU C 42 -38.25 17.41 -35.62
C LEU C 42 -38.21 17.65 -34.14
N ILE C 43 -39.10 16.99 -33.39
CA ILE C 43 -38.98 17.05 -31.94
C ILE C 43 -37.82 16.18 -31.50
N SER C 44 -37.88 14.87 -31.77
CA SER C 44 -36.80 14.04 -31.25
C SER C 44 -36.55 12.83 -32.12
N VAL C 45 -35.30 12.40 -32.15
CA VAL C 45 -34.96 11.09 -32.64
C VAL C 45 -34.35 10.34 -31.46
N HIS C 46 -35.00 9.28 -31.04
CA HIS C 46 -34.56 8.56 -29.85
C HIS C 46 -33.92 7.29 -30.36
N GLU C 47 -32.60 7.14 -30.15
CA GLU C 47 -31.90 6.02 -30.75
C GLU C 47 -32.15 4.74 -29.98
N ARG C 48 -32.45 4.86 -28.69
CA ARG C 48 -32.41 3.73 -27.78
C ARG C 48 -33.59 2.79 -27.95
N GLU C 49 -34.75 3.30 -28.36
CA GLU C 49 -35.84 2.43 -28.74
C GLU C 49 -36.17 2.48 -30.22
N GLN C 50 -35.34 3.15 -31.03
CA GLN C 50 -35.48 3.37 -32.48
C GLN C 50 -36.80 4.03 -32.85
N ILE C 51 -36.97 5.28 -32.43
CA ILE C 51 -38.26 5.92 -32.61
C ILE C 51 -38.02 7.37 -32.96
N MET C 52 -39.00 8.00 -33.60
CA MET C 52 -38.83 9.36 -34.07
C MET C 52 -40.13 10.10 -33.92
N THR C 53 -40.10 11.22 -33.21
CA THR C 53 -41.29 12.00 -32.91
C THR C 53 -41.26 13.28 -33.71
N THR C 54 -42.26 13.47 -34.58
CA THR C 54 -42.38 14.64 -35.45
C THR C 54 -43.75 15.30 -35.29
N ASN C 55 -43.89 16.43 -35.97
CA ASN C 55 -45.04 17.31 -35.86
C ASN C 55 -45.44 17.78 -37.24
N VAL C 56 -46.45 17.14 -37.81
CA VAL C 56 -46.74 17.18 -39.23
C VAL C 56 -48.14 17.75 -39.45
N TRP C 57 -48.26 18.75 -40.32
CA TRP C 57 -49.56 19.04 -40.92
C TRP C 57 -49.62 18.19 -42.16
N LEU C 58 -50.76 17.58 -42.44
CA LEU C 58 -50.93 16.93 -43.72
C LEU C 58 -52.11 17.55 -44.43
N THR C 59 -51.91 17.91 -45.69
CA THR C 59 -52.85 18.71 -46.44
C THR C 59 -53.47 17.83 -47.50
N GLN C 60 -54.78 17.69 -47.45
CA GLN C 60 -55.50 16.83 -48.37
C GLN C 60 -56.49 17.64 -49.17
N GLU C 61 -56.52 17.42 -50.48
CA GLU C 61 -57.55 17.97 -51.32
C GLU C 61 -58.24 16.85 -52.06
N TRP C 62 -59.57 16.91 -52.12
CA TRP C 62 -60.27 16.00 -53.03
C TRP C 62 -61.44 16.76 -53.64
N GLU C 63 -62.33 16.06 -54.31
CA GLU C 63 -63.43 16.73 -55.00
C GLU C 63 -64.74 16.02 -54.73
N ASP C 64 -65.63 16.69 -54.00
CA ASP C 64 -66.90 16.12 -53.57
C ASP C 64 -68.02 16.84 -54.30
N TYR C 65 -68.77 16.09 -55.10
CA TYR C 65 -69.62 16.71 -56.10
C TYR C 65 -70.97 17.16 -55.58
N ARG C 66 -71.41 16.72 -54.40
CA ARG C 66 -72.73 17.13 -53.94
C ARG C 66 -72.66 18.29 -52.94
N LEU C 67 -71.63 19.10 -53.04
CA LEU C 67 -71.51 20.34 -52.29
C LEU C 67 -71.33 21.51 -53.24
N THR C 68 -72.42 22.01 -53.77
CA THR C 68 -72.37 23.06 -54.77
C THR C 68 -73.52 24.02 -54.59
N TRP C 69 -73.29 25.26 -54.98
CA TRP C 69 -74.32 26.27 -55.05
C TRP C 69 -73.94 27.24 -56.16
N LYS C 70 -74.83 28.17 -56.47
CA LYS C 70 -74.49 29.31 -57.32
C LYS C 70 -74.27 30.47 -56.37
N PRO C 71 -73.21 31.25 -56.51
CA PRO C 71 -72.92 32.25 -55.49
C PRO C 71 -73.74 33.52 -55.60
N GLU C 72 -74.50 33.68 -56.69
CA GLU C 72 -75.36 34.86 -56.81
C GLU C 72 -76.60 34.72 -55.95
N GLU C 73 -76.99 33.48 -55.64
CA GLU C 73 -78.08 33.27 -54.68
C GLU C 73 -77.61 33.53 -53.27
N PHE C 74 -76.32 33.38 -53.02
CA PHE C 74 -75.77 33.49 -51.66
C PHE C 74 -74.63 34.47 -51.60
N ASP C 75 -74.83 35.65 -52.19
CA ASP C 75 -74.19 36.91 -51.78
C ASP C 75 -72.70 36.94 -52.12
N ASN C 76 -72.36 36.25 -53.22
CA ASN C 76 -71.01 36.11 -53.81
C ASN C 76 -70.00 35.50 -52.85
N MET C 77 -70.44 34.45 -52.15
CA MET C 77 -69.58 33.66 -51.28
C MET C 77 -68.89 32.63 -52.14
N LYS C 78 -67.57 32.61 -52.12
CA LYS C 78 -66.84 31.57 -52.81
C LYS C 78 -66.38 30.46 -51.90
N LYS C 79 -66.56 30.60 -50.59
CA LYS C 79 -65.72 29.87 -49.68
C LYS C 79 -66.35 29.85 -48.30
N VAL C 80 -66.56 28.67 -47.74
CA VAL C 80 -67.07 28.56 -46.38
C VAL C 80 -66.21 27.61 -45.57
N ARG C 81 -66.49 27.54 -44.29
CA ARG C 81 -65.94 26.51 -43.43
C ARG C 81 -67.02 25.50 -43.17
N LEU C 82 -66.59 24.27 -42.90
CA LEU C 82 -67.52 23.23 -42.48
C LEU C 82 -66.86 22.46 -41.37
N PRO C 83 -67.63 21.94 -40.42
CA PRO C 83 -67.08 21.00 -39.43
C PRO C 83 -66.67 19.70 -40.08
N SER C 84 -65.56 19.16 -39.64
CA SER C 84 -64.91 18.10 -40.40
C SER C 84 -65.45 16.73 -40.09
N LYS C 85 -66.35 16.61 -39.15
CA LYS C 85 -67.01 15.34 -38.91
C LYS C 85 -68.28 15.18 -39.71
N HIS C 86 -68.96 16.25 -40.08
CA HIS C 86 -70.22 16.11 -40.77
C HIS C 86 -70.10 16.19 -42.27
N ILE C 87 -68.94 15.84 -42.84
CA ILE C 87 -68.84 15.61 -44.26
C ILE C 87 -68.29 14.21 -44.43
N TRP C 88 -68.05 13.79 -45.66
CA TRP C 88 -67.29 12.59 -45.91
C TRP C 88 -65.83 12.86 -45.58
N LEU C 89 -65.09 11.83 -45.22
CA LEU C 89 -63.64 11.95 -45.16
C LEU C 89 -63.05 10.80 -45.96
N PRO C 90 -61.85 10.97 -46.49
CA PRO C 90 -61.05 9.79 -46.78
C PRO C 90 -60.39 9.40 -45.48
N ASP C 91 -59.97 8.17 -45.40
CA ASP C 91 -59.28 7.75 -44.20
C ASP C 91 -57.83 7.50 -44.53
N VAL C 92 -56.96 8.43 -44.16
CA VAL C 92 -55.53 8.31 -44.41
C VAL C 92 -54.82 8.30 -43.08
N VAL C 93 -54.11 7.23 -42.75
CA VAL C 93 -53.42 7.13 -41.49
C VAL C 93 -51.98 6.71 -41.70
N LEU C 94 -51.18 6.66 -40.63
CA LEU C 94 -49.87 6.03 -40.64
C LEU C 94 -50.01 4.52 -40.71
N TYR C 95 -48.95 3.85 -41.11
CA TYR C 95 -49.03 2.36 -41.23
C TYR C 95 -47.92 1.70 -40.39
N ASN C 96 -46.79 2.37 -40.21
CA ASN C 96 -45.74 1.77 -39.40
C ASN C 96 -45.64 2.41 -38.04
N ASN C 97 -46.77 2.66 -37.41
CA ASN C 97 -46.80 3.47 -36.23
C ASN C 97 -46.44 2.67 -35.00
N ALA C 98 -45.50 3.18 -34.21
CA ALA C 98 -45.39 2.70 -32.85
C ALA C 98 -46.44 3.36 -31.99
N ASP C 99 -46.74 2.74 -30.85
CA ASP C 99 -47.76 3.01 -29.84
C ASP C 99 -49.18 3.30 -30.33
N GLY C 100 -49.58 2.80 -31.50
CA GLY C 100 -50.98 2.65 -31.79
C GLY C 100 -51.81 3.86 -32.20
N MET C 101 -51.34 5.09 -32.00
CA MET C 101 -52.16 6.26 -32.28
C MET C 101 -52.09 6.57 -33.76
N TYR C 102 -53.11 6.16 -34.51
CA TYR C 102 -53.02 6.21 -35.96
C TYR C 102 -53.41 7.57 -36.54
N GLU C 103 -54.62 8.03 -36.27
CA GLU C 103 -55.13 9.17 -37.02
C GLU C 103 -54.65 10.49 -36.42
N VAL C 104 -55.16 11.59 -37.00
CA VAL C 104 -54.73 12.95 -36.71
C VAL C 104 -55.24 13.42 -35.36
N SER C 105 -54.75 14.56 -34.90
CA SER C 105 -55.06 15.02 -33.56
C SER C 105 -56.41 15.71 -33.45
N PHE C 106 -56.61 16.83 -34.15
CA PHE C 106 -57.66 17.73 -33.68
C PHE C 106 -59.00 17.56 -34.39
N TYR C 107 -58.98 17.26 -35.71
CA TYR C 107 -60.05 17.48 -36.71
C TYR C 107 -60.45 18.94 -36.78
N SER C 108 -59.54 19.73 -37.34
CA SER C 108 -59.78 21.13 -37.61
C SER C 108 -60.71 21.29 -38.82
N ASN C 109 -61.17 22.52 -39.05
CA ASN C 109 -62.29 22.82 -39.94
C ASN C 109 -61.87 22.77 -41.40
N ALA C 110 -62.79 22.36 -42.26
CA ALA C 110 -62.46 22.14 -43.66
C ALA C 110 -62.96 23.31 -44.49
N VAL C 111 -62.14 23.73 -45.44
CA VAL C 111 -62.43 24.87 -46.30
C VAL C 111 -63.09 24.39 -47.58
N VAL C 112 -64.34 24.74 -47.78
CA VAL C 112 -65.12 24.20 -48.89
C VAL C 112 -65.41 25.32 -49.87
N SER C 113 -65.00 25.12 -51.10
CA SER C 113 -65.24 26.11 -52.15
C SER C 113 -66.59 25.84 -52.81
N TYR C 114 -66.85 26.51 -53.92
CA TYR C 114 -68.11 26.29 -54.61
C TYR C 114 -67.99 25.39 -55.82
N ASP C 115 -66.79 24.92 -56.13
CA ASP C 115 -66.64 23.84 -57.10
C ASP C 115 -66.95 22.49 -56.50
N GLY C 116 -66.95 22.38 -55.18
CA GLY C 116 -66.93 21.11 -54.52
C GLY C 116 -65.54 20.65 -54.16
N SER C 117 -64.52 21.37 -54.57
CA SER C 117 -63.17 20.96 -54.26
C SER C 117 -62.84 21.33 -52.82
N ILE C 118 -62.40 20.35 -52.06
CA ILE C 118 -62.28 20.50 -50.63
C ILE C 118 -60.81 20.46 -50.27
N PHE C 119 -60.37 21.49 -49.53
CA PHE C 119 -59.05 21.63 -48.97
C PHE C 119 -59.17 21.42 -47.47
N TRP C 120 -58.28 20.63 -46.89
CA TRP C 120 -58.39 20.33 -45.46
C TRP C 120 -57.02 20.06 -44.90
N LEU C 121 -56.70 20.66 -43.75
CA LEU C 121 -55.46 20.25 -43.10
C LEU C 121 -55.58 20.22 -41.59
N PRO C 122 -55.42 19.05 -40.98
CA PRO C 122 -55.35 18.99 -39.54
C PRO C 122 -53.91 19.03 -39.08
N PRO C 123 -53.64 19.25 -37.81
CA PRO C 123 -52.30 19.01 -37.28
C PRO C 123 -52.21 17.60 -36.72
N ALA C 124 -50.98 17.11 -36.58
CA ALA C 124 -50.78 15.80 -35.97
C ALA C 124 -49.41 15.77 -35.35
N ILE C 125 -49.25 14.97 -34.30
CA ILE C 125 -47.93 14.51 -33.91
C ILE C 125 -47.87 13.02 -34.20
N TYR C 126 -46.68 12.53 -34.48
CA TYR C 126 -46.54 11.16 -34.94
C TYR C 126 -45.26 10.57 -34.40
N LYS C 127 -45.32 9.31 -33.99
CA LYS C 127 -44.19 8.61 -33.43
C LYS C 127 -43.87 7.43 -34.33
N SER C 128 -43.11 7.65 -35.39
CA SER C 128 -42.85 6.58 -36.33
C SER C 128 -41.64 5.79 -35.90
N ALA C 129 -41.52 4.58 -36.42
CA ALA C 129 -40.39 3.71 -36.11
C ALA C 129 -39.50 3.70 -37.31
N CYS C 130 -38.19 3.62 -37.11
CA CYS C 130 -37.23 3.75 -38.19
C CYS C 130 -35.94 3.04 -37.86
N LYS C 131 -35.35 2.37 -38.85
CA LYS C 131 -34.20 1.51 -38.61
C LYS C 131 -32.94 2.34 -38.50
N ILE C 132 -32.31 2.32 -37.34
CA ILE C 132 -31.14 3.15 -37.06
C ILE C 132 -29.91 2.49 -37.67
N GLU C 133 -29.27 3.17 -38.62
CA GLU C 133 -28.02 2.71 -39.19
C GLU C 133 -26.89 3.23 -38.33
N VAL C 134 -26.21 2.35 -37.63
CA VAL C 134 -25.10 2.76 -36.78
C VAL C 134 -23.85 1.98 -37.21
N LYS C 135 -23.02 2.62 -37.93
CA LYS C 135 -21.65 2.18 -38.01
C LYS C 135 -20.69 3.33 -37.84
N HIS C 136 -21.00 4.48 -38.41
CA HIS C 136 -20.19 5.68 -38.21
C HIS C 136 -20.74 6.55 -37.09
N PHE C 137 -20.87 5.96 -35.90
CA PHE C 137 -21.35 6.74 -34.73
C PHE C 137 -20.18 7.57 -34.18
N PRO C 138 -20.38 8.87 -33.87
CA PRO C 138 -21.64 9.57 -34.07
C PRO C 138 -21.61 10.58 -35.24
N PHE C 139 -20.99 10.21 -36.36
CA PHE C 139 -20.93 11.10 -37.50
C PHE C 139 -21.93 10.66 -38.54
N ASP C 140 -22.97 9.96 -38.11
CA ASP C 140 -23.80 9.11 -38.96
C ASP C 140 -24.79 9.92 -39.77
N GLN C 141 -25.52 9.21 -40.63
CA GLN C 141 -26.53 9.80 -41.50
C GLN C 141 -27.71 8.85 -41.57
N GLN C 142 -28.74 9.12 -40.80
CA GLN C 142 -29.85 8.20 -40.71
C GLN C 142 -30.82 8.40 -41.86
N ASN C 143 -31.76 7.47 -41.94
CA ASN C 143 -32.72 7.35 -43.02
C ASN C 143 -34.01 6.85 -42.36
N CYS C 144 -34.96 7.75 -42.16
CA CYS C 144 -36.17 7.34 -41.47
C CYS C 144 -37.40 7.49 -42.35
N THR C 145 -38.17 6.42 -42.41
CA THR C 145 -39.25 6.25 -43.36
C THR C 145 -40.51 6.81 -42.73
N MET C 146 -41.52 7.12 -43.52
CA MET C 146 -42.84 7.50 -43.02
C MET C 146 -43.88 7.11 -44.03
N LYS C 147 -44.72 6.12 -43.70
CA LYS C 147 -45.63 5.55 -44.69
C LYS C 147 -47.03 6.09 -44.51
N PHE C 148 -47.79 6.17 -45.60
CA PHE C 148 -49.19 6.56 -45.51
C PHE C 148 -50.00 5.67 -46.42
N ARG C 149 -51.05 5.09 -45.89
CA ARG C 149 -51.89 4.24 -46.71
C ARG C 149 -53.30 4.73 -46.52
N SER C 150 -54.24 4.00 -47.08
CA SER C 150 -55.60 4.23 -46.69
C SER C 150 -56.01 3.22 -45.64
N TRP C 151 -57.14 3.48 -45.00
CA TRP C 151 -57.47 2.71 -43.81
C TRP C 151 -58.61 1.77 -44.05
N THR C 152 -59.66 2.24 -44.71
CA THR C 152 -60.79 1.39 -45.02
C THR C 152 -60.80 1.05 -46.50
N TYR C 153 -60.55 2.03 -47.37
CA TYR C 153 -60.66 1.88 -48.81
C TYR C 153 -59.41 1.27 -49.39
N ASP C 154 -59.37 1.16 -50.72
CA ASP C 154 -58.23 0.63 -51.45
C ASP C 154 -58.25 1.21 -52.85
N ARG C 155 -57.52 0.58 -53.77
CA ARG C 155 -57.22 1.18 -55.06
C ARG C 155 -58.38 1.13 -56.04
N THR C 156 -59.37 0.28 -55.81
CA THR C 156 -60.54 0.30 -56.67
C THR C 156 -61.67 1.16 -56.14
N GLU C 157 -61.43 1.94 -55.10
CA GLU C 157 -62.37 2.96 -54.69
C GLU C 157 -61.79 4.35 -54.57
N ILE C 158 -60.61 4.54 -53.95
CA ILE C 158 -59.92 5.82 -53.94
C ILE C 158 -58.52 5.62 -54.53
N ASP C 159 -57.88 6.74 -54.88
CA ASP C 159 -56.60 6.69 -55.57
C ASP C 159 -55.79 7.88 -55.10
N LEU C 160 -54.78 7.62 -54.28
CA LEU C 160 -53.90 8.64 -53.76
C LEU C 160 -52.94 9.09 -54.85
N VAL C 161 -52.64 10.38 -54.86
CA VAL C 161 -51.67 10.90 -55.81
C VAL C 161 -50.93 12.02 -55.11
N LEU C 162 -49.75 12.35 -55.60
CA LEU C 162 -48.92 13.36 -54.98
C LEU C 162 -49.15 14.72 -55.61
N LYS C 163 -48.70 15.76 -54.91
CA LYS C 163 -48.64 17.10 -55.46
C LYS C 163 -47.26 17.51 -55.91
N SER C 164 -46.31 17.55 -55.00
CA SER C 164 -44.95 17.94 -55.34
C SER C 164 -44.00 16.99 -54.63
N GLU C 165 -42.78 16.92 -55.14
CA GLU C 165 -41.94 15.77 -54.90
C GLU C 165 -41.01 15.94 -53.73
N VAL C 166 -41.18 17.01 -52.96
CA VAL C 166 -40.60 17.12 -51.63
C VAL C 166 -41.72 17.52 -50.70
N ALA C 167 -41.46 17.39 -49.40
CA ALA C 167 -42.37 17.95 -48.42
C ALA C 167 -42.09 19.44 -48.31
N SER C 168 -43.07 20.20 -47.84
CA SER C 168 -42.84 21.62 -47.70
C SER C 168 -42.07 21.91 -46.42
N LEU C 169 -40.98 22.64 -46.58
CA LEU C 169 -40.16 23.03 -45.45
C LEU C 169 -40.30 24.50 -45.12
N ASP C 170 -41.48 25.08 -45.28
CA ASP C 170 -41.62 26.52 -45.06
C ASP C 170 -41.73 26.86 -43.59
N ASP C 171 -42.48 26.09 -42.81
CA ASP C 171 -42.61 26.37 -41.39
C ASP C 171 -41.70 25.51 -40.56
N PHE C 172 -40.62 24.99 -41.14
CA PHE C 172 -39.69 24.21 -40.35
C PHE C 172 -38.82 25.13 -39.53
N THR C 173 -39.06 25.13 -38.23
CA THR C 173 -38.08 25.81 -37.39
C THR C 173 -36.84 24.90 -37.28
N PRO C 174 -35.63 25.46 -37.21
CA PRO C 174 -34.44 24.61 -37.05
C PRO C 174 -34.37 24.01 -35.66
N SER C 175 -33.70 22.87 -35.56
CA SER C 175 -33.94 21.95 -34.45
C SER C 175 -32.90 21.98 -33.34
N GLY C 176 -31.67 22.37 -33.62
CA GLY C 176 -30.64 22.07 -32.65
C GLY C 176 -29.79 20.88 -33.01
N GLU C 177 -30.18 19.71 -32.51
CA GLU C 177 -29.36 18.50 -32.61
C GLU C 177 -29.29 17.96 -34.04
N TRP C 178 -30.41 17.58 -34.62
CA TRP C 178 -30.41 16.97 -35.94
C TRP C 178 -30.68 18.01 -37.01
N ASP C 179 -30.17 17.75 -38.20
CA ASP C 179 -30.35 18.63 -39.33
C ASP C 179 -30.73 17.84 -40.57
N ILE C 180 -31.79 18.28 -41.27
CA ILE C 180 -32.30 17.59 -42.44
C ILE C 180 -31.37 17.83 -43.62
N VAL C 181 -31.43 16.94 -44.60
CA VAL C 181 -30.70 17.12 -45.84
C VAL C 181 -31.70 17.07 -46.96
N ALA C 182 -32.46 16.00 -47.04
CA ALA C 182 -33.36 15.84 -48.16
C ALA C 182 -34.61 15.11 -47.72
N LEU C 183 -35.72 15.45 -48.35
CA LEU C 183 -37.01 14.84 -48.03
C LEU C 183 -37.75 14.44 -49.30
N PRO C 184 -37.40 13.31 -49.92
CA PRO C 184 -38.12 12.90 -51.11
C PRO C 184 -39.41 12.19 -50.76
N GLY C 185 -40.29 12.14 -51.74
CA GLY C 185 -41.55 11.46 -51.59
C GLY C 185 -41.83 10.56 -52.76
N ARG C 186 -42.17 9.31 -52.49
CA ARG C 186 -42.42 8.36 -53.54
C ARG C 186 -43.81 7.81 -53.39
N ARG C 187 -44.36 7.32 -54.49
CA ARG C 187 -45.59 6.55 -54.47
C ARG C 187 -45.29 5.12 -54.85
N ASN C 188 -45.62 4.17 -53.98
CA ASN C 188 -45.38 2.79 -54.32
C ASN C 188 -46.69 2.06 -54.57
N GLU C 189 -46.55 0.91 -55.22
CA GLU C 189 -47.66 0.18 -55.81
C GLU C 189 -47.16 -1.21 -56.11
N ASN C 190 -47.97 -2.23 -55.82
CA ASN C 190 -47.54 -3.63 -55.96
C ASN C 190 -48.13 -4.24 -57.21
N PRO C 191 -47.32 -4.72 -58.15
CA PRO C 191 -47.89 -5.19 -59.42
C PRO C 191 -48.32 -6.64 -59.40
N ASP C 192 -48.10 -7.35 -58.29
CA ASP C 192 -48.59 -8.71 -58.17
C ASP C 192 -49.93 -8.75 -57.44
N ASP C 193 -50.31 -7.63 -56.82
CA ASP C 193 -51.54 -7.59 -56.05
C ASP C 193 -52.60 -6.73 -56.70
N SER C 194 -52.20 -5.57 -57.22
CA SER C 194 -52.98 -4.52 -57.90
C SER C 194 -54.16 -3.98 -57.09
N THR C 195 -54.13 -4.04 -55.75
CA THR C 195 -55.09 -3.41 -54.86
C THR C 195 -54.38 -2.75 -53.69
N TYR C 196 -53.35 -1.96 -53.97
CA TYR C 196 -52.45 -1.46 -52.93
C TYR C 196 -51.74 -0.20 -53.44
N VAL C 197 -52.03 0.96 -52.83
CA VAL C 197 -51.22 2.15 -52.97
C VAL C 197 -50.65 2.54 -51.62
N ASP C 198 -49.48 3.17 -51.64
CA ASP C 198 -49.07 3.93 -50.47
C ASP C 198 -48.20 5.09 -50.92
N ILE C 199 -48.18 6.12 -50.11
CA ILE C 199 -47.30 7.24 -50.35
C ILE C 199 -46.31 7.30 -49.20
N THR C 200 -45.03 7.12 -49.53
CA THR C 200 -44.03 7.07 -48.47
C THR C 200 -43.12 8.26 -48.62
N TYR C 201 -42.82 8.91 -47.52
CA TYR C 201 -41.82 9.94 -47.49
C TYR C 201 -40.56 9.38 -46.84
N ASP C 202 -39.40 9.88 -47.26
CA ASP C 202 -38.16 9.46 -46.63
C ASP C 202 -37.53 10.70 -46.06
N PHE C 203 -36.96 10.63 -44.87
CA PHE C 203 -36.25 11.77 -44.34
C PHE C 203 -34.80 11.36 -44.20
N ILE C 204 -33.87 12.11 -44.79
CA ILE C 204 -32.46 11.73 -44.70
C ILE C 204 -31.75 12.75 -43.83
N ILE C 205 -31.32 12.32 -42.64
CA ILE C 205 -30.94 13.24 -41.58
C ILE C 205 -29.46 13.10 -41.28
N ARG C 206 -28.77 14.24 -41.13
CA ARG C 206 -27.37 14.28 -40.73
C ARG C 206 -27.28 14.81 -39.30
N ARG C 207 -26.49 14.15 -38.47
CA ARG C 207 -26.27 14.60 -37.11
C ARG C 207 -25.12 15.58 -37.03
N LYS C 208 -25.34 16.73 -36.32
CA LYS C 208 -24.26 17.63 -35.96
C LYS C 208 -23.34 16.96 -34.96
N PRO C 209 -22.04 16.90 -35.20
CA PRO C 209 -21.20 15.93 -34.50
C PRO C 209 -20.41 16.44 -33.33
N LEU C 210 -20.72 17.61 -32.79
CA LEU C 210 -19.80 18.28 -31.87
C LEU C 210 -19.88 17.73 -30.46
N PHE C 211 -21.09 17.42 -30.01
CA PHE C 211 -21.40 17.13 -28.61
C PHE C 211 -20.83 15.79 -28.19
N TYR C 212 -21.00 14.79 -29.05
CA TYR C 212 -20.52 13.47 -28.71
C TYR C 212 -19.03 13.36 -28.97
N THR C 213 -18.47 14.26 -29.78
CA THR C 213 -17.02 14.38 -29.93
C THR C 213 -16.38 14.85 -28.64
N ILE C 214 -16.97 15.90 -28.06
CA ILE C 214 -16.46 16.54 -26.83
C ILE C 214 -16.61 15.60 -25.62
N ASN C 215 -17.70 14.84 -25.56
CA ASN C 215 -17.83 13.94 -24.42
C ASN C 215 -17.23 12.56 -24.62
N LEU C 216 -17.09 12.06 -25.84
CA LEU C 216 -16.74 10.66 -26.01
C LEU C 216 -15.51 10.39 -26.85
N ILE C 217 -15.09 11.29 -27.73
CA ILE C 217 -13.96 10.94 -28.60
C ILE C 217 -12.67 11.48 -28.02
N ILE C 218 -12.74 12.65 -27.40
CA ILE C 218 -11.54 13.25 -26.78
C ILE C 218 -11.06 12.54 -25.50
N PRO C 219 -11.92 12.10 -24.55
CA PRO C 219 -11.35 11.27 -23.47
C PRO C 219 -11.02 9.85 -23.86
N CYS C 220 -11.59 9.32 -24.94
CA CYS C 220 -11.22 7.99 -25.42
C CYS C 220 -9.84 8.00 -26.05
N VAL C 221 -9.51 9.05 -26.81
CA VAL C 221 -8.18 9.12 -27.42
C VAL C 221 -7.15 9.56 -26.39
N LEU C 222 -7.57 10.29 -25.36
CA LEU C 222 -6.64 10.70 -24.32
C LEU C 222 -6.41 9.59 -23.30
N ILE C 223 -7.24 8.55 -23.31
CA ILE C 223 -6.97 7.40 -22.47
C ILE C 223 -6.25 6.30 -23.26
N THR C 224 -6.59 6.13 -24.55
CA THR C 224 -5.91 5.10 -25.33
C THR C 224 -4.54 5.54 -25.84
N SER C 225 -4.17 6.82 -25.66
CA SER C 225 -2.78 7.23 -25.85
C SER C 225 -1.84 6.83 -24.71
N LEU C 226 -2.30 6.16 -23.66
CA LEU C 226 -1.47 5.70 -22.56
C LEU C 226 -1.42 4.19 -22.48
N ALA C 227 -1.72 3.50 -23.57
CA ALA C 227 -1.71 2.05 -23.55
C ALA C 227 -0.30 1.49 -23.66
N ILE C 228 0.55 2.10 -24.47
CA ILE C 228 1.88 1.57 -24.78
C ILE C 228 2.93 2.22 -23.91
N LEU C 229 2.52 2.83 -22.81
CA LEU C 229 3.44 3.59 -21.99
C LEU C 229 3.76 2.88 -20.69
N VAL C 230 3.30 1.64 -20.53
CA VAL C 230 3.70 0.89 -19.34
C VAL C 230 5.08 0.28 -19.55
N PHE C 231 5.51 0.17 -20.80
CA PHE C 231 6.76 -0.49 -21.09
C PHE C 231 7.97 0.40 -20.86
N TYR C 232 7.80 1.70 -21.01
CA TYR C 232 8.95 2.57 -20.90
C TYR C 232 9.28 2.90 -19.46
N LEU C 233 8.37 2.70 -18.55
CA LEU C 233 8.39 2.79 -17.11
C LEU C 233 9.35 1.74 -16.55
N PRO C 234 10.30 2.10 -15.68
CA PRO C 234 11.27 1.11 -15.20
C PRO C 234 10.70 0.30 -14.06
N SER C 235 11.24 -0.91 -13.89
CA SER C 235 10.58 -1.91 -13.06
C SER C 235 10.90 -1.77 -11.58
N ASP C 236 11.85 -0.88 -11.24
CA ASP C 236 12.28 -0.72 -9.86
C ASP C 236 11.25 -0.02 -9.00
N CYS C 237 10.45 0.86 -9.61
CA CYS C 237 9.61 1.77 -8.85
C CYS C 237 8.35 1.08 -8.35
N GLY C 238 7.93 0.02 -9.03
CA GLY C 238 6.77 -0.74 -8.60
C GLY C 238 5.49 -0.03 -8.92
N GLU C 239 5.41 0.57 -10.10
CA GLU C 239 4.22 1.28 -10.50
C GLU C 239 3.64 0.81 -11.82
N LYS C 240 3.92 -0.40 -12.27
CA LYS C 240 3.40 -0.82 -13.56
C LYS C 240 1.95 -1.25 -13.45
N MET C 241 1.58 -1.78 -12.29
CA MET C 241 0.26 -2.38 -12.12
C MET C 241 -0.81 -1.33 -11.96
N THR C 242 -0.44 -0.18 -11.38
CA THR C 242 -1.38 0.92 -11.16
C THR C 242 -1.78 1.58 -12.47
N LEU C 243 -0.79 1.79 -13.35
CA LEU C 243 -1.00 2.41 -14.65
C LEU C 243 -1.76 1.49 -15.58
N CYS C 244 -1.41 0.20 -15.59
CA CYS C 244 -2.03 -0.68 -16.57
C CYS C 244 -3.43 -1.13 -16.14
N ILE C 245 -3.65 -1.28 -14.82
CA ILE C 245 -4.98 -1.62 -14.30
C ILE C 245 -5.94 -0.43 -14.44
N SER C 246 -5.43 0.81 -14.28
CA SER C 246 -6.28 1.98 -14.42
C SER C 246 -6.65 2.26 -15.88
N VAL C 247 -5.77 1.89 -16.82
CA VAL C 247 -6.10 2.01 -18.25
C VAL C 247 -7.14 0.99 -18.67
N LEU C 248 -7.06 -0.24 -18.12
CA LEU C 248 -8.01 -1.31 -18.46
C LEU C 248 -9.41 -1.04 -17.88
N LEU C 249 -9.48 -0.47 -16.69
CA LEU C 249 -10.79 -0.18 -16.11
C LEU C 249 -11.43 1.06 -16.72
N ALA C 250 -10.62 2.02 -17.18
CA ALA C 250 -11.18 3.20 -17.84
C ALA C 250 -11.72 2.87 -19.23
N LEU C 251 -11.09 1.93 -19.92
CA LEU C 251 -11.60 1.49 -21.22
C LEU C 251 -12.86 0.65 -21.09
N THR C 252 -12.98 -0.11 -20.00
CA THR C 252 -14.22 -0.89 -19.77
C THR C 252 -15.40 0.02 -19.41
N VAL C 253 -15.14 1.13 -18.72
CA VAL C 253 -16.20 2.08 -18.36
C VAL C 253 -16.70 2.84 -19.60
N PHE C 254 -15.78 3.14 -20.53
CA PHE C 254 -16.21 3.76 -21.80
C PHE C 254 -16.92 2.78 -22.72
N LEU C 255 -16.60 1.48 -22.63
CA LEU C 255 -17.32 0.49 -23.40
C LEU C 255 -18.73 0.25 -22.88
N LEU C 256 -18.94 0.43 -21.58
CA LEU C 256 -20.31 0.32 -21.09
C LEU C 256 -21.15 1.57 -21.34
N LEU C 257 -20.52 2.74 -21.48
CA LEU C 257 -21.29 3.94 -21.87
C LEU C 257 -21.76 3.89 -23.32
N ILE C 258 -20.92 3.39 -24.23
CA ILE C 258 -21.39 3.23 -25.60
C ILE C 258 -22.26 1.96 -25.75
N SER C 259 -22.24 1.08 -24.76
CA SER C 259 -23.33 0.11 -24.69
C SER C 259 -24.65 0.75 -24.31
N LYS C 260 -24.68 1.69 -23.37
CA LYS C 260 -25.98 2.16 -22.89
C LYS C 260 -26.59 3.24 -23.77
N ILE C 261 -25.82 3.84 -24.69
CA ILE C 261 -26.44 4.83 -25.57
C ILE C 261 -27.08 4.17 -26.79
N VAL C 262 -26.32 3.34 -27.49
CA VAL C 262 -26.60 2.93 -28.87
C VAL C 262 -27.65 1.82 -28.85
N PRO C 263 -28.42 1.58 -29.93
CA PRO C 263 -29.51 0.57 -29.86
C PRO C 263 -28.97 -0.84 -29.91
N PRO C 264 -29.62 -1.80 -29.24
CA PRO C 264 -29.04 -3.14 -29.11
C PRO C 264 -29.36 -4.10 -30.25
N THR C 265 -29.16 -3.64 -31.48
CA THR C 265 -29.28 -4.52 -32.63
C THR C 265 -27.99 -5.27 -32.81
N SER C 266 -28.09 -6.50 -33.31
CA SER C 266 -26.90 -7.22 -33.69
C SER C 266 -26.79 -7.37 -35.19
N LEU C 267 -27.30 -6.43 -35.96
CA LEU C 267 -27.08 -6.45 -37.41
C LEU C 267 -25.78 -5.77 -37.78
N ASP C 268 -25.31 -4.86 -36.92
CA ASP C 268 -24.06 -4.17 -37.15
C ASP C 268 -23.43 -3.77 -35.83
N VAL C 269 -22.15 -3.41 -35.88
CA VAL C 269 -21.42 -3.03 -34.69
C VAL C 269 -20.66 -1.74 -34.99
N PRO C 270 -20.75 -0.70 -34.14
CA PRO C 270 -20.16 0.60 -34.48
C PRO C 270 -18.65 0.60 -34.34
N LEU C 271 -17.98 1.52 -35.00
CA LEU C 271 -16.53 1.48 -35.09
C LEU C 271 -15.83 1.94 -33.83
N VAL C 272 -16.53 2.58 -32.91
CA VAL C 272 -15.89 3.02 -31.68
C VAL C 272 -15.79 1.87 -30.71
N GLY C 273 -16.82 1.02 -30.66
CA GLY C 273 -16.81 -0.12 -29.76
C GLY C 273 -15.89 -1.24 -30.23
N LYS C 274 -15.71 -1.35 -31.55
CA LYS C 274 -14.78 -2.31 -32.13
C LYS C 274 -13.34 -1.93 -31.84
N TYR C 275 -13.05 -0.64 -31.94
CA TYR C 275 -11.71 -0.13 -31.68
C TYR C 275 -11.38 -0.15 -30.19
N LEU C 276 -12.39 0.05 -29.34
CA LEU C 276 -12.14 -0.03 -27.91
C LEU C 276 -12.00 -1.47 -27.45
N MET C 277 -12.67 -2.42 -28.12
CA MET C 277 -12.49 -3.82 -27.78
C MET C 277 -11.12 -4.34 -28.23
N PHE C 278 -10.62 -3.82 -29.36
CA PHE C 278 -9.31 -4.26 -29.85
C PHE C 278 -8.19 -3.67 -29.00
N THR C 279 -8.36 -2.43 -28.53
CA THR C 279 -7.32 -1.90 -27.65
C THR C 279 -7.45 -2.41 -26.22
N MET C 280 -8.61 -2.99 -25.85
CA MET C 280 -8.72 -3.67 -24.57
C MET C 280 -7.99 -5.01 -24.58
N VAL C 281 -8.05 -5.71 -25.72
CA VAL C 281 -7.30 -6.96 -25.93
C VAL C 281 -5.80 -6.72 -25.90
N LEU C 282 -5.39 -5.56 -26.45
CA LEU C 282 -3.98 -5.16 -26.44
C LEU C 282 -3.49 -4.80 -25.03
N VAL C 283 -4.37 -4.18 -24.22
CA VAL C 283 -3.98 -3.82 -22.85
C VAL C 283 -3.91 -5.05 -21.91
N THR C 284 -4.78 -6.06 -22.09
CA THR C 284 -4.65 -7.22 -21.20
C THR C 284 -3.53 -8.16 -21.63
N PHE C 285 -3.11 -8.10 -22.91
CA PHE C 285 -1.90 -8.79 -23.31
C PHE C 285 -0.66 -8.11 -22.74
N SER C 286 -0.75 -6.78 -22.59
CA SER C 286 0.31 -6.02 -21.93
C SER C 286 0.38 -6.29 -20.43
N ILE C 287 -0.75 -6.60 -19.78
CA ILE C 287 -0.66 -6.82 -18.32
C ILE C 287 -0.13 -8.21 -18.01
N VAL C 288 -0.35 -9.19 -18.92
CA VAL C 288 0.22 -10.52 -18.69
C VAL C 288 1.74 -10.55 -18.97
N THR C 289 2.17 -9.82 -20.01
CA THR C 289 3.61 -9.74 -20.23
C THR C 289 4.31 -8.79 -19.26
N SER C 290 3.58 -7.87 -18.61
CA SER C 290 4.23 -7.01 -17.64
C SER C 290 4.41 -7.71 -16.31
N VAL C 291 3.53 -8.64 -15.97
CA VAL C 291 3.77 -9.39 -14.74
C VAL C 291 4.84 -10.47 -14.96
N CYS C 292 5.07 -10.89 -16.22
CA CYS C 292 6.17 -11.82 -16.47
C CYS C 292 7.53 -11.11 -16.46
N VAL C 293 7.56 -9.84 -16.91
CA VAL C 293 8.76 -9.02 -16.83
C VAL C 293 9.09 -8.68 -15.38
N LEU C 294 8.05 -8.43 -14.57
CA LEU C 294 8.29 -8.10 -13.17
C LEU C 294 8.60 -9.34 -12.34
N ASN C 295 8.28 -10.54 -12.84
CA ASN C 295 8.81 -11.73 -12.18
C ASN C 295 10.27 -11.95 -12.52
N VAL C 296 10.66 -11.69 -13.77
CA VAL C 296 12.04 -12.03 -14.15
C VAL C 296 13.01 -10.92 -13.74
N HIS C 297 12.52 -9.77 -13.28
CA HIS C 297 13.43 -8.76 -12.75
C HIS C 297 13.95 -9.11 -11.37
N HIS C 298 13.10 -9.64 -10.50
CA HIS C 298 13.47 -9.84 -9.10
C HIS C 298 13.98 -11.23 -8.80
N ARG C 299 14.76 -11.84 -9.68
CA ARG C 299 15.44 -13.06 -9.31
C ARG C 299 16.79 -12.73 -8.68
N SER C 300 17.50 -13.77 -8.26
CA SER C 300 18.69 -13.68 -7.44
C SER C 300 19.45 -14.99 -7.54
N PRO C 301 20.77 -14.99 -7.30
CA PRO C 301 21.50 -16.27 -7.29
C PRO C 301 21.23 -17.16 -6.09
N THR C 302 20.59 -16.66 -5.03
CA THR C 302 20.17 -17.54 -3.95
C THR C 302 19.00 -18.41 -4.38
N THR C 303 18.14 -17.88 -5.24
CA THR C 303 16.97 -18.64 -5.65
C THR C 303 17.19 -19.39 -6.95
N HIS C 304 17.23 -18.62 -8.05
CA HIS C 304 17.37 -19.14 -9.44
C HIS C 304 18.76 -19.73 -9.72
N THR C 305 18.78 -20.90 -10.37
CA THR C 305 20.00 -21.66 -10.74
C THR C 305 20.85 -20.93 -11.80
N MET C 306 20.19 -20.30 -12.79
CA MET C 306 20.74 -19.57 -13.99
C MET C 306 21.15 -20.56 -15.09
N ALA C 307 20.73 -20.32 -16.34
CA ALA C 307 20.96 -21.23 -17.45
C ALA C 307 21.64 -20.51 -18.61
N PRO C 308 22.63 -21.12 -19.29
CA PRO C 308 23.49 -20.34 -20.20
C PRO C 308 22.86 -20.05 -21.56
N TRP C 309 21.72 -20.68 -21.84
CA TRP C 309 20.81 -20.37 -22.91
C TRP C 309 20.34 -18.92 -22.91
N VAL C 310 20.12 -18.33 -21.72
CA VAL C 310 19.71 -16.93 -21.67
C VAL C 310 20.89 -16.01 -21.92
N LYS C 311 22.13 -16.49 -21.74
CA LYS C 311 23.30 -15.71 -22.08
C LYS C 311 23.48 -15.65 -23.59
N VAL C 312 23.29 -16.81 -24.25
CA VAL C 312 23.54 -16.86 -25.69
C VAL C 312 22.38 -16.22 -26.47
N VAL C 313 21.18 -16.19 -25.88
CA VAL C 313 20.13 -15.43 -26.54
C VAL C 313 20.24 -13.94 -26.20
N PHE C 314 20.30 -13.60 -24.91
CA PHE C 314 20.14 -12.21 -24.52
C PHE C 314 21.46 -11.48 -24.37
N LEU C 315 22.53 -11.96 -25.01
CA LEU C 315 23.64 -11.07 -25.30
C LEU C 315 23.96 -11.03 -26.80
N GLU C 316 23.19 -11.75 -27.61
CA GLU C 316 23.21 -11.66 -29.06
C GLU C 316 22.10 -10.75 -29.57
N LYS C 317 21.03 -10.59 -28.78
CA LYS C 317 19.82 -9.84 -29.10
C LYS C 317 20.04 -8.35 -29.28
N LEU C 318 21.05 -7.79 -28.62
CA LEU C 318 21.19 -6.35 -28.42
C LEU C 318 21.45 -5.48 -29.66
N PRO C 319 22.33 -5.83 -30.64
CA PRO C 319 22.42 -4.93 -31.81
C PRO C 319 21.35 -5.18 -32.84
N ALA C 320 20.47 -6.16 -32.63
CA ALA C 320 19.21 -6.20 -33.36
C ALA C 320 18.17 -5.28 -32.73
N LEU C 321 18.44 -4.76 -31.53
CA LEU C 321 17.59 -3.78 -30.89
C LEU C 321 18.29 -2.45 -30.66
N LEU C 322 19.54 -2.32 -31.14
CA LEU C 322 20.37 -1.11 -31.16
C LEU C 322 20.68 -0.55 -29.77
N PHE C 323 21.27 -1.36 -28.91
CA PHE C 323 21.65 -1.03 -27.53
C PHE C 323 23.14 -0.76 -27.39
N MET C 324 23.53 -0.45 -26.16
CA MET C 324 24.90 -0.48 -25.68
C MET C 324 24.88 -0.66 -24.16
N GLN C 325 26.02 -1.04 -23.58
CA GLN C 325 26.09 -1.33 -22.15
C GLN C 325 27.48 -1.08 -21.57
N SER C 331 27.71 -9.17 -9.48
CA SER C 331 27.04 -8.76 -10.70
C SER C 331 26.27 -9.92 -11.31
N VAL C 332 26.15 -11.00 -10.55
CA VAL C 332 25.22 -12.05 -10.93
C VAL C 332 23.77 -11.62 -10.66
N SER C 333 23.58 -10.87 -9.57
CA SER C 333 22.25 -10.35 -9.23
C SER C 333 21.87 -9.20 -10.14
N GLU C 334 22.85 -8.46 -10.61
CA GLU C 334 22.57 -7.28 -11.42
C GLU C 334 22.46 -7.64 -12.89
N ASP C 335 22.84 -8.88 -13.26
CA ASP C 335 22.63 -9.29 -14.64
C ASP C 335 21.18 -9.67 -14.89
N TRP C 336 20.44 -10.01 -13.83
CA TRP C 336 19.00 -10.24 -13.98
C TRP C 336 18.24 -8.93 -14.13
N LYS C 337 18.84 -7.82 -13.70
CA LYS C 337 18.25 -6.51 -13.97
C LYS C 337 18.51 -6.06 -15.39
N TYR C 338 19.45 -6.70 -16.09
CA TYR C 338 19.69 -6.31 -17.46
C TYR C 338 18.79 -7.07 -18.42
N VAL C 339 18.36 -8.28 -18.06
CA VAL C 339 17.52 -9.06 -18.97
C VAL C 339 16.11 -8.50 -18.99
N ALA C 340 15.67 -7.94 -17.87
CA ALA C 340 14.33 -7.35 -17.81
C ALA C 340 14.31 -5.93 -18.37
N MET C 341 15.47 -5.40 -18.73
CA MET C 341 15.51 -4.15 -19.49
C MET C 341 15.71 -4.41 -20.96
N VAL C 342 15.57 -5.66 -21.38
CA VAL C 342 15.68 -5.98 -22.80
C VAL C 342 14.35 -6.50 -23.32
N ILE C 343 13.69 -7.32 -22.51
CA ILE C 343 12.51 -8.06 -22.94
C ILE C 343 11.28 -7.15 -22.96
N ASP C 344 11.33 -6.01 -22.26
CA ASP C 344 10.29 -5.03 -22.46
C ASP C 344 10.57 -4.19 -23.70
N ARG C 345 11.84 -3.94 -24.03
CA ARG C 345 12.11 -3.08 -25.17
C ARG C 345 12.14 -3.87 -26.46
N LEU C 346 12.15 -5.21 -26.37
CA LEU C 346 11.66 -5.98 -27.49
C LEU C 346 10.16 -5.78 -27.65
N PHE C 347 9.43 -5.84 -26.53
CA PHE C 347 7.99 -5.81 -26.59
C PHE C 347 7.44 -4.40 -26.74
N LEU C 348 8.27 -3.38 -26.60
CA LEU C 348 7.84 -2.07 -27.05
C LEU C 348 7.85 -2.02 -28.57
N TRP C 349 8.77 -2.75 -29.20
CA TRP C 349 8.93 -2.62 -30.65
C TRP C 349 7.90 -3.42 -31.41
N ILE C 350 7.22 -4.36 -30.74
CA ILE C 350 6.15 -5.05 -31.44
C ILE C 350 4.80 -4.46 -31.08
N PHE C 351 4.78 -3.45 -30.22
CA PHE C 351 3.52 -2.74 -29.99
C PHE C 351 3.37 -1.59 -30.96
N VAL C 352 4.49 -0.96 -31.32
CA VAL C 352 4.45 0.13 -32.28
C VAL C 352 4.41 -0.44 -33.71
N PHE C 353 4.76 -1.73 -33.85
CA PHE C 353 4.43 -2.46 -35.07
C PHE C 353 2.92 -2.69 -35.20
N VAL C 354 2.22 -2.85 -34.08
CA VAL C 354 0.80 -3.20 -34.11
C VAL C 354 -0.07 -1.94 -34.11
N CYS C 355 0.33 -0.92 -33.35
CA CYS C 355 -0.52 0.25 -33.16
C CYS C 355 -0.46 1.20 -34.36
N VAL C 356 0.54 1.03 -35.24
CA VAL C 356 0.47 1.65 -36.56
C VAL C 356 0.23 0.56 -37.62
N PHE C 357 -0.50 -0.49 -37.24
CA PHE C 357 -1.09 -1.39 -38.23
C PHE C 357 -2.60 -1.48 -38.03
N GLY C 358 -3.06 -1.29 -36.78
CA GLY C 358 -4.48 -1.33 -36.54
C GLY C 358 -5.18 -0.04 -36.92
N THR C 359 -4.57 1.10 -36.58
CA THR C 359 -5.19 2.40 -36.83
C THR C 359 -5.03 2.79 -38.30
N ILE C 360 -4.03 2.21 -38.96
CA ILE C 360 -3.97 2.23 -40.42
C ILE C 360 -5.09 1.37 -41.03
N GLY C 361 -5.49 0.30 -40.33
CA GLY C 361 -6.49 -0.60 -40.87
C GLY C 361 -7.93 -0.13 -40.74
N MET C 362 -8.17 1.05 -40.14
CA MET C 362 -9.52 1.60 -40.14
C MET C 362 -9.80 2.37 -41.42
N PHE C 363 -8.77 2.61 -42.25
CA PHE C 363 -8.97 3.19 -43.58
C PHE C 363 -9.50 2.15 -44.55
N GLU D 5 -81.07 5.63 -60.07
CA GLU D 5 -80.34 5.85 -61.30
C GLU D 5 -78.85 5.66 -61.09
N THR D 6 -78.33 6.29 -60.04
CA THR D 6 -76.90 6.23 -59.78
C THR D 6 -76.55 4.98 -59.01
N ARG D 7 -75.27 4.81 -58.72
CA ARG D 7 -74.89 3.83 -57.70
C ARG D 7 -75.15 4.38 -56.31
N ALA D 8 -75.00 5.70 -56.15
CA ALA D 8 -75.03 6.32 -54.83
C ALA D 8 -76.45 6.47 -54.31
N HIS D 9 -77.41 6.71 -55.20
CA HIS D 9 -78.79 6.88 -54.76
C HIS D 9 -79.43 5.54 -54.40
N ALA D 10 -79.01 4.47 -55.10
CA ALA D 10 -79.45 3.14 -54.74
C ALA D 10 -78.79 2.67 -53.45
N GLU D 11 -77.57 3.14 -53.19
CA GLU D 11 -76.90 2.84 -51.93
C GLU D 11 -77.56 3.57 -50.76
N GLU D 12 -78.11 4.75 -51.03
CA GLU D 12 -78.85 5.49 -50.01
C GLU D 12 -80.19 4.84 -49.69
N ARG D 13 -80.89 4.34 -50.73
CA ARG D 13 -82.18 3.67 -50.53
C ARG D 13 -82.01 2.33 -49.83
N LEU D 14 -80.92 1.62 -50.13
CA LEU D 14 -80.56 0.38 -49.44
C LEU D 14 -80.20 0.61 -47.98
N LEU D 15 -79.44 1.67 -47.70
CA LEU D 15 -78.97 1.88 -46.34
C LEU D 15 -80.05 2.52 -45.48
N LYS D 16 -81.09 3.06 -46.09
CA LYS D 16 -82.30 3.34 -45.32
C LYS D 16 -83.15 2.08 -45.13
N LYS D 17 -83.04 1.12 -46.06
CA LYS D 17 -83.90 -0.05 -45.98
C LYS D 17 -83.44 -1.02 -44.91
N LEU D 18 -82.12 -1.19 -44.76
CA LEU D 18 -81.59 -2.20 -43.85
C LEU D 18 -81.76 -1.81 -42.40
N PHE D 19 -81.70 -0.52 -42.11
CA PHE D 19 -81.66 -0.07 -40.73
C PHE D 19 -83.01 0.41 -40.25
N SER D 20 -84.08 -0.23 -40.69
CA SER D 20 -85.42 0.11 -40.20
C SER D 20 -85.61 -0.37 -38.77
N GLY D 21 -85.55 -1.67 -38.57
CA GLY D 21 -85.71 -2.21 -37.23
C GLY D 21 -84.56 -3.10 -36.80
N TYR D 22 -83.35 -2.79 -37.26
CA TYR D 22 -82.18 -3.51 -36.79
C TYR D 22 -81.84 -3.05 -35.40
N ASN D 23 -81.37 -3.98 -34.59
CA ASN D 23 -81.21 -3.78 -33.16
C ASN D 23 -80.01 -4.59 -32.72
N LYS D 24 -79.07 -3.93 -32.04
CA LYS D 24 -77.70 -4.43 -31.97
C LYS D 24 -77.54 -5.56 -30.97
N TRP D 25 -78.27 -5.50 -29.87
CA TRP D 25 -77.87 -6.29 -28.71
C TRP D 25 -78.41 -7.71 -28.71
N SER D 26 -79.08 -8.13 -29.75
CA SER D 26 -79.53 -9.50 -29.86
C SER D 26 -78.50 -10.26 -30.67
N ARG D 27 -78.38 -11.53 -30.40
CA ARG D 27 -77.49 -12.38 -31.16
C ARG D 27 -78.13 -12.71 -32.50
N PRO D 28 -77.51 -12.39 -33.61
CA PRO D 28 -78.19 -12.50 -34.91
C PRO D 28 -78.13 -13.88 -35.55
N VAL D 29 -79.03 -14.75 -35.13
CA VAL D 29 -79.32 -15.99 -35.84
C VAL D 29 -80.80 -16.24 -35.66
N ALA D 30 -81.38 -17.04 -36.56
CA ALA D 30 -82.82 -17.00 -36.74
C ALA D 30 -83.57 -17.97 -35.82
N ASN D 31 -83.05 -19.16 -35.63
CA ASN D 31 -83.58 -20.09 -34.65
C ASN D 31 -82.58 -20.15 -33.50
N ILE D 32 -83.08 -20.33 -32.28
CA ILE D 32 -82.32 -19.94 -31.08
C ILE D 32 -81.26 -21.00 -30.75
N SER D 33 -81.44 -22.21 -31.27
CA SER D 33 -80.47 -23.27 -31.02
C SER D 33 -79.22 -23.19 -31.90
N ASP D 34 -79.12 -22.26 -32.83
CA ASP D 34 -77.99 -22.27 -33.76
C ASP D 34 -76.83 -21.44 -33.24
N VAL D 35 -75.65 -21.71 -33.79
CA VAL D 35 -74.48 -20.92 -33.47
C VAL D 35 -74.27 -19.91 -34.57
N VAL D 36 -73.44 -18.92 -34.33
CA VAL D 36 -72.80 -18.19 -35.41
C VAL D 36 -71.35 -18.60 -35.35
N LEU D 37 -70.61 -18.31 -36.41
CA LEU D 37 -69.24 -18.80 -36.50
C LEU D 37 -68.32 -17.62 -36.71
N VAL D 38 -67.47 -17.37 -35.75
CA VAL D 38 -66.53 -16.28 -35.90
C VAL D 38 -65.21 -16.86 -36.36
N ARG D 39 -64.85 -16.63 -37.62
CA ARG D 39 -63.53 -17.05 -38.04
C ARG D 39 -62.55 -15.98 -37.62
N PHE D 40 -61.37 -16.41 -37.20
CA PHE D 40 -60.43 -15.59 -36.48
C PHE D 40 -59.10 -15.57 -37.22
N GLY D 41 -58.24 -14.62 -36.86
CA GLY D 41 -56.84 -14.77 -37.21
C GLY D 41 -56.07 -13.48 -37.04
N LEU D 42 -54.85 -13.60 -36.51
CA LEU D 42 -53.98 -12.47 -36.31
C LEU D 42 -53.08 -12.26 -37.51
N SER D 43 -52.32 -11.17 -37.43
CA SER D 43 -51.29 -10.81 -38.41
C SER D 43 -50.40 -9.79 -37.72
N ILE D 44 -49.10 -10.06 -37.64
CA ILE D 44 -48.23 -9.14 -36.93
C ILE D 44 -47.87 -7.97 -37.82
N ALA D 45 -48.04 -6.76 -37.30
CA ALA D 45 -47.43 -5.63 -37.96
C ALA D 45 -46.01 -5.39 -37.52
N GLN D 46 -45.74 -5.32 -36.22
CA GLN D 46 -44.37 -5.34 -35.72
C GLN D 46 -44.39 -5.89 -34.31
N LEU D 47 -43.21 -6.02 -33.73
CA LEU D 47 -43.04 -6.51 -32.38
C LEU D 47 -42.24 -5.43 -31.69
N ILE D 48 -42.88 -4.67 -30.80
CA ILE D 48 -42.30 -3.43 -30.31
C ILE D 48 -41.26 -3.71 -29.24
N ASP D 49 -41.70 -4.29 -28.14
CA ASP D 49 -40.84 -4.50 -27.00
C ASP D 49 -41.11 -5.86 -26.42
N VAL D 50 -40.04 -6.62 -26.23
CA VAL D 50 -40.05 -7.77 -25.34
C VAL D 50 -39.28 -7.30 -24.11
N ASP D 51 -39.98 -7.16 -22.99
CA ASP D 51 -39.43 -6.46 -21.84
C ASP D 51 -39.16 -7.49 -20.76
N GLU D 52 -37.89 -7.62 -20.41
CA GLU D 52 -37.46 -8.74 -19.60
C GLU D 52 -37.46 -8.40 -18.12
N LYS D 53 -37.40 -7.12 -17.78
CA LYS D 53 -37.39 -6.77 -16.37
C LYS D 53 -38.79 -6.86 -15.77
N ASN D 54 -39.82 -6.55 -16.56
CA ASN D 54 -41.19 -6.58 -16.08
C ASN D 54 -41.96 -7.81 -16.55
N GLN D 55 -41.35 -8.65 -17.40
CA GLN D 55 -41.94 -9.79 -18.11
C GLN D 55 -43.19 -9.40 -18.89
N MET D 56 -43.00 -8.58 -19.92
CA MET D 56 -44.11 -8.16 -20.77
C MET D 56 -43.74 -8.31 -22.23
N MET D 57 -44.74 -8.24 -23.09
CA MET D 57 -44.53 -8.29 -24.51
C MET D 57 -45.58 -7.44 -25.16
N THR D 58 -45.19 -6.37 -25.83
CA THR D 58 -46.17 -5.47 -26.42
C THR D 58 -46.12 -5.59 -27.93
N THR D 59 -47.23 -5.97 -28.54
CA THR D 59 -47.23 -6.11 -29.98
C THR D 59 -48.27 -5.22 -30.61
N ASN D 60 -48.07 -4.95 -31.89
CA ASN D 60 -48.97 -4.18 -32.73
C ASN D 60 -49.55 -5.14 -33.75
N VAL D 61 -50.82 -5.47 -33.63
CA VAL D 61 -51.35 -6.62 -34.34
C VAL D 61 -52.65 -6.19 -35.05
N TRP D 62 -53.04 -6.94 -36.07
CA TRP D 62 -54.22 -6.65 -36.90
C TRP D 62 -55.19 -7.81 -36.77
N VAL D 63 -56.19 -7.68 -35.90
CA VAL D 63 -57.10 -8.78 -35.64
C VAL D 63 -58.15 -8.89 -36.74
N LYS D 64 -58.20 -10.05 -37.41
CA LYS D 64 -59.15 -10.28 -38.52
C LYS D 64 -60.27 -11.16 -38.05
N GLN D 65 -61.51 -10.68 -38.12
CA GLN D 65 -62.68 -11.45 -37.75
C GLN D 65 -63.65 -11.44 -38.92
N GLU D 66 -64.41 -12.52 -39.10
CA GLU D 66 -65.51 -12.51 -40.06
C GLU D 66 -66.59 -13.50 -39.65
N TRP D 67 -67.86 -13.14 -39.89
CA TRP D 67 -68.95 -14.00 -39.41
C TRP D 67 -70.16 -13.85 -40.31
N HIS D 68 -71.25 -14.56 -40.00
CA HIS D 68 -72.50 -14.42 -40.71
C HIS D 68 -73.56 -13.81 -39.81
N ASP D 69 -74.52 -13.12 -40.41
CA ASP D 69 -75.79 -12.90 -39.74
C ASP D 69 -76.93 -13.24 -40.69
N TYR D 70 -78.14 -12.77 -40.37
CA TYR D 70 -79.27 -13.11 -41.20
C TYR D 70 -80.17 -11.95 -41.55
N LYS D 71 -80.13 -10.85 -40.83
CA LYS D 71 -80.98 -9.73 -41.20
C LYS D 71 -80.28 -8.79 -42.15
N LEU D 72 -78.96 -8.89 -42.25
CA LEU D 72 -78.21 -8.03 -43.15
C LEU D 72 -78.02 -8.69 -44.51
N ARG D 73 -79.13 -8.96 -45.20
CA ARG D 73 -79.07 -9.58 -46.51
C ARG D 73 -80.10 -8.94 -47.43
N TRP D 74 -79.79 -8.93 -48.72
CA TRP D 74 -80.69 -8.36 -49.73
C TRP D 74 -80.41 -9.02 -51.06
N ASP D 75 -81.17 -8.61 -52.07
CA ASP D 75 -81.05 -9.06 -53.44
C ASP D 75 -80.34 -8.00 -54.25
N PRO D 76 -79.19 -8.32 -54.89
CA PRO D 76 -78.44 -7.29 -55.62
C PRO D 76 -79.05 -6.86 -56.93
N ALA D 77 -80.01 -7.61 -57.45
CA ALA D 77 -80.62 -7.22 -58.72
C ALA D 77 -81.61 -6.07 -58.54
N ASP D 78 -82.09 -5.85 -57.33
CA ASP D 78 -83.14 -4.89 -57.10
C ASP D 78 -82.59 -3.52 -56.71
N TYR D 79 -81.30 -3.43 -56.38
CA TYR D 79 -80.75 -2.18 -55.88
C TYR D 79 -79.61 -1.70 -56.74
N GLU D 80 -79.79 -1.81 -58.07
CA GLU D 80 -78.91 -1.29 -59.14
C GLU D 80 -77.51 -1.87 -59.12
N ASN D 81 -77.41 -3.17 -58.79
CA ASN D 81 -76.24 -4.04 -58.95
C ASN D 81 -75.07 -3.60 -58.08
N VAL D 82 -75.33 -3.38 -56.80
CA VAL D 82 -74.27 -3.24 -55.80
C VAL D 82 -74.10 -4.57 -55.10
N THR D 83 -72.88 -4.85 -54.68
CA THR D 83 -72.65 -6.06 -53.91
C THR D 83 -72.30 -5.76 -52.47
N SER D 84 -71.34 -4.88 -52.24
CA SER D 84 -70.70 -4.79 -50.95
C SER D 84 -70.65 -3.34 -50.50
N ILE D 85 -71.04 -3.09 -49.26
CA ILE D 85 -70.96 -1.73 -48.75
C ILE D 85 -70.10 -1.71 -47.51
N ARG D 86 -69.98 -0.53 -46.90
CA ARG D 86 -69.03 -0.31 -45.82
C ARG D 86 -69.66 0.56 -44.76
N ILE D 87 -70.18 -0.04 -43.70
CA ILE D 87 -70.91 0.74 -42.73
C ILE D 87 -70.06 0.81 -41.46
N PRO D 88 -70.17 1.85 -40.62
CA PRO D 88 -69.31 1.93 -39.45
C PRO D 88 -69.76 0.98 -38.37
N SER D 89 -68.81 0.54 -37.56
CA SER D 89 -68.96 -0.66 -36.78
C SER D 89 -69.58 -0.42 -35.43
N GLU D 90 -70.12 0.76 -35.18
CA GLU D 90 -70.91 0.97 -33.98
C GLU D 90 -72.37 0.67 -34.20
N LEU D 91 -72.78 0.33 -35.41
CA LEU D 91 -74.18 0.23 -35.73
C LEU D 91 -74.64 -1.20 -35.94
N ILE D 92 -73.75 -2.17 -35.86
CA ILE D 92 -74.13 -3.55 -36.02
C ILE D 92 -73.78 -4.30 -34.74
N TRP D 93 -74.15 -5.56 -34.70
CA TRP D 93 -73.62 -6.45 -33.70
C TRP D 93 -72.18 -6.75 -34.05
N ARG D 94 -71.36 -6.93 -33.04
CA ARG D 94 -70.04 -7.50 -33.24
C ARG D 94 -69.79 -8.39 -32.03
N PRO D 95 -68.99 -9.44 -32.12
CA PRO D 95 -68.79 -10.27 -30.95
C PRO D 95 -67.76 -9.65 -30.04
N ASP D 96 -67.68 -10.14 -28.81
CA ASP D 96 -66.78 -9.57 -27.83
C ASP D 96 -65.61 -10.50 -27.59
N ILE D 97 -64.43 -10.06 -27.99
CA ILE D 97 -63.24 -10.89 -27.96
C ILE D 97 -62.24 -10.27 -27.01
N VAL D 98 -61.88 -11.02 -25.97
CA VAL D 98 -61.12 -10.48 -24.86
C VAL D 98 -59.83 -11.27 -24.77
N LEU D 99 -58.71 -10.56 -24.75
CA LEU D 99 -57.44 -11.16 -24.38
C LEU D 99 -57.46 -11.47 -22.90
N TYR D 100 -57.32 -12.73 -22.53
CA TYR D 100 -57.37 -13.09 -21.12
C TYR D 100 -56.08 -12.83 -20.39
N ASN D 101 -55.00 -12.59 -21.10
CA ASN D 101 -53.67 -12.68 -20.54
C ASN D 101 -53.08 -11.30 -20.30
N ASN D 102 -53.91 -10.35 -19.94
CA ASN D 102 -53.57 -8.94 -20.01
C ASN D 102 -52.75 -8.52 -18.81
N ALA D 103 -51.86 -7.55 -19.05
CA ALA D 103 -51.14 -6.86 -17.99
C ALA D 103 -50.91 -5.44 -18.50
N ASP D 104 -51.71 -4.51 -17.97
CA ASP D 104 -51.75 -3.11 -18.47
C ASP D 104 -52.14 -3.19 -19.96
N GLY D 105 -53.35 -3.71 -20.24
CA GLY D 105 -53.83 -3.85 -21.63
C GLY D 105 -55.21 -3.26 -21.84
N ASP D 106 -55.59 -3.06 -23.11
CA ASP D 106 -56.91 -2.48 -23.48
C ASP D 106 -58.05 -3.40 -23.05
N PHE D 107 -57.84 -4.73 -23.18
CA PHE D 107 -58.75 -5.87 -22.86
C PHE D 107 -59.80 -6.10 -23.96
N ALA D 108 -59.75 -5.31 -25.04
CA ALA D 108 -60.67 -5.36 -26.21
C ALA D 108 -60.15 -4.40 -27.29
N VAL D 109 -60.68 -4.48 -28.50
CA VAL D 109 -60.20 -3.55 -29.52
C VAL D 109 -60.90 -2.22 -29.29
N THR D 110 -60.22 -1.15 -29.65
CA THR D 110 -60.75 0.17 -29.37
C THR D 110 -60.45 1.21 -30.44
N HIS D 111 -60.21 0.80 -31.69
CA HIS D 111 -60.09 1.81 -32.73
C HIS D 111 -61.32 1.91 -33.59
N LEU D 112 -62.04 0.79 -33.78
CA LEU D 112 -63.35 0.67 -34.45
C LEU D 112 -63.33 1.14 -35.91
N THR D 113 -62.56 0.43 -36.71
CA THR D 113 -62.51 0.58 -38.15
C THR D 113 -63.84 0.11 -38.75
N LYS D 114 -64.26 0.74 -39.85
CA LYS D 114 -65.48 0.44 -40.59
C LYS D 114 -65.50 -1.00 -41.10
N ALA D 115 -66.71 -1.53 -41.25
CA ALA D 115 -66.92 -2.95 -41.48
C ALA D 115 -67.47 -3.17 -42.87
N HIS D 116 -67.07 -4.29 -43.48
CA HIS D 116 -67.54 -4.68 -44.83
C HIS D 116 -68.65 -5.73 -44.69
N LEU D 117 -69.87 -5.41 -45.13
CA LEU D 117 -71.03 -6.35 -45.06
C LEU D 117 -71.33 -6.86 -46.47
N PHE D 118 -71.51 -8.17 -46.63
CA PHE D 118 -71.85 -8.73 -47.96
C PHE D 118 -73.37 -8.83 -48.08
N HIS D 119 -73.88 -9.06 -49.29
CA HIS D 119 -75.34 -9.17 -49.51
C HIS D 119 -75.90 -10.38 -48.75
N ASP D 120 -75.14 -11.48 -48.71
CA ASP D 120 -75.59 -12.74 -48.05
C ASP D 120 -75.40 -12.69 -46.53
N GLY D 121 -74.98 -11.55 -45.94
CA GLY D 121 -74.83 -11.56 -44.52
C GLY D 121 -73.46 -11.89 -44.01
N ARG D 122 -72.52 -12.23 -44.87
CA ARG D 122 -71.17 -12.43 -44.42
C ARG D 122 -70.53 -11.07 -44.23
N VAL D 123 -70.20 -10.74 -42.98
CA VAL D 123 -69.53 -9.47 -42.75
C VAL D 123 -68.10 -9.79 -42.37
N GLN D 124 -67.24 -8.79 -42.53
CA GLN D 124 -65.87 -8.96 -42.11
C GLN D 124 -65.34 -7.65 -41.57
N TRP D 125 -64.29 -7.75 -40.77
CA TRP D 125 -63.88 -6.66 -39.91
C TRP D 125 -62.43 -6.85 -39.54
N THR D 126 -61.58 -5.87 -39.83
CA THR D 126 -60.20 -5.94 -39.34
C THR D 126 -59.79 -4.72 -38.54
N PRO D 127 -60.09 -4.63 -37.25
CA PRO D 127 -59.62 -3.49 -36.49
C PRO D 127 -58.21 -3.72 -36.00
N PRO D 128 -57.37 -2.70 -36.01
CA PRO D 128 -56.01 -2.88 -35.49
C PRO D 128 -55.97 -2.63 -34.00
N ALA D 129 -54.96 -3.19 -33.35
CA ALA D 129 -54.87 -3.01 -31.92
C ALA D 129 -53.41 -3.03 -31.52
N ILE D 130 -53.11 -2.41 -30.40
CA ILE D 130 -51.92 -2.72 -29.64
C ILE D 130 -52.36 -3.66 -28.54
N TYR D 131 -51.45 -4.47 -28.04
CA TYR D 131 -51.78 -5.40 -26.98
C TYR D 131 -50.56 -5.57 -26.10
N LYS D 132 -50.78 -5.70 -24.81
CA LYS D 132 -49.67 -5.74 -23.89
C LYS D 132 -49.77 -7.00 -23.06
N SER D 133 -49.31 -8.10 -23.62
CA SER D 133 -49.50 -9.40 -23.03
C SER D 133 -48.43 -9.68 -22.01
N SER D 134 -48.69 -10.62 -21.13
CA SER D 134 -47.77 -11.00 -20.06
C SER D 134 -47.34 -12.43 -20.33
N CYS D 135 -46.04 -12.68 -20.27
CA CYS D 135 -45.52 -14.02 -20.48
C CYS D 135 -44.47 -14.31 -19.43
N SER D 136 -44.08 -15.57 -19.31
CA SER D 136 -43.06 -15.94 -18.34
C SER D 136 -41.72 -16.17 -19.03
N ILE D 137 -40.69 -15.55 -18.48
CA ILE D 137 -39.37 -15.51 -19.07
C ILE D 137 -38.51 -16.53 -18.37
N ASP D 138 -37.94 -17.47 -19.13
CA ASP D 138 -36.90 -18.33 -18.62
C ASP D 138 -35.57 -17.87 -19.19
N VAL D 139 -34.59 -17.70 -18.32
CA VAL D 139 -33.29 -17.26 -18.78
C VAL D 139 -32.23 -18.07 -18.03
N THR D 140 -31.79 -19.15 -18.66
CA THR D 140 -30.60 -19.83 -18.20
C THR D 140 -29.44 -19.56 -19.14
N PHE D 141 -29.65 -19.82 -20.43
CA PHE D 141 -28.62 -19.50 -21.46
C PHE D 141 -28.87 -18.05 -21.89
N PHE D 142 -28.37 -17.09 -21.10
CA PHE D 142 -28.61 -15.64 -21.34
C PHE D 142 -28.00 -15.19 -22.69
N PRO D 143 -26.78 -15.62 -23.07
CA PRO D 143 -26.18 -15.17 -24.33
C PRO D 143 -27.00 -15.60 -25.56
N PHE D 144 -27.49 -16.85 -25.56
CA PHE D 144 -28.30 -17.39 -26.68
C PHE D 144 -29.61 -17.95 -26.11
N ASP D 145 -30.59 -17.07 -25.85
CA ASP D 145 -31.85 -17.46 -25.28
C ASP D 145 -32.82 -17.92 -26.37
N GLN D 146 -33.94 -18.51 -25.97
CA GLN D 146 -35.04 -18.86 -26.87
C GLN D 146 -36.34 -18.90 -26.09
N GLN D 147 -37.15 -17.85 -26.21
CA GLN D 147 -38.32 -17.69 -25.36
C GLN D 147 -39.60 -18.11 -26.06
N ASN D 148 -40.63 -18.26 -25.24
CA ASN D 148 -41.94 -18.75 -25.66
C ASN D 148 -42.97 -17.88 -24.97
N CYS D 149 -43.56 -16.93 -25.69
CA CYS D 149 -44.57 -16.09 -25.07
C CYS D 149 -45.92 -16.22 -25.78
N THR D 150 -46.99 -16.15 -25.00
CA THR D 150 -48.30 -16.62 -25.46
C THR D 150 -49.33 -15.52 -25.41
N MET D 151 -50.48 -15.80 -26.03
CA MET D 151 -51.66 -14.94 -26.03
C MET D 151 -52.88 -15.83 -26.00
N LYS D 152 -53.98 -15.37 -25.46
CA LYS D 152 -55.14 -16.24 -25.27
C LYS D 152 -56.43 -15.51 -25.59
N PHE D 153 -56.86 -15.53 -26.85
CA PHE D 153 -58.09 -14.85 -27.17
C PHE D 153 -59.27 -15.76 -26.91
N GLY D 154 -60.41 -15.17 -26.61
CA GLY D 154 -61.60 -15.96 -26.47
C GLY D 154 -62.79 -15.04 -26.33
N SER D 155 -63.96 -15.61 -26.27
CA SER D 155 -65.16 -14.82 -26.12
C SER D 155 -65.42 -14.66 -24.64
N TRP D 156 -66.07 -13.57 -24.26
CA TRP D 156 -66.19 -13.29 -22.85
C TRP D 156 -67.42 -13.90 -22.22
N THR D 157 -68.58 -13.80 -22.84
CA THR D 157 -69.78 -14.20 -22.13
C THR D 157 -70.75 -15.03 -22.96
N TYR D 158 -70.27 -15.66 -24.02
CA TYR D 158 -71.07 -16.64 -24.73
C TYR D 158 -70.31 -17.94 -24.71
N ASP D 159 -71.01 -19.05 -24.79
CA ASP D 159 -70.36 -20.35 -24.72
C ASP D 159 -70.53 -21.10 -26.03
N LYS D 160 -70.17 -22.39 -26.04
CA LYS D 160 -70.00 -23.16 -27.27
C LYS D 160 -71.31 -23.53 -27.95
N ALA D 161 -72.44 -23.43 -27.28
CA ALA D 161 -73.70 -23.63 -27.97
C ALA D 161 -74.34 -22.33 -28.38
N LYS D 162 -73.61 -21.22 -28.36
CA LYS D 162 -74.10 -19.95 -28.89
C LYS D 162 -73.12 -19.20 -29.75
N ILE D 163 -71.81 -19.42 -29.58
CA ILE D 163 -70.79 -18.79 -30.41
C ILE D 163 -69.63 -19.76 -30.47
N ASP D 164 -68.84 -19.68 -31.54
CA ASP D 164 -67.90 -20.75 -31.79
C ASP D 164 -66.74 -20.23 -32.61
N LEU D 165 -65.54 -20.32 -32.09
CA LEU D 165 -64.40 -19.86 -32.87
C LEU D 165 -63.81 -20.99 -33.68
N VAL D 166 -63.55 -20.72 -34.94
CA VAL D 166 -62.84 -21.62 -35.82
C VAL D 166 -61.64 -20.86 -36.31
N ASN D 167 -60.45 -21.37 -36.07
CA ASN D 167 -59.25 -20.66 -36.50
C ASN D 167 -59.06 -20.95 -37.98
N MET D 168 -58.49 -19.99 -38.70
CA MET D 168 -58.53 -20.00 -40.14
C MET D 168 -57.29 -20.64 -40.71
N HIS D 169 -56.15 -20.00 -40.49
CA HIS D 169 -54.87 -20.49 -40.96
C HIS D 169 -53.99 -20.63 -39.74
N SER D 170 -53.27 -21.75 -39.66
CA SER D 170 -52.59 -22.11 -38.43
C SER D 170 -51.31 -21.32 -38.21
N ARG D 171 -50.77 -20.70 -39.25
CA ARG D 171 -49.69 -19.76 -39.07
C ARG D 171 -50.27 -18.42 -38.64
N VAL D 172 -49.42 -17.61 -38.13
CA VAL D 172 -49.71 -16.19 -38.00
C VAL D 172 -49.17 -15.53 -39.24
N ASP D 173 -49.99 -14.71 -39.88
CA ASP D 173 -49.70 -14.22 -41.21
C ASP D 173 -48.72 -13.06 -41.19
N GLN D 174 -47.54 -13.27 -41.73
CA GLN D 174 -46.46 -12.31 -41.58
C GLN D 174 -46.09 -11.64 -42.90
N LEU D 175 -47.08 -11.18 -43.66
CA LEU D 175 -46.77 -10.61 -44.97
C LEU D 175 -46.30 -9.17 -44.87
N ASP D 176 -46.47 -8.52 -43.73
CA ASP D 176 -45.90 -7.20 -43.53
C ASP D 176 -45.32 -7.05 -42.14
N PHE D 177 -44.49 -8.00 -41.71
CA PHE D 177 -43.69 -7.85 -40.52
C PHE D 177 -42.66 -6.77 -40.75
N TRP D 178 -42.40 -5.98 -39.72
CA TRP D 178 -41.40 -4.93 -39.76
C TRP D 178 -40.23 -5.46 -38.96
N GLU D 179 -39.08 -5.59 -39.61
CA GLU D 179 -37.96 -6.39 -39.10
C GLU D 179 -37.26 -5.70 -37.95
N SER D 180 -37.44 -6.26 -36.75
CA SER D 180 -37.09 -5.54 -35.55
C SER D 180 -35.60 -5.59 -35.26
N GLY D 181 -34.89 -6.54 -35.82
CA GLY D 181 -33.45 -6.54 -35.68
C GLY D 181 -32.90 -7.28 -34.48
N GLU D 182 -33.49 -7.05 -33.31
CA GLU D 182 -33.08 -7.75 -32.10
C GLU D 182 -33.55 -9.20 -32.04
N TRP D 183 -34.81 -9.46 -32.37
CA TRP D 183 -35.40 -10.78 -32.22
C TRP D 183 -35.90 -11.28 -33.57
N VAL D 184 -35.82 -12.58 -33.79
CA VAL D 184 -36.47 -13.19 -34.94
C VAL D 184 -37.46 -14.24 -34.50
N ILE D 185 -38.58 -14.30 -35.20
CA ILE D 185 -39.63 -15.27 -34.92
C ILE D 185 -39.17 -16.58 -35.53
N VAL D 186 -39.05 -17.63 -34.73
CA VAL D 186 -39.03 -18.95 -35.32
C VAL D 186 -40.43 -19.38 -35.69
N ASP D 187 -41.30 -19.55 -34.70
CA ASP D 187 -42.61 -20.14 -34.98
C ASP D 187 -43.71 -19.32 -34.35
N ALA D 188 -44.91 -19.42 -34.93
CA ALA D 188 -46.04 -18.69 -34.38
C ALA D 188 -47.31 -19.44 -34.72
N VAL D 189 -47.79 -20.28 -33.80
CA VAL D 189 -48.86 -21.22 -34.14
C VAL D 189 -50.05 -20.88 -33.27
N GLY D 190 -51.23 -21.34 -33.68
CA GLY D 190 -52.40 -21.15 -32.85
C GLY D 190 -53.21 -22.39 -32.62
N THR D 191 -53.33 -22.80 -31.37
CA THR D 191 -54.01 -24.04 -31.03
C THR D 191 -55.37 -23.76 -30.41
N TYR D 192 -56.37 -24.49 -30.87
CA TYR D 192 -57.73 -24.38 -30.41
C TYR D 192 -57.93 -25.18 -29.14
N ASN D 193 -58.66 -24.61 -28.19
CA ASN D 193 -58.83 -25.22 -26.88
C ASN D 193 -60.26 -25.03 -26.44
N THR D 194 -60.73 -25.94 -25.60
CA THR D 194 -61.88 -25.67 -24.78
C THR D 194 -61.42 -25.72 -23.34
N ARG D 195 -62.16 -25.05 -22.45
CA ARG D 195 -61.90 -25.16 -21.03
C ARG D 195 -63.23 -24.98 -20.31
N LYS D 196 -63.38 -25.66 -19.17
CA LYS D 196 -64.54 -25.52 -18.30
C LYS D 196 -64.14 -24.75 -17.04
N TYR D 197 -64.86 -23.67 -16.75
CA TYR D 197 -64.48 -22.73 -15.70
C TYR D 197 -65.26 -22.99 -14.42
N GLU D 198 -65.12 -22.08 -13.46
CA GLU D 198 -65.58 -22.36 -12.11
C GLU D 198 -67.03 -21.95 -11.90
N CYS D 199 -67.46 -20.85 -12.53
CA CYS D 199 -68.77 -20.27 -12.28
C CYS D 199 -69.89 -21.13 -12.85
N CYS D 200 -69.82 -21.38 -14.14
CA CYS D 200 -70.97 -21.75 -14.92
C CYS D 200 -70.71 -23.14 -15.46
N ALA D 201 -71.76 -23.83 -15.88
CA ALA D 201 -71.61 -25.25 -16.19
C ALA D 201 -71.44 -25.52 -17.66
N GLU D 202 -71.45 -24.48 -18.48
CA GLU D 202 -71.14 -24.63 -19.89
C GLU D 202 -69.64 -24.55 -20.09
N ILE D 203 -69.18 -25.03 -21.25
CA ILE D 203 -67.76 -24.99 -21.55
C ILE D 203 -67.51 -23.83 -22.50
N TYR D 204 -66.26 -23.38 -22.55
CA TYR D 204 -65.97 -22.16 -23.28
C TYR D 204 -64.78 -22.39 -24.20
N PRO D 205 -64.87 -22.00 -25.47
CA PRO D 205 -63.74 -22.16 -26.37
C PRO D 205 -62.83 -20.96 -26.24
N ASP D 206 -61.58 -21.14 -26.66
CA ASP D 206 -60.56 -20.10 -26.73
C ASP D 206 -59.45 -20.56 -27.65
N ILE D 207 -58.63 -19.63 -28.09
CA ILE D 207 -57.55 -19.90 -29.02
C ILE D 207 -56.26 -19.38 -28.43
N THR D 208 -55.28 -20.25 -28.26
CA THR D 208 -54.02 -19.87 -27.64
C THR D 208 -52.97 -19.75 -28.72
N TYR D 209 -52.35 -18.58 -28.85
CA TYR D 209 -51.26 -18.40 -29.78
C TYR D 209 -49.94 -18.51 -29.05
N ALA D 210 -48.98 -19.15 -29.70
CA ALA D 210 -47.65 -19.36 -29.12
C ALA D 210 -46.62 -18.76 -30.05
N PHE D 211 -45.68 -18.01 -29.47
CA PHE D 211 -44.66 -17.26 -30.19
C PHE D 211 -43.31 -17.75 -29.72
N VAL D 212 -42.53 -18.33 -30.61
CA VAL D 212 -41.22 -18.87 -30.27
C VAL D 212 -40.19 -18.01 -30.95
N ILE D 213 -39.46 -17.22 -30.14
CA ILE D 213 -38.53 -16.21 -30.64
C ILE D 213 -37.13 -16.40 -30.05
N ARG D 214 -36.11 -16.21 -30.89
CA ARG D 214 -34.73 -16.28 -30.45
C ARG D 214 -34.14 -14.89 -30.38
N ARG D 215 -33.01 -14.80 -29.72
CA ARG D 215 -32.29 -13.55 -29.60
C ARG D 215 -31.03 -13.64 -30.43
N LEU D 216 -30.83 -12.70 -31.34
CA LEU D 216 -29.58 -12.60 -32.08
C LEU D 216 -28.50 -12.11 -31.13
N PRO D 217 -27.44 -12.89 -30.89
CA PRO D 217 -26.66 -12.71 -29.66
C PRO D 217 -25.41 -11.88 -29.74
N LEU D 218 -25.15 -11.12 -30.80
CA LEU D 218 -23.81 -10.57 -31.00
C LEU D 218 -23.57 -9.32 -30.14
N PHE D 219 -24.63 -8.62 -29.74
CA PHE D 219 -24.44 -7.38 -29.00
C PHE D 219 -24.04 -7.60 -27.56
N TYR D 220 -24.68 -8.57 -26.93
CA TYR D 220 -24.28 -8.91 -25.58
C TYR D 220 -23.01 -9.76 -25.58
N THR D 221 -22.67 -10.38 -26.71
CA THR D 221 -21.38 -11.05 -26.82
C THR D 221 -20.25 -10.06 -26.89
N ILE D 222 -20.40 -9.02 -27.69
CA ILE D 222 -19.31 -8.07 -27.84
C ILE D 222 -19.28 -7.05 -26.70
N ASN D 223 -20.33 -6.94 -25.90
CA ASN D 223 -20.29 -5.93 -24.85
C ASN D 223 -20.40 -6.44 -23.43
N LEU D 224 -20.56 -7.74 -23.20
CA LEU D 224 -20.70 -8.19 -21.82
C LEU D 224 -19.83 -9.38 -21.45
N ILE D 225 -19.68 -10.37 -22.31
CA ILE D 225 -18.94 -11.56 -21.89
C ILE D 225 -17.51 -11.53 -22.41
N ILE D 226 -17.23 -10.67 -23.38
CA ILE D 226 -15.83 -10.37 -23.72
C ILE D 226 -15.08 -9.65 -22.61
N PRO D 227 -15.60 -8.52 -21.95
CA PRO D 227 -14.82 -7.98 -20.82
C PRO D 227 -14.85 -8.81 -19.55
N CYS D 228 -15.91 -9.58 -19.33
CA CYS D 228 -16.00 -10.44 -18.15
C CYS D 228 -15.07 -11.65 -18.28
N LEU D 229 -15.06 -12.29 -19.46
CA LEU D 229 -14.16 -13.40 -19.70
C LEU D 229 -12.73 -12.93 -19.94
N LEU D 230 -12.54 -11.66 -20.29
CA LEU D 230 -11.21 -11.15 -20.50
C LEU D 230 -10.54 -10.78 -19.19
N ILE D 231 -11.27 -10.25 -18.21
CA ILE D 231 -10.67 -10.03 -16.89
C ILE D 231 -10.79 -11.26 -16.01
N SER D 232 -11.46 -12.31 -16.46
CA SER D 232 -11.48 -13.55 -15.71
C SER D 232 -10.21 -14.39 -15.87
N CYS D 233 -9.33 -14.05 -16.80
CA CYS D 233 -8.06 -14.75 -16.92
C CYS D 233 -6.97 -14.08 -16.09
N LEU D 234 -7.30 -13.00 -15.40
CA LEU D 234 -6.39 -12.31 -14.52
C LEU D 234 -6.50 -12.75 -13.08
N THR D 235 -7.26 -13.80 -12.80
CA THR D 235 -7.50 -14.14 -11.40
C THR D 235 -6.39 -15.02 -10.87
N VAL D 236 -5.80 -15.83 -11.73
CA VAL D 236 -4.81 -16.82 -11.32
C VAL D 236 -3.40 -16.25 -11.44
N LEU D 237 -3.26 -14.99 -11.78
CA LEU D 237 -1.99 -14.43 -12.19
C LEU D 237 -1.13 -13.95 -11.04
N VAL D 238 -1.73 -13.68 -9.87
CA VAL D 238 -1.06 -12.96 -8.79
C VAL D 238 -0.05 -13.85 -8.07
N PHE D 239 -0.15 -15.16 -8.24
CA PHE D 239 0.83 -16.08 -7.70
C PHE D 239 2.11 -16.08 -8.52
N TYR D 240 2.05 -15.64 -9.77
CA TYR D 240 3.29 -15.58 -10.53
C TYR D 240 4.14 -14.37 -10.18
N LEU D 241 3.54 -13.38 -9.61
CA LEU D 241 4.12 -12.09 -9.26
C LEU D 241 4.95 -12.22 -7.98
N PRO D 242 6.19 -11.73 -7.96
CA PRO D 242 7.07 -11.99 -6.81
C PRO D 242 6.77 -11.09 -5.63
N SER D 243 6.91 -11.63 -4.42
CA SER D 243 6.29 -11.04 -3.24
C SER D 243 7.04 -9.88 -2.64
N GLU D 244 8.25 -9.59 -3.11
CA GLU D 244 8.92 -8.38 -2.66
C GLU D 244 8.72 -7.21 -3.62
N CYS D 245 7.71 -7.26 -4.47
CA CYS D 245 7.36 -6.11 -5.30
C CYS D 245 6.47 -5.14 -4.53
N GLY D 246 5.49 -5.68 -3.82
CA GLY D 246 4.58 -4.85 -3.05
C GLY D 246 3.32 -4.54 -3.84
N GLU D 247 3.00 -5.39 -4.81
CA GLU D 247 1.92 -5.11 -5.74
C GLU D 247 0.98 -6.29 -5.93
N LYS D 248 0.79 -7.14 -4.93
CA LYS D 248 -0.05 -8.30 -5.13
C LYS D 248 -1.52 -7.98 -4.82
N ILE D 249 -1.74 -7.28 -3.71
CA ILE D 249 -3.11 -7.17 -3.24
C ILE D 249 -3.84 -6.02 -3.91
N THR D 250 -3.10 -5.15 -4.61
CA THR D 250 -3.66 -4.25 -5.62
C THR D 250 -4.37 -5.02 -6.73
N LEU D 251 -3.75 -6.11 -7.17
CA LEU D 251 -4.31 -6.92 -8.24
C LEU D 251 -5.49 -7.76 -7.76
N CYS D 252 -5.43 -8.26 -6.52
CA CYS D 252 -6.55 -9.05 -6.00
C CYS D 252 -7.78 -8.19 -5.68
N ILE D 253 -7.55 -6.98 -5.17
CA ILE D 253 -8.64 -6.06 -4.86
C ILE D 253 -9.30 -5.51 -6.13
N SER D 254 -8.50 -5.24 -7.16
CA SER D 254 -9.05 -4.72 -8.42
C SER D 254 -9.84 -5.77 -9.20
N VAL D 255 -9.41 -7.04 -9.14
CA VAL D 255 -10.15 -8.10 -9.80
C VAL D 255 -11.45 -8.43 -9.06
N LEU D 256 -11.44 -8.38 -7.71
CA LEU D 256 -12.64 -8.65 -6.92
C LEU D 256 -13.70 -7.56 -7.07
N LEU D 257 -13.25 -6.31 -7.16
CA LEU D 257 -14.21 -5.23 -7.28
C LEU D 257 -14.73 -5.10 -8.71
N SER D 258 -13.95 -5.55 -9.70
CA SER D 258 -14.44 -5.49 -11.06
C SER D 258 -15.45 -6.61 -11.35
N LEU D 259 -15.28 -7.79 -10.74
CA LEU D 259 -16.30 -8.83 -10.89
C LEU D 259 -17.55 -8.51 -10.08
N THR D 260 -17.41 -7.74 -9.00
CA THR D 260 -18.58 -7.33 -8.24
C THR D 260 -19.42 -6.29 -8.99
N VAL D 261 -18.75 -5.42 -9.77
CA VAL D 261 -19.45 -4.46 -10.63
C VAL D 261 -20.15 -5.15 -11.80
N PHE D 262 -19.54 -6.22 -12.32
CA PHE D 262 -20.16 -6.94 -13.44
C PHE D 262 -21.35 -7.80 -13.00
N LEU D 263 -21.32 -8.32 -11.77
CA LEU D 263 -22.49 -9.03 -11.27
C LEU D 263 -23.62 -8.08 -10.89
N LEU D 264 -23.28 -6.90 -10.35
CA LEU D 264 -24.34 -5.96 -10.05
C LEU D 264 -24.82 -5.15 -11.24
N LEU D 265 -24.21 -5.34 -12.41
CA LEU D 265 -24.77 -4.79 -13.63
C LEU D 265 -25.52 -5.85 -14.43
N ILE D 266 -25.20 -7.14 -14.24
CA ILE D 266 -25.98 -8.18 -14.91
C ILE D 266 -27.27 -8.46 -14.13
N THR D 267 -27.37 -7.99 -12.88
CA THR D 267 -28.67 -8.09 -12.21
C THR D 267 -29.72 -7.07 -12.66
N GLU D 268 -29.40 -6.16 -13.57
CA GLU D 268 -30.42 -5.31 -14.16
C GLU D 268 -31.27 -6.05 -15.19
N ILE D 269 -30.65 -6.74 -16.15
CA ILE D 269 -31.33 -7.15 -17.37
C ILE D 269 -32.18 -8.41 -17.17
N ILE D 270 -31.83 -9.28 -16.24
CA ILE D 270 -32.61 -10.49 -16.03
C ILE D 270 -33.80 -10.17 -15.13
N PRO D 271 -34.91 -10.92 -15.21
CA PRO D 271 -35.98 -10.73 -14.24
C PRO D 271 -35.63 -11.29 -12.89
N SER D 272 -36.36 -10.88 -11.86
CA SER D 272 -36.13 -11.36 -10.51
C SER D 272 -36.96 -12.60 -10.21
N THR D 273 -36.77 -13.67 -10.97
CA THR D 273 -37.43 -14.93 -10.67
C THR D 273 -36.54 -15.79 -9.78
N SER D 274 -37.10 -16.89 -9.32
CA SER D 274 -36.38 -17.77 -8.42
C SER D 274 -36.54 -19.24 -8.75
N LEU D 275 -36.96 -19.58 -9.96
CA LEU D 275 -36.99 -20.98 -10.34
C LEU D 275 -35.66 -21.42 -10.91
N VAL D 276 -34.99 -20.54 -11.63
CA VAL D 276 -33.72 -20.83 -12.28
C VAL D 276 -32.70 -19.82 -11.81
N ILE D 277 -31.44 -20.08 -12.13
CA ILE D 277 -30.42 -19.03 -12.16
C ILE D 277 -29.81 -18.98 -13.54
N PRO D 278 -29.42 -17.78 -13.99
CA PRO D 278 -28.78 -17.70 -15.31
C PRO D 278 -27.39 -18.26 -15.25
N LEU D 279 -26.91 -18.81 -16.35
CA LEU D 279 -25.68 -19.58 -16.30
C LEU D 279 -24.45 -18.70 -16.32
N ILE D 280 -24.58 -17.42 -16.64
CA ILE D 280 -23.46 -16.50 -16.54
C ILE D 280 -23.26 -16.08 -15.08
N GLY D 281 -24.33 -16.08 -14.29
CA GLY D 281 -24.24 -15.59 -12.93
C GLY D 281 -23.63 -16.59 -11.97
N GLU D 282 -23.75 -17.88 -12.30
CA GLU D 282 -23.11 -18.90 -11.49
C GLU D 282 -21.62 -18.93 -11.74
N TYR D 283 -21.20 -18.59 -12.96
CA TYR D 283 -19.77 -18.51 -13.27
C TYR D 283 -19.13 -17.29 -12.63
N LEU D 284 -19.87 -16.18 -12.58
CA LEU D 284 -19.37 -14.98 -11.91
C LEU D 284 -19.33 -15.16 -10.39
N LEU D 285 -20.25 -15.94 -9.84
CA LEU D 285 -20.23 -16.21 -8.42
C LEU D 285 -19.10 -17.15 -8.02
N PHE D 286 -18.79 -18.14 -8.88
CA PHE D 286 -17.69 -19.05 -8.55
C PHE D 286 -16.34 -18.39 -8.75
N THR D 287 -16.27 -17.40 -9.65
CA THR D 287 -15.04 -16.66 -9.83
C THR D 287 -14.81 -15.68 -8.67
N MET D 288 -15.90 -15.16 -8.09
CA MET D 288 -15.76 -14.28 -6.93
C MET D 288 -15.39 -15.06 -5.66
N ILE D 289 -15.85 -16.32 -5.56
CA ILE D 289 -15.46 -17.20 -4.46
C ILE D 289 -13.97 -17.56 -4.52
N PHE D 290 -13.47 -17.84 -5.74
CA PHE D 290 -12.06 -18.20 -5.84
C PHE D 290 -11.14 -17.00 -5.77
N VAL D 291 -11.65 -15.80 -6.03
CA VAL D 291 -10.81 -14.61 -5.88
C VAL D 291 -10.67 -14.21 -4.40
N THR D 292 -11.73 -14.40 -3.59
CA THR D 292 -11.54 -14.08 -2.16
C THR D 292 -10.79 -15.19 -1.41
N LEU D 293 -10.76 -16.41 -1.97
CA LEU D 293 -9.83 -17.40 -1.43
C LEU D 293 -8.39 -17.09 -1.83
N SER D 294 -8.21 -16.45 -2.99
CA SER D 294 -6.89 -16.03 -3.42
C SER D 294 -6.34 -14.89 -2.59
N ILE D 295 -7.19 -13.99 -2.10
CA ILE D 295 -6.67 -12.87 -1.31
C ILE D 295 -6.35 -13.32 0.13
N VAL D 296 -7.05 -14.36 0.64
CA VAL D 296 -6.71 -14.92 1.96
C VAL D 296 -5.39 -15.70 1.91
N ILE D 297 -5.15 -16.40 0.79
CA ILE D 297 -3.91 -17.15 0.61
C ILE D 297 -2.71 -16.23 0.36
N THR D 298 -2.90 -15.13 -0.39
CA THR D 298 -1.74 -14.26 -0.60
C THR D 298 -1.47 -13.33 0.57
N VAL D 299 -2.41 -13.13 1.51
CA VAL D 299 -2.02 -12.39 2.70
C VAL D 299 -1.33 -13.33 3.70
N PHE D 300 -1.56 -14.65 3.58
CA PHE D 300 -0.74 -15.60 4.35
C PHE D 300 0.68 -15.70 3.78
N VAL D 301 0.81 -15.56 2.46
CA VAL D 301 2.12 -15.63 1.80
C VAL D 301 2.97 -14.40 2.13
N LEU D 302 2.34 -13.23 2.18
CA LEU D 302 3.06 -12.03 2.64
C LEU D 302 3.31 -12.02 4.14
N ASN D 303 2.53 -12.77 4.92
CA ASN D 303 2.89 -12.92 6.33
C ASN D 303 4.10 -13.84 6.51
N VAL D 304 4.25 -14.82 5.61
CA VAL D 304 5.39 -15.75 5.67
C VAL D 304 6.68 -15.06 5.27
N HIS D 305 6.62 -14.24 4.21
CA HIS D 305 7.81 -13.76 3.50
C HIS D 305 8.62 -12.75 4.30
N HIS D 306 7.96 -11.90 5.07
CA HIS D 306 8.72 -10.87 5.76
C HIS D 306 9.20 -11.28 7.14
N ARG D 307 9.14 -12.56 7.51
CA ARG D 307 9.57 -12.96 8.83
C ARG D 307 11.09 -13.08 8.91
N SER D 308 11.61 -13.29 10.12
CA SER D 308 13.01 -13.03 10.42
C SER D 308 13.41 -13.97 11.54
N PRO D 309 14.71 -14.31 11.68
CA PRO D 309 15.12 -15.26 12.73
C PRO D 309 15.01 -14.78 14.17
N ARG D 310 15.21 -13.49 14.44
CA ARG D 310 15.15 -13.05 15.83
C ARG D 310 13.71 -12.72 16.23
N THR D 311 12.90 -12.32 15.25
CA THR D 311 11.50 -12.04 15.51
C THR D 311 10.69 -13.32 15.62
N HIS D 312 10.86 -14.24 14.69
CA HIS D 312 10.05 -15.45 14.66
C HIS D 312 10.94 -16.68 14.55
N THR D 313 10.35 -17.87 14.73
CA THR D 313 11.15 -19.13 14.65
C THR D 313 10.29 -20.36 14.34
N MET D 314 9.53 -20.31 13.25
CA MET D 314 8.54 -21.38 12.90
C MET D 314 9.12 -22.53 12.07
N PRO D 315 10.24 -22.38 11.32
CA PRO D 315 10.74 -23.50 10.51
C PRO D 315 11.58 -24.55 11.28
N THR D 316 10.98 -25.18 12.29
CA THR D 316 11.68 -26.24 13.07
C THR D 316 11.91 -27.46 12.17
N TRP D 317 10.88 -27.92 11.45
CA TRP D 317 11.04 -29.13 10.61
C TRP D 317 10.72 -28.81 9.15
N VAL D 318 10.35 -27.56 8.86
CA VAL D 318 10.00 -27.15 7.46
C VAL D 318 11.19 -27.46 6.55
N ARG D 319 12.40 -27.20 7.04
CA ARG D 319 13.66 -27.44 6.28
C ARG D 319 13.65 -28.82 5.62
N ARG D 320 13.06 -29.84 6.28
CA ARG D 320 13.07 -31.17 5.67
C ARG D 320 11.96 -31.31 4.64
N VAL D 321 10.79 -30.73 4.94
CA VAL D 321 9.61 -30.87 4.10
C VAL D 321 9.76 -30.06 2.83
N PHE D 322 10.17 -28.79 2.96
CA PHE D 322 10.19 -27.97 1.76
C PHE D 322 11.46 -28.17 0.94
N LEU D 323 12.54 -28.66 1.56
CA LEU D 323 13.67 -29.11 0.74
C LEU D 323 13.49 -30.53 0.21
N ASP D 324 12.46 -31.26 0.67
CA ASP D 324 12.00 -32.44 -0.04
C ASP D 324 11.06 -32.11 -1.19
N ILE D 325 10.25 -31.06 -1.05
CA ILE D 325 9.26 -30.70 -2.06
C ILE D 325 9.92 -30.13 -3.31
N VAL D 326 10.91 -29.26 -3.17
CA VAL D 326 11.48 -28.52 -4.31
C VAL D 326 12.11 -29.23 -5.53
N PRO D 327 12.56 -30.51 -5.52
CA PRO D 327 12.83 -31.13 -6.83
C PRO D 327 11.62 -31.81 -7.41
N ARG D 328 10.60 -32.10 -6.61
CA ARG D 328 9.35 -32.66 -7.14
C ARG D 328 8.49 -31.60 -7.80
N LEU D 329 8.78 -30.32 -7.54
CA LEU D 329 8.15 -29.21 -8.25
C LEU D 329 9.14 -28.42 -9.07
N LEU D 330 10.25 -29.06 -9.47
CA LEU D 330 11.16 -28.68 -10.55
C LEU D 330 11.89 -27.36 -10.31
N LEU D 331 12.26 -27.05 -9.07
CA LEU D 331 13.04 -25.86 -8.75
C LEU D 331 14.28 -26.34 -7.99
N MET D 332 15.30 -26.74 -8.76
CA MET D 332 16.61 -27.23 -8.30
C MET D 332 16.56 -28.39 -7.30
N ALA D 343 32.50 -31.90 -0.93
CA ALA D 343 31.41 -32.31 -0.05
C ALA D 343 30.27 -31.29 -0.03
N ASP D 344 29.49 -31.32 1.04
CA ASP D 344 28.26 -30.55 1.18
C ASP D 344 28.16 -30.20 2.65
N LEU D 345 27.57 -29.03 2.98
CA LEU D 345 27.27 -28.67 4.37
C LEU D 345 26.34 -29.67 5.03
N GLU D 346 25.13 -29.85 4.47
CA GLU D 346 24.06 -30.56 5.16
C GLU D 346 24.28 -32.07 5.15
N ASP D 347 25.11 -32.55 4.22
CA ASP D 347 25.60 -33.94 4.26
C ASP D 347 26.50 -34.18 5.46
N ASN D 348 27.25 -33.17 5.90
CA ASN D 348 28.04 -33.33 7.10
C ASN D 348 27.17 -33.24 8.33
N TRP D 349 26.06 -32.52 8.25
CA TRP D 349 25.10 -32.52 9.36
C TRP D 349 24.24 -33.78 9.34
N GLU D 350 24.24 -34.52 8.22
CA GLU D 350 23.64 -35.86 8.19
C GLU D 350 24.49 -36.87 8.98
N THR D 351 25.77 -36.57 9.18
CA THR D 351 26.56 -37.34 10.12
C THR D 351 26.66 -36.65 11.48
N LEU D 352 26.53 -35.32 11.52
CA LEU D 352 26.73 -34.62 12.79
C LEU D 352 25.50 -34.64 13.68
N ASN D 353 24.32 -34.87 13.11
CA ASN D 353 23.12 -34.90 13.97
C ASN D 353 23.01 -36.22 14.70
N ASP D 354 23.17 -37.32 13.97
CA ASP D 354 22.92 -38.64 14.55
C ASP D 354 24.10 -39.12 15.39
N ASN D 355 25.28 -38.52 15.20
CA ASN D 355 26.38 -38.80 16.09
C ASN D 355 26.36 -37.92 17.33
N LEU D 356 25.48 -36.91 17.37
CA LEU D 356 25.48 -36.04 18.55
C LEU D 356 24.61 -36.62 19.66
N LYS D 357 23.61 -37.42 19.28
CA LYS D 357 22.65 -37.87 20.27
C LYS D 357 23.02 -39.23 20.85
N VAL D 358 24.14 -39.81 20.40
CA VAL D 358 24.52 -41.16 20.84
C VAL D 358 25.50 -41.08 22.01
N ILE D 359 26.18 -39.95 22.15
CA ILE D 359 27.25 -39.82 23.15
C ILE D 359 26.67 -39.49 24.52
N GLU D 360 25.41 -39.05 24.57
CA GLU D 360 24.72 -38.54 25.75
C GLU D 360 24.49 -39.57 26.85
N LYS D 361 24.07 -40.79 26.49
CA LYS D 361 23.82 -41.81 27.51
C LYS D 361 24.62 -43.09 27.26
N ALA D 362 25.80 -42.99 26.64
CA ALA D 362 26.46 -44.16 26.07
C ALA D 362 27.20 -44.97 27.14
N ASP D 363 27.58 -46.20 26.76
CA ASP D 363 28.13 -47.13 27.73
C ASP D 363 29.63 -46.93 27.95
N ASN D 364 30.46 -47.24 26.97
CA ASN D 364 31.89 -47.28 27.24
C ASN D 364 32.60 -46.10 26.58
N ALA D 365 33.89 -46.00 26.88
CA ALA D 365 34.70 -44.84 26.50
C ALA D 365 35.01 -44.81 25.01
N ALA D 366 34.97 -45.96 24.33
CA ALA D 366 35.17 -45.95 22.89
C ALA D 366 33.91 -45.53 22.16
N GLN D 367 32.74 -45.67 22.82
CA GLN D 367 31.47 -45.24 22.21
C GLN D 367 31.34 -43.73 22.25
N VAL D 368 32.01 -43.11 23.22
CA VAL D 368 32.27 -41.69 23.11
C VAL D 368 33.27 -41.43 21.99
N LYS D 369 34.33 -42.23 21.92
CA LYS D 369 35.51 -41.88 21.14
C LYS D 369 35.32 -42.16 19.65
N ASP D 370 34.51 -43.14 19.31
CA ASP D 370 34.24 -43.40 17.89
C ASP D 370 33.28 -42.36 17.31
N ALA D 371 32.31 -41.92 18.10
CA ALA D 371 31.37 -40.91 17.60
C ALA D 371 31.98 -39.52 17.64
N LEU D 372 33.00 -39.32 18.47
CA LEU D 372 33.70 -38.03 18.47
C LEU D 372 34.65 -37.92 17.29
N THR D 373 35.11 -39.05 16.76
CA THR D 373 35.92 -39.00 15.54
C THR D 373 35.04 -38.77 14.32
N LYS D 374 33.78 -39.17 14.40
CA LYS D 374 32.85 -38.79 13.36
C LYS D 374 32.45 -37.33 13.51
N MET D 375 32.43 -36.83 14.74
CA MET D 375 31.97 -35.46 14.96
C MET D 375 33.04 -34.44 14.62
N ARG D 376 34.31 -34.81 14.76
CA ARG D 376 35.38 -33.85 14.46
C ARG D 376 35.64 -33.80 12.96
N ALA D 377 35.60 -34.94 12.29
CA ALA D 377 36.09 -35.01 10.92
C ALA D 377 35.05 -34.49 9.94
N ALA D 378 33.79 -34.46 10.36
CA ALA D 378 32.78 -33.82 9.53
C ALA D 378 32.72 -32.33 9.78
N ALA D 379 33.33 -31.88 10.88
CA ALA D 379 33.23 -30.48 11.23
C ALA D 379 34.23 -29.64 10.44
N LEU D 380 35.39 -30.22 10.11
CA LEU D 380 36.38 -29.45 9.36
C LEU D 380 36.02 -29.38 7.89
N ASP D 381 35.33 -30.41 7.39
CA ASP D 381 34.94 -30.41 5.98
C ASP D 381 33.76 -29.49 5.73
N ALA D 382 32.95 -29.25 6.75
CA ALA D 382 31.87 -28.28 6.62
C ALA D 382 32.41 -26.86 6.73
N GLN D 383 33.53 -26.70 7.44
CA GLN D 383 34.19 -25.42 7.61
C GLN D 383 34.78 -24.90 6.30
N LYS D 384 35.18 -25.80 5.41
CA LYS D 384 35.66 -25.40 4.09
C LYS D 384 34.54 -24.95 3.17
N ALA D 385 33.29 -25.31 3.48
CA ALA D 385 32.18 -25.13 2.56
C ALA D 385 31.65 -23.70 2.59
N THR D 386 30.56 -23.51 1.85
CA THR D 386 29.90 -22.23 1.71
C THR D 386 28.43 -22.47 1.98
N PRO D 387 27.79 -21.69 2.86
CA PRO D 387 26.36 -21.83 3.05
C PRO D 387 25.61 -21.26 1.85
N PRO D 388 24.44 -21.83 1.51
CA PRO D 388 23.79 -21.45 0.24
C PRO D 388 23.14 -20.08 0.23
N LYS D 389 22.79 -19.50 1.37
CA LYS D 389 22.23 -18.15 1.36
C LYS D 389 23.28 -17.06 1.22
N LEU D 390 24.56 -17.39 1.37
CA LEU D 390 25.67 -16.46 1.19
C LEU D 390 26.54 -16.95 0.06
N GLU D 391 25.91 -17.31 -1.06
CA GLU D 391 26.61 -17.94 -2.17
C GLU D 391 27.40 -16.94 -3.00
N ASP D 392 26.90 -15.73 -3.19
CA ASP D 392 27.42 -14.82 -4.19
C ASP D 392 28.54 -13.90 -3.70
N LYS D 393 29.09 -14.13 -2.52
CA LYS D 393 30.09 -13.23 -1.99
C LYS D 393 31.49 -13.78 -2.20
N SER D 394 32.48 -13.09 -1.65
CA SER D 394 33.92 -13.08 -1.53
C SER D 394 34.37 -14.10 -0.49
N PRO D 395 35.61 -14.59 -0.55
CA PRO D 395 36.13 -15.35 0.58
C PRO D 395 36.39 -14.51 1.82
N ASP D 396 36.77 -13.24 1.64
CA ASP D 396 37.05 -12.39 2.79
C ASP D 396 35.88 -11.49 3.18
N SER D 397 34.65 -11.99 3.04
CA SER D 397 33.47 -11.30 3.53
C SER D 397 33.46 -11.32 5.06
N PRO D 398 32.80 -10.34 5.70
CA PRO D 398 32.74 -10.34 7.18
C PRO D 398 31.90 -11.44 7.80
N GLU D 399 30.91 -11.97 7.09
CA GLU D 399 30.15 -13.09 7.67
C GLU D 399 30.83 -14.41 7.39
N MET D 400 31.63 -14.46 6.32
CA MET D 400 32.24 -15.73 5.93
C MET D 400 33.43 -16.05 6.81
N LYS D 401 34.14 -15.04 7.32
CA LYS D 401 35.06 -15.23 8.43
C LYS D 401 34.29 -15.58 9.69
N ASP D 402 33.10 -14.98 9.86
CA ASP D 402 32.28 -15.25 11.04
C ASP D 402 31.58 -16.60 10.93
N PHE D 403 31.47 -17.13 9.70
CA PHE D 403 31.28 -18.57 9.53
C PHE D 403 32.55 -19.33 9.92
N ARG D 404 33.70 -18.89 9.42
CA ARG D 404 34.89 -19.74 9.48
C ARG D 404 35.59 -19.68 10.84
N HIS D 405 35.31 -18.67 11.66
CA HIS D 405 35.74 -18.77 13.05
C HIS D 405 34.60 -19.30 13.90
N GLY D 406 33.42 -19.46 13.31
CA GLY D 406 32.31 -20.02 14.04
C GLY D 406 32.32 -21.53 14.03
N PHE D 407 33.20 -22.13 13.24
CA PHE D 407 33.41 -23.56 13.38
C PHE D 407 34.67 -23.84 14.17
N ASP D 408 35.43 -22.81 14.53
CA ASP D 408 36.55 -23.00 15.44
C ASP D 408 36.06 -23.20 16.86
N ILE D 409 34.90 -22.60 17.17
CA ILE D 409 34.26 -22.76 18.47
C ILE D 409 33.74 -24.18 18.62
N LEU D 410 33.28 -24.77 17.53
CA LEU D 410 32.64 -26.08 17.62
C LEU D 410 33.67 -27.19 17.71
N VAL D 411 34.79 -27.07 17.00
CA VAL D 411 35.90 -28.01 17.19
C VAL D 411 36.60 -27.73 18.52
N GLY D 412 36.57 -26.47 18.97
CA GLY D 412 37.04 -26.18 20.31
C GLY D 412 36.10 -26.66 21.41
N GLN D 413 34.81 -26.81 21.08
CA GLN D 413 33.92 -27.45 22.04
C GLN D 413 33.71 -28.91 21.71
N ILE D 414 34.39 -29.39 20.66
CA ILE D 414 34.74 -30.81 20.61
C ILE D 414 35.93 -31.06 21.53
N ASP D 415 36.85 -30.08 21.59
CA ASP D 415 38.16 -30.20 22.26
C ASP D 415 38.07 -30.28 23.78
N ASP D 416 36.92 -29.92 24.36
CA ASP D 416 36.69 -30.14 25.78
C ASP D 416 36.54 -31.61 26.09
N ALA D 417 35.74 -32.33 25.30
CA ALA D 417 35.42 -33.71 25.64
C ALA D 417 36.37 -34.71 24.97
N LEU D 418 37.47 -34.22 24.40
CA LEU D 418 38.43 -35.13 23.80
C LEU D 418 39.34 -35.78 24.83
N LYS D 419 40.01 -34.97 25.66
CA LYS D 419 41.00 -35.53 26.57
C LYS D 419 40.36 -36.11 27.83
N LEU D 420 39.08 -35.81 28.07
CA LEU D 420 38.35 -36.51 29.12
C LEU D 420 37.97 -37.91 28.66
N ALA D 421 37.86 -38.10 27.35
CA ALA D 421 37.48 -39.40 26.80
C ALA D 421 38.66 -40.37 26.76
N ASN D 422 39.88 -39.87 26.96
CA ASN D 422 41.01 -40.74 27.22
C ASN D 422 40.96 -41.30 28.64
N GLU D 423 40.32 -40.59 29.56
CA GLU D 423 40.34 -40.92 30.97
C GLU D 423 39.33 -41.99 31.36
N GLY D 424 38.45 -42.39 30.45
CA GLY D 424 37.47 -43.41 30.77
C GLY D 424 36.25 -42.92 31.51
N LYS D 425 36.08 -41.60 31.65
CA LYS D 425 34.95 -41.03 32.39
C LYS D 425 33.72 -41.09 31.51
N VAL D 426 32.74 -41.89 31.93
CA VAL D 426 31.47 -42.00 31.21
C VAL D 426 30.62 -40.78 31.48
N LYS D 427 30.80 -40.16 32.65
CA LYS D 427 30.02 -38.98 33.00
C LYS D 427 30.55 -37.73 32.31
N GLU D 428 31.86 -37.48 32.39
CA GLU D 428 32.40 -36.14 32.12
C GLU D 428 32.52 -35.86 30.63
N ALA D 429 32.41 -36.91 29.80
CA ALA D 429 32.37 -36.73 28.36
C ALA D 429 31.05 -36.12 27.91
N GLN D 430 29.94 -36.74 28.31
CA GLN D 430 28.64 -36.29 27.83
C GLN D 430 28.15 -35.07 28.58
N ALA D 431 28.64 -34.86 29.80
CA ALA D 431 28.20 -33.72 30.58
C ALA D 431 28.86 -32.43 30.12
N ALA D 432 30.04 -32.55 29.50
CA ALA D 432 30.68 -31.36 28.95
C ALA D 432 30.26 -31.14 27.51
N ALA D 433 29.56 -32.12 26.93
CA ALA D 433 29.17 -32.02 25.52
C ALA D 433 27.70 -31.66 25.38
N GLU D 434 27.15 -30.89 26.31
CA GLU D 434 25.75 -30.52 26.21
C GLU D 434 25.57 -29.19 25.51
N GLN D 435 26.67 -28.54 25.16
CA GLN D 435 26.57 -27.22 24.52
C GLN D 435 26.60 -27.33 23.01
N LEU D 436 26.58 -28.55 22.47
CA LEU D 436 26.65 -28.74 21.02
C LEU D 436 25.34 -28.39 20.34
N LYS D 437 24.23 -28.53 21.06
CA LYS D 437 22.94 -28.23 20.47
C LYS D 437 22.69 -26.73 20.48
N THR D 438 23.37 -25.99 21.36
CA THR D 438 23.28 -24.54 21.33
C THR D 438 24.08 -23.96 20.17
N THR D 439 25.15 -24.65 19.78
CA THR D 439 26.04 -24.11 18.76
C THR D 439 25.60 -24.57 17.37
N ARG D 440 24.67 -25.50 17.30
CA ARG D 440 23.99 -25.75 16.03
C ARG D 440 22.94 -24.69 15.78
N ASN D 441 22.41 -24.11 16.86
CA ASN D 441 21.39 -23.08 16.75
C ASN D 441 21.97 -21.76 16.26
N ALA D 442 23.23 -21.48 16.62
CA ALA D 442 23.83 -20.21 16.25
C ALA D 442 24.31 -20.16 14.81
N TYR D 443 24.38 -21.30 14.12
CA TYR D 443 24.72 -21.34 12.70
C TYR D 443 23.67 -22.19 12.00
N ILE D 444 22.54 -21.52 11.72
CA ILE D 444 21.36 -22.07 11.07
C ILE D 444 21.24 -21.36 9.73
N GLN D 445 22.37 -20.91 9.21
CA GLN D 445 22.40 -19.89 8.19
C GLN D 445 22.60 -20.51 6.82
N ASP D 449 16.17 -18.16 4.59
CA ASP D 449 15.36 -19.37 4.66
C ASP D 449 13.87 -19.10 4.78
N TRP D 450 13.45 -17.88 5.17
CA TRP D 450 12.04 -17.56 5.03
C TRP D 450 11.73 -16.98 3.66
N LYS D 451 12.70 -16.33 3.05
CA LYS D 451 12.43 -15.69 1.77
C LYS D 451 12.49 -16.70 0.63
N TYR D 452 13.08 -17.86 0.86
CA TYR D 452 13.04 -18.92 -0.13
C TYR D 452 11.77 -19.73 -0.02
N VAL D 453 11.22 -19.82 1.19
CA VAL D 453 10.10 -20.74 1.41
C VAL D 453 8.78 -20.07 1.04
N ALA D 454 8.81 -18.76 0.75
CA ALA D 454 7.63 -18.11 0.19
C ALA D 454 7.72 -18.02 -1.34
N MET D 455 8.61 -18.82 -1.93
CA MET D 455 8.47 -19.13 -3.35
C MET D 455 7.86 -20.51 -3.51
N VAL D 456 8.12 -21.39 -2.56
CA VAL D 456 7.76 -22.79 -2.68
C VAL D 456 6.28 -22.98 -2.41
N ILE D 457 5.76 -22.23 -1.44
CA ILE D 457 4.33 -22.28 -1.15
C ILE D 457 3.56 -21.42 -2.14
N ASP D 458 4.26 -20.54 -2.86
CA ASP D 458 3.65 -19.71 -3.87
C ASP D 458 3.46 -20.50 -5.16
N ARG D 459 4.38 -21.39 -5.46
CA ARG D 459 4.38 -22.03 -6.77
C ARG D 459 3.43 -23.21 -6.82
N ILE D 460 3.12 -23.80 -5.67
CA ILE D 460 2.25 -24.96 -5.68
C ILE D 460 0.79 -24.56 -5.77
N PHE D 461 0.46 -23.32 -5.41
CA PHE D 461 -0.92 -22.87 -5.52
C PHE D 461 -1.24 -22.44 -6.94
N LEU D 462 -0.21 -22.04 -7.69
CA LEU D 462 -0.41 -21.74 -9.10
C LEU D 462 -0.59 -23.03 -9.90
N TRP D 463 -0.05 -24.14 -9.41
CA TRP D 463 -0.41 -25.43 -9.98
C TRP D 463 -1.49 -26.12 -9.17
N MET D 464 -2.19 -25.36 -8.34
CA MET D 464 -3.43 -25.88 -7.78
C MET D 464 -4.64 -25.10 -8.27
N PHE D 465 -4.53 -23.77 -8.35
CA PHE D 465 -5.67 -22.97 -8.78
C PHE D 465 -5.89 -23.01 -10.29
N ILE D 466 -4.88 -23.41 -11.06
CA ILE D 466 -5.06 -23.51 -12.50
C ILE D 466 -5.73 -24.83 -12.85
N ILE D 467 -5.74 -25.77 -11.91
CA ILE D 467 -6.55 -26.98 -12.06
C ILE D 467 -8.02 -26.63 -11.85
N VAL D 468 -8.31 -25.80 -10.84
CA VAL D 468 -9.70 -25.53 -10.45
C VAL D 468 -10.34 -24.55 -11.44
N CYS D 469 -9.56 -23.58 -11.94
CA CYS D 469 -10.11 -22.58 -12.85
C CYS D 469 -10.35 -23.16 -14.23
N LEU D 470 -9.59 -24.18 -14.61
CA LEU D 470 -9.82 -24.79 -15.91
C LEU D 470 -10.94 -25.83 -15.84
N LEU D 471 -10.98 -26.60 -14.76
CA LEU D 471 -11.96 -27.67 -14.69
C LEU D 471 -13.28 -27.17 -14.12
N GLY D 472 -13.28 -25.95 -13.60
CA GLY D 472 -14.53 -25.38 -13.10
C GLY D 472 -15.43 -24.88 -14.20
N THR D 473 -14.84 -24.30 -15.25
CA THR D 473 -15.61 -23.82 -16.39
C THR D 473 -16.13 -24.97 -17.23
N VAL D 474 -15.36 -26.05 -17.28
CA VAL D 474 -15.81 -27.28 -17.92
C VAL D 474 -16.85 -27.96 -17.04
N GLY D 475 -16.77 -27.76 -15.74
CA GLY D 475 -17.79 -28.21 -14.80
C GLY D 475 -19.11 -27.47 -14.86
N LEU D 476 -19.19 -26.33 -15.56
CA LEU D 476 -20.47 -25.68 -15.83
C LEU D 476 -21.04 -26.05 -17.18
N PHE D 477 -20.30 -25.79 -18.25
CA PHE D 477 -20.90 -25.63 -19.57
C PHE D 477 -21.07 -26.95 -20.33
N LEU D 478 -20.62 -28.05 -19.77
CA LEU D 478 -20.51 -29.27 -20.58
C LEU D 478 -21.79 -30.07 -20.85
N PRO D 479 -22.79 -30.24 -19.95
CA PRO D 479 -24.08 -30.86 -20.41
C PRO D 479 -24.92 -30.06 -21.40
N PRO D 480 -24.88 -28.70 -21.51
CA PRO D 480 -25.57 -28.11 -22.68
C PRO D 480 -24.90 -28.27 -24.03
N TRP D 481 -23.66 -28.76 -24.09
CA TRP D 481 -22.97 -28.80 -25.37
C TRP D 481 -22.55 -30.22 -25.74
N ASP E 2 -85.37 -13.22 -33.05
CA ASP E 2 -86.47 -12.27 -33.19
C ASP E 2 -87.24 -12.06 -31.89
N THR E 3 -87.53 -13.16 -31.19
CA THR E 3 -88.19 -13.07 -29.90
C THR E 3 -87.26 -12.53 -28.83
N GLU E 4 -85.96 -12.77 -29.01
CA GLU E 4 -84.92 -12.10 -28.23
C GLU E 4 -84.90 -10.60 -28.49
N GLU E 5 -85.20 -10.19 -29.71
CA GLU E 5 -85.27 -8.76 -30.02
C GLU E 5 -86.51 -8.12 -29.42
N ARG E 6 -87.61 -8.86 -29.37
CA ARG E 6 -88.84 -8.29 -28.80
C ARG E 6 -88.75 -8.22 -27.29
N LEU E 7 -87.99 -9.14 -26.70
CA LEU E 7 -87.75 -9.08 -25.26
C LEU E 7 -86.78 -7.96 -24.89
N VAL E 8 -85.74 -7.73 -25.70
CA VAL E 8 -84.76 -6.70 -25.38
C VAL E 8 -85.34 -5.31 -25.64
N GLU E 9 -86.27 -5.21 -26.59
CA GLU E 9 -87.01 -3.97 -26.76
C GLU E 9 -88.06 -3.77 -25.67
N HIS E 10 -88.61 -4.85 -25.11
CA HIS E 10 -89.59 -4.71 -24.04
C HIS E 10 -88.94 -4.35 -22.70
N LEU E 11 -87.75 -4.86 -22.44
CA LEU E 11 -87.14 -4.70 -21.12
C LEU E 11 -86.51 -3.34 -20.92
N LEU E 12 -85.98 -2.74 -21.98
CA LEU E 12 -85.31 -1.45 -21.82
C LEU E 12 -86.05 -0.32 -22.48
N ASP E 13 -87.35 -0.27 -22.32
CA ASP E 13 -88.15 0.88 -22.71
C ASP E 13 -87.80 2.06 -21.81
N PRO E 14 -87.34 3.19 -22.36
CA PRO E 14 -86.92 4.30 -21.50
C PRO E 14 -88.05 5.12 -20.93
N SER E 15 -89.29 4.88 -21.35
CA SER E 15 -90.41 5.37 -20.57
C SER E 15 -90.64 4.48 -19.37
N ARG E 16 -90.38 3.19 -19.51
CA ARG E 16 -90.65 2.24 -18.44
C ARG E 16 -89.53 2.22 -17.42
N TYR E 17 -88.30 2.21 -17.90
CA TYR E 17 -87.13 1.87 -17.11
C TYR E 17 -86.22 3.08 -17.03
N ASN E 18 -86.21 3.74 -15.89
CA ASN E 18 -85.22 4.76 -15.64
C ASN E 18 -84.09 4.16 -14.84
N LYS E 19 -82.88 4.18 -15.38
CA LYS E 19 -81.77 3.47 -14.77
C LYS E 19 -81.12 4.19 -13.61
N LEU E 20 -81.56 5.39 -13.24
CA LEU E 20 -80.97 6.13 -12.15
C LEU E 20 -81.63 5.90 -10.83
N ILE E 21 -82.56 4.97 -10.71
CA ILE E 21 -83.19 4.67 -9.44
C ILE E 21 -82.81 3.27 -9.02
N ARG E 22 -83.12 2.93 -7.77
CA ARG E 22 -82.72 1.64 -7.23
C ARG E 22 -83.95 0.78 -7.02
N PRO E 23 -83.86 -0.54 -7.08
CA PRO E 23 -85.07 -1.35 -7.04
C PRO E 23 -85.60 -1.61 -5.65
N ALA E 24 -86.10 -0.56 -5.00
CA ALA E 24 -86.59 -0.72 -3.65
C ALA E 24 -88.07 -1.06 -3.75
N THR E 25 -88.47 -2.04 -2.95
CA THR E 25 -89.88 -2.37 -2.78
C THR E 25 -90.16 -2.36 -1.30
N ASN E 26 -91.45 -2.49 -0.96
CA ASN E 26 -91.98 -2.87 0.37
C ASN E 26 -91.64 -1.87 1.48
N GLY E 27 -91.46 -0.62 1.10
CA GLY E 27 -91.06 0.39 2.06
C GLY E 27 -89.59 0.31 2.42
N SER E 28 -88.74 0.52 1.41
CA SER E 28 -87.28 0.74 1.51
C SER E 28 -86.53 -0.43 2.13
N GLU E 29 -86.65 -1.58 1.49
CA GLU E 29 -85.75 -2.68 1.83
C GLU E 29 -84.38 -2.42 1.22
N LEU E 30 -83.40 -3.15 1.71
CA LEU E 30 -82.10 -3.12 1.10
C LEU E 30 -82.12 -3.94 -0.18
N VAL E 31 -81.19 -3.66 -1.08
CA VAL E 31 -80.82 -4.63 -2.10
C VAL E 31 -79.51 -5.26 -1.65
N THR E 32 -79.36 -6.55 -1.89
CA THR E 32 -78.19 -7.21 -1.36
C THR E 32 -77.27 -7.62 -2.49
N VAL E 33 -76.07 -7.06 -2.50
CA VAL E 33 -75.14 -7.29 -3.58
C VAL E 33 -74.11 -8.30 -3.13
N GLN E 34 -74.27 -9.56 -3.51
CA GLN E 34 -73.31 -10.57 -3.10
C GLN E 34 -72.14 -10.49 -4.03
N LEU E 35 -70.97 -10.12 -3.52
CA LEU E 35 -69.79 -10.12 -4.36
C LEU E 35 -68.78 -11.12 -3.85
N MET E 36 -68.03 -11.70 -4.77
CA MET E 36 -66.82 -12.42 -4.40
C MET E 36 -65.82 -12.21 -5.52
N VAL E 37 -64.56 -12.17 -5.15
CA VAL E 37 -63.54 -11.76 -6.07
C VAL E 37 -62.76 -13.01 -6.43
N SER E 38 -62.00 -12.95 -7.52
CA SER E 38 -61.29 -14.11 -8.00
C SER E 38 -60.06 -13.65 -8.73
N LEU E 39 -58.89 -14.08 -8.27
CA LEU E 39 -57.63 -13.59 -8.77
C LEU E 39 -57.34 -14.22 -10.13
N ALA E 40 -56.52 -13.55 -10.93
CA ALA E 40 -56.10 -14.15 -12.17
C ALA E 40 -54.59 -14.30 -12.25
N GLN E 41 -53.84 -13.22 -12.03
CA GLN E 41 -52.43 -13.31 -11.68
C GLN E 41 -52.05 -12.08 -10.89
N LEU E 42 -51.18 -12.26 -9.92
CA LEU E 42 -50.50 -11.14 -9.31
C LEU E 42 -49.46 -10.69 -10.32
N ILE E 43 -49.57 -9.46 -10.81
CA ILE E 43 -48.61 -9.00 -11.80
C ILE E 43 -47.33 -8.58 -11.12
N SER E 44 -47.39 -7.56 -10.26
CA SER E 44 -46.13 -7.06 -9.72
C SER E 44 -46.33 -6.41 -8.38
N VAL E 45 -45.46 -6.74 -7.44
CA VAL E 45 -45.38 -5.97 -6.21
C VAL E 45 -44.20 -5.02 -6.34
N HIS E 46 -44.45 -3.73 -6.25
CA HIS E 46 -43.46 -2.71 -6.51
C HIS E 46 -43.07 -2.11 -5.18
N GLU E 47 -41.85 -2.44 -4.74
CA GLU E 47 -41.41 -2.14 -3.38
C GLU E 47 -41.08 -0.68 -3.22
N ARG E 48 -40.62 -0.03 -4.28
CA ARG E 48 -40.09 1.32 -4.15
C ARG E 48 -41.20 2.37 -4.04
N GLU E 49 -42.30 2.22 -4.77
CA GLU E 49 -43.41 3.13 -4.63
C GLU E 49 -44.60 2.52 -3.93
N GLN E 50 -44.46 1.28 -3.42
CA GLN E 50 -45.42 0.51 -2.63
C GLN E 50 -46.75 0.28 -3.36
N ILE E 51 -46.68 -0.18 -4.60
CA ILE E 51 -47.91 -0.42 -5.34
C ILE E 51 -47.97 -1.88 -5.72
N MET E 52 -49.08 -2.53 -5.42
CA MET E 52 -49.29 -3.89 -5.88
C MET E 52 -50.28 -3.88 -7.02
N THR E 53 -49.86 -4.37 -8.18
CA THR E 53 -50.69 -4.43 -9.37
C THR E 53 -51.20 -5.84 -9.53
N THR E 54 -52.52 -6.01 -9.44
CA THR E 54 -53.17 -7.30 -9.60
C THR E 54 -54.12 -7.25 -10.78
N ASN E 55 -54.55 -8.43 -11.24
CA ASN E 55 -55.53 -8.57 -12.30
C ASN E 55 -56.64 -9.49 -11.84
N VAL E 56 -57.86 -8.98 -11.74
CA VAL E 56 -58.85 -9.65 -10.92
C VAL E 56 -60.22 -9.63 -11.59
N TRP E 57 -61.06 -10.60 -11.24
CA TRP E 57 -62.41 -10.75 -11.79
C TRP E 57 -63.36 -10.64 -10.62
N LEU E 58 -64.41 -9.85 -10.74
CA LEU E 58 -65.15 -9.39 -9.58
C LEU E 58 -66.62 -9.74 -9.70
N THR E 59 -67.04 -10.93 -9.26
CA THR E 59 -68.37 -11.43 -9.58
C THR E 59 -69.36 -10.79 -8.62
N GLN E 60 -70.28 -9.99 -9.16
CA GLN E 60 -71.34 -9.39 -8.37
C GLN E 60 -72.68 -9.92 -8.83
N GLU E 61 -73.54 -10.26 -7.89
CA GLU E 61 -74.87 -10.71 -8.28
C GLU E 61 -75.90 -10.15 -7.33
N TRP E 62 -77.03 -9.73 -7.88
CA TRP E 62 -78.01 -9.09 -7.03
C TRP E 62 -79.41 -9.40 -7.54
N GLU E 63 -80.39 -8.73 -6.97
CA GLU E 63 -81.80 -9.00 -7.20
C GLU E 63 -82.48 -7.76 -7.73
N ASP E 64 -83.13 -7.88 -8.88
CA ASP E 64 -83.91 -6.78 -9.44
C ASP E 64 -85.34 -7.27 -9.53
N TYR E 65 -86.29 -6.38 -9.82
CA TYR E 65 -87.67 -6.83 -9.82
C TYR E 65 -88.50 -6.28 -10.96
N ARG E 66 -87.97 -5.37 -11.77
CA ARG E 66 -88.71 -4.91 -12.93
C ARG E 66 -88.06 -5.36 -14.23
N LEU E 67 -87.42 -6.51 -14.21
CA LEU E 67 -86.85 -7.10 -15.40
C LEU E 67 -87.28 -8.54 -15.56
N THR E 68 -88.55 -8.83 -15.33
CA THR E 68 -89.02 -10.19 -15.46
C THR E 68 -89.99 -10.30 -16.62
N TRP E 69 -90.29 -11.54 -16.97
CA TRP E 69 -91.31 -11.83 -17.95
C TRP E 69 -91.95 -13.15 -17.55
N LYS E 70 -92.97 -13.55 -18.30
CA LYS E 70 -93.47 -14.91 -18.22
C LYS E 70 -92.77 -15.63 -19.35
N PRO E 71 -92.14 -16.78 -19.12
CA PRO E 71 -91.37 -17.43 -20.20
C PRO E 71 -92.23 -18.16 -21.20
N GLU E 72 -93.53 -18.33 -20.92
CA GLU E 72 -94.43 -18.91 -21.91
C GLU E 72 -94.78 -17.93 -23.00
N GLU E 73 -94.68 -16.63 -22.71
CA GLU E 73 -95.13 -15.63 -23.66
C GLU E 73 -94.06 -15.29 -24.68
N PHE E 74 -92.85 -15.78 -24.46
CA PHE E 74 -91.75 -15.44 -25.36
C PHE E 74 -91.00 -16.69 -25.82
N ASP E 75 -91.73 -17.81 -25.83
CA ASP E 75 -91.36 -19.12 -26.39
C ASP E 75 -90.12 -19.71 -25.73
N ASN E 76 -90.17 -19.78 -24.39
CA ASN E 76 -89.25 -20.50 -23.50
C ASN E 76 -87.82 -19.99 -23.58
N MET E 77 -87.66 -18.71 -23.28
CA MET E 77 -86.37 -18.16 -22.89
C MET E 77 -86.38 -18.13 -21.38
N LYS E 78 -85.27 -18.48 -20.76
CA LYS E 78 -85.14 -18.27 -19.34
C LYS E 78 -84.09 -17.22 -19.01
N LYS E 79 -83.30 -16.80 -19.98
CA LYS E 79 -82.01 -16.23 -19.65
C LYS E 79 -81.48 -15.44 -20.83
N VAL E 80 -81.46 -14.12 -20.73
CA VAL E 80 -81.01 -13.28 -21.84
C VAL E 80 -79.79 -12.49 -21.44
N ARG E 81 -79.23 -11.76 -22.39
CA ARG E 81 -78.05 -10.94 -22.19
C ARG E 81 -78.36 -9.48 -22.45
N LEU E 82 -78.06 -8.63 -21.47
CA LEU E 82 -78.34 -7.18 -21.63
C LEU E 82 -77.01 -6.44 -21.78
N PRO E 83 -76.91 -5.39 -22.62
CA PRO E 83 -75.65 -4.68 -22.75
C PRO E 83 -75.43 -4.09 -21.35
N SER E 84 -74.25 -4.30 -20.78
CA SER E 84 -73.97 -3.81 -19.41
C SER E 84 -73.84 -2.28 -19.45
N LYS E 85 -74.30 -1.63 -18.36
CA LYS E 85 -74.29 -0.17 -18.03
C LYS E 85 -75.55 0.48 -18.62
N HIS E 86 -76.45 -0.33 -19.18
CA HIS E 86 -77.75 0.15 -19.72
C HIS E 86 -78.80 -0.14 -18.65
N ILE E 87 -78.48 -1.10 -17.77
CA ILE E 87 -79.30 -1.50 -16.64
C ILE E 87 -78.78 -0.74 -15.45
N TRP E 88 -79.45 -0.85 -14.31
CA TRP E 88 -78.89 -0.36 -13.07
C TRP E 88 -77.71 -1.22 -12.67
N LEU E 89 -76.71 -0.60 -12.05
CA LEU E 89 -75.67 -1.35 -11.36
C LEU E 89 -75.19 -0.54 -10.17
N PRO E 90 -74.97 -1.18 -9.02
CA PRO E 90 -74.41 -0.45 -7.89
C PRO E 90 -72.93 -0.27 -8.12
N ASP E 91 -72.43 0.90 -7.76
CA ASP E 91 -71.04 1.17 -8.06
C ASP E 91 -70.19 0.58 -6.97
N VAL E 92 -69.45 -0.48 -7.28
CA VAL E 92 -68.58 -1.11 -6.30
C VAL E 92 -67.16 -0.97 -6.82
N VAL E 93 -66.33 -0.23 -6.11
CA VAL E 93 -65.02 0.20 -6.59
C VAL E 93 -63.92 -0.21 -5.62
N LEU E 94 -62.69 0.19 -5.91
CA LEU E 94 -61.65 0.17 -4.90
C LEU E 94 -61.77 1.38 -4.00
N TYR E 95 -60.96 1.40 -2.96
CA TYR E 95 -60.98 2.59 -2.14
C TYR E 95 -59.60 3.02 -1.73
N ASN E 96 -58.67 2.09 -1.57
CA ASN E 96 -57.29 2.48 -1.39
C ASN E 96 -56.54 2.47 -2.70
N ASN E 97 -56.64 3.54 -3.45
CA ASN E 97 -56.20 3.48 -4.82
C ASN E 97 -55.06 4.45 -5.07
N ALA E 98 -54.01 3.95 -5.69
CA ALA E 98 -53.15 4.88 -6.38
C ALA E 98 -53.75 5.17 -7.75
N ASP E 99 -53.30 6.25 -8.37
CA ASP E 99 -53.51 6.73 -9.75
C ASP E 99 -54.96 6.94 -10.18
N GLY E 100 -55.94 6.93 -9.29
CA GLY E 100 -57.25 7.46 -9.60
C GLY E 100 -58.17 6.68 -10.52
N MET E 101 -57.86 5.43 -10.81
CA MET E 101 -58.75 4.59 -11.61
C MET E 101 -59.65 3.84 -10.64
N TYR E 102 -60.90 4.30 -10.49
CA TYR E 102 -61.73 3.75 -9.43
C TYR E 102 -62.58 2.59 -9.92
N GLU E 103 -63.24 2.77 -11.06
CA GLU E 103 -64.20 1.78 -11.53
C GLU E 103 -63.50 0.67 -12.31
N VAL E 104 -64.28 -0.28 -12.80
CA VAL E 104 -63.75 -1.46 -13.50
C VAL E 104 -63.40 -1.12 -14.94
N SER E 105 -62.79 -2.07 -15.65
CA SER E 105 -62.09 -1.74 -16.88
C SER E 105 -62.80 -2.14 -18.17
N PHE E 106 -63.86 -2.96 -18.12
CA PHE E 106 -64.35 -3.48 -19.40
C PHE E 106 -65.81 -3.18 -19.66
N TYR E 107 -66.69 -3.33 -18.65
CA TYR E 107 -68.16 -3.21 -18.70
C TYR E 107 -68.78 -4.19 -19.70
N SER E 108 -68.73 -5.47 -19.34
CA SER E 108 -69.22 -6.54 -20.19
C SER E 108 -70.71 -6.71 -20.07
N ASN E 109 -71.21 -7.81 -20.64
CA ASN E 109 -72.63 -8.09 -20.66
C ASN E 109 -73.08 -8.64 -19.32
N ALA E 110 -74.40 -8.66 -19.12
CA ALA E 110 -74.96 -9.10 -17.86
C ALA E 110 -76.10 -10.03 -18.13
N VAL E 111 -76.23 -11.04 -17.32
CA VAL E 111 -77.05 -12.19 -17.62
C VAL E 111 -78.32 -12.18 -16.79
N VAL E 112 -79.44 -11.90 -17.42
CA VAL E 112 -80.67 -11.70 -16.68
C VAL E 112 -81.51 -12.97 -16.77
N SER E 113 -81.93 -13.48 -15.61
CA SER E 113 -82.82 -14.62 -15.53
C SER E 113 -84.27 -14.15 -15.66
N TYR E 114 -85.20 -15.07 -15.41
CA TYR E 114 -86.58 -14.65 -15.36
C TYR E 114 -87.02 -14.31 -13.96
N ASP E 115 -86.20 -14.58 -12.96
CA ASP E 115 -86.44 -14.13 -11.59
C ASP E 115 -86.30 -12.64 -11.45
N GLY E 116 -85.39 -12.04 -12.18
CA GLY E 116 -84.87 -10.74 -11.83
C GLY E 116 -83.49 -10.79 -11.23
N SER E 117 -82.91 -11.96 -11.09
CA SER E 117 -81.56 -12.04 -10.58
C SER E 117 -80.56 -11.69 -11.66
N ILE E 118 -79.65 -10.81 -11.32
CA ILE E 118 -78.65 -10.33 -12.26
C ILE E 118 -77.33 -10.92 -11.84
N PHE E 119 -76.55 -11.37 -12.82
CA PHE E 119 -75.20 -11.87 -12.60
C PHE E 119 -74.29 -10.92 -13.36
N TRP E 120 -73.09 -10.68 -12.89
CA TRP E 120 -72.20 -9.75 -13.58
C TRP E 120 -70.76 -10.11 -13.28
N LEU E 121 -69.94 -10.15 -14.29
CA LEU E 121 -68.53 -10.44 -14.04
C LEU E 121 -67.64 -9.64 -14.97
N PRO E 122 -67.19 -8.47 -14.58
CA PRO E 122 -66.24 -7.77 -15.39
C PRO E 122 -64.83 -8.03 -14.92
N PRO E 123 -63.85 -7.85 -15.75
CA PRO E 123 -62.48 -7.93 -15.26
C PRO E 123 -61.98 -6.58 -14.85
N ALA E 124 -60.81 -6.51 -14.23
CA ALA E 124 -60.13 -5.25 -13.98
C ALA E 124 -58.65 -5.52 -13.81
N ILE E 125 -57.84 -4.51 -14.09
CA ILE E 125 -56.54 -4.41 -13.46
C ILE E 125 -56.60 -3.33 -12.40
N TYR E 126 -56.02 -3.61 -11.26
CA TYR E 126 -56.18 -2.76 -10.10
C TYR E 126 -54.83 -2.52 -9.46
N LYS E 127 -54.62 -1.31 -9.00
CA LYS E 127 -53.34 -0.91 -8.45
C LYS E 127 -53.53 -0.47 -7.01
N SER E 128 -53.50 -1.40 -6.08
CA SER E 128 -53.72 -1.03 -4.69
C SER E 128 -52.41 -0.57 -4.08
N ALA E 129 -52.50 0.19 -3.01
CA ALA E 129 -51.33 0.82 -2.39
C ALA E 129 -51.14 0.22 -1.02
N CYS E 130 -50.25 -0.75 -0.91
CA CYS E 130 -50.18 -1.58 0.27
C CYS E 130 -48.90 -1.31 1.04
N LYS E 131 -48.93 -1.57 2.35
CA LYS E 131 -47.86 -1.11 3.23
C LYS E 131 -46.82 -2.19 3.44
N ILE E 132 -45.59 -1.89 3.07
CA ILE E 132 -44.53 -2.89 2.98
C ILE E 132 -43.82 -3.00 4.31
N GLU E 133 -43.79 -4.21 4.88
CA GLU E 133 -42.94 -4.52 6.02
C GLU E 133 -41.54 -4.77 5.52
N VAL E 134 -40.59 -3.94 5.94
CA VAL E 134 -39.20 -4.18 5.62
C VAL E 134 -38.43 -4.29 6.95
N LYS E 135 -38.30 -5.50 7.42
CA LYS E 135 -37.24 -5.76 8.37
C LYS E 135 -36.37 -6.93 7.95
N HIS E 136 -36.98 -8.07 7.65
CA HIS E 136 -36.24 -9.26 7.28
C HIS E 136 -36.07 -9.38 5.78
N PHE E 137 -35.53 -8.35 5.15
CA PHE E 137 -35.30 -8.40 3.72
C PHE E 137 -34.03 -9.21 3.47
N PRO E 138 -34.07 -10.24 2.60
CA PRO E 138 -35.09 -10.73 1.66
C PRO E 138 -35.85 -11.99 2.05
N PHE E 139 -36.30 -12.12 3.29
CA PHE E 139 -37.00 -13.34 3.67
C PHE E 139 -38.39 -13.02 4.15
N ASP E 140 -38.90 -11.85 3.82
CA ASP E 140 -40.02 -11.26 4.53
C ASP E 140 -41.35 -11.81 4.04
N GLN E 141 -42.40 -11.39 4.72
CA GLN E 141 -43.74 -11.89 4.47
C GLN E 141 -44.67 -10.68 4.44
N GLN E 142 -45.02 -10.24 3.25
CA GLN E 142 -45.81 -9.03 3.17
C GLN E 142 -47.28 -9.34 3.33
N ASN E 143 -48.02 -8.28 3.56
CA ASN E 143 -49.45 -8.36 3.77
C ASN E 143 -50.01 -7.15 3.04
N CYS E 144 -50.82 -7.39 2.02
CA CYS E 144 -51.42 -6.28 1.31
C CYS E 144 -52.93 -6.37 1.36
N THR E 145 -53.57 -5.22 1.21
CA THR E 145 -54.97 -5.05 1.53
C THR E 145 -55.70 -4.81 0.23
N MET E 146 -57.01 -5.06 0.22
CA MET E 146 -57.86 -4.64 -0.88
C MET E 146 -59.22 -4.34 -0.28
N LYS E 147 -59.72 -3.13 -0.47
CA LYS E 147 -60.92 -2.71 0.24
C LYS E 147 -62.03 -2.28 -0.71
N PHE E 148 -63.06 -3.09 -0.84
CA PHE E 148 -64.15 -2.77 -1.76
C PHE E 148 -65.29 -2.18 -0.98
N ARG E 149 -65.68 -0.96 -1.32
CA ARG E 149 -66.77 -0.25 -0.68
C ARG E 149 -67.68 0.13 -1.83
N SER E 150 -68.94 0.44 -1.56
CA SER E 150 -69.74 1.14 -2.55
C SER E 150 -69.28 2.58 -2.72
N TRP E 151 -69.73 3.20 -3.79
CA TRP E 151 -69.19 4.51 -4.13
C TRP E 151 -70.17 5.61 -3.85
N THR E 152 -71.44 5.39 -4.16
CA THR E 152 -72.41 6.45 -4.02
C THR E 152 -73.49 6.11 -3.04
N TYR E 153 -73.57 4.88 -2.55
CA TYR E 153 -74.64 4.49 -1.66
C TYR E 153 -74.12 4.29 -0.23
N ASP E 154 -74.96 3.78 0.64
CA ASP E 154 -74.61 3.67 2.05
C ASP E 154 -75.30 2.45 2.64
N ARG E 155 -75.41 2.41 3.96
CA ARG E 155 -75.83 1.19 4.63
C ARG E 155 -77.34 1.11 4.82
N THR E 156 -78.06 2.19 4.66
CA THR E 156 -79.51 2.08 4.69
C THR E 156 -80.08 1.72 3.34
N GLU E 157 -79.28 1.71 2.29
CA GLU E 157 -79.81 1.48 0.96
C GLU E 157 -79.32 0.21 0.30
N ILE E 158 -78.02 -0.04 0.20
CA ILE E 158 -77.53 -1.32 -0.31
C ILE E 158 -76.81 -2.02 0.82
N ASP E 159 -76.44 -3.28 0.61
CA ASP E 159 -75.98 -4.11 1.70
C ASP E 159 -75.06 -5.18 1.15
N LEU E 160 -73.76 -5.02 1.33
CA LEU E 160 -72.79 -5.97 0.81
C LEU E 160 -72.72 -7.20 1.68
N VAL E 161 -72.71 -8.36 1.04
CA VAL E 161 -72.69 -9.67 1.71
C VAL E 161 -71.62 -10.48 1.03
N LEU E 162 -70.69 -11.04 1.82
CA LEU E 162 -69.71 -11.96 1.29
C LEU E 162 -70.35 -13.27 0.87
N LYS E 163 -69.84 -13.86 -0.21
CA LYS E 163 -70.40 -15.08 -0.75
C LYS E 163 -69.76 -16.33 -0.20
N SER E 164 -68.44 -16.43 -0.26
CA SER E 164 -67.68 -17.49 0.38
C SER E 164 -66.46 -16.85 1.02
N GLU E 165 -65.96 -17.45 2.08
CA GLU E 165 -65.02 -16.85 3.02
C GLU E 165 -63.63 -16.63 2.43
N VAL E 166 -63.25 -17.36 1.41
CA VAL E 166 -61.94 -17.18 0.79
C VAL E 166 -62.19 -16.53 -0.57
N ALA E 167 -61.16 -15.92 -1.14
CA ALA E 167 -61.20 -15.56 -2.53
C ALA E 167 -60.84 -16.78 -3.36
N SER E 168 -61.37 -16.87 -4.57
CA SER E 168 -61.14 -18.05 -5.37
C SER E 168 -59.77 -18.01 -6.01
N LEU E 169 -59.26 -19.19 -6.33
CA LEU E 169 -57.89 -19.26 -6.81
C LEU E 169 -57.64 -20.31 -7.88
N ASP E 170 -58.66 -20.89 -8.49
CA ASP E 170 -58.39 -22.00 -9.39
C ASP E 170 -58.34 -21.55 -10.84
N ASP E 171 -58.19 -20.25 -11.08
CA ASP E 171 -58.15 -19.74 -12.48
C ASP E 171 -56.94 -18.84 -12.70
N PHE E 172 -55.95 -19.09 -11.82
CA PHE E 172 -54.67 -18.36 -11.57
C PHE E 172 -53.41 -19.06 -12.11
N THR E 173 -52.35 -18.29 -12.47
CA THR E 173 -51.11 -18.96 -12.91
C THR E 173 -50.01 -18.66 -11.90
N PRO E 174 -48.92 -19.45 -11.81
CA PRO E 174 -47.87 -19.19 -10.83
C PRO E 174 -47.32 -17.77 -11.01
N SER E 175 -47.14 -17.06 -9.89
CA SER E 175 -46.66 -15.66 -9.91
C SER E 175 -45.13 -15.61 -9.82
N GLY E 176 -44.49 -16.78 -9.77
CA GLY E 176 -43.02 -16.91 -9.76
C GLY E 176 -42.33 -16.35 -8.53
N GLU E 177 -41.97 -15.07 -8.58
CA GLU E 177 -41.20 -14.41 -7.47
C GLU E 177 -41.99 -14.39 -6.16
N TRP E 178 -43.30 -14.12 -6.22
CA TRP E 178 -44.12 -14.06 -4.98
C TRP E 178 -45.16 -15.19 -4.95
N ASP E 179 -45.16 -15.99 -3.87
CA ASP E 179 -46.14 -17.05 -3.77
C ASP E 179 -47.10 -16.73 -2.63
N ILE E 180 -48.28 -17.30 -2.70
CA ILE E 180 -49.34 -16.93 -1.77
C ILE E 180 -49.29 -17.85 -0.55
N VAL E 181 -49.88 -17.38 0.53
CA VAL E 181 -50.00 -18.16 1.76
C VAL E 181 -51.49 -18.34 2.03
N ALA E 182 -52.20 -17.22 2.13
CA ALA E 182 -53.63 -17.26 2.40
C ALA E 182 -54.28 -16.00 1.86
N LEU E 183 -55.59 -16.09 1.63
CA LEU E 183 -56.39 -14.96 1.18
C LEU E 183 -57.73 -14.89 1.90
N PRO E 184 -57.79 -14.41 3.13
CA PRO E 184 -59.08 -14.29 3.78
C PRO E 184 -59.80 -13.03 3.36
N GLY E 185 -61.10 -13.01 3.62
CA GLY E 185 -61.91 -11.86 3.31
C GLY E 185 -62.90 -11.59 4.41
N ARG E 186 -62.99 -10.35 4.86
CA ARG E 186 -63.84 -10.01 5.98
C ARG E 186 -64.85 -8.99 5.55
N ARG E 187 -66.00 -8.99 6.21
CA ARG E 187 -66.94 -7.89 6.09
C ARG E 187 -66.80 -6.99 7.29
N ASN E 188 -66.42 -5.74 7.05
CA ASN E 188 -66.39 -4.79 8.15
C ASN E 188 -67.60 -3.92 8.05
N GLU E 189 -68.37 -3.90 9.14
CA GLU E 189 -69.29 -2.81 9.39
C GLU E 189 -68.68 -2.02 10.54
N ASN E 190 -69.13 -0.79 10.71
CA ASN E 190 -68.67 -0.06 11.87
C ASN E 190 -69.82 0.05 12.85
N PRO E 191 -69.60 -0.17 14.14
CA PRO E 191 -70.72 -0.09 15.09
C PRO E 191 -71.15 1.33 15.38
N ASP E 192 -70.24 2.28 15.22
CA ASP E 192 -70.48 3.63 15.72
C ASP E 192 -71.09 4.53 14.64
N ASP E 193 -70.70 4.31 13.38
CA ASP E 193 -71.01 5.27 12.32
C ASP E 193 -72.43 5.11 11.81
N SER E 194 -72.86 3.84 11.68
CA SER E 194 -74.08 3.26 11.10
C SER E 194 -74.19 3.36 9.57
N THR E 195 -73.26 4.03 8.86
CA THR E 195 -73.35 4.17 7.40
C THR E 195 -72.07 3.70 6.72
N TYR E 196 -71.56 2.51 7.05
CA TYR E 196 -70.22 2.12 6.61
C TYR E 196 -70.08 0.60 6.52
N VAL E 197 -70.17 0.05 5.30
CA VAL E 197 -69.88 -1.36 5.04
C VAL E 197 -68.81 -1.47 3.98
N ASP E 198 -67.86 -2.37 4.18
CA ASP E 198 -66.94 -2.70 3.11
C ASP E 198 -66.49 -4.13 3.26
N ILE E 199 -65.95 -4.67 2.18
CA ILE E 199 -65.42 -6.02 2.17
C ILE E 199 -63.94 -5.93 1.93
N THR E 200 -63.13 -6.34 2.88
CA THR E 200 -61.69 -6.23 2.69
C THR E 200 -61.11 -7.61 2.53
N TYR E 201 -60.32 -7.82 1.49
CA TYR E 201 -59.54 -9.03 1.32
C TYR E 201 -58.11 -8.75 1.73
N ASP E 202 -57.41 -9.76 2.18
CA ASP E 202 -56.02 -9.58 2.62
C ASP E 202 -55.14 -10.60 1.91
N PHE E 203 -54.34 -10.15 0.96
CA PHE E 203 -53.46 -11.08 0.30
C PHE E 203 -52.22 -11.20 1.16
N ILE E 204 -51.86 -12.41 1.60
CA ILE E 204 -50.65 -12.54 2.42
C ILE E 204 -49.61 -13.29 1.62
N ILE E 205 -48.57 -12.61 1.22
CA ILE E 205 -47.64 -13.16 0.23
C ILE E 205 -46.27 -13.27 0.84
N ARG E 206 -45.40 -13.98 0.16
CA ARG E 206 -44.09 -14.33 0.66
C ARG E 206 -43.10 -14.30 -0.49
N ARG E 207 -41.89 -13.80 -0.25
CA ARG E 207 -40.90 -13.71 -1.29
C ARG E 207 -40.08 -14.99 -1.37
N LYS E 208 -39.93 -15.51 -2.58
CA LYS E 208 -39.03 -16.64 -2.76
C LYS E 208 -37.59 -16.15 -2.73
N PRO E 209 -36.80 -16.55 -1.75
CA PRO E 209 -35.61 -15.79 -1.39
C PRO E 209 -34.33 -16.17 -2.09
N LEU E 210 -34.37 -16.83 -3.24
CA LEU E 210 -33.14 -17.31 -3.84
C LEU E 210 -32.35 -16.20 -4.52
N PHE E 211 -33.05 -15.31 -5.24
CA PHE E 211 -32.40 -14.44 -6.20
C PHE E 211 -31.69 -13.27 -5.52
N TYR E 212 -32.29 -12.74 -4.48
CA TYR E 212 -31.63 -11.66 -3.76
C TYR E 212 -30.55 -12.19 -2.85
N THR E 213 -30.61 -13.47 -2.48
CA THR E 213 -29.52 -14.13 -1.75
C THR E 213 -28.28 -14.25 -2.61
N ILE E 214 -28.46 -14.75 -3.84
CA ILE E 214 -27.36 -15.03 -4.76
C ILE E 214 -26.75 -13.74 -5.27
N ASN E 215 -27.57 -12.70 -5.48
CA ASN E 215 -26.97 -11.48 -5.99
C ASN E 215 -26.72 -10.41 -4.93
N LEU E 216 -27.05 -10.64 -3.66
CA LEU E 216 -26.81 -9.58 -2.69
C LEU E 216 -26.12 -10.04 -1.42
N ILE E 217 -26.45 -11.21 -0.89
CA ILE E 217 -26.00 -11.54 0.46
C ILE E 217 -24.59 -12.13 0.38
N ILE E 218 -24.35 -12.95 -0.64
CA ILE E 218 -23.07 -13.58 -0.94
C ILE E 218 -21.94 -12.58 -1.22
N PRO E 219 -22.04 -11.52 -2.08
CA PRO E 219 -20.88 -10.62 -2.18
C PRO E 219 -20.70 -9.67 -1.00
N CYS E 220 -21.76 -9.46 -0.21
CA CYS E 220 -21.65 -8.70 1.02
C CYS E 220 -20.88 -9.47 2.08
N VAL E 221 -21.12 -10.79 2.17
CA VAL E 221 -20.39 -11.67 3.09
C VAL E 221 -18.94 -11.84 2.66
N LEU E 222 -18.71 -11.88 1.33
CA LEU E 222 -17.35 -11.98 0.81
C LEU E 222 -16.54 -10.70 0.99
N ILE E 223 -17.20 -9.56 1.04
CA ILE E 223 -16.47 -8.31 1.29
C ILE E 223 -16.27 -8.09 2.78
N THR E 224 -17.27 -8.42 3.62
CA THR E 224 -17.09 -8.24 5.06
C THR E 224 -16.26 -9.36 5.71
N SER E 225 -15.93 -10.42 4.98
CA SER E 225 -14.93 -11.36 5.47
C SER E 225 -13.51 -10.84 5.39
N LEU E 226 -13.23 -9.76 4.67
CA LEU E 226 -11.92 -9.14 4.69
C LEU E 226 -11.82 -8.00 5.68
N ALA E 227 -12.70 -7.96 6.68
CA ALA E 227 -12.63 -6.92 7.68
C ALA E 227 -11.51 -7.17 8.69
N ILE E 228 -11.24 -8.43 9.01
CA ILE E 228 -10.37 -8.76 10.13
C ILE E 228 -8.96 -9.06 9.67
N LEU E 229 -8.64 -8.74 8.42
CA LEU E 229 -7.51 -9.40 7.80
C LEU E 229 -6.28 -8.50 7.69
N VAL E 230 -6.39 -7.22 8.02
CA VAL E 230 -5.25 -6.32 7.79
C VAL E 230 -4.30 -6.36 8.99
N PHE E 231 -4.71 -7.03 10.07
CA PHE E 231 -3.82 -7.21 11.20
C PHE E 231 -2.87 -8.37 11.00
N TYR E 232 -3.17 -9.26 10.07
CA TYR E 232 -2.37 -10.46 9.94
C TYR E 232 -1.27 -10.30 8.92
N LEU E 233 -1.22 -9.16 8.27
CA LEU E 233 -0.40 -8.60 7.20
C LEU E 233 0.69 -7.73 7.80
N PRO E 234 1.97 -8.01 7.54
CA PRO E 234 3.04 -7.30 8.25
C PRO E 234 3.33 -5.95 7.62
N SER E 235 3.83 -5.04 8.44
CA SER E 235 3.75 -3.63 8.13
C SER E 235 4.83 -3.17 7.17
N ASP E 236 5.84 -4.00 6.92
CA ASP E 236 6.97 -3.52 6.14
C ASP E 236 6.75 -3.65 4.64
N CYS E 237 5.62 -4.22 4.21
CA CYS E 237 5.30 -4.26 2.79
C CYS E 237 4.85 -2.91 2.27
N GLY E 238 4.25 -2.09 3.13
CA GLY E 238 3.70 -0.82 2.74
C GLY E 238 2.47 -1.00 1.88
N GLU E 239 1.53 -1.84 2.36
CA GLU E 239 0.28 -2.09 1.65
C GLU E 239 -0.91 -2.30 2.57
N LYS E 240 -0.92 -1.76 3.79
CA LYS E 240 -2.08 -1.96 4.66
C LYS E 240 -3.22 -1.05 4.26
N MET E 241 -2.86 0.13 3.75
CA MET E 241 -3.80 1.22 3.55
C MET E 241 -4.72 0.95 2.37
N THR E 242 -4.21 0.24 1.35
CA THR E 242 -4.95 -0.08 0.15
C THR E 242 -6.06 -1.07 0.44
N LEU E 243 -5.77 -2.02 1.33
CA LEU E 243 -6.73 -3.06 1.70
C LEU E 243 -7.84 -2.51 2.57
N CYS E 244 -7.50 -1.67 3.56
CA CYS E 244 -8.57 -1.19 4.44
C CYS E 244 -9.39 -0.05 3.81
N ILE E 245 -8.76 0.78 2.96
CA ILE E 245 -9.49 1.83 2.23
C ILE E 245 -10.44 1.23 1.20
N SER E 246 -10.02 0.16 0.52
CA SER E 246 -10.88 -0.43 -0.50
C SER E 246 -11.98 -1.29 0.10
N VAL E 247 -11.76 -1.84 1.30
CA VAL E 247 -12.82 -2.53 2.03
C VAL E 247 -13.91 -1.55 2.47
N LEU E 248 -13.50 -0.34 2.90
CA LEU E 248 -14.49 0.66 3.34
C LEU E 248 -15.25 1.26 2.16
N LEU E 249 -14.62 1.38 1.00
CA LEU E 249 -15.30 1.94 -0.16
C LEU E 249 -16.29 0.94 -0.78
N ALA E 250 -15.93 -0.35 -0.79
CA ALA E 250 -16.86 -1.37 -1.29
C ALA E 250 -18.03 -1.57 -0.34
N LEU E 251 -17.80 -1.35 0.94
CA LEU E 251 -18.86 -1.46 1.93
C LEU E 251 -19.86 -0.31 1.84
N THR E 252 -19.38 0.92 1.56
CA THR E 252 -20.32 2.03 1.49
C THR E 252 -21.09 2.04 0.16
N VAL E 253 -20.53 1.45 -0.91
CA VAL E 253 -21.28 1.33 -2.16
C VAL E 253 -22.37 0.27 -2.03
N PHE E 254 -22.11 -0.78 -1.24
CA PHE E 254 -23.15 -1.78 -0.99
C PHE E 254 -24.25 -1.28 -0.06
N LEU E 255 -23.89 -0.35 0.85
CA LEU E 255 -24.91 0.26 1.71
C LEU E 255 -25.82 1.18 0.92
N LEU E 256 -25.29 1.88 -0.09
CA LEU E 256 -26.17 2.74 -0.89
C LEU E 256 -27.02 1.95 -1.88
N LEU E 257 -26.57 0.76 -2.31
CA LEU E 257 -27.40 -0.05 -3.20
C LEU E 257 -28.56 -0.73 -2.47
N ILE E 258 -28.32 -1.15 -1.22
CA ILE E 258 -29.42 -1.67 -0.39
C ILE E 258 -30.35 -0.53 0.04
N SER E 259 -29.81 0.70 0.12
CA SER E 259 -30.66 1.86 0.31
C SER E 259 -31.49 2.24 -0.91
N LYS E 260 -31.12 1.80 -2.12
CA LYS E 260 -31.98 2.14 -3.25
C LYS E 260 -32.88 1.00 -3.69
N ILE E 261 -32.79 -0.19 -3.09
CA ILE E 261 -33.80 -1.21 -3.39
C ILE E 261 -35.06 -1.00 -2.54
N VAL E 262 -34.91 -0.92 -1.22
CA VAL E 262 -36.01 -0.88 -0.24
C VAL E 262 -36.73 0.47 -0.27
N PRO E 263 -37.97 0.60 0.22
CA PRO E 263 -38.62 1.91 0.20
C PRO E 263 -38.04 2.83 1.25
N PRO E 264 -38.18 4.16 1.11
CA PRO E 264 -37.63 5.09 2.11
C PRO E 264 -38.59 5.37 3.26
N THR E 265 -39.03 4.32 3.94
CA THR E 265 -39.81 4.48 5.14
C THR E 265 -38.86 4.39 6.33
N SER E 266 -38.83 5.44 7.12
CA SER E 266 -37.96 5.43 8.28
C SER E 266 -38.70 5.07 9.55
N LEU E 267 -39.75 4.27 9.46
CA LEU E 267 -40.39 3.80 10.67
C LEU E 267 -39.72 2.52 11.15
N ASP E 268 -38.96 1.87 10.28
CA ASP E 268 -38.24 0.64 10.60
C ASP E 268 -37.02 0.49 9.71
N VAL E 269 -35.96 -0.03 10.30
CA VAL E 269 -34.67 -0.17 9.61
C VAL E 269 -34.45 -1.64 9.28
N PRO E 270 -34.03 -2.00 8.03
CA PRO E 270 -33.87 -3.42 7.70
C PRO E 270 -32.63 -4.00 8.33
N LEU E 271 -32.56 -5.32 8.43
CA LEU E 271 -31.55 -5.96 9.25
C LEU E 271 -30.20 -6.02 8.57
N VAL E 272 -30.17 -5.87 7.25
CA VAL E 272 -28.90 -5.89 6.54
C VAL E 272 -28.20 -4.54 6.71
N GLY E 273 -28.97 -3.47 6.88
CA GLY E 273 -28.40 -2.15 7.02
C GLY E 273 -27.75 -1.90 8.36
N LYS E 274 -28.28 -2.54 9.41
CA LYS E 274 -27.68 -2.43 10.75
C LYS E 274 -26.37 -3.19 10.83
N TYR E 275 -26.31 -4.35 10.18
CA TYR E 275 -25.10 -5.16 10.20
C TYR E 275 -24.03 -4.57 9.30
N LEU E 276 -24.42 -3.95 8.19
CA LEU E 276 -23.45 -3.28 7.34
C LEU E 276 -22.94 -1.99 7.94
N MET E 277 -23.78 -1.29 8.71
CA MET E 277 -23.31 -0.06 9.33
C MET E 277 -22.40 -0.33 10.53
N PHE E 278 -22.62 -1.47 11.21
CA PHE E 278 -21.73 -1.83 12.30
C PHE E 278 -20.40 -2.36 11.81
N THR E 279 -20.38 -3.05 10.66
CA THR E 279 -19.08 -3.45 10.16
C THR E 279 -18.34 -2.31 9.47
N MET E 280 -19.05 -1.24 9.07
CA MET E 280 -18.36 -0.04 8.61
C MET E 280 -17.71 0.72 9.75
N VAL E 281 -18.36 0.74 10.92
CA VAL E 281 -17.80 1.36 12.13
C VAL E 281 -16.56 0.60 12.64
N LEU E 282 -16.59 -0.74 12.52
CA LEU E 282 -15.42 -1.52 12.94
C LEU E 282 -14.26 -1.42 11.95
N VAL E 283 -14.56 -1.17 10.67
CA VAL E 283 -13.46 -0.96 9.72
C VAL E 283 -12.82 0.43 9.88
N THR E 284 -13.59 1.46 10.28
CA THR E 284 -12.92 2.75 10.52
C THR E 284 -12.18 2.79 11.86
N PHE E 285 -12.54 1.90 12.80
CA PHE E 285 -11.69 1.74 13.98
C PHE E 285 -10.40 1.01 13.64
N SER E 286 -10.47 0.13 12.63
CA SER E 286 -9.27 -0.56 12.18
C SER E 286 -8.32 0.34 11.42
N ILE E 287 -8.82 1.36 10.68
CA ILE E 287 -7.90 2.26 9.98
C ILE E 287 -7.22 3.25 10.95
N VAL E 288 -7.90 3.60 12.07
CA VAL E 288 -7.22 4.46 13.07
C VAL E 288 -6.14 3.67 13.85
N THR E 289 -6.42 2.41 14.20
CA THR E 289 -5.37 1.64 14.88
C THR E 289 -4.29 1.13 13.93
N SER E 290 -4.56 1.09 12.62
CA SER E 290 -3.53 0.70 11.68
C SER E 290 -2.56 1.84 11.40
N VAL E 291 -3.05 3.09 11.45
CA VAL E 291 -2.15 4.23 11.31
C VAL E 291 -1.27 4.40 12.54
N CYS E 292 -1.81 4.05 13.73
CA CYS E 292 -0.99 4.11 14.95
C CYS E 292 0.09 3.01 15.01
N VAL E 293 -0.24 1.82 14.50
CA VAL E 293 0.74 0.72 14.41
C VAL E 293 1.82 1.03 13.37
N LEU E 294 1.43 1.68 12.28
CA LEU E 294 2.41 2.03 11.26
C LEU E 294 3.30 3.21 11.66
N ASN E 295 2.85 4.05 12.59
CA ASN E 295 3.77 5.08 13.07
C ASN E 295 4.72 4.51 14.12
N VAL E 296 4.25 3.55 14.93
CA VAL E 296 5.11 2.96 15.95
C VAL E 296 6.18 2.04 15.34
N HIS E 297 5.90 1.47 14.16
CA HIS E 297 6.87 0.60 13.48
C HIS E 297 8.03 1.37 12.88
N HIS E 298 7.80 2.55 12.34
CA HIS E 298 8.85 3.23 11.62
C HIS E 298 9.65 4.20 12.47
N ARG E 299 9.82 3.92 13.75
CA ARG E 299 10.68 4.72 14.59
C ARG E 299 12.12 4.23 14.49
N SER E 300 12.98 4.88 15.26
CA SER E 300 14.41 4.88 15.05
C SER E 300 15.06 5.46 16.29
N PRO E 301 16.30 5.08 16.63
CA PRO E 301 16.88 5.57 17.88
C PRO E 301 17.37 7.00 17.84
N THR E 302 17.53 7.61 16.66
CA THR E 302 17.93 9.01 16.64
C THR E 302 16.75 9.93 16.85
N THR E 303 15.53 9.43 16.65
CA THR E 303 14.36 10.29 16.75
C THR E 303 13.50 9.98 17.96
N HIS E 304 13.68 8.84 18.59
CA HIS E 304 12.72 8.41 19.60
C HIS E 304 13.43 7.85 20.81
N THR E 305 12.64 7.60 21.85
CA THR E 305 13.12 7.57 23.22
C THR E 305 13.19 6.21 23.88
N MET E 306 12.14 5.40 23.67
CA MET E 306 12.02 4.01 24.20
C MET E 306 12.16 4.03 25.73
N ALA E 307 11.09 4.43 26.43
CA ALA E 307 11.08 4.50 27.90
C ALA E 307 11.06 3.08 28.48
N PRO E 308 11.52 2.87 29.73
CA PRO E 308 11.56 1.52 30.32
C PRO E 308 10.14 0.94 30.40
N TRP E 309 9.15 1.77 30.75
CA TRP E 309 7.74 1.31 30.83
C TRP E 309 7.36 0.60 29.52
N VAL E 310 7.85 1.09 28.38
CA VAL E 310 7.54 0.46 27.09
C VAL E 310 8.22 -0.90 26.96
N LYS E 311 9.46 -1.01 27.45
CA LYS E 311 10.20 -2.26 27.47
C LYS E 311 9.61 -3.29 28.43
N VAL E 312 9.24 -2.86 29.64
CA VAL E 312 8.80 -3.85 30.62
C VAL E 312 7.30 -4.09 30.53
N VAL E 313 6.60 -3.40 29.63
CA VAL E 313 5.20 -3.76 29.44
C VAL E 313 4.96 -4.32 28.04
N PHE E 314 5.92 -4.18 27.13
CA PHE E 314 5.70 -4.73 25.80
C PHE E 314 6.67 -5.84 25.44
N LEU E 315 7.68 -6.07 26.26
CA LEU E 315 8.46 -7.29 26.10
C LEU E 315 8.24 -8.24 27.27
N GLU E 316 7.09 -8.12 27.94
CA GLU E 316 6.69 -8.93 29.08
C GLU E 316 5.22 -9.36 29.00
N LYS E 317 4.41 -8.64 28.22
CA LYS E 317 2.99 -8.91 28.04
C LYS E 317 2.72 -10.18 27.27
N LEU E 318 3.44 -10.36 26.17
CA LEU E 318 3.21 -11.37 25.12
C LEU E 318 3.09 -12.85 25.54
N PRO E 319 3.59 -13.33 26.71
CA PRO E 319 3.08 -14.63 27.17
C PRO E 319 1.66 -14.62 27.74
N ALA E 320 0.99 -13.48 27.88
CA ALA E 320 -0.46 -13.53 28.00
C ALA E 320 -1.12 -13.68 26.65
N LEU E 321 -0.39 -13.42 25.57
CA LEU E 321 -0.88 -13.63 24.22
C LEU E 321 -0.66 -15.05 23.73
N LEU E 322 0.08 -15.87 24.50
CA LEU E 322 0.84 -17.04 24.05
C LEU E 322 1.70 -16.72 22.83
N PHE E 323 2.41 -15.60 22.90
CA PHE E 323 3.40 -15.19 21.93
C PHE E 323 4.78 -15.26 22.59
N MET E 324 5.70 -15.93 21.91
CA MET E 324 7.01 -16.16 22.51
C MET E 324 8.08 -15.64 21.57
N GLN E 325 9.26 -15.40 22.13
CA GLN E 325 10.37 -14.82 21.38
C GLN E 325 11.04 -15.84 20.47
N SER E 331 20.93 -3.76 18.67
CA SER E 331 19.85 -3.38 17.78
C SER E 331 18.66 -2.79 18.53
N VAL E 332 18.37 -1.52 18.26
CA VAL E 332 17.13 -0.91 18.74
C VAL E 332 16.13 -0.83 17.58
N SER E 333 16.64 -0.93 16.35
CA SER E 333 15.79 -0.88 15.18
C SER E 333 15.12 -2.22 14.89
N GLU E 334 15.55 -3.29 15.56
CA GLU E 334 14.69 -4.45 15.68
C GLU E 334 13.74 -4.27 16.86
N ASP E 335 14.17 -3.50 17.86
CA ASP E 335 13.48 -3.51 19.13
C ASP E 335 12.28 -2.58 19.11
N TRP E 336 12.20 -1.68 18.13
CA TRP E 336 10.91 -1.05 17.88
C TRP E 336 10.02 -1.94 17.05
N LYS E 337 10.62 -2.76 16.18
CA LYS E 337 9.84 -3.55 15.25
C LYS E 337 9.22 -4.77 15.90
N TYR E 338 9.68 -5.12 17.10
CA TYR E 338 9.02 -6.19 17.82
C TYR E 338 7.92 -5.62 18.71
N VAL E 339 7.91 -4.31 18.93
CA VAL E 339 6.79 -3.70 19.62
C VAL E 339 5.61 -3.61 18.68
N ALA E 340 5.87 -3.35 17.41
CA ALA E 340 4.79 -3.16 16.45
C ALA E 340 4.26 -4.47 15.93
N MET E 341 4.94 -5.57 16.20
CA MET E 341 4.35 -6.86 15.94
C MET E 341 3.35 -7.21 17.02
N VAL E 342 3.56 -6.73 18.24
CA VAL E 342 2.82 -7.30 19.35
C VAL E 342 1.62 -6.43 19.70
N ILE E 343 1.55 -5.22 19.16
CA ILE E 343 0.40 -4.38 19.49
C ILE E 343 -0.78 -4.74 18.59
N ASP E 344 -0.53 -5.01 17.30
CA ASP E 344 -1.66 -5.31 16.43
C ASP E 344 -2.06 -6.77 16.54
N ARG E 345 -1.18 -7.60 17.06
CA ARG E 345 -1.55 -9.00 17.30
C ARG E 345 -2.34 -9.13 18.58
N LEU E 346 -2.29 -8.13 19.44
CA LEU E 346 -3.28 -8.00 20.50
C LEU E 346 -4.62 -7.61 19.90
N PHE E 347 -4.61 -6.82 18.83
CA PHE E 347 -5.86 -6.37 18.24
C PHE E 347 -6.50 -7.42 17.36
N LEU E 348 -5.78 -8.48 17.02
CA LEU E 348 -6.39 -9.55 16.23
C LEU E 348 -7.29 -10.40 17.10
N TRP E 349 -7.01 -10.49 18.39
CA TRP E 349 -7.88 -11.27 19.25
C TRP E 349 -9.13 -10.50 19.62
N ILE E 350 -9.03 -9.18 19.71
CA ILE E 350 -10.19 -8.44 20.19
C ILE E 350 -11.01 -7.88 19.04
N PHE E 351 -10.72 -8.29 17.80
CA PHE E 351 -11.72 -8.13 16.76
C PHE E 351 -12.36 -9.45 16.37
N VAL E 352 -11.69 -10.57 16.62
CA VAL E 352 -12.29 -11.86 16.33
C VAL E 352 -13.31 -12.21 17.42
N PHE E 353 -13.12 -11.68 18.62
CA PHE E 353 -14.11 -11.88 19.68
C PHE E 353 -15.34 -10.99 19.51
N VAL E 354 -15.23 -9.97 18.66
CA VAL E 354 -16.41 -9.16 18.33
C VAL E 354 -17.10 -9.70 17.08
N CYS E 355 -16.32 -10.28 16.16
CA CYS E 355 -16.86 -10.78 14.89
C CYS E 355 -17.63 -12.09 15.09
N VAL E 356 -17.26 -12.88 16.09
CA VAL E 356 -18.10 -14.03 16.44
C VAL E 356 -19.30 -13.56 17.26
N PHE E 357 -19.15 -12.44 17.99
CA PHE E 357 -20.27 -11.87 18.75
C PHE E 357 -21.30 -11.20 17.83
N GLY E 358 -20.86 -10.75 16.66
CA GLY E 358 -21.78 -10.05 15.76
C GLY E 358 -22.67 -10.99 14.97
N THR E 359 -22.39 -12.30 15.02
CA THR E 359 -23.28 -13.26 14.40
C THR E 359 -24.17 -13.91 15.46
N ILE E 360 -23.78 -13.81 16.73
CA ILE E 360 -24.67 -14.23 17.82
C ILE E 360 -25.40 -13.01 18.38
N GLY E 361 -25.26 -11.86 17.71
CA GLY E 361 -26.25 -10.81 17.85
C GLY E 361 -27.43 -10.98 16.91
N MET E 362 -27.37 -12.00 16.04
CA MET E 362 -28.46 -12.29 15.11
C MET E 362 -29.44 -13.29 15.71
N PHE E 363 -29.00 -14.03 16.73
CA PHE E 363 -29.81 -15.15 17.25
C PHE E 363 -30.30 -14.89 18.65
N SER F 3 67.33 -17.87 15.03
CA SER F 3 66.18 -17.60 14.18
C SER F 3 65.42 -18.88 13.84
N GLU F 4 66.14 -20.01 13.89
CA GLU F 4 65.54 -21.29 13.57
C GLU F 4 65.00 -21.93 14.85
N VAL F 5 63.98 -22.77 14.68
CA VAL F 5 63.53 -23.67 15.74
C VAL F 5 64.36 -24.95 15.67
N GLN F 6 64.98 -25.33 16.79
CA GLN F 6 65.76 -26.55 16.77
C GLN F 6 65.42 -27.39 18.00
N LEU F 7 65.53 -28.71 17.85
CA LEU F 7 65.16 -29.66 18.89
C LEU F 7 66.19 -30.77 18.94
N VAL F 8 66.77 -30.99 20.12
CA VAL F 8 67.94 -31.83 20.32
C VAL F 8 67.54 -32.99 21.21
N GLU F 9 67.78 -34.22 20.73
CA GLU F 9 67.38 -35.45 21.39
C GLU F 9 68.57 -36.14 22.03
N SER F 10 68.48 -36.42 23.32
CA SER F 10 69.60 -37.01 24.03
C SER F 10 69.14 -37.86 25.20
N GLY F 11 70.09 -38.60 25.75
CA GLY F 11 69.85 -39.54 26.83
C GLY F 11 69.96 -40.98 26.42
N GLY F 12 70.43 -41.25 25.21
CA GLY F 12 70.38 -42.59 24.67
C GLY F 12 71.46 -43.49 25.24
N GLY F 13 71.10 -44.72 25.51
CA GLY F 13 72.01 -45.65 26.13
C GLY F 13 71.32 -46.98 26.39
N LEU F 14 71.84 -47.70 27.37
CA LEU F 14 71.26 -48.98 27.74
C LEU F 14 70.38 -48.81 28.96
N VAL F 15 69.26 -49.51 28.94
CA VAL F 15 68.48 -49.76 30.14
C VAL F 15 68.90 -51.14 30.61
N GLN F 16 69.13 -51.30 31.92
CA GLN F 16 69.31 -52.62 32.48
C GLN F 16 67.99 -53.39 32.41
N PRO F 17 68.02 -54.71 32.14
CA PRO F 17 66.79 -55.47 31.81
C PRO F 17 65.71 -55.56 32.90
N GLY F 18 64.56 -54.97 32.58
CA GLY F 18 63.49 -54.70 33.51
C GLY F 18 63.36 -53.25 33.91
N GLY F 19 64.34 -52.40 33.59
CA GLY F 19 64.53 -51.16 34.30
C GLY F 19 63.74 -49.99 33.74
N SER F 20 64.30 -48.80 33.96
CA SER F 20 63.71 -47.52 33.59
C SER F 20 64.79 -46.57 33.10
N LEU F 21 64.41 -45.64 32.23
CA LEU F 21 65.31 -44.58 31.80
C LEU F 21 64.49 -43.35 31.40
N ARG F 22 65.08 -42.16 31.57
CA ARG F 22 64.45 -40.89 31.24
C ARG F 22 65.15 -40.25 30.04
N LEU F 23 64.37 -39.89 29.01
CA LEU F 23 64.86 -39.22 27.82
C LEU F 23 64.72 -37.71 27.92
N SER F 24 65.66 -36.98 27.32
CA SER F 24 65.67 -35.52 27.34
C SER F 24 65.59 -34.95 25.94
N CYS F 25 64.72 -33.96 25.76
CA CYS F 25 64.63 -33.19 24.52
C CYS F 25 64.78 -31.73 24.90
N ALA F 26 65.84 -31.10 24.39
CA ALA F 26 66.10 -29.69 24.63
C ALA F 26 65.72 -28.89 23.39
N ALA F 27 64.79 -27.98 23.55
CA ALA F 27 64.23 -27.23 22.44
C ALA F 27 64.82 -25.83 22.41
N SER F 28 65.78 -25.63 21.51
CA SER F 28 66.49 -24.37 21.43
C SER F 28 65.84 -23.48 20.38
N GLY F 29 65.67 -22.22 20.72
CA GLY F 29 65.16 -21.25 19.78
C GLY F 29 63.73 -20.80 20.01
N PHE F 30 62.91 -21.59 20.71
CA PHE F 30 61.50 -21.26 20.79
C PHE F 30 60.94 -21.77 22.11
N ASN F 31 59.66 -21.46 22.33
CA ASN F 31 59.02 -21.72 23.62
C ASN F 31 58.48 -23.14 23.66
N VAL F 32 58.03 -23.58 24.84
CA VAL F 32 57.35 -24.86 24.93
C VAL F 32 55.95 -24.73 25.52
N ARG F 33 55.61 -23.55 26.05
CA ARG F 33 54.34 -23.38 26.76
C ARG F 33 53.16 -23.20 25.81
N SER F 34 53.40 -22.86 24.56
CA SER F 34 52.37 -22.71 23.55
C SER F 34 52.49 -23.74 22.44
N PHE F 35 53.03 -24.91 22.73
CA PHE F 35 53.31 -25.91 21.72
C PHE F 35 53.22 -27.29 22.34
N SER F 36 52.50 -28.19 21.68
CA SER F 36 52.48 -29.57 22.14
C SER F 36 53.72 -30.27 21.61
N ILE F 37 54.31 -31.15 22.42
CA ILE F 37 55.55 -31.81 22.05
C ILE F 37 55.32 -33.31 22.09
N HIS F 38 55.62 -33.95 20.97
CA HIS F 38 55.28 -35.35 20.76
C HIS F 38 56.56 -36.13 20.69
N TRP F 39 56.45 -37.44 20.88
CA TRP F 39 57.60 -38.32 20.82
C TRP F 39 57.26 -39.50 19.93
N VAL F 40 58.13 -39.73 18.96
CA VAL F 40 57.89 -40.66 17.87
C VAL F 40 59.15 -41.48 17.63
N ARG F 41 58.99 -42.80 17.54
CA ARG F 41 60.11 -43.68 17.30
C ARG F 41 59.97 -44.33 15.94
N GLN F 42 61.06 -44.94 15.50
CA GLN F 42 61.12 -45.73 14.29
C GLN F 42 61.80 -47.04 14.63
N ALA F 43 61.02 -48.13 14.66
CA ALA F 43 61.60 -49.45 14.73
C ALA F 43 62.32 -49.76 13.42
N PRO F 44 63.57 -50.24 13.48
CA PRO F 44 64.41 -50.27 12.27
C PRO F 44 64.03 -51.37 11.28
N GLY F 45 64.26 -51.07 10.00
CA GLY F 45 63.82 -51.93 8.92
C GLY F 45 62.36 -51.81 8.56
N LYS F 46 61.63 -50.88 9.18
CA LYS F 46 60.18 -50.74 9.07
C LYS F 46 59.83 -49.33 8.64
N GLY F 47 58.54 -49.00 8.81
CA GLY F 47 58.03 -47.67 8.53
C GLY F 47 58.11 -46.76 9.74
N LEU F 48 56.94 -46.31 10.19
CA LEU F 48 56.86 -45.43 11.35
C LEU F 48 55.73 -45.84 12.29
N GLU F 49 55.86 -45.43 13.56
CA GLU F 49 55.09 -45.98 14.67
C GLU F 49 55.19 -45.01 15.85
N TRP F 50 54.08 -44.37 16.21
CA TRP F 50 54.11 -43.26 17.15
C TRP F 50 54.07 -43.75 18.60
N VAL F 51 54.81 -43.07 19.48
CA VAL F 51 54.88 -43.50 20.87
C VAL F 51 53.86 -42.77 21.73
N ALA F 52 54.09 -41.47 21.94
CA ALA F 52 53.35 -40.79 23.01
C ALA F 52 53.39 -39.30 22.75
N TYR F 53 52.57 -38.56 23.51
CA TYR F 53 52.65 -37.11 23.37
C TYR F 53 52.45 -36.49 24.73
N ILE F 54 52.91 -35.24 24.84
CA ILE F 54 52.55 -34.41 25.98
C ILE F 54 52.12 -33.02 25.47
N SER F 55 51.04 -32.52 26.05
CA SER F 55 50.51 -31.19 25.76
C SER F 55 50.95 -30.30 26.90
N SER F 56 51.90 -29.42 26.64
CA SER F 56 52.50 -28.63 27.72
C SER F 56 51.70 -27.37 28.06
N SER F 57 50.55 -27.15 27.40
CA SER F 57 49.66 -26.07 27.78
C SER F 57 48.91 -26.39 29.07
N SER F 58 48.68 -27.68 29.33
CA SER F 58 48.01 -28.12 30.53
C SER F 58 48.73 -29.27 31.21
N GLY F 59 49.91 -29.66 30.72
CA GLY F 59 50.66 -30.77 31.27
C GLY F 59 50.25 -32.14 30.77
N SER F 60 49.18 -32.25 29.99
CA SER F 60 48.51 -33.52 29.81
C SER F 60 49.17 -34.34 28.73
N THR F 61 49.18 -35.67 28.91
CA THR F 61 49.84 -36.56 27.92
C THR F 61 48.95 -37.74 27.55
N SER F 62 49.19 -38.32 26.37
CA SER F 62 48.45 -39.50 25.85
C SER F 62 49.46 -40.57 25.45
N TYR F 63 49.31 -41.79 25.97
CA TYR F 63 50.24 -42.86 25.68
C TYR F 63 49.53 -43.82 24.74
N ALA F 64 50.31 -44.55 23.96
CA ALA F 64 49.74 -45.57 23.10
C ALA F 64 49.39 -46.81 23.89
N ASP F 65 48.73 -47.76 23.22
CA ASP F 65 48.36 -49.03 23.85
C ASP F 65 49.57 -49.96 24.06
N SER F 66 50.67 -49.71 23.35
CA SER F 66 51.95 -50.28 23.68
C SER F 66 52.48 -49.82 25.04
N VAL F 67 52.36 -48.53 25.36
CA VAL F 67 53.12 -47.96 26.46
C VAL F 67 52.24 -47.43 27.60
N LYS F 68 50.96 -47.79 27.64
CA LYS F 68 50.14 -47.40 28.78
C LYS F 68 50.46 -48.27 29.98
N GLY F 69 50.52 -47.65 31.16
CA GLY F 69 50.97 -48.28 32.37
C GLY F 69 52.47 -48.25 32.60
N ARG F 70 53.27 -47.96 31.57
CA ARG F 70 54.71 -48.09 31.59
C ARG F 70 55.46 -46.80 31.30
N PHE F 71 54.81 -45.78 30.79
CA PHE F 71 55.49 -44.56 30.35
C PHE F 71 54.91 -43.37 31.11
N THR F 72 55.78 -42.40 31.43
CA THR F 72 55.36 -41.18 32.12
C THR F 72 56.17 -39.97 31.69
N ILE F 73 55.51 -38.98 31.09
CA ILE F 73 56.22 -37.83 30.57
C ILE F 73 55.98 -36.65 31.49
N SER F 74 57.01 -35.83 31.70
CA SER F 74 56.81 -34.48 32.19
C SER F 74 57.69 -33.55 31.36
N ALA F 75 57.70 -32.28 31.74
CA ALA F 75 58.49 -31.28 31.04
C ALA F 75 58.86 -30.20 32.03
N ASP F 76 59.96 -29.50 31.73
CA ASP F 76 60.28 -28.25 32.40
C ASP F 76 60.12 -27.12 31.40
N THR F 77 59.39 -26.08 31.82
CA THR F 77 59.10 -24.93 30.99
C THR F 77 60.13 -23.83 31.16
N SER F 78 61.05 -23.98 32.11
CA SER F 78 62.11 -23.00 32.30
C SER F 78 63.15 -23.10 31.19
N LYS F 79 63.87 -24.21 31.14
CA LYS F 79 64.93 -24.42 30.16
C LYS F 79 64.50 -25.30 29.00
N ASN F 80 63.18 -25.32 28.71
CA ASN F 80 62.56 -25.79 27.45
C ASN F 80 62.76 -27.28 27.20
N THR F 81 62.65 -28.08 28.26
CA THR F 81 63.05 -29.48 28.17
C THR F 81 61.88 -30.41 28.37
N ALA F 82 61.98 -31.58 27.73
CA ALA F 82 61.01 -32.67 27.83
C ALA F 82 61.69 -33.91 28.39
N TYR F 83 61.00 -34.56 29.34
CA TYR F 83 61.53 -35.72 30.05
C TYR F 83 60.54 -36.86 29.92
N LEU F 84 60.95 -37.93 29.26
CA LEU F 84 60.04 -39.06 29.03
C LEU F 84 60.52 -40.26 29.83
N GLN F 85 59.61 -40.91 30.55
CA GLN F 85 59.93 -41.93 31.53
C GLN F 85 59.54 -43.29 30.97
N MET F 86 60.52 -44.18 30.88
CA MET F 86 60.39 -45.48 30.27
C MET F 86 60.63 -46.57 31.30
N ASN F 87 59.57 -47.30 31.66
CA ASN F 87 59.65 -48.35 32.65
C ASN F 87 59.33 -49.69 32.00
N SER F 88 60.19 -50.68 32.32
CA SER F 88 60.08 -52.11 31.92
C SER F 88 60.06 -52.30 30.41
N LEU F 89 61.20 -52.03 29.77
CA LEU F 89 61.25 -51.90 28.32
C LEU F 89 61.30 -53.24 27.60
N ARG F 90 61.61 -53.19 26.31
CA ARG F 90 61.82 -54.36 25.47
C ARG F 90 62.77 -54.00 24.34
N ALA F 91 63.11 -55.01 23.52
CA ALA F 91 64.04 -54.78 22.43
C ALA F 91 63.32 -54.35 21.15
N GLU F 92 61.99 -54.29 21.19
CA GLU F 92 61.25 -53.61 20.14
C GLU F 92 61.09 -52.13 20.45
N ASP F 93 61.54 -51.68 21.63
CA ASP F 93 61.75 -50.26 21.89
C ASP F 93 63.09 -49.77 21.36
N THR F 94 63.96 -50.69 20.92
CA THR F 94 65.28 -50.33 20.41
C THR F 94 65.11 -49.68 19.06
N ALA F 95 65.11 -48.35 19.06
CA ALA F 95 64.49 -47.61 17.98
C ALA F 95 65.20 -46.28 17.83
N VAL F 96 64.86 -45.57 16.78
CA VAL F 96 65.29 -44.20 16.59
C VAL F 96 64.23 -43.29 17.17
N TYR F 97 64.59 -42.51 18.17
CA TYR F 97 63.65 -41.69 18.93
C TYR F 97 63.85 -40.23 18.55
N TYR F 98 62.76 -39.58 18.15
CA TYR F 98 62.75 -38.15 17.84
C TYR F 98 61.67 -37.44 18.65
N CYS F 99 62.01 -36.23 19.05
CA CYS F 99 61.03 -35.35 19.69
C CYS F 99 60.48 -34.42 18.63
N ALA F 100 59.28 -33.89 18.88
CA ALA F 100 58.55 -33.23 17.81
C ALA F 100 57.70 -32.07 18.32
N ARG F 101 57.42 -31.17 17.39
CA ARG F 101 56.67 -29.92 17.58
C ARG F 101 55.28 -30.04 16.98
N TRP F 102 54.31 -29.39 17.62
CA TRP F 102 53.01 -29.13 16.99
C TRP F 102 52.40 -27.86 17.56
N GLY F 103 51.84 -27.02 16.69
CA GLY F 103 51.13 -25.82 17.10
C GLY F 103 49.70 -26.12 17.49
N TYR F 104 48.99 -25.07 17.91
CA TYR F 104 47.66 -25.21 18.50
C TYR F 104 46.57 -24.64 17.62
N TRP F 105 45.36 -25.17 17.81
CA TRP F 105 44.14 -24.67 17.22
C TRP F 105 43.80 -23.30 17.83
N PRO F 106 43.31 -22.34 17.03
CA PRO F 106 43.07 -22.30 15.59
C PRO F 106 44.27 -21.92 14.78
N GLY F 107 44.14 -21.93 13.47
CA GLY F 107 45.18 -21.40 12.61
C GLY F 107 45.86 -22.37 11.68
N GLU F 108 46.44 -21.79 10.63
CA GLU F 108 47.49 -22.42 9.83
C GLU F 108 48.62 -23.16 10.58
N PRO F 109 49.13 -22.73 11.78
CA PRO F 109 50.07 -23.63 12.49
C PRO F 109 49.46 -24.86 13.14
N TRP F 110 48.13 -25.03 13.17
CA TRP F 110 47.62 -26.36 13.43
C TRP F 110 47.83 -27.26 12.22
N TRP F 111 47.67 -26.69 11.02
CA TRP F 111 47.80 -27.48 9.79
C TRP F 111 49.24 -27.78 9.48
N LYS F 112 50.16 -26.94 9.97
CA LYS F 112 51.58 -27.24 10.04
C LYS F 112 51.72 -28.42 10.97
N ALA F 113 52.10 -29.55 10.39
CA ALA F 113 52.20 -30.81 11.11
C ALA F 113 53.57 -30.93 11.78
N PHE F 114 53.92 -32.18 12.09
CA PHE F 114 55.28 -32.56 12.40
C PHE F 114 56.21 -32.20 11.25
N ASP F 115 57.16 -31.32 11.50
CA ASP F 115 58.11 -30.92 10.48
C ASP F 115 59.50 -30.68 11.00
N TYR F 116 59.64 -30.45 12.31
CA TYR F 116 60.94 -30.28 12.94
C TYR F 116 61.31 -31.58 13.60
N TRP F 117 62.03 -32.41 12.86
CA TRP F 117 62.40 -33.75 13.25
C TRP F 117 63.89 -33.76 13.53
N GLY F 118 64.26 -34.34 14.66
CA GLY F 118 65.61 -34.14 15.15
C GLY F 118 66.64 -35.06 14.53
N GLN F 119 67.70 -35.30 15.30
CA GLN F 119 68.78 -36.16 14.82
C GLN F 119 68.60 -37.59 15.26
N GLY F 120 67.72 -37.85 16.21
CA GLY F 120 67.39 -39.20 16.61
C GLY F 120 68.37 -39.87 17.54
N THR F 121 67.84 -40.54 18.55
CA THR F 121 68.68 -41.38 19.39
C THR F 121 68.39 -42.84 19.08
N LEU F 122 69.42 -43.66 19.16
CA LEU F 122 69.18 -45.08 19.35
C LEU F 122 68.91 -45.35 20.82
N LYS F 131 77.81 -56.79 26.44
CA LYS F 131 79.11 -57.20 25.92
C LYS F 131 79.49 -56.33 24.74
N GLY F 132 80.79 -56.01 24.63
CA GLY F 132 81.28 -55.12 23.59
C GLY F 132 81.83 -55.83 22.38
N PRO F 133 81.89 -55.15 21.22
CA PRO F 133 82.22 -55.82 19.97
C PRO F 133 83.72 -56.02 19.76
N SER F 134 84.02 -56.87 18.78
CA SER F 134 85.37 -57.01 18.25
C SER F 134 85.36 -56.81 16.74
N VAL F 135 86.25 -55.93 16.26
CA VAL F 135 86.34 -55.53 14.86
C VAL F 135 87.67 -56.02 14.32
N PHE F 136 87.62 -56.72 13.19
CA PHE F 136 88.77 -57.37 12.59
C PHE F 136 88.97 -56.89 11.15
N PRO F 137 90.21 -56.65 10.72
CA PRO F 137 90.44 -56.04 9.40
C PRO F 137 90.33 -57.05 8.27
N LEU F 138 89.90 -56.56 7.10
CA LEU F 138 89.69 -57.37 5.89
C LEU F 138 90.48 -56.74 4.75
N ALA F 139 91.67 -57.30 4.48
CA ALA F 139 92.82 -57.07 3.63
C ALA F 139 92.52 -57.41 2.17
N PRO F 140 92.96 -56.60 1.22
CA PRO F 140 92.85 -56.99 -0.20
C PRO F 140 93.93 -58.01 -0.56
N SER F 141 93.69 -58.72 -1.66
CA SER F 141 94.61 -59.77 -2.07
C SER F 141 95.82 -59.19 -2.80
N SER F 142 96.87 -59.98 -2.93
CA SER F 142 98.08 -59.54 -3.62
C SER F 142 97.98 -59.72 -5.13
N LYS F 143 96.96 -60.45 -5.61
CA LYS F 143 96.75 -60.68 -7.03
C LYS F 143 95.73 -59.69 -7.63
N SER F 144 95.66 -58.48 -7.07
CA SER F 144 94.82 -57.45 -7.67
C SER F 144 95.49 -56.88 -8.91
N THR F 145 94.68 -56.34 -9.82
CA THR F 145 95.22 -55.83 -11.07
C THR F 145 95.86 -54.45 -10.86
N SER F 146 96.83 -54.13 -11.71
CA SER F 146 97.63 -52.93 -11.59
C SER F 146 96.83 -51.74 -12.13
N GLY F 147 96.40 -50.86 -11.23
CA GLY F 147 95.64 -49.69 -11.63
C GLY F 147 94.19 -50.01 -11.90
N GLY F 148 93.61 -50.86 -11.07
CA GLY F 148 92.25 -51.32 -11.27
C GLY F 148 91.34 -51.06 -10.08
N THR F 149 90.76 -52.13 -9.54
CA THR F 149 89.74 -52.05 -8.50
C THR F 149 90.01 -53.08 -7.42
N ALA F 150 90.16 -52.62 -6.18
CA ALA F 150 90.39 -53.48 -5.04
C ALA F 150 89.34 -53.24 -3.96
N ALA F 151 89.00 -54.31 -3.24
CA ALA F 151 88.01 -54.25 -2.16
C ALA F 151 88.69 -54.45 -0.81
N LEU F 152 88.23 -53.69 0.19
CA LEU F 152 88.75 -53.82 1.55
C LEU F 152 87.62 -53.57 2.53
N GLY F 153 87.88 -53.82 3.82
CA GLY F 153 86.81 -53.59 4.79
C GLY F 153 87.16 -53.95 6.21
N CYS F 154 86.12 -53.95 7.06
CA CYS F 154 86.23 -54.32 8.47
C CYS F 154 85.00 -55.09 8.92
N LEU F 155 85.18 -56.05 9.82
CA LEU F 155 84.10 -56.92 10.30
C LEU F 155 83.87 -56.66 11.78
N VAL F 156 82.64 -56.36 12.15
CA VAL F 156 82.25 -56.12 13.53
C VAL F 156 81.41 -57.31 13.98
N LYS F 157 81.73 -57.87 15.15
CA LYS F 157 80.93 -58.96 15.69
C LYS F 157 80.80 -58.85 17.21
N ASP F 158 79.79 -59.59 17.73
CA ASP F 158 79.62 -59.96 19.15
C ASP F 158 79.35 -58.71 20.01
N TYR F 159 78.22 -58.05 19.72
CA TYR F 159 77.81 -56.87 20.47
C TYR F 159 76.35 -56.97 20.90
N PHE F 160 76.13 -56.64 22.18
CA PHE F 160 74.82 -56.51 22.80
C PHE F 160 74.67 -55.05 23.20
N PRO F 161 73.63 -54.35 22.75
CA PRO F 161 72.60 -54.72 21.76
C PRO F 161 72.92 -54.27 20.34
N GLU F 162 72.01 -54.58 19.43
CA GLU F 162 72.08 -54.11 18.07
C GLU F 162 71.68 -52.64 18.02
N PRO F 163 72.31 -51.81 17.13
CA PRO F 163 73.45 -51.98 16.23
C PRO F 163 74.74 -51.25 16.61
N VAL F 164 75.75 -51.40 15.73
CA VAL F 164 76.96 -50.59 15.75
C VAL F 164 76.82 -49.50 14.69
N THR F 165 77.63 -48.45 14.83
CA THR F 165 77.77 -47.43 13.80
C THR F 165 79.20 -47.43 13.26
N VAL F 166 79.32 -47.55 11.93
CA VAL F 166 80.61 -47.71 11.26
C VAL F 166 80.87 -46.47 10.41
N SER F 167 82.07 -45.90 10.55
CA SER F 167 82.52 -44.78 9.74
C SER F 167 83.91 -45.04 9.19
N TRP F 168 84.33 -44.21 8.25
CA TRP F 168 85.59 -44.37 7.54
C TRP F 168 86.34 -43.05 7.51
N ASN F 169 87.58 -43.07 8.05
CA ASN F 169 88.55 -41.96 8.08
C ASN F 169 88.02 -40.71 8.78
N SER F 170 87.27 -40.96 9.88
CA SER F 170 86.53 -39.97 10.69
C SER F 170 85.58 -39.11 9.86
N GLY F 171 84.88 -39.73 8.90
CA GLY F 171 83.93 -39.03 8.07
C GLY F 171 84.48 -38.44 6.79
N ALA F 172 85.75 -38.67 6.47
CA ALA F 172 86.35 -38.09 5.27
C ALA F 172 86.03 -38.89 4.00
N LEU F 173 85.56 -40.12 4.13
CA LEU F 173 85.26 -40.98 2.99
C LEU F 173 83.76 -41.29 2.97
N THR F 174 83.12 -40.91 1.87
CA THR F 174 81.71 -41.24 1.65
C THR F 174 81.54 -41.92 0.29
N SER F 175 82.60 -41.91 -0.53
CA SER F 175 82.51 -42.48 -1.86
C SER F 175 82.79 -43.98 -1.82
N GLY F 176 81.88 -44.77 -2.39
CA GLY F 176 82.08 -46.20 -2.55
C GLY F 176 81.93 -47.04 -1.31
N VAL F 177 81.29 -46.51 -0.25
CA VAL F 177 81.13 -47.28 0.98
C VAL F 177 79.91 -48.19 0.84
N HIS F 178 79.98 -49.36 1.49
CA HIS F 178 78.83 -50.26 1.61
C HIS F 178 78.86 -50.87 3.00
N THR F 179 77.94 -50.41 3.85
CA THR F 179 77.73 -51.01 5.16
C THR F 179 76.54 -51.97 5.05
N PHE F 180 76.42 -52.87 6.02
CA PHE F 180 75.42 -53.92 5.87
C PHE F 180 74.50 -53.98 7.08
N PRO F 181 73.25 -54.42 6.90
CA PRO F 181 72.43 -54.78 8.05
C PRO F 181 72.92 -56.06 8.70
N ALA F 182 72.87 -56.11 10.03
CA ALA F 182 73.46 -57.21 10.76
C ALA F 182 72.51 -58.41 10.82
N VAL F 183 73.11 -59.60 10.80
CA VAL F 183 72.38 -60.86 10.85
C VAL F 183 72.70 -61.52 12.18
N LEU F 184 71.65 -61.97 12.88
CA LEU F 184 71.75 -62.57 14.20
C LEU F 184 72.41 -63.95 14.13
N GLN F 185 73.36 -64.19 15.03
CA GLN F 185 74.03 -65.48 15.11
CA GLN F 185 74.03 -65.48 15.11
C GLN F 185 73.24 -66.43 16.00
N SER F 186 73.88 -67.57 16.31
CA SER F 186 73.21 -68.59 17.12
C SER F 186 73.26 -68.26 18.60
N SER F 187 74.18 -67.39 19.02
CA SER F 187 74.36 -67.10 20.44
C SER F 187 73.52 -65.93 20.93
N GLY F 188 72.66 -65.36 20.09
CA GLY F 188 71.94 -64.15 20.44
C GLY F 188 72.69 -62.88 20.13
N LEU F 189 73.74 -62.95 19.33
CA LEU F 189 74.64 -61.84 19.11
C LEU F 189 74.58 -61.37 17.67
N TYR F 190 75.06 -60.15 17.44
CA TYR F 190 74.93 -59.50 16.14
C TYR F 190 76.30 -59.24 15.54
N SER F 191 76.34 -59.24 14.21
CA SER F 191 77.58 -59.10 13.45
C SER F 191 77.29 -58.57 12.06
N LEU F 192 78.16 -57.67 11.58
CA LEU F 192 78.06 -57.19 10.21
C LEU F 192 79.46 -56.93 9.66
N SER F 193 79.51 -56.52 8.40
CA SER F 193 80.74 -56.15 7.73
C SER F 193 80.53 -54.85 6.97
N SER F 194 81.62 -54.12 6.73
CA SER F 194 81.57 -52.86 6.00
C SER F 194 82.74 -52.79 5.04
N VAL F 195 82.45 -52.55 3.76
CA VAL F 195 83.45 -52.65 2.70
C VAL F 195 83.56 -51.33 1.95
N VAL F 196 84.75 -51.12 1.38
CA VAL F 196 85.10 -49.97 0.55
C VAL F 196 85.78 -50.50 -0.71
N THR F 197 85.22 -50.15 -1.87
CA THR F 197 85.89 -50.33 -3.15
C THR F 197 86.78 -49.13 -3.41
N VAL F 198 87.97 -49.40 -3.97
CA VAL F 198 88.98 -48.35 -4.13
C VAL F 198 89.76 -48.63 -5.41
N PRO F 199 90.30 -47.58 -6.04
CA PRO F 199 91.38 -47.79 -7.01
C PRO F 199 92.62 -48.40 -6.34
N SER F 200 93.31 -49.27 -7.08
CA SER F 200 94.40 -50.04 -6.50
C SER F 200 95.71 -49.26 -6.48
N SER F 201 95.77 -48.13 -7.17
CA SER F 201 97.00 -47.34 -7.23
C SER F 201 97.25 -46.50 -5.98
N SER F 202 96.26 -46.33 -5.12
CA SER F 202 96.42 -45.54 -3.90
C SER F 202 96.55 -46.41 -2.65
N LEU F 203 96.91 -47.68 -2.80
CA LEU F 203 97.03 -48.56 -1.64
C LEU F 203 98.33 -48.33 -0.88
N GLY F 204 99.39 -47.95 -1.58
CA GLY F 204 100.68 -47.67 -0.96
C GLY F 204 100.93 -46.23 -0.62
N THR F 205 99.89 -45.38 -0.63
CA THR F 205 100.05 -43.96 -0.36
C THR F 205 99.09 -43.49 0.73
N GLN F 206 97.87 -44.04 0.77
CA GLN F 206 96.85 -43.54 1.67
C GLN F 206 96.36 -44.69 2.55
N THR F 207 96.40 -44.49 3.86
CA THR F 207 95.96 -45.48 4.82
C THR F 207 94.46 -45.38 5.05
N TYR F 208 93.85 -46.53 5.36
CA TYR F 208 92.39 -46.64 5.45
C TYR F 208 92.03 -47.22 6.81
N ILE F 209 91.29 -46.45 7.60
CA ILE F 209 90.99 -46.80 8.99
C ILE F 209 89.47 -46.88 9.17
N CYS F 210 88.97 -48.03 9.62
CA CYS F 210 87.58 -48.12 10.01
C CYS F 210 87.42 -47.70 11.46
N ASN F 211 86.33 -47.00 11.75
CA ASN F 211 86.04 -46.46 13.07
C ASN F 211 84.64 -46.92 13.48
N VAL F 212 84.58 -47.81 14.46
CA VAL F 212 83.34 -48.46 14.89
C VAL F 212 82.99 -47.97 16.29
N ASN F 213 81.74 -47.53 16.45
CA ASN F 213 81.19 -47.08 17.73
C ASN F 213 80.08 -48.05 18.10
N HIS F 214 80.04 -48.44 19.37
CA HIS F 214 78.91 -49.17 19.95
C HIS F 214 78.58 -48.46 21.26
N LYS F 215 77.41 -47.80 21.27
CA LYS F 215 77.11 -46.82 22.31
C LYS F 215 76.62 -47.37 23.68
N PRO F 216 75.81 -48.46 23.80
CA PRO F 216 75.59 -49.01 25.15
C PRO F 216 76.80 -49.69 25.78
N SER F 217 77.70 -50.26 24.99
CA SER F 217 78.95 -50.78 25.54
C SER F 217 80.02 -49.71 25.67
N ASN F 218 79.75 -48.49 25.14
CA ASN F 218 80.61 -47.28 25.19
C ASN F 218 81.99 -47.53 24.57
N THR F 219 82.02 -48.20 23.42
CA THR F 219 83.27 -48.63 22.82
C THR F 219 83.52 -47.86 21.53
N LYS F 220 84.69 -47.23 21.45
CA LYS F 220 85.20 -46.57 20.25
C LYS F 220 86.42 -47.36 19.82
N VAL F 221 86.46 -47.81 18.58
CA VAL F 221 87.62 -48.58 18.10
C VAL F 221 87.99 -48.15 16.69
N ASP F 222 89.27 -47.85 16.48
CA ASP F 222 89.83 -47.56 15.17
C ASP F 222 90.76 -48.71 14.77
N LYS F 223 90.68 -49.14 13.52
CA LYS F 223 91.47 -50.27 13.03
C LYS F 223 91.88 -49.96 11.60
N LYS F 224 93.18 -50.02 11.33
CA LYS F 224 93.69 -49.79 9.98
C LYS F 224 93.72 -51.08 9.17
N VAL F 225 93.65 -50.93 7.85
CA VAL F 225 93.70 -52.08 6.94
C VAL F 225 94.85 -51.86 5.94
N GLU F 226 95.63 -52.91 5.71
CA GLU F 226 96.76 -52.96 4.80
C GLU F 226 96.63 -54.19 3.91
N PRO F 227 97.21 -54.18 2.71
CA PRO F 227 97.24 -55.40 1.90
C PRO F 227 98.21 -56.43 2.45
N LYS F 228 97.94 -57.69 2.14
CA LYS F 228 98.74 -58.79 2.67
C LYS F 228 100.04 -58.94 1.87
N SER F 229 100.98 -59.65 2.47
CA SER F 229 102.31 -59.85 1.87
C SER F 229 102.70 -61.32 1.88
N ASP G 2 40.93 -48.11 15.10
CA ASP G 2 41.45 -46.81 14.68
C ASP G 2 41.15 -46.49 13.23
N ILE G 3 41.86 -45.49 12.73
CA ILE G 3 41.78 -45.07 11.34
C ILE G 3 43.06 -45.51 10.66
N GLN G 4 43.01 -46.66 10.00
CA GLN G 4 44.18 -47.23 9.35
C GLN G 4 44.46 -46.50 8.05
N MET G 5 45.66 -46.68 7.52
CA MET G 5 46.11 -45.94 6.35
C MET G 5 46.77 -46.92 5.39
N THR G 6 46.11 -47.20 4.26
CA THR G 6 46.56 -48.22 3.32
C THR G 6 47.44 -47.57 2.26
N GLN G 7 48.74 -47.85 2.34
CA GLN G 7 49.73 -47.39 1.38
C GLN G 7 49.64 -48.24 0.13
N SER G 8 49.86 -47.63 -1.04
CA SER G 8 50.11 -48.36 -2.28
C SER G 8 51.05 -47.57 -3.17
N PRO G 9 52.27 -48.09 -3.43
CA PRO G 9 52.83 -49.36 -2.98
C PRO G 9 53.73 -49.25 -1.75
N SER G 10 54.24 -50.40 -1.32
CA SER G 10 55.24 -50.42 -0.27
C SER G 10 56.60 -49.99 -0.79
N SER G 11 56.96 -50.44 -2.00
CA SER G 11 58.18 -50.06 -2.66
C SER G 11 57.90 -50.03 -4.16
N LEU G 12 58.68 -49.22 -4.87
CA LEU G 12 58.62 -49.27 -6.33
C LEU G 12 60.03 -49.03 -6.86
N SER G 13 60.18 -49.24 -8.17
CA SER G 13 61.45 -49.07 -8.87
C SER G 13 61.17 -48.43 -10.22
N ALA G 14 61.53 -47.17 -10.36
CA ALA G 14 61.25 -46.46 -11.60
C ALA G 14 62.31 -45.40 -11.88
N SER G 15 62.24 -44.87 -13.10
CA SER G 15 63.35 -44.31 -13.84
C SER G 15 63.78 -42.93 -13.33
N VAL G 16 64.74 -42.36 -14.06
CA VAL G 16 65.22 -41.01 -13.78
C VAL G 16 64.34 -40.01 -14.50
N GLY G 17 63.80 -39.04 -13.76
CA GLY G 17 63.02 -37.97 -14.34
C GLY G 17 61.56 -38.29 -14.53
N ASP G 18 61.14 -39.52 -14.28
CA ASP G 18 59.85 -39.98 -14.77
C ASP G 18 58.74 -39.58 -13.79
N ARG G 19 57.50 -39.67 -14.25
CA ARG G 19 56.32 -39.36 -13.44
C ARG G 19 55.93 -40.59 -12.62
N VAL G 20 55.90 -40.45 -11.29
CA VAL G 20 55.62 -41.55 -10.37
C VAL G 20 54.49 -41.16 -9.43
N THR G 21 53.48 -42.02 -9.36
CA THR G 21 52.28 -41.84 -8.57
C THR G 21 52.40 -42.66 -7.29
N ILE G 22 51.98 -42.10 -6.15
CA ILE G 22 51.89 -42.82 -4.88
C ILE G 22 50.50 -42.62 -4.32
N THR G 23 49.74 -43.69 -4.13
CA THR G 23 48.38 -43.53 -3.63
C THR G 23 48.25 -44.07 -2.21
N CYS G 24 47.27 -43.55 -1.49
CA CYS G 24 47.00 -43.96 -0.13
C CYS G 24 45.49 -43.84 0.10
N ARG G 25 44.90 -44.84 0.72
CA ARG G 25 43.48 -44.79 1.01
C ARG G 25 43.26 -44.90 2.52
N ALA G 26 42.55 -43.94 3.08
CA ALA G 26 42.22 -43.90 4.50
C ALA G 26 41.09 -44.87 4.76
N SER G 27 40.92 -45.27 6.01
CA SER G 27 39.96 -46.35 6.29
C SER G 27 38.66 -45.83 6.85
N GLN G 28 38.62 -44.60 7.34
CA GLN G 28 37.37 -43.87 7.46
C GLN G 28 37.64 -42.41 7.11
N SER G 29 36.65 -41.56 7.38
CA SER G 29 36.63 -40.19 6.89
C SER G 29 37.60 -39.32 7.69
N VAL G 30 38.61 -38.79 7.01
CA VAL G 30 39.45 -37.71 7.51
C VAL G 30 39.17 -36.55 6.57
N SER G 31 38.96 -35.36 7.12
CA SER G 31 38.57 -34.17 6.37
C SER G 31 39.58 -33.65 5.37
N SER G 32 40.71 -33.15 5.85
CA SER G 32 41.75 -32.65 4.96
C SER G 32 43.15 -32.97 5.48
N ALA G 33 43.27 -33.76 6.53
CA ALA G 33 44.52 -33.85 7.27
C ALA G 33 45.32 -35.07 6.83
N VAL G 34 46.10 -34.88 5.77
CA VAL G 34 47.11 -35.83 5.31
C VAL G 34 48.43 -35.08 5.19
N ALA G 35 49.48 -35.64 5.76
CA ALA G 35 50.81 -35.11 5.57
C ALA G 35 51.68 -36.20 4.95
N TRP G 36 52.48 -35.79 3.97
CA TRP G 36 53.33 -36.69 3.20
C TRP G 36 54.79 -36.33 3.43
N TYR G 37 55.60 -37.36 3.62
CA TYR G 37 56.96 -37.25 4.11
C TYR G 37 57.92 -38.01 3.22
N GLN G 38 59.00 -37.33 2.86
CA GLN G 38 60.16 -37.95 2.24
C GLN G 38 61.05 -38.48 3.34
N GLN G 39 61.45 -39.74 3.22
CA GLN G 39 62.29 -40.35 4.22
C GLN G 39 63.53 -40.87 3.53
N LYS G 40 64.59 -40.14 3.68
CA LYS G 40 65.94 -40.44 3.24
C LYS G 40 66.54 -41.58 4.07
N PRO G 41 67.60 -42.23 3.60
CA PRO G 41 68.27 -43.27 4.43
C PRO G 41 68.99 -42.74 5.66
N GLY G 42 68.22 -42.52 6.73
CA GLY G 42 68.78 -42.46 8.06
C GLY G 42 68.86 -41.09 8.70
N LYS G 43 68.59 -40.04 7.96
CA LYS G 43 68.80 -38.67 8.42
C LYS G 43 67.52 -38.16 9.06
N ALA G 44 67.44 -36.85 9.21
CA ALA G 44 66.20 -36.24 9.68
C ALA G 44 65.13 -36.35 8.60
N PRO G 45 63.92 -36.79 8.94
CA PRO G 45 62.83 -36.78 7.96
C PRO G 45 62.36 -35.35 7.69
N LYS G 46 61.76 -35.14 6.52
CA LYS G 46 61.29 -33.83 6.12
C LYS G 46 59.87 -33.94 5.59
N LEU G 47 59.10 -32.87 5.75
CA LEU G 47 57.72 -32.84 5.31
C LEU G 47 57.61 -32.32 3.88
N LEU G 48 56.96 -33.09 3.02
CA LEU G 48 56.64 -32.58 1.70
C LEU G 48 55.28 -31.89 1.66
N ILE G 49 54.23 -32.61 2.01
CA ILE G 49 52.86 -32.14 1.78
C ILE G 49 52.11 -32.01 3.10
N TYR G 50 51.67 -30.80 3.43
CA TYR G 50 50.71 -30.63 4.51
C TYR G 50 49.38 -30.20 3.91
N SER G 51 48.32 -30.55 4.63
CA SER G 51 46.89 -30.37 4.28
C SER G 51 46.51 -31.00 2.93
N ALA G 52 47.17 -32.13 2.60
CA ALA G 52 46.92 -33.14 1.58
C ALA G 52 47.13 -32.70 0.13
N SER G 53 47.32 -31.42 -0.14
CA SER G 53 47.63 -30.99 -1.49
C SER G 53 48.61 -29.83 -1.54
N SER G 54 49.00 -29.25 -0.42
CA SER G 54 49.75 -28.01 -0.41
C SER G 54 51.22 -28.30 -0.15
N LEU G 55 52.08 -27.56 -0.82
CA LEU G 55 53.53 -27.75 -0.74
C LEU G 55 54.03 -27.14 0.57
N TYR G 56 55.07 -27.73 1.14
CA TYR G 56 55.71 -27.15 2.32
C TYR G 56 56.51 -25.93 1.90
N SER G 57 56.72 -25.00 2.83
CA SER G 57 57.46 -23.77 2.54
C SER G 57 58.96 -24.03 2.45
N GLY G 58 59.41 -24.49 1.26
CA GLY G 58 60.78 -24.94 1.08
C GLY G 58 60.93 -26.32 0.47
N VAL G 59 59.95 -26.78 -0.30
CA VAL G 59 59.98 -28.08 -0.98
C VAL G 59 59.85 -27.77 -2.46
N PRO G 60 60.52 -28.50 -3.38
CA PRO G 60 60.39 -28.21 -4.81
C PRO G 60 59.01 -28.54 -5.36
N SER G 61 58.61 -27.77 -6.37
CA SER G 61 57.25 -27.82 -6.88
C SER G 61 57.07 -28.84 -8.00
N ARG G 62 58.05 -29.73 -8.21
CA ARG G 62 57.83 -30.89 -9.05
C ARG G 62 56.92 -31.90 -8.36
N PHE G 63 57.00 -32.01 -7.05
CA PHE G 63 56.08 -32.82 -6.28
C PHE G 63 54.80 -32.03 -6.08
N SER G 64 53.68 -32.75 -5.99
CA SER G 64 52.43 -32.15 -5.52
C SER G 64 51.58 -33.22 -4.87
N GLY G 65 50.48 -32.80 -4.28
CA GLY G 65 49.56 -33.72 -3.65
C GLY G 65 48.16 -33.54 -4.17
N SER G 66 47.29 -34.49 -3.86
CA SER G 66 45.92 -34.45 -4.31
C SER G 66 45.03 -35.22 -3.35
N ARG G 67 44.00 -34.55 -2.85
CA ARG G 67 42.91 -35.24 -2.21
C ARG G 67 41.72 -35.33 -3.16
N SER G 68 41.05 -36.47 -3.12
CA SER G 68 39.75 -36.63 -3.78
C SER G 68 38.98 -37.62 -2.93
N GLY G 69 38.17 -37.10 -2.00
CA GLY G 69 37.46 -37.90 -1.02
C GLY G 69 38.34 -38.70 -0.07
N THR G 70 38.35 -40.00 -0.31
CA THR G 70 39.13 -40.97 0.45
C THR G 70 40.48 -41.20 -0.22
N ASP G 71 40.61 -40.84 -1.48
CA ASP G 71 41.84 -41.08 -2.20
C ASP G 71 42.81 -39.94 -1.92
N PHE G 72 44.04 -40.27 -1.49
CA PHE G 72 45.06 -39.26 -1.27
C PHE G 72 46.33 -39.67 -2.00
N THR G 73 46.81 -38.80 -2.89
CA THR G 73 47.80 -39.20 -3.88
C THR G 73 48.92 -38.16 -3.98
N LEU G 74 50.14 -38.62 -3.78
CA LEU G 74 51.34 -37.82 -3.97
C LEU G 74 51.87 -38.06 -5.38
N THR G 75 51.99 -36.99 -6.15
CA THR G 75 52.40 -37.08 -7.54
C THR G 75 53.79 -36.51 -7.70
N ILE G 76 54.64 -37.22 -8.44
CA ILE G 76 56.01 -36.80 -8.67
C ILE G 76 56.17 -36.62 -10.18
N SER G 77 56.34 -35.38 -10.62
CA SER G 77 56.45 -35.13 -12.05
C SER G 77 57.83 -35.48 -12.57
N SER G 78 58.84 -34.74 -12.14
CA SER G 78 60.21 -34.96 -12.61
C SER G 78 61.02 -35.52 -11.44
N LEU G 79 61.03 -36.85 -11.32
CA LEU G 79 61.72 -37.49 -10.20
C LEU G 79 63.21 -37.50 -10.47
N GLN G 80 63.90 -36.53 -9.90
CA GLN G 80 65.34 -36.31 -9.97
C GLN G 80 66.11 -37.43 -9.26
N PRO G 81 67.42 -37.58 -9.51
CA PRO G 81 68.22 -38.53 -8.70
C PRO G 81 68.45 -38.14 -7.23
N GLU G 82 68.13 -36.92 -6.83
CA GLU G 82 68.23 -36.50 -5.44
C GLU G 82 66.94 -36.68 -4.66
N ASP G 83 66.06 -37.60 -5.03
CA ASP G 83 64.69 -37.57 -4.53
C ASP G 83 64.16 -38.90 -3.99
N PHE G 84 64.96 -39.97 -3.97
CA PHE G 84 64.47 -41.32 -3.63
C PHE G 84 64.27 -41.47 -2.14
N ALA G 85 63.21 -42.19 -1.71
CA ALA G 85 62.89 -42.31 -0.26
C ALA G 85 61.92 -43.45 0.08
N THR G 86 61.51 -43.45 1.35
CA THR G 86 60.47 -44.27 2.02
C THR G 86 59.42 -43.21 2.38
N TYR G 87 58.40 -43.09 1.52
CA TYR G 87 57.48 -41.96 1.54
C TYR G 87 56.33 -42.27 2.49
N TYR G 88 55.64 -41.23 2.96
CA TYR G 88 54.63 -41.40 3.99
C TYR G 88 53.41 -40.53 3.79
N CYS G 89 52.25 -41.16 3.59
CA CYS G 89 50.97 -40.60 4.00
C CYS G 89 50.85 -40.73 5.52
N GLN G 90 50.20 -39.75 6.15
CA GLN G 90 50.03 -39.73 7.60
C GLN G 90 48.80 -38.89 7.91
N GLN G 91 47.92 -39.34 8.79
CA GLN G 91 46.82 -38.50 9.23
C GLN G 91 47.23 -37.66 10.42
N TYR G 92 46.61 -36.50 10.57
CA TYR G 92 46.79 -35.67 11.75
C TYR G 92 45.44 -35.09 12.21
N LEU G 93 44.47 -35.99 12.44
CA LEU G 93 43.15 -35.55 12.90
C LEU G 93 43.17 -35.12 14.36
N TYR G 94 43.57 -36.02 15.24
CA TYR G 94 43.68 -35.72 16.66
C TYR G 94 44.96 -36.37 17.18
N TYR G 95 45.57 -35.68 18.18
CA TYR G 95 46.94 -35.87 18.64
C TYR G 95 47.21 -37.27 19.17
N SER G 96 46.20 -37.90 19.75
CA SER G 96 46.37 -39.24 20.26
C SER G 96 46.07 -40.32 19.25
N LEU G 97 45.38 -40.00 18.15
CA LEU G 97 45.09 -41.01 17.13
C LEU G 97 45.87 -40.78 15.85
N VAL G 98 47.15 -40.39 15.94
CA VAL G 98 47.94 -40.14 14.74
C VAL G 98 48.52 -41.45 14.22
N THR G 99 48.14 -41.82 13.00
CA THR G 99 48.72 -43.01 12.37
C THR G 99 49.51 -42.59 11.14
N PHE G 100 50.48 -43.40 10.79
CA PHE G 100 51.37 -43.18 9.67
C PHE G 100 50.98 -44.06 8.49
N GLY G 101 51.77 -43.93 7.44
CA GLY G 101 51.79 -44.94 6.42
C GLY G 101 52.92 -45.92 6.60
N GLN G 102 52.82 -47.03 5.89
CA GLN G 102 53.84 -48.05 5.96
C GLN G 102 55.06 -47.69 5.13
N GLY G 103 54.92 -46.77 4.19
CA GLY G 103 56.03 -46.23 3.43
C GLY G 103 56.01 -46.60 1.96
N THR G 104 56.67 -45.77 1.15
CA THR G 104 56.77 -46.00 -0.29
C THR G 104 58.22 -45.82 -0.71
N LYS G 105 58.87 -46.93 -1.06
CA LYS G 105 60.32 -46.95 -1.17
C LYS G 105 60.75 -46.98 -2.62
N VAL G 106 61.03 -45.80 -3.18
CA VAL G 106 61.66 -45.69 -4.50
C VAL G 106 63.15 -45.53 -4.27
N GLU G 107 63.93 -46.21 -5.13
CA GLU G 107 65.36 -46.00 -5.30
C GLU G 107 65.63 -45.64 -6.76
N ILE G 108 66.74 -44.94 -7.00
CA ILE G 108 67.00 -44.27 -8.27
C ILE G 108 67.47 -45.29 -9.29
N ALA G 113 75.05 -56.04 -16.05
CA ALA G 113 76.29 -55.66 -15.35
C ALA G 113 76.59 -56.68 -14.24
N ALA G 114 77.54 -57.59 -14.48
CA ALA G 114 77.92 -58.62 -13.48
C ALA G 114 78.52 -57.95 -12.25
N PRO G 115 78.22 -58.43 -11.02
CA PRO G 115 78.78 -57.83 -9.79
C PRO G 115 80.19 -58.35 -9.50
N SER G 116 81.12 -57.44 -9.21
CA SER G 116 82.52 -57.82 -8.89
C SER G 116 82.54 -58.69 -7.64
N VAL G 117 83.37 -59.74 -7.63
CA VAL G 117 83.47 -60.63 -6.49
C VAL G 117 84.84 -60.50 -5.85
N PHE G 118 84.89 -60.69 -4.54
CA PHE G 118 86.15 -60.63 -3.81
C PHE G 118 86.06 -61.61 -2.64
N ILE G 119 87.21 -62.06 -2.14
CA ILE G 119 87.25 -62.97 -1.01
C ILE G 119 88.07 -62.31 0.09
N PHE G 120 87.82 -62.72 1.34
CA PHE G 120 88.42 -62.06 2.50
C PHE G 120 88.75 -63.13 3.54
N PRO G 121 90.03 -63.43 3.78
CA PRO G 121 90.38 -64.46 4.77
C PRO G 121 90.35 -63.89 6.19
N PRO G 122 90.25 -64.75 7.21
CA PRO G 122 90.38 -64.25 8.58
C PRO G 122 91.82 -63.93 8.95
N SER G 123 91.97 -63.02 9.92
CA SER G 123 93.27 -62.58 10.39
C SER G 123 93.79 -63.50 11.50
N ASP G 124 95.03 -63.23 11.94
CA ASP G 124 95.66 -64.08 12.94
C ASP G 124 95.16 -63.75 14.35
N SER G 125 94.68 -62.53 14.57
CA SER G 125 94.10 -62.18 15.87
C SER G 125 92.70 -62.78 16.00
N GLN G 126 92.02 -63.04 14.88
CA GLN G 126 90.79 -63.81 14.90
C GLN G 126 91.10 -65.30 15.11
N LEU G 127 92.23 -65.76 14.58
CA LEU G 127 92.59 -67.18 14.71
C LEU G 127 93.14 -67.51 16.09
N LYS G 128 93.60 -66.49 16.83
CA LYS G 128 94.03 -66.74 18.21
C LYS G 128 92.81 -66.86 19.13
N SER G 129 91.67 -66.28 18.74
CA SER G 129 90.47 -66.33 19.56
C SER G 129 89.71 -67.65 19.43
N GLY G 130 89.97 -68.43 18.38
CA GLY G 130 89.31 -69.71 18.19
C GLY G 130 88.22 -69.74 17.15
N THR G 131 88.07 -68.68 16.36
CA THR G 131 87.03 -68.58 15.35
C THR G 131 87.70 -68.31 14.01
N ALA G 132 87.08 -68.77 12.92
CA ALA G 132 87.58 -68.55 11.56
C ALA G 132 86.43 -68.06 10.70
N SER G 133 86.47 -66.78 10.35
CA SER G 133 85.40 -66.13 9.61
C SER G 133 85.91 -65.71 8.24
N VAL G 134 85.40 -66.35 7.19
CA VAL G 134 85.82 -66.06 5.81
C VAL G 134 84.62 -65.44 5.07
N VAL G 135 84.90 -64.42 4.26
CA VAL G 135 83.86 -63.58 3.66
C VAL G 135 83.99 -63.66 2.14
N CYS G 136 82.87 -63.92 1.45
CA CYS G 136 82.78 -63.71 0.00
C CYS G 136 81.87 -62.50 -0.25
N LEU G 137 82.34 -61.57 -1.06
CA LEU G 137 81.67 -60.28 -1.25
C LEU G 137 81.31 -60.09 -2.73
N LEU G 138 80.05 -59.73 -2.97
CA LEU G 138 79.50 -59.51 -4.31
C LEU G 138 79.01 -58.07 -4.38
N ASN G 139 79.63 -57.25 -5.24
CA ASN G 139 79.24 -55.85 -5.32
C ASN G 139 78.68 -55.54 -6.70
N ASN G 140 77.68 -54.63 -6.74
CA ASN G 140 77.08 -53.99 -7.91
C ASN G 140 76.43 -55.00 -8.87
N PHE G 141 75.37 -55.64 -8.37
CA PHE G 141 74.58 -56.57 -9.17
C PHE G 141 73.10 -56.27 -8.99
N TYR G 142 72.32 -56.68 -9.99
CA TYR G 142 70.87 -56.51 -10.01
C TYR G 142 70.31 -57.59 -10.92
N PRO G 143 69.23 -58.30 -10.52
CA PRO G 143 68.40 -58.19 -9.32
C PRO G 143 68.95 -58.93 -8.09
N ARG G 144 68.05 -59.28 -7.17
CA ARG G 144 68.46 -59.73 -5.85
C ARG G 144 68.81 -61.21 -5.81
N GLU G 145 68.41 -61.99 -6.82
CA GLU G 145 68.64 -63.42 -6.78
C GLU G 145 70.05 -63.77 -7.25
N ALA G 146 70.68 -64.70 -6.53
CA ALA G 146 72.05 -65.17 -6.79
C ALA G 146 72.22 -66.53 -6.15
N LYS G 147 73.31 -67.20 -6.49
CA LYS G 147 73.68 -68.46 -5.85
C LYS G 147 75.14 -68.39 -5.42
N VAL G 148 75.37 -68.27 -4.11
CA VAL G 148 76.71 -68.22 -3.53
C VAL G 148 76.94 -69.51 -2.78
N GLN G 149 77.99 -70.24 -3.15
CA GLN G 149 78.27 -71.55 -2.55
C GLN G 149 79.73 -71.62 -2.12
N TRP G 150 79.95 -72.07 -0.89
CA TRP G 150 81.30 -72.21 -0.34
C TRP G 150 81.82 -73.61 -0.65
N LYS G 151 83.08 -73.68 -1.10
CA LYS G 151 83.71 -74.92 -1.54
C LYS G 151 85.00 -75.10 -0.76
N VAL G 152 85.02 -76.11 0.12
CA VAL G 152 86.15 -76.42 0.98
C VAL G 152 86.64 -77.81 0.63
N ASP G 153 87.73 -77.88 -0.16
CA ASP G 153 88.37 -79.11 -0.69
C ASP G 153 87.40 -79.98 -1.48
N ASN G 154 86.67 -79.33 -2.40
CA ASN G 154 85.60 -79.85 -3.26
C ASN G 154 84.48 -80.52 -2.46
N ALA G 155 84.03 -79.89 -1.37
CA ALA G 155 82.93 -80.41 -0.57
C ALA G 155 81.92 -79.29 -0.32
N LEU G 156 80.64 -79.65 -0.31
CA LEU G 156 79.58 -78.65 -0.13
C LEU G 156 79.18 -78.56 1.34
N GLN G 157 78.92 -77.34 1.79
CA GLN G 157 78.48 -77.09 3.16
C GLN G 157 76.98 -76.83 3.21
N SER G 158 76.40 -76.92 4.41
CA SER G 158 74.98 -76.69 4.61
C SER G 158 74.73 -76.22 6.03
N GLY G 159 74.10 -75.05 6.17
CA GLY G 159 73.59 -74.58 7.43
C GLY G 159 74.58 -73.81 8.31
N ASN G 160 75.83 -73.68 7.89
CA ASN G 160 76.84 -73.01 8.70
C ASN G 160 77.40 -71.77 8.03
N SER G 161 76.62 -71.14 7.16
CA SER G 161 76.98 -69.86 6.57
C SER G 161 75.76 -68.96 6.59
N GLN G 162 76.01 -67.64 6.55
CA GLN G 162 74.93 -66.66 6.56
C GLN G 162 75.16 -65.65 5.44
N GLU G 163 74.08 -64.99 5.04
CA GLU G 163 74.12 -64.00 3.97
C GLU G 163 73.53 -62.68 4.46
N SER G 164 74.01 -61.59 3.87
CA SER G 164 73.53 -60.25 4.18
C SER G 164 73.42 -59.43 2.91
N VAL G 165 72.21 -58.92 2.67
CA VAL G 165 71.83 -58.23 1.45
C VAL G 165 71.35 -56.82 1.83
N THR G 166 71.96 -55.80 1.23
CA THR G 166 71.60 -54.43 1.53
C THR G 166 70.43 -53.95 0.65
N GLU G 167 70.12 -52.67 0.79
CA GLU G 167 69.06 -51.98 0.08
C GLU G 167 69.50 -51.63 -1.35
N GLN G 168 68.56 -51.12 -2.14
CA GLN G 168 68.92 -50.65 -3.47
C GLN G 168 69.48 -49.24 -3.38
N ASP G 169 70.38 -48.90 -4.31
CA ASP G 169 71.29 -47.78 -4.07
C ASP G 169 70.68 -46.44 -4.42
N SER G 170 71.42 -45.38 -4.06
CA SER G 170 71.11 -43.97 -4.29
C SER G 170 71.37 -43.54 -5.72
N LYS G 171 72.29 -44.19 -6.41
CA LYS G 171 72.55 -43.88 -7.80
C LYS G 171 71.90 -44.87 -8.77
N ASP G 172 72.11 -46.18 -8.59
CA ASP G 172 71.81 -47.11 -9.66
C ASP G 172 71.02 -48.36 -9.25
N SER G 173 70.39 -48.38 -8.06
CA SER G 173 69.36 -49.33 -7.62
C SER G 173 69.82 -50.79 -7.56
N THR G 174 71.11 -51.02 -7.34
CA THR G 174 71.68 -52.35 -7.41
C THR G 174 71.80 -52.97 -6.02
N TYR G 175 72.48 -54.10 -5.94
CA TYR G 175 72.62 -54.85 -4.70
C TYR G 175 74.08 -55.11 -4.38
N SER G 176 74.33 -55.40 -3.10
CA SER G 176 75.61 -55.89 -2.64
C SER G 176 75.35 -56.93 -1.56
N LEU G 177 76.20 -57.96 -1.55
CA LEU G 177 75.96 -59.17 -0.77
C LEU G 177 77.25 -59.56 -0.05
N SER G 178 77.11 -59.96 1.21
CA SER G 178 78.20 -60.56 1.96
C SER G 178 77.78 -61.93 2.46
N SER G 179 78.53 -62.96 2.08
CA SER G 179 78.30 -64.33 2.53
C SER G 179 79.44 -64.69 3.48
N THR G 180 79.09 -64.89 4.75
CA THR G 180 80.06 -65.12 5.82
C THR G 180 79.98 -66.58 6.26
N LEU G 181 81.11 -67.28 6.17
CA LEU G 181 81.22 -68.64 6.67
C LEU G 181 82.06 -68.63 7.95
N THR G 182 81.47 -69.12 9.04
CA THR G 182 82.10 -69.13 10.36
C THR G 182 82.38 -70.56 10.77
N LEU G 183 83.62 -70.87 11.08
CA LEU G 183 84.07 -72.20 11.46
C LEU G 183 84.95 -72.10 12.70
N SER G 184 85.33 -73.27 13.21
CA SER G 184 86.29 -73.31 14.31
C SER G 184 87.73 -73.28 13.76
N LYS G 185 88.69 -73.26 14.67
CA LYS G 185 90.09 -73.25 14.26
C LYS G 185 90.57 -74.63 13.84
N ALA G 186 89.93 -75.68 14.37
CA ALA G 186 90.30 -77.05 14.00
C ALA G 186 89.79 -77.40 12.61
N ASP G 187 88.63 -76.87 12.23
CA ASP G 187 88.09 -77.09 10.89
C ASP G 187 88.81 -76.21 9.87
N TYR G 188 89.42 -75.12 10.32
CA TYR G 188 90.27 -74.33 9.43
C TYR G 188 91.62 -75.00 9.22
N GLU G 189 92.19 -75.60 10.28
CA GLU G 189 93.51 -76.18 10.11
C GLU G 189 93.48 -77.58 9.51
N LYS G 190 92.33 -78.28 9.53
CA LYS G 190 92.30 -79.60 8.91
C LYS G 190 92.20 -79.53 7.39
N HIS G 191 91.81 -78.39 6.82
CA HIS G 191 91.67 -78.24 5.38
C HIS G 191 92.57 -77.11 4.91
N LYS G 192 92.69 -76.96 3.59
CA LYS G 192 93.68 -76.06 3.02
C LYS G 192 93.16 -75.09 1.97
N VAL G 193 92.18 -75.48 1.13
CA VAL G 193 91.74 -74.66 0.01
C VAL G 193 90.34 -74.12 0.33
N TYR G 194 90.17 -72.81 0.17
CA TYR G 194 88.89 -72.15 0.42
C TYR G 194 88.46 -71.40 -0.83
N ALA G 195 87.26 -71.70 -1.34
CA ALA G 195 86.78 -71.05 -2.55
C ALA G 195 85.32 -70.69 -2.39
N CYS G 196 84.90 -69.60 -3.03
CA CYS G 196 83.48 -69.25 -3.12
C CYS G 196 83.11 -69.11 -4.59
N GLU G 197 81.96 -69.68 -4.96
CA GLU G 197 81.50 -69.66 -6.33
C GLU G 197 80.14 -68.96 -6.43
N VAL G 198 79.98 -68.18 -7.50
CA VAL G 198 78.84 -67.30 -7.72
C VAL G 198 78.19 -67.68 -9.04
N THR G 199 76.89 -68.00 -8.97
CA THR G 199 76.04 -68.18 -10.14
C THR G 199 75.03 -67.05 -10.20
N HIS G 200 74.95 -66.38 -11.34
CA HIS G 200 74.12 -65.19 -11.49
C HIS G 200 73.63 -65.16 -12.93
N GLN G 201 72.47 -64.51 -13.15
CA GLN G 201 71.88 -64.39 -14.48
C GLN G 201 72.72 -63.52 -15.42
N GLY G 202 73.19 -62.36 -14.94
CA GLY G 202 73.97 -61.46 -15.76
C GLY G 202 75.41 -61.87 -16.02
N LEU G 203 75.91 -62.86 -15.29
CA LEU G 203 77.26 -63.38 -15.48
C LEU G 203 77.16 -64.68 -16.28
N SER G 204 78.07 -64.86 -17.23
CA SER G 204 77.96 -65.97 -18.19
C SER G 204 78.38 -67.30 -17.58
N SER G 205 79.26 -67.28 -16.58
CA SER G 205 79.77 -68.49 -15.98
C SER G 205 79.72 -68.33 -14.46
N PRO G 206 79.45 -69.40 -13.72
CA PRO G 206 79.61 -69.34 -12.25
C PRO G 206 81.08 -69.26 -11.87
N VAL G 207 81.47 -68.09 -11.35
CA VAL G 207 82.86 -67.77 -11.11
C VAL G 207 83.28 -68.38 -9.77
N THR G 208 84.46 -69.00 -9.74
CA THR G 208 85.05 -69.52 -8.51
C THR G 208 86.29 -68.70 -8.16
N LYS G 209 86.34 -68.21 -6.93
CA LYS G 209 87.50 -67.47 -6.45
C LYS G 209 88.05 -68.18 -5.21
N SER G 210 89.35 -68.45 -5.22
CA SER G 210 89.94 -69.37 -4.28
C SER G 210 91.18 -68.76 -3.64
N PHE G 211 91.54 -69.29 -2.48
CA PHE G 211 92.85 -69.07 -1.88
C PHE G 211 93.24 -70.34 -1.13
N ASN G 212 94.51 -70.37 -0.72
CA ASN G 212 95.05 -71.47 0.06
C ASN G 212 95.47 -70.97 1.43
N ARG G 213 95.60 -71.88 2.38
CA ARG G 213 96.00 -71.51 3.73
C ARG G 213 97.51 -71.26 3.78
N GLY G 214 97.93 -70.45 4.75
CA GLY G 214 99.32 -70.09 4.89
C GLY G 214 99.75 -68.99 3.94
N SER H 3 64.85 -0.91 23.12
CA SER H 3 64.76 -1.19 24.55
C SER H 3 64.42 0.09 25.31
N GLU H 4 65.25 0.46 26.28
CA GLU H 4 65.06 1.68 27.03
C GLU H 4 65.78 2.81 26.31
N VAL H 5 65.13 3.97 26.29
CA VAL H 5 65.69 5.16 25.66
C VAL H 5 66.47 5.93 26.71
N GLN H 6 67.76 6.10 26.50
CA GLN H 6 68.57 6.73 27.53
C GLN H 6 69.00 8.12 27.09
N LEU H 7 68.91 9.05 28.03
CA LEU H 7 69.03 10.48 27.80
C LEU H 7 69.93 11.05 28.88
N VAL H 8 71.24 11.00 28.62
CA VAL H 8 72.25 11.37 29.61
C VAL H 8 72.55 12.86 29.47
N GLU H 9 72.62 13.56 30.61
CA GLU H 9 72.92 14.98 30.62
C GLU H 9 74.42 15.21 30.79
N SER H 10 74.98 16.10 29.98
CA SER H 10 76.40 16.45 30.07
C SER H 10 76.62 17.87 29.55
N GLY H 11 77.86 18.33 29.61
CA GLY H 11 78.24 19.60 29.01
C GLY H 11 78.24 20.79 29.95
N GLY H 12 77.53 20.73 31.07
CA GLY H 12 77.47 21.87 31.97
C GLY H 12 78.56 21.84 33.03
N GLY H 13 78.98 23.02 33.45
CA GLY H 13 80.07 23.14 34.40
C GLY H 13 79.76 24.21 35.42
N LEU H 14 80.80 24.94 35.82
CA LEU H 14 80.64 26.05 36.75
C LEU H 14 81.03 27.37 36.10
N VAL H 15 80.11 28.34 36.11
CA VAL H 15 80.38 29.66 35.55
C VAL H 15 79.85 30.73 36.51
N GLN H 16 80.10 31.98 36.14
CA GLN H 16 79.72 33.15 36.92
C GLN H 16 78.77 34.01 36.08
N PRO H 17 78.26 35.12 36.65
CA PRO H 17 77.87 36.26 35.81
C PRO H 17 79.03 36.73 34.95
N GLY H 18 78.89 36.53 33.65
CA GLY H 18 80.01 36.49 32.73
C GLY H 18 80.21 35.13 32.07
N GLY H 19 79.36 34.16 32.36
CA GLY H 19 79.49 32.84 31.79
C GLY H 19 78.48 32.49 30.72
N SER H 20 78.70 31.36 30.06
CA SER H 20 77.91 30.84 28.95
C SER H 20 78.18 29.35 28.80
N LEU H 21 77.13 28.57 28.56
CA LEU H 21 77.32 27.13 28.60
C LEU H 21 76.58 26.44 27.47
N ARG H 22 76.98 25.21 27.18
CA ARG H 22 76.22 24.30 26.32
C ARG H 22 75.83 23.07 27.13
N LEU H 23 74.54 22.80 27.18
CA LEU H 23 74.04 21.63 27.87
C LEU H 23 73.59 20.60 26.84
N SER H 24 73.80 19.33 27.15
CA SER H 24 73.65 18.25 26.18
C SER H 24 72.77 17.15 26.74
N CYS H 25 71.64 16.94 26.08
CA CYS H 25 70.84 15.74 26.25
C CYS H 25 71.32 14.81 25.13
N ALA H 26 72.14 13.83 25.51
CA ALA H 26 72.66 12.85 24.58
C ALA H 26 71.77 11.62 24.63
N ALA H 27 71.19 11.27 23.49
CA ALA H 27 70.03 10.41 23.43
C ALA H 27 70.27 9.19 22.57
N SER H 28 69.74 8.06 23.02
CA SER H 28 69.71 6.84 22.24
C SER H 28 68.40 6.13 22.51
N GLY H 29 67.69 5.80 21.45
CA GLY H 29 66.37 5.24 21.54
C GLY H 29 65.29 6.00 20.79
N PHE H 30 65.61 7.19 20.30
CA PHE H 30 64.75 7.88 19.33
C PHE H 30 65.60 8.70 18.38
N ASN H 31 65.21 8.68 17.11
CA ASN H 31 65.60 9.69 16.15
C ASN H 31 64.98 11.02 16.58
N VAL H 32 65.79 12.08 16.59
CA VAL H 32 65.28 13.36 17.08
C VAL H 32 64.46 14.11 16.02
N ARG H 33 64.45 13.63 14.78
CA ARG H 33 63.48 14.10 13.80
C ARG H 33 62.06 13.66 14.15
N SER H 34 61.89 12.51 14.80
CA SER H 34 60.58 12.00 15.12
C SER H 34 60.02 12.52 16.44
N PHE H 35 60.72 13.41 17.13
CA PHE H 35 60.27 13.84 18.44
C PHE H 35 60.63 15.29 18.69
N SER H 36 59.73 15.98 19.36
CA SER H 36 60.06 17.27 19.94
C SER H 36 60.90 17.04 21.19
N ILE H 37 61.77 18.00 21.48
CA ILE H 37 62.71 17.93 22.58
C ILE H 37 62.44 19.12 23.49
N HIS H 38 62.28 18.85 24.78
CA HIS H 38 61.82 19.83 25.75
C HIS H 38 62.79 19.88 26.92
N TRP H 39 63.12 21.10 27.35
CA TRP H 39 64.07 21.33 28.42
C TRP H 39 63.32 21.91 29.61
N VAL H 40 63.51 21.28 30.78
CA VAL H 40 62.77 21.64 32.00
C VAL H 40 63.76 21.82 33.16
N ARG H 41 63.44 22.77 34.04
CA ARG H 41 64.29 23.20 35.14
C ARG H 41 63.69 22.86 36.49
N GLN H 42 64.55 22.85 37.52
CA GLN H 42 64.11 22.79 38.90
C GLN H 42 65.13 23.50 39.78
N ALA H 43 64.73 24.66 40.30
CA ALA H 43 65.50 25.36 41.30
C ALA H 43 65.37 24.62 42.63
N PRO H 44 66.38 24.69 43.51
CA PRO H 44 66.25 24.08 44.84
C PRO H 44 65.32 24.87 45.74
N GLY H 45 64.47 24.15 46.47
CA GLY H 45 63.46 24.77 47.30
C GLY H 45 62.29 25.31 46.50
N LYS H 46 62.10 24.75 45.30
CA LYS H 46 61.02 25.07 44.38
C LYS H 46 60.54 23.78 43.73
N GLY H 47 59.79 23.93 42.64
CA GLY H 47 59.26 22.80 41.91
C GLY H 47 59.81 22.71 40.51
N LEU H 48 59.28 21.73 39.77
CA LEU H 48 59.64 21.54 38.37
C LEU H 48 58.99 22.62 37.51
N GLU H 49 59.78 23.23 36.63
CA GLU H 49 59.31 24.33 35.78
C GLU H 49 59.98 24.18 34.40
N TRP H 50 59.59 25.03 33.46
CA TRP H 50 59.92 24.79 32.06
C TRP H 50 60.91 25.82 31.51
N VAL H 51 61.78 25.38 30.60
CA VAL H 51 62.69 26.29 29.87
C VAL H 51 62.29 26.45 28.41
N ALA H 52 62.35 25.38 27.61
CA ALA H 52 62.27 25.58 26.15
C ALA H 52 61.84 24.28 25.46
N TYR H 53 61.63 24.38 24.13
CA TYR H 53 61.41 23.22 23.28
C TYR H 53 61.86 23.52 21.86
N ILE H 54 62.20 22.44 21.15
CA ILE H 54 62.62 22.44 19.75
C ILE H 54 62.05 21.18 19.11
N SER H 55 61.95 21.16 17.78
CA SER H 55 61.81 19.94 17.02
C SER H 55 62.80 20.00 15.86
N SER H 56 63.09 18.84 15.26
CA SER H 56 64.06 18.79 14.17
C SER H 56 63.41 18.74 12.79
N SER H 57 62.11 18.47 12.73
CA SER H 57 61.45 18.30 11.43
C SER H 57 60.60 19.52 11.09
N SER H 58 59.81 20.00 12.04
CA SER H 58 59.01 21.19 11.81
C SER H 58 59.84 22.46 11.86
N GLY H 59 60.99 22.42 12.54
CA GLY H 59 61.98 23.50 12.51
C GLY H 59 61.74 24.65 13.46
N SER H 60 60.48 24.96 13.80
CA SER H 60 60.20 26.06 14.70
C SER H 60 60.45 25.63 16.13
N THR H 61 60.76 26.60 16.97
CA THR H 61 61.15 26.34 18.34
C THR H 61 60.82 27.56 19.19
N SER H 62 60.65 27.32 20.50
CA SER H 62 60.31 28.42 21.39
C SER H 62 60.75 28.10 22.81
N TYR H 63 60.38 28.99 23.73
CA TYR H 63 60.93 28.99 25.08
C TYR H 63 59.87 29.41 26.07
N ALA H 64 60.26 29.43 27.34
CA ALA H 64 59.54 30.20 28.34
C ALA H 64 60.04 31.64 28.32
N ASP H 65 59.31 32.53 29.02
CA ASP H 65 59.50 33.97 28.82
C ASP H 65 60.72 34.51 29.56
N SER H 66 61.29 33.73 30.48
CA SER H 66 62.43 34.19 31.27
C SER H 66 63.72 34.24 30.45
N VAL H 67 63.96 33.21 29.64
CA VAL H 67 65.11 33.13 28.76
C VAL H 67 64.75 33.40 27.31
N LYS H 68 63.51 33.77 27.03
CA LYS H 68 63.20 34.47 25.79
C LYS H 68 63.86 35.84 25.78
N GLY H 69 64.86 35.99 24.92
CA GLY H 69 65.69 37.17 24.88
C GLY H 69 67.15 36.92 25.10
N ARG H 70 67.52 35.84 25.81
CA ARG H 70 68.92 35.56 26.13
C ARG H 70 69.44 34.22 25.61
N PHE H 71 68.74 33.11 25.85
CA PHE H 71 69.29 31.78 25.59
C PHE H 71 69.06 31.41 24.14
N THR H 72 69.52 30.22 23.77
CA THR H 72 68.99 29.54 22.58
C THR H 72 69.01 28.03 22.80
N ILE H 73 68.24 27.33 21.98
CA ILE H 73 68.12 25.88 22.03
C ILE H 73 68.44 25.33 20.64
N SER H 74 69.31 24.31 20.58
CA SER H 74 69.81 23.84 19.30
C SER H 74 69.84 22.32 19.29
N ALA H 75 69.25 21.74 18.25
CA ALA H 75 69.18 20.30 18.12
C ALA H 75 69.81 19.88 16.80
N ASP H 76 70.41 18.69 16.81
CA ASP H 76 71.00 18.16 15.57
C ASP H 76 70.66 16.68 15.44
N THR H 77 70.38 16.28 14.19
CA THR H 77 70.00 14.90 13.87
C THR H 77 71.15 14.12 13.28
N SER H 78 72.25 14.81 12.94
CA SER H 78 73.44 14.12 12.43
C SER H 78 74.16 13.40 13.55
N LYS H 79 74.08 13.96 14.76
CA LYS H 79 74.61 13.35 15.96
C LYS H 79 73.52 12.82 16.89
N ASN H 80 72.25 13.21 16.63
CA ASN H 80 71.06 13.00 17.48
C ASN H 80 71.29 13.50 18.92
N THR H 81 71.43 14.81 19.06
CA THR H 81 71.88 15.39 20.31
C THR H 81 71.26 16.76 20.49
N ALA H 82 70.74 17.00 21.70
CA ALA H 82 70.24 18.30 22.08
C ALA H 82 71.32 19.09 22.80
N TYR H 83 71.39 20.38 22.47
CA TYR H 83 72.20 21.37 23.16
C TYR H 83 71.31 22.53 23.58
N LEU H 84 71.63 23.12 24.71
CA LEU H 84 71.03 24.36 25.19
C LEU H 84 72.17 25.34 25.46
N GLN H 85 72.18 26.47 24.75
CA GLN H 85 73.25 27.45 24.90
C GLN H 85 72.73 28.60 25.77
N MET H 86 73.40 28.79 26.90
CA MET H 86 72.96 29.66 27.98
C MET H 86 73.90 30.86 28.07
N ASN H 87 73.34 32.06 27.88
CA ASN H 87 74.10 33.26 27.52
C ASN H 87 73.74 34.43 28.43
N SER H 88 74.79 35.19 28.79
CA SER H 88 74.80 36.35 29.71
C SER H 88 74.12 36.03 31.05
N LEU H 89 74.71 35.07 31.76
CA LEU H 89 73.99 34.27 32.74
C LEU H 89 73.75 34.97 34.06
N ARG H 90 72.63 34.63 34.68
CA ARG H 90 72.11 35.15 35.94
C ARG H 90 72.29 34.04 36.99
N ALA H 91 72.41 34.43 38.27
CA ALA H 91 72.59 33.45 39.33
C ALA H 91 71.32 32.68 39.66
N GLU H 92 70.16 33.21 39.30
CA GLU H 92 68.89 32.61 39.74
C GLU H 92 68.41 31.46 38.88
N ASP H 93 69.17 31.06 37.86
CA ASP H 93 68.95 29.78 37.22
C ASP H 93 69.94 28.71 37.69
N THR H 94 70.45 28.85 38.92
CA THR H 94 71.16 27.77 39.62
C THR H 94 70.22 26.61 39.89
N ALA H 95 70.38 25.52 39.15
CA ALA H 95 69.28 24.57 39.09
C ALA H 95 69.76 23.19 38.67
N VAL H 96 68.93 22.19 38.94
CA VAL H 96 69.04 20.90 38.27
C VAL H 96 68.16 20.92 37.03
N TYR H 97 68.69 20.43 35.91
CA TYR H 97 68.03 20.50 34.63
C TYR H 97 67.77 19.08 34.13
N TYR H 98 66.56 18.88 33.61
CA TYR H 98 66.12 17.61 33.06
C TYR H 98 65.76 17.81 31.60
N CYS H 99 65.95 16.76 30.80
CA CYS H 99 65.60 16.82 29.38
C CYS H 99 64.47 15.85 29.11
N ALA H 100 63.77 16.07 28.01
CA ALA H 100 62.64 15.23 27.64
C ALA H 100 62.45 15.26 26.14
N ARG H 101 61.71 14.27 25.67
CA ARG H 101 61.08 14.32 24.37
C ARG H 101 59.58 14.34 24.58
N TRP H 102 58.87 14.61 23.48
CA TRP H 102 57.41 14.59 23.42
C TRP H 102 57.03 14.41 21.96
N GLY H 103 56.06 13.54 21.69
CA GLY H 103 55.67 13.14 20.35
C GLY H 103 55.02 14.15 19.43
N TYR H 104 54.46 13.64 18.35
CA TYR H 104 53.85 14.47 17.32
C TYR H 104 52.34 14.28 17.26
N TRP H 105 51.67 15.34 16.87
CA TRP H 105 50.28 15.28 16.46
C TRP H 105 50.20 14.55 15.12
N PRO H 106 49.29 13.57 14.97
CA PRO H 106 48.19 13.14 15.82
C PRO H 106 48.45 11.96 16.70
N GLY H 107 47.38 11.49 17.33
CA GLY H 107 47.34 10.19 17.96
C GLY H 107 47.75 10.24 19.42
N GLU H 108 47.72 9.07 20.01
CA GLU H 108 48.22 8.84 21.36
C GLU H 108 49.74 9.02 21.54
N PRO H 109 50.60 8.91 20.50
CA PRO H 109 51.92 9.57 20.56
C PRO H 109 51.96 11.06 20.88
N TRP H 110 50.95 11.84 20.51
CA TRP H 110 50.88 13.22 21.02
C TRP H 110 50.49 13.20 22.49
N TRP H 111 49.68 12.22 22.90
CA TRP H 111 49.11 12.22 24.23
C TRP H 111 50.12 11.83 25.30
N LYS H 112 51.15 11.08 24.89
CA LYS H 112 52.24 10.67 25.81
C LYS H 112 53.30 11.78 25.83
N ALA H 113 53.51 12.43 26.99
CA ALA H 113 54.48 13.53 27.10
C ALA H 113 55.51 13.24 28.21
N PHE H 114 56.78 13.56 27.94
CA PHE H 114 57.90 13.35 28.91
C PHE H 114 57.96 11.88 29.33
N ASP H 115 57.81 10.96 28.38
CA ASP H 115 57.83 9.50 28.66
C ASP H 115 59.17 9.09 29.28
N TYR H 116 60.27 9.28 28.55
CA TYR H 116 61.58 8.88 29.03
C TYR H 116 62.31 10.18 29.30
N TRP H 117 62.47 10.50 30.57
CA TRP H 117 63.00 11.77 30.98
C TRP H 117 64.52 11.78 30.87
N GLY H 118 65.09 12.95 31.03
CA GLY H 118 66.46 13.03 31.44
C GLY H 118 66.57 12.88 32.93
N GLN H 119 67.69 12.30 33.36
CA GLN H 119 67.94 12.16 34.77
C GLN H 119 68.42 13.46 35.37
N GLY H 120 68.94 14.36 34.55
CA GLY H 120 69.24 15.71 34.98
C GLY H 120 70.67 15.85 35.43
N THR H 121 71.24 17.02 35.14
CA THR H 121 72.51 17.38 35.74
C THR H 121 72.29 18.67 36.53
N LEU H 122 73.25 19.05 37.35
CA LEU H 122 73.09 20.24 38.17
C LEU H 122 74.13 21.30 37.80
N VAL H 123 73.63 22.49 37.45
CA VAL H 123 74.48 23.58 37.00
C VAL H 123 74.33 24.71 38.01
N THR H 124 75.47 25.12 38.59
CA THR H 124 75.54 26.10 39.66
C THR H 124 76.20 27.37 39.16
N VAL H 125 75.43 28.45 39.07
CA VAL H 125 75.95 29.77 38.74
C VAL H 125 75.62 30.69 39.91
N SER H 126 76.64 31.39 40.44
CA SER H 126 76.41 32.51 41.35
C SER H 126 77.58 33.48 41.22
N SER H 127 77.41 34.66 41.82
CA SER H 127 78.39 35.73 41.63
C SER H 127 79.54 35.68 42.61
N ALA H 128 79.52 34.75 43.56
CA ALA H 128 80.70 34.47 44.35
C ALA H 128 81.58 33.49 43.57
N SER H 129 82.89 33.59 43.76
CA SER H 129 83.83 32.71 43.10
C SER H 129 83.98 31.44 43.92
N THR H 130 84.75 30.48 43.40
CA THR H 130 84.89 29.21 44.08
C THR H 130 85.95 29.29 45.19
N LYS H 131 85.61 28.73 46.35
CA LYS H 131 86.54 28.61 47.47
C LYS H 131 86.46 27.20 48.04
N GLY H 132 87.57 26.74 48.63
CA GLY H 132 87.63 25.43 49.24
C GLY H 132 87.10 25.43 50.66
N PRO H 133 86.70 24.26 51.17
CA PRO H 133 85.92 24.22 52.41
C PRO H 133 86.78 24.32 53.67
N SER H 134 86.12 24.66 54.77
CA SER H 134 86.72 24.68 56.09
C SER H 134 85.86 23.85 57.05
N VAL H 135 86.48 22.81 57.62
CA VAL H 135 85.78 21.81 58.43
C VAL H 135 86.22 21.97 59.87
N PHE H 136 85.25 22.01 60.78
CA PHE H 136 85.51 22.12 62.21
C PHE H 136 84.81 21.00 62.97
N PRO H 137 85.45 20.43 63.99
CA PRO H 137 84.79 19.37 64.78
C PRO H 137 83.78 19.94 65.75
N LEU H 138 82.65 19.24 65.88
CA LEU H 138 81.60 19.56 66.84
C LEU H 138 81.62 18.47 67.90
N ALA H 139 82.29 18.75 69.02
CA ALA H 139 82.70 17.99 70.19
C ALA H 139 81.54 17.74 71.15
N PRO H 140 81.45 16.55 71.74
CA PRO H 140 80.40 16.31 72.74
C PRO H 140 80.74 16.96 74.07
N SER H 141 79.71 17.16 74.89
CA SER H 141 79.90 17.84 76.17
C SER H 141 80.45 16.88 77.22
N SER H 142 81.00 17.45 78.29
CA SER H 142 81.54 16.64 79.39
C SER H 142 80.46 16.27 80.40
N LYS H 143 79.27 16.86 80.29
CA LYS H 143 78.17 16.59 81.21
C LYS H 143 77.21 15.49 80.71
N SER H 144 77.68 14.64 79.80
CA SER H 144 76.85 13.54 79.30
C SER H 144 76.76 12.43 80.33
N THR H 145 75.70 11.64 80.25
CA THR H 145 75.44 10.60 81.24
C THR H 145 76.31 9.37 80.97
N SER H 146 76.49 8.58 82.03
CA SER H 146 77.32 7.38 81.97
C SER H 146 76.52 6.25 81.36
N GLY H 147 76.89 5.85 80.14
CA GLY H 147 76.19 4.78 79.46
C GLY H 147 74.88 5.22 78.84
N GLY H 148 74.88 6.41 78.25
CA GLY H 148 73.68 6.93 77.62
C GLY H 148 73.85 7.19 76.15
N THR H 149 73.49 8.39 75.70
CA THR H 149 73.60 8.77 74.30
C THR H 149 74.26 10.13 74.20
N ALA H 150 75.34 10.21 73.43
CA ALA H 150 76.06 11.46 73.21
C ALA H 150 76.17 11.74 71.72
N ALA H 151 76.05 13.02 71.37
CA ALA H 151 76.05 13.43 69.97
C ALA H 151 77.37 14.14 69.64
N LEU H 152 77.86 13.93 68.43
CA LEU H 152 79.04 14.61 67.93
C LEU H 152 78.89 14.80 66.43
N GLY H 153 79.85 15.50 65.82
CA GLY H 153 79.76 15.67 64.38
C GLY H 153 80.85 16.56 63.81
N CYS H 154 80.64 16.95 62.56
CA CYS H 154 81.54 17.85 61.85
C CYS H 154 80.76 18.90 61.07
N LEU H 155 81.26 20.12 61.10
CA LEU H 155 80.64 21.27 60.44
C LEU H 155 81.51 21.69 59.27
N VAL H 156 80.93 21.67 58.06
CA VAL H 156 81.65 22.03 56.84
C VAL H 156 81.08 23.35 56.35
N LYS H 157 81.85 24.43 56.51
CA LYS H 157 81.44 25.77 56.09
C LYS H 157 82.35 26.26 54.98
N ASP H 158 81.88 27.31 54.27
CA ASP H 158 82.66 28.19 53.38
C ASP H 158 83.18 27.43 52.14
N TYR H 159 82.26 26.72 51.48
CA TYR H 159 82.59 25.99 50.27
C TYR H 159 81.80 26.54 49.10
N PHE H 160 82.42 26.49 47.93
CA PHE H 160 81.74 26.90 46.72
C PHE H 160 82.17 26.03 45.55
N PRO H 161 81.23 25.61 44.70
CA PRO H 161 79.76 25.60 44.84
C PRO H 161 79.21 24.25 45.34
N GLU H 162 77.88 24.06 45.19
CA GLU H 162 77.24 22.80 45.54
C GLU H 162 77.64 21.70 44.56
N PRO H 163 77.74 20.43 45.02
CA PRO H 163 77.67 19.86 46.39
C PRO H 163 78.98 19.28 46.93
N VAL H 164 78.92 18.75 48.16
CA VAL H 164 80.00 17.98 48.78
C VAL H 164 79.50 16.59 49.09
N THR H 165 80.38 15.76 49.64
CA THR H 165 80.00 14.45 50.16
C THR H 165 80.69 14.19 51.49
N VAL H 166 79.87 13.89 52.50
CA VAL H 166 80.32 13.65 53.87
C VAL H 166 80.14 12.16 54.17
N SER H 167 81.19 11.54 54.70
CA SER H 167 81.16 10.15 55.16
C SER H 167 81.79 10.05 56.54
N TRP H 168 81.56 8.91 57.18
CA TRP H 168 81.98 8.69 58.57
C TRP H 168 82.73 7.37 58.67
N ASN H 169 84.00 7.47 59.13
CA ASN H 169 84.94 6.36 59.36
C ASN H 169 85.20 5.53 58.11
N SER H 170 85.35 6.25 56.98
CA SER H 170 85.62 5.75 55.62
C SER H 170 84.55 4.76 55.13
N GLY H 171 83.28 5.03 55.44
CA GLY H 171 82.19 4.19 55.00
C GLY H 171 81.80 3.07 55.94
N ALA H 172 82.50 2.92 57.07
CA ALA H 172 82.19 1.83 57.99
C ALA H 172 81.04 2.16 58.94
N LEU H 173 80.65 3.42 59.03
CA LEU H 173 79.57 3.86 59.92
C LEU H 173 78.39 4.34 59.08
N THR H 174 77.25 3.64 59.22
CA THR H 174 76.03 4.06 58.55
C THR H 174 74.93 4.34 59.56
N SER H 175 75.07 3.79 60.76
CA SER H 175 74.02 3.91 61.77
C SER H 175 74.11 5.25 62.50
N GLY H 176 72.98 5.96 62.54
CA GLY H 176 72.89 7.21 63.28
C GLY H 176 73.47 8.41 62.58
N VAL H 177 73.85 8.29 61.31
CA VAL H 177 74.47 9.40 60.58
C VAL H 177 73.39 10.29 59.99
N HIS H 178 73.39 11.57 60.36
CA HIS H 178 72.45 12.55 59.84
C HIS H 178 73.23 13.65 59.15
N THR H 179 73.15 13.69 57.83
CA THR H 179 73.83 14.69 57.01
C THR H 179 72.80 15.71 56.55
N PHE H 180 73.02 16.97 56.90
CA PHE H 180 72.03 18.01 56.64
C PHE H 180 72.31 18.69 55.29
N PRO H 181 71.25 19.13 54.58
CA PRO H 181 71.47 19.84 53.31
C PRO H 181 72.00 21.25 53.51
N ALA H 182 72.63 21.77 52.46
CA ALA H 182 73.28 23.08 52.55
C ALA H 182 72.33 24.21 52.22
N VAL H 183 72.68 25.41 52.68
CA VAL H 183 71.95 26.64 52.41
C VAL H 183 72.91 27.65 51.77
N LEU H 184 72.34 28.62 51.06
CA LEU H 184 73.09 29.72 50.48
C LEU H 184 73.07 30.89 51.46
N GLN H 185 74.26 31.38 51.83
CA GLN H 185 74.39 32.41 52.84
C GLN H 185 74.23 33.81 52.23
N SER H 186 74.58 34.82 53.03
CA SER H 186 74.42 36.20 52.58
C SER H 186 75.51 36.61 51.60
N SER H 187 76.72 36.07 51.75
CA SER H 187 77.78 36.35 50.78
C SER H 187 77.61 35.57 49.49
N GLY H 188 76.94 34.43 49.55
CA GLY H 188 76.82 33.55 48.41
C GLY H 188 77.27 32.12 48.66
N LEU H 189 77.78 31.83 49.85
CA LEU H 189 78.55 30.62 50.11
C LEU H 189 77.68 29.54 50.72
N TYR H 190 78.27 28.39 50.95
CA TYR H 190 77.54 27.20 51.37
C TYR H 190 78.13 26.60 52.65
N SER H 191 77.25 25.99 53.44
CA SER H 191 77.61 25.41 54.73
C SER H 191 76.59 24.34 55.11
N LEU H 192 77.08 23.27 55.74
CA LEU H 192 76.22 22.23 56.27
C LEU H 192 76.90 21.57 57.47
N SER H 193 76.20 20.62 58.07
CA SER H 193 76.68 19.89 59.25
C SER H 193 76.31 18.42 59.14
N SER H 194 77.04 17.57 59.85
CA SER H 194 76.76 16.14 59.89
C SER H 194 76.97 15.63 61.31
N VAL H 195 75.94 14.99 61.87
CA VAL H 195 75.95 14.56 63.26
C VAL H 195 75.70 13.06 63.38
N VAL H 196 76.40 12.45 64.34
CA VAL H 196 76.20 11.05 64.73
C VAL H 196 75.92 11.03 66.23
N THR H 197 74.85 10.34 66.62
CA THR H 197 74.56 10.02 68.01
C THR H 197 75.08 8.61 68.31
N VAL H 198 75.95 8.51 69.30
CA VAL H 198 76.59 7.24 69.68
C VAL H 198 76.25 6.92 71.13
N PRO H 199 76.41 5.66 71.53
CA PRO H 199 76.49 5.37 72.96
C PRO H 199 77.73 6.00 73.59
N SER H 200 77.61 6.36 74.88
CA SER H 200 78.65 7.17 75.52
C SER H 200 79.81 6.32 76.01
N SER H 201 79.66 5.00 76.06
CA SER H 201 80.71 4.13 76.56
C SER H 201 81.82 3.88 75.54
N SER H 202 81.60 4.18 74.26
CA SER H 202 82.59 3.98 73.22
C SER H 202 83.33 5.26 72.84
N LEU H 203 83.27 6.29 73.67
CA LEU H 203 83.93 7.55 73.35
C LEU H 203 85.43 7.49 73.61
N GLY H 204 85.85 6.67 74.58
CA GLY H 204 87.25 6.53 74.92
C GLY H 204 87.93 5.29 74.39
N THR H 205 87.21 4.44 73.67
CA THR H 205 87.79 3.21 73.11
C THR H 205 87.71 3.16 71.60
N GLN H 206 87.21 4.21 70.95
CA GLN H 206 87.08 4.22 69.49
C GLN H 206 87.18 5.65 69.00
N THR H 207 88.08 5.87 68.05
CA THR H 207 88.26 7.19 67.44
C THR H 207 87.24 7.39 66.32
N TYR H 208 86.87 8.65 66.10
CA TYR H 208 85.81 9.00 65.17
C TYR H 208 86.31 10.09 64.24
N ILE H 209 86.52 9.73 62.97
CA ILE H 209 87.05 10.62 61.95
C ILE H 209 86.00 10.81 60.87
N CYS H 210 85.59 12.06 60.65
CA CYS H 210 84.70 12.38 59.54
C CYS H 210 85.55 12.70 58.32
N ASN H 211 85.04 12.35 57.14
CA ASN H 211 85.75 12.56 55.88
C ASN H 211 84.81 13.29 54.92
N VAL H 212 85.21 14.47 54.47
CA VAL H 212 84.44 15.21 53.48
C VAL H 212 85.27 15.26 52.19
N ASN H 213 84.58 15.34 51.05
CA ASN H 213 85.23 15.58 49.76
C ASN H 213 84.42 16.59 48.96
N HIS H 214 85.13 17.46 48.24
CA HIS H 214 84.57 18.63 47.55
C HIS H 214 85.18 18.63 46.16
N LYS H 215 84.37 18.27 45.16
CA LYS H 215 84.88 18.08 43.80
C LYS H 215 85.22 19.32 42.95
N PRO H 216 84.60 20.53 43.07
CA PRO H 216 85.17 21.67 42.32
C PRO H 216 86.49 22.22 42.87
N SER H 217 86.86 21.91 44.10
CA SER H 217 88.16 22.30 44.63
C SER H 217 89.07 21.11 44.87
N ASN H 218 88.56 19.88 44.67
CA ASN H 218 89.25 18.58 44.83
C ASN H 218 89.83 18.40 46.24
N THR H 219 89.05 18.78 47.24
CA THR H 219 89.53 18.84 48.62
C THR H 219 88.90 17.73 49.44
N LYS H 220 89.73 16.86 50.02
CA LYS H 220 89.28 15.86 50.97
C LYS H 220 89.86 16.19 52.34
N VAL H 221 88.99 16.20 53.36
CA VAL H 221 89.37 16.56 54.72
C VAL H 221 88.98 15.42 55.65
N ASP H 222 89.97 14.86 56.35
CA ASP H 222 89.74 13.90 57.43
C ASP H 222 89.95 14.62 58.76
N LYS H 223 88.86 14.78 59.52
CA LYS H 223 88.88 15.52 60.77
C LYS H 223 88.42 14.61 61.90
N LYS H 224 89.23 14.51 62.96
CA LYS H 224 88.88 13.67 64.10
C LYS H 224 88.03 14.46 65.09
N VAL H 225 87.16 13.74 65.81
CA VAL H 225 86.27 14.31 66.82
C VAL H 225 86.65 13.70 68.16
N GLU H 226 86.95 14.55 69.14
CA GLU H 226 87.25 14.13 70.50
C GLU H 226 86.36 14.89 71.47
N PRO H 227 86.06 14.30 72.64
CA PRO H 227 85.35 15.06 73.67
C PRO H 227 86.25 16.10 74.32
N LYS H 228 85.62 17.16 74.83
CA LYS H 228 86.35 18.26 75.44
C LYS H 228 86.78 17.90 76.86
N SER H 229 87.70 18.69 77.39
CA SER H 229 88.22 18.47 78.74
C SER H 229 88.21 19.78 79.54
N ASP I 2 48.81 32.64 29.06
CA ASP I 2 49.46 31.89 30.13
C ASP I 2 48.44 31.17 31.03
N ILE I 3 48.28 29.86 30.83
CA ILE I 3 47.29 29.11 31.59
C ILE I 3 47.84 28.79 32.97
N GLN I 4 47.08 29.10 34.01
CA GLN I 4 47.48 28.81 35.37
C GLN I 4 46.74 27.56 35.87
N MET I 5 47.30 26.94 36.89
CA MET I 5 46.89 25.62 37.34
C MET I 5 46.93 25.56 38.86
N THR I 6 45.77 25.33 39.49
CA THR I 6 45.64 25.39 40.94
C THR I 6 45.37 24.00 41.49
N GLN I 7 46.32 23.47 42.25
CA GLN I 7 46.24 22.15 42.84
C GLN I 7 45.42 22.23 44.11
N SER I 8 44.70 21.15 44.43
CA SER I 8 44.00 21.05 45.70
C SER I 8 44.27 19.68 46.30
N PRO I 9 44.99 19.62 47.44
CA PRO I 9 45.77 20.69 48.09
C PRO I 9 47.28 20.62 47.77
N SER I 10 48.08 21.38 48.53
CA SER I 10 49.52 21.43 48.27
C SER I 10 50.33 20.87 49.43
N SER I 11 49.68 20.52 50.54
CA SER I 11 50.35 19.85 51.65
C SER I 11 49.37 18.92 52.34
N LEU I 12 49.73 17.63 52.37
CA LEU I 12 48.88 16.58 52.91
C LEU I 12 49.72 15.55 53.66
N SER I 13 49.05 14.78 54.52
CA SER I 13 49.61 13.63 55.21
C SER I 13 48.57 12.52 55.23
N ALA I 14 48.97 11.30 54.87
CA ALA I 14 48.00 10.23 54.67
C ALA I 14 48.51 8.91 55.26
N SER I 15 47.54 8.03 55.57
CA SER I 15 47.76 6.76 56.25
C SER I 15 47.89 5.61 55.26
N VAL I 16 48.41 4.47 55.75
CA VAL I 16 48.35 3.24 54.98
C VAL I 16 46.91 2.74 54.97
N GLY I 17 46.30 2.76 53.80
CA GLY I 17 44.89 2.48 53.64
C GLY I 17 44.06 3.69 53.22
N ASP I 18 44.44 4.88 53.67
CA ASP I 18 43.72 6.09 53.32
C ASP I 18 44.02 6.48 51.88
N ARG I 19 42.99 6.97 51.21
CA ARG I 19 43.04 7.29 49.80
C ARG I 19 43.58 8.70 49.60
N VAL I 20 44.72 8.81 48.94
CA VAL I 20 45.22 10.11 48.52
C VAL I 20 44.36 10.54 47.36
N THR I 21 43.46 11.48 47.61
CA THR I 21 42.55 11.96 46.58
C THR I 21 42.75 13.46 46.43
N ILE I 22 43.30 13.85 45.29
CA ILE I 22 43.58 15.25 45.02
C ILE I 22 42.83 15.68 43.78
N THR I 23 42.44 16.96 43.73
CA THR I 23 41.90 17.52 42.51
C THR I 23 42.85 18.58 41.99
N CYS I 24 42.75 18.86 40.70
CA CYS I 24 43.56 19.90 40.08
CA CYS I 24 43.55 19.92 40.09
C CYS I 24 42.63 20.72 39.21
N ARG I 25 42.59 22.04 39.43
CA ARG I 25 41.61 22.92 38.83
C ARG I 25 42.27 23.84 37.80
N ALA I 26 41.60 23.97 36.66
CA ALA I 26 42.05 24.78 35.54
C ALA I 26 41.45 26.18 35.59
N SER I 27 42.33 27.19 35.53
CA SER I 27 41.90 28.59 35.56
C SER I 27 41.24 29.01 34.26
N GLN I 28 41.71 28.47 33.14
CA GLN I 28 40.94 28.47 31.91
C GLN I 28 41.01 27.07 31.33
N SER I 29 40.14 26.81 30.35
CA SER I 29 39.65 25.48 30.05
C SER I 29 40.66 24.65 29.29
N VAL I 30 41.47 23.88 30.01
CA VAL I 30 42.20 22.76 29.46
C VAL I 30 41.13 21.73 29.16
N SER I 31 41.14 21.18 27.94
CA SER I 31 40.19 20.13 27.58
C SER I 31 40.40 18.85 28.37
N SER I 32 41.47 18.11 28.10
CA SER I 32 41.71 16.92 28.89
C SER I 32 43.19 16.67 29.15
N ALA I 33 44.08 17.50 28.63
CA ALA I 33 45.51 17.20 28.59
C ALA I 33 46.19 17.54 29.92
N VAL I 34 45.92 16.72 30.94
CA VAL I 34 46.43 16.93 32.29
C VAL I 34 46.93 15.60 32.86
N ALA I 35 47.93 15.69 33.74
CA ALA I 35 48.71 14.53 34.12
C ALA I 35 49.08 14.58 35.60
N TRP I 36 49.39 13.40 36.15
CA TRP I 36 49.95 13.23 37.49
C TRP I 36 51.26 12.48 37.39
N TYR I 37 52.33 13.09 37.91
CA TYR I 37 53.58 12.39 38.21
C TYR I 37 53.87 12.52 39.68
N GLN I 38 54.90 11.81 40.15
CA GLN I 38 55.37 11.91 41.53
C GLN I 38 56.80 12.42 41.56
N GLN I 39 57.33 12.59 42.77
CA GLN I 39 58.68 13.06 43.02
C GLN I 39 59.11 12.65 44.42
N LYS I 40 60.23 11.93 44.51
CA LYS I 40 60.90 11.57 45.76
C LYS I 40 61.75 12.74 46.27
N PRO I 41 62.48 12.56 47.38
CA PRO I 41 63.66 13.41 47.59
C PRO I 41 64.72 13.21 46.52
N GLY I 42 64.87 14.22 45.67
CA GLY I 42 65.99 14.32 44.75
C GLY I 42 66.04 13.34 43.60
N LYS I 43 64.94 13.15 42.88
CA LYS I 43 64.88 12.19 41.78
C LYS I 43 64.26 12.82 40.54
N ALA I 44 64.28 12.07 39.44
CA ALA I 44 63.58 12.45 38.24
C ALA I 44 62.36 11.56 38.04
N PRO I 45 61.24 12.12 37.57
CA PRO I 45 60.00 11.33 37.51
C PRO I 45 59.91 10.42 36.30
N LYS I 46 58.72 9.82 36.16
CA LYS I 46 58.35 8.78 35.22
C LYS I 46 56.99 9.20 34.66
N LEU I 47 56.57 8.67 33.51
CA LEU I 47 55.17 8.81 33.11
C LEU I 47 54.31 7.98 34.04
N LEU I 48 53.53 8.64 34.91
CA LEU I 48 52.66 7.83 35.77
C LEU I 48 51.23 7.77 35.22
N ILE I 49 50.51 8.91 35.20
CA ILE I 49 49.14 8.95 34.68
C ILE I 49 48.99 10.19 33.82
N TYR I 50 48.42 10.03 32.61
CA TYR I 50 48.23 11.11 31.67
C TYR I 50 46.78 11.18 31.20
N SER I 51 46.39 12.39 30.75
CA SER I 51 45.17 12.71 29.99
C SER I 51 43.87 12.41 30.72
N ALA I 52 43.85 12.64 32.04
CA ALA I 52 42.68 12.79 32.92
C ALA I 52 41.78 11.58 33.15
N SER I 53 41.94 10.47 32.39
CA SER I 53 41.42 9.18 32.80
C SER I 53 42.32 8.03 32.38
N SER I 54 43.39 8.28 31.64
CA SER I 54 44.04 7.23 30.85
C SER I 54 45.19 6.63 31.64
N LEU I 55 45.52 5.38 31.33
CA LEU I 55 46.35 4.53 32.18
C LEU I 55 47.72 4.31 31.54
N TYR I 56 48.63 3.68 32.29
CA TYR I 56 49.92 3.34 31.73
C TYR I 56 50.43 2.00 32.29
N SER I 57 51.35 1.38 31.56
CA SER I 57 51.89 0.09 31.95
C SER I 57 52.96 0.24 33.03
N GLY I 58 53.31 -0.90 33.65
CA GLY I 58 54.26 -0.97 34.73
C GLY I 58 53.69 -0.72 36.12
N VAL I 59 53.24 0.50 36.39
CA VAL I 59 52.67 0.85 37.68
C VAL I 59 51.21 0.36 37.70
N PRO I 60 50.72 -0.21 38.81
CA PRO I 60 49.36 -0.77 38.78
C PRO I 60 48.26 0.28 38.88
N SER I 61 47.02 -0.21 38.94
CA SER I 61 45.81 0.62 38.86
C SER I 61 45.34 1.15 40.21
N ARG I 62 46.25 1.39 41.16
CA ARG I 62 45.87 2.15 42.33
C ARG I 62 45.74 3.63 42.01
N PHE I 63 46.43 4.12 40.96
CA PHE I 63 46.31 5.49 40.49
C PHE I 63 45.15 5.57 39.51
N SER I 64 44.20 6.47 39.77
CA SER I 64 43.14 6.69 38.80
C SER I 64 42.76 8.16 38.79
N GLY I 65 42.18 8.59 37.69
CA GLY I 65 41.86 10.00 37.49
C GLY I 65 40.54 10.20 36.79
N SER I 66 39.91 11.34 37.10
CA SER I 66 38.61 11.68 36.52
C SER I 66 38.54 13.17 36.21
N ARG I 67 37.89 13.48 35.09
CA ARG I 67 37.58 14.85 34.72
C ARG I 67 36.15 15.18 35.15
N SER I 68 36.01 16.22 35.98
CA SER I 68 34.70 16.74 36.36
C SER I 68 34.70 18.21 35.99
N GLY I 69 34.11 18.54 34.83
CA GLY I 69 34.22 19.88 34.29
C GLY I 69 35.63 20.15 33.82
N THR I 70 36.35 20.98 34.58
CA THR I 70 37.79 21.11 34.43
C THR I 70 38.53 20.83 35.73
N ASP I 71 38.00 19.98 36.59
CA ASP I 71 38.62 19.68 37.87
C ASP I 71 38.92 18.18 37.89
N PHE I 72 40.18 17.83 38.05
CA PHE I 72 40.65 16.49 37.77
C PHE I 72 41.13 15.80 39.04
N THR I 73 40.63 14.59 39.25
CA THR I 73 40.72 13.90 40.53
C THR I 73 41.59 12.66 40.42
N LEU I 74 42.65 12.61 41.21
CA LEU I 74 43.46 11.42 41.40
C LEU I 74 43.05 10.72 42.68
N THR I 75 42.69 9.44 42.54
CA THR I 75 42.55 8.50 43.66
C THR I 75 43.80 7.63 43.72
N ILE I 76 44.33 7.46 44.94
CA ILE I 76 45.28 6.42 45.32
C ILE I 76 44.62 5.66 46.47
N SER I 77 44.31 4.38 46.25
CA SER I 77 43.37 3.69 47.14
C SER I 77 44.03 3.19 48.41
N SER I 78 44.96 2.25 48.29
CA SER I 78 45.69 1.74 49.45
C SER I 78 47.09 2.32 49.33
N LEU I 79 47.44 3.21 50.25
CA LEU I 79 48.72 3.89 50.16
C LEU I 79 49.83 2.98 50.66
N GLN I 80 50.81 2.76 49.81
CA GLN I 80 52.01 2.01 50.13
C GLN I 80 52.93 2.88 50.98
N PRO I 81 53.90 2.29 51.71
CA PRO I 81 54.87 3.14 52.41
C PRO I 81 55.94 3.76 51.54
N GLU I 82 56.06 3.34 50.28
CA GLU I 82 57.10 3.85 49.40
C GLU I 82 56.65 5.06 48.57
N ASP I 83 55.60 5.76 48.98
CA ASP I 83 55.10 6.91 48.25
C ASP I 83 55.17 8.21 49.04
N PHE I 84 56.34 8.47 49.64
CA PHE I 84 56.56 9.71 50.43
C PHE I 84 57.20 10.77 49.52
N ALA I 85 56.59 11.01 48.36
CA ALA I 85 57.11 11.99 47.37
C ALA I 85 55.98 12.92 46.92
N THR I 86 56.33 14.15 46.51
CA THR I 86 55.34 15.16 46.05
C THR I 86 54.75 14.72 44.70
N TYR I 87 53.50 15.14 44.43
CA TYR I 87 52.81 14.83 43.20
C TYR I 87 52.45 16.10 42.45
N TYR I 88 52.56 16.05 41.13
CA TYR I 88 52.30 17.20 40.28
C TYR I 88 51.27 16.85 39.21
N CYS I 89 50.28 17.72 39.06
CA CYS I 89 49.45 17.75 37.86
C CYS I 89 50.14 18.63 36.82
N GLN I 90 49.85 18.33 35.57
CA GLN I 90 50.56 18.90 34.43
C GLN I 90 49.53 19.24 33.37
N GLN I 91 49.61 20.44 32.82
CA GLN I 91 48.74 20.80 31.70
C GLN I 91 49.57 20.90 30.43
N TYR I 92 49.06 20.29 29.36
CA TYR I 92 49.85 20.17 28.14
C TYR I 92 48.99 20.41 26.91
N LEU I 93 48.33 21.58 26.90
CA LEU I 93 47.44 21.96 25.81
C LEU I 93 48.21 22.22 24.50
N TYR I 94 49.11 23.19 24.52
CA TYR I 94 49.91 23.51 23.35
C TYR I 94 51.38 23.40 23.75
N TYR I 95 52.25 23.21 22.74
CA TYR I 95 53.70 23.07 22.89
C TYR I 95 54.37 24.28 23.54
N SER I 96 53.85 25.48 23.32
CA SER I 96 54.35 26.64 24.03
C SER I 96 53.49 27.01 25.22
N LEU I 97 52.54 26.15 25.59
CA LEU I 97 51.69 26.37 26.75
C LEU I 97 51.76 25.24 27.77
N VAL I 98 52.89 24.54 27.86
CA VAL I 98 53.03 23.50 28.88
C VAL I 98 53.44 24.11 30.22
N THR I 99 52.52 24.06 31.19
CA THR I 99 52.89 24.36 32.57
C THR I 99 52.42 23.21 33.45
N PHE I 100 52.68 23.35 34.74
CA PHE I 100 52.54 22.23 35.65
C PHE I 100 51.65 22.66 36.81
N GLY I 101 51.59 21.81 37.83
CA GLY I 101 51.09 22.24 39.12
C GLY I 101 52.22 22.73 40.00
N GLN I 102 51.97 22.72 41.30
CA GLN I 102 53.04 22.98 42.26
C GLN I 102 53.20 21.87 43.29
N GLY I 103 52.51 20.76 43.11
CA GLY I 103 52.79 19.55 43.85
C GLY I 103 52.10 19.49 45.21
N THR I 104 52.12 18.28 45.80
CA THR I 104 51.80 18.08 47.20
C THR I 104 52.75 17.03 47.79
N LYS I 105 53.22 17.27 49.00
CA LYS I 105 54.22 16.41 49.66
C LYS I 105 53.50 15.49 50.63
N VAL I 106 53.06 14.33 50.15
CA VAL I 106 52.28 13.41 50.97
C VAL I 106 53.26 12.58 51.79
N GLU I 107 52.89 12.37 53.05
CA GLU I 107 53.65 11.75 54.12
C GLU I 107 53.13 10.34 54.36
N ILE I 108 53.97 9.47 54.98
CA ILE I 108 53.68 8.05 55.40
C ILE I 108 53.68 7.99 56.95
N LYS I 109 52.55 7.60 57.57
CA LYS I 109 52.20 7.76 59.02
C LYS I 109 53.14 7.17 60.09
N ARG I 110 53.17 7.85 61.26
CA ARG I 110 53.96 7.54 62.49
C ARG I 110 53.25 8.07 63.76
N THR I 111 53.70 7.66 64.97
CA THR I 111 53.11 8.04 66.30
C THR I 111 53.69 9.36 66.85
N VAL I 112 53.48 9.73 68.13
CA VAL I 112 54.01 11.02 68.53
C VAL I 112 55.07 10.83 69.61
N ALA I 113 56.25 11.38 69.37
CA ALA I 113 57.41 11.12 70.22
C ALA I 113 58.14 12.42 70.57
N ALA I 114 59.19 12.29 71.40
CA ALA I 114 59.89 13.40 72.01
C ALA I 114 61.34 13.49 71.50
N PRO I 115 61.88 14.71 71.32
CA PRO I 115 63.25 14.83 70.80
C PRO I 115 64.34 14.62 71.83
N SER I 116 65.55 14.47 71.32
CA SER I 116 66.77 14.63 72.10
C SER I 116 67.48 15.88 71.60
N VAL I 117 67.86 16.77 72.53
CA VAL I 117 68.39 18.09 72.22
C VAL I 117 69.83 18.16 72.72
N PHE I 118 70.75 18.57 71.83
CA PHE I 118 72.15 18.76 72.20
C PHE I 118 72.60 20.15 71.78
N ILE I 119 73.71 20.62 72.34
CA ILE I 119 74.31 21.90 71.97
C ILE I 119 75.77 21.64 71.58
N PHE I 120 76.36 22.55 70.81
CA PHE I 120 77.68 22.35 70.24
C PHE I 120 78.41 23.70 70.18
N PRO I 121 79.48 23.88 70.94
CA PRO I 121 80.27 25.12 70.85
C PRO I 121 81.25 25.07 69.69
N PRO I 122 81.74 26.22 69.20
CA PRO I 122 82.76 26.18 68.16
C PRO I 122 84.15 25.88 68.73
N SER I 123 85.04 25.47 67.84
CA SER I 123 86.42 25.16 68.21
C SER I 123 87.28 26.43 68.16
N ASP I 124 88.56 26.26 68.52
CA ASP I 124 89.49 27.38 68.48
C ASP I 124 89.95 27.68 67.06
N SER I 125 89.87 26.70 66.15
CA SER I 125 90.20 26.93 64.75
C SER I 125 89.09 27.70 64.05
N GLN I 126 87.86 27.61 64.56
CA GLN I 126 86.79 28.51 64.13
C GLN I 126 87.02 29.91 64.67
N LEU I 127 87.53 30.01 65.91
CA LEU I 127 87.65 31.30 66.58
C LEU I 127 88.88 32.08 66.12
N LYS I 128 89.86 31.40 65.50
CA LYS I 128 91.03 32.12 65.01
C LYS I 128 90.76 32.81 63.68
N SER I 129 89.72 32.40 62.97
CA SER I 129 89.36 33.01 61.70
C SER I 129 88.53 34.28 61.86
N GLY I 130 87.85 34.45 62.99
CA GLY I 130 87.00 35.61 63.21
C GLY I 130 85.51 35.35 63.17
N THR I 131 85.09 34.11 63.38
CA THR I 131 83.70 33.70 63.29
C THR I 131 83.40 32.82 64.50
N ALA I 132 82.18 32.91 65.04
CA ALA I 132 81.75 32.05 66.14
C ALA I 132 80.38 31.49 65.81
N SER I 133 80.28 30.17 65.67
CA SER I 133 79.04 29.50 65.30
C SER I 133 78.68 28.46 66.35
N VAL I 134 77.50 28.61 66.95
CA VAL I 134 76.97 27.66 67.92
C VAL I 134 75.84 26.86 67.27
N VAL I 135 75.86 25.54 67.46
CA VAL I 135 74.94 24.62 66.77
C VAL I 135 74.17 23.80 67.80
N CYS I 136 72.84 23.91 67.80
CA CYS I 136 72.04 23.07 68.69
C CYS I 136 71.06 22.22 67.87
N LEU I 137 70.89 20.97 68.31
CA LEU I 137 70.42 19.86 67.49
C LEU I 137 69.21 19.17 68.13
N LEU I 138 68.23 18.82 67.29
CA LEU I 138 67.01 18.11 67.69
C LEU I 138 66.95 16.79 66.92
N ASN I 139 66.68 15.68 67.62
CA ASN I 139 66.67 14.36 67.00
C ASN I 139 65.40 13.62 67.43
N ASN I 140 64.82 12.86 66.49
CA ASN I 140 63.85 11.77 66.68
C ASN I 140 62.53 12.25 67.31
N PHE I 141 61.87 13.15 66.59
CA PHE I 141 60.61 13.70 67.06
C PHE I 141 59.62 13.78 65.91
N TYR I 142 58.35 13.55 66.26
CA TYR I 142 57.31 13.49 65.26
C TYR I 142 56.12 14.27 65.76
N PRO I 143 55.45 15.08 64.92
CA PRO I 143 55.76 15.51 63.55
C PRO I 143 56.78 16.65 63.48
N ARG I 144 56.71 17.42 62.38
CA ARG I 144 57.72 18.42 62.04
C ARG I 144 57.72 19.62 63.00
N GLU I 145 56.56 19.97 63.55
CA GLU I 145 56.32 21.29 64.14
C GLU I 145 56.97 21.44 65.52
N ALA I 146 58.03 22.24 65.57
CA ALA I 146 58.72 22.60 66.81
C ALA I 146 59.39 23.95 66.62
N LYS I 147 59.54 24.69 67.73
CA LYS I 147 60.08 26.05 67.69
C LYS I 147 61.37 26.11 68.49
N VAL I 148 62.43 26.65 67.88
CA VAL I 148 63.74 26.76 68.50
C VAL I 148 64.03 28.25 68.70
N GLN I 149 64.67 28.61 69.82
CA GLN I 149 64.95 29.99 70.18
C GLN I 149 66.31 30.07 70.86
N TRP I 150 67.12 31.07 70.50
CA TRP I 150 68.47 31.22 71.04
C TRP I 150 68.48 32.38 72.03
N LYS I 151 69.30 32.26 73.09
CA LYS I 151 69.42 33.30 74.10
C LYS I 151 70.88 33.47 74.51
N VAL I 152 71.37 34.70 74.35
CA VAL I 152 72.74 35.09 74.67
C VAL I 152 72.65 36.22 75.68
N ASP I 153 72.96 35.89 76.96
CA ASP I 153 72.96 36.78 78.15
C ASP I 153 71.59 37.44 78.33
N ASN I 154 70.56 36.57 78.43
CA ASN I 154 69.09 36.79 78.46
C ASN I 154 68.57 37.83 77.46
N ALA I 155 69.12 37.89 76.26
CA ALA I 155 68.69 38.84 75.24
C ALA I 155 68.21 38.08 74.01
N LEU I 156 67.30 38.67 73.25
CA LEU I 156 66.70 37.99 72.12
C LEU I 156 67.42 38.34 70.82
N GLN I 157 67.73 37.32 70.03
CA GLN I 157 68.35 37.51 68.72
C GLN I 157 67.28 37.53 67.63
N SER I 158 67.63 38.11 66.48
CA SER I 158 66.73 38.20 65.34
C SER I 158 67.53 38.34 64.05
N GLY I 159 67.36 37.36 63.15
CA GLY I 159 67.87 37.48 61.81
C GLY I 159 69.28 36.97 61.58
N ASN I 160 69.98 36.53 62.63
CA ASN I 160 71.36 36.08 62.49
C ASN I 160 71.52 34.59 62.83
N SER I 161 70.43 33.83 62.71
CA SER I 161 70.47 32.39 62.93
C SER I 161 69.67 31.71 61.83
N GLN I 162 70.02 30.45 61.57
CA GLN I 162 69.34 29.69 60.51
C GLN I 162 69.14 28.26 60.96
N GLU I 163 68.23 27.57 60.27
CA GLU I 163 67.83 26.22 60.61
C GLU I 163 67.99 25.29 59.40
N SER I 164 68.02 23.99 59.68
CA SER I 164 68.17 22.97 58.65
C SER I 164 67.39 21.72 59.03
N VAL I 165 66.74 21.12 58.03
CA VAL I 165 65.92 19.93 58.20
C VAL I 165 66.37 18.87 57.20
N THR I 166 66.46 17.62 57.67
CA THR I 166 66.71 16.49 56.79
C THR I 166 65.39 15.85 56.37
N GLU I 167 65.47 14.99 55.34
CA GLU I 167 64.25 14.40 54.82
C GLU I 167 63.82 13.22 55.68
N GLN I 168 62.62 12.70 55.38
CA GLN I 168 61.92 11.86 56.34
C GLN I 168 62.28 10.39 56.15
N ASP I 169 62.42 9.69 57.27
CA ASP I 169 62.83 8.29 57.26
C ASP I 169 61.62 7.39 56.99
N SER I 170 61.89 6.09 56.82
CA SER I 170 60.85 5.08 56.67
C SER I 170 60.87 4.02 57.77
N LYS I 171 61.59 4.25 58.87
CA LYS I 171 61.72 3.25 59.94
C LYS I 171 61.00 3.65 61.21
N ASP I 172 61.36 4.80 61.80
CA ASP I 172 60.59 5.44 62.85
C ASP I 172 59.85 6.63 62.28
N SER I 173 60.33 7.14 61.13
CA SER I 173 59.69 8.11 60.22
C SER I 173 59.43 9.47 60.87
N THR I 174 60.28 9.85 61.81
CA THR I 174 60.17 11.10 62.55
C THR I 174 60.90 12.23 61.83
N TYR I 175 61.19 13.30 62.57
CA TYR I 175 61.92 14.43 62.05
C TYR I 175 63.15 14.70 62.91
N SER I 176 64.13 15.41 62.32
CA SER I 176 65.32 15.88 63.00
C SER I 176 65.76 17.22 62.39
N LEU I 177 66.13 18.17 63.26
CA LEU I 177 66.55 19.49 62.80
C LEU I 177 67.84 19.94 63.47
N SER I 178 68.44 20.99 62.90
CA SER I 178 69.61 21.66 63.49
C SER I 178 69.42 23.17 63.37
N SER I 179 70.02 23.92 64.30
CA SER I 179 69.92 25.37 64.32
C SER I 179 71.30 25.95 64.61
N THR I 180 71.83 26.75 63.67
CA THR I 180 73.15 27.36 63.80
C THR I 180 72.99 28.86 63.94
N LEU I 181 73.61 29.42 64.98
CA LEU I 181 73.71 30.87 65.17
C LEU I 181 75.15 31.30 64.95
N THR I 182 75.34 32.31 64.08
CA THR I 182 76.65 32.74 63.62
C THR I 182 76.85 34.21 63.99
N LEU I 183 77.92 34.51 64.72
CA LEU I 183 78.29 35.86 65.09
C LEU I 183 79.78 36.06 64.83
N SER I 184 80.26 37.27 65.12
CA SER I 184 81.67 37.57 65.01
C SER I 184 82.41 37.17 66.29
N LYS I 185 83.72 37.44 66.31
CA LYS I 185 84.52 37.08 67.48
C LYS I 185 84.37 38.10 68.61
N ALA I 186 84.06 39.36 68.26
CA ALA I 186 83.83 40.38 69.29
C ALA I 186 82.46 40.20 69.94
N ASP I 187 81.50 39.69 69.16
CA ASP I 187 80.19 39.33 69.70
C ASP I 187 80.26 38.05 70.52
N TYR I 188 81.28 37.21 70.26
CA TYR I 188 81.53 36.06 71.13
C TYR I 188 82.15 36.50 72.45
N GLU I 189 83.16 37.38 72.40
CA GLU I 189 83.88 37.70 73.63
C GLU I 189 83.21 38.81 74.44
N LYS I 190 82.17 39.47 73.92
CA LYS I 190 81.48 40.48 74.73
C LYS I 190 80.50 39.85 75.72
N HIS I 191 80.09 38.60 75.49
CA HIS I 191 79.12 37.94 76.36
C HIS I 191 79.71 36.61 76.83
N LYS I 192 78.99 35.97 77.74
CA LYS I 192 79.50 34.81 78.47
C LYS I 192 78.67 33.54 78.28
N VAL I 193 77.35 33.64 78.33
CA VAL I 193 76.48 32.48 78.44
C VAL I 193 75.78 32.29 77.09
N TYR I 194 75.70 31.04 76.62
CA TYR I 194 75.09 30.69 75.34
C TYR I 194 74.10 29.57 75.59
N ALA I 195 72.83 29.78 75.24
CA ALA I 195 71.83 28.76 75.51
C ALA I 195 70.79 28.71 74.41
N CYS I 196 70.34 27.49 74.09
CA CYS I 196 69.31 27.25 73.04
C CYS I 196 68.13 26.48 73.66
N GLU I 197 66.91 26.99 73.48
CA GLU I 197 65.71 26.40 74.05
C GLU I 197 64.78 25.99 72.93
N VAL I 198 63.87 25.06 73.23
CA VAL I 198 63.02 24.45 72.22
C VAL I 198 61.65 24.16 72.85
N THR I 199 60.61 24.23 72.03
CA THR I 199 59.24 23.85 72.37
C THR I 199 58.71 22.88 71.33
N HIS I 200 58.04 21.83 71.79
CA HIS I 200 57.45 20.79 70.95
C HIS I 200 56.14 20.39 71.61
N GLN I 201 55.20 19.85 70.81
CA GLN I 201 54.00 19.24 71.36
C GLN I 201 54.30 17.96 72.14
N GLY I 202 55.38 17.24 71.78
CA GLY I 202 55.82 16.10 72.55
C GLY I 202 56.63 16.42 73.79
N LEU I 203 56.99 17.69 74.00
CA LEU I 203 57.69 18.12 75.20
C LEU I 203 56.72 18.84 76.13
N SER I 204 56.77 18.48 77.41
CA SER I 204 55.91 19.14 78.38
C SER I 204 56.50 20.46 78.86
N SER I 205 57.79 20.65 78.68
CA SER I 205 58.48 21.85 79.15
C SER I 205 59.34 22.38 78.02
N PRO I 206 59.58 23.70 77.98
CA PRO I 206 60.58 24.23 77.03
C PRO I 206 61.99 23.86 77.47
N VAL I 207 62.66 23.07 76.65
CA VAL I 207 63.96 22.49 77.00
C VAL I 207 65.05 23.51 76.68
N THR I 208 65.77 23.94 77.70
CA THR I 208 66.84 24.92 77.56
C THR I 208 68.17 24.27 77.93
N LYS I 209 69.12 24.30 76.99
CA LYS I 209 70.45 23.76 77.21
C LYS I 209 71.47 24.88 77.08
N SER I 210 72.43 24.93 78.00
CA SER I 210 73.27 26.10 78.18
C SER I 210 74.72 25.68 78.33
N PHE I 211 75.62 26.61 77.96
CA PHE I 211 77.02 26.51 78.34
C PHE I 211 77.58 27.92 78.54
N ASN I 212 78.81 27.97 79.04
CA ASN I 212 79.51 29.23 79.27
C ASN I 212 80.80 29.25 78.48
N ARG I 213 81.30 30.45 78.18
CA ARG I 213 82.55 30.58 77.44
C ARG I 213 83.74 30.36 78.37
N GLY I 214 84.89 30.06 77.77
CA GLY I 214 86.10 29.83 78.53
C GLY I 214 86.15 28.45 79.17
C1 NAG J . -36.43 40.17 -31.46
C2 NAG J . -37.31 40.64 -32.65
C3 NAG J . -36.41 41.07 -33.82
C4 NAG J . -35.37 42.11 -33.40
C5 NAG J . -34.55 41.62 -32.20
C6 NAG J . -33.64 42.66 -31.63
C7 NAG J . -37.96 38.50 -33.80
C8 NAG J . -36.53 38.29 -34.25
N2 NAG J . -38.23 39.60 -33.07
O3 NAG J . -37.24 41.59 -34.86
O4 NAG J . -34.46 42.36 -34.47
O5 NAG J . -35.44 41.21 -31.13
O6 NAG J . -33.30 43.65 -32.59
O7 NAG J . -38.83 37.70 -34.09
C1 BMA J . -34.91 43.58 -35.07
C2 BMA J . -33.94 44.69 -35.50
C3 BMA J . -34.77 45.92 -35.97
C4 BMA J . -35.92 45.61 -37.00
C5 BMA J . -36.69 44.27 -36.63
C6 BMA J . -37.45 43.69 -37.81
O2 BMA J . -33.18 44.26 -36.61
O3 BMA J . -33.93 46.95 -36.49
O4 BMA J . -36.83 46.69 -37.01
O5 BMA J . -35.75 43.24 -36.17
O6 BMA J . -36.73 42.57 -38.31
C1 NAG K . -35.56 2.97 -51.57
C2 NAG K . -36.46 2.09 -52.45
C3 NAG K . -35.60 1.09 -53.25
C4 NAG K . -34.56 1.82 -54.10
C5 NAG K . -33.68 2.70 -53.21
C6 NAG K . -32.76 3.57 -54.03
C7 NAG K . -38.77 1.27 -51.89
C8 NAG K . -39.31 1.95 -53.13
N2 NAG K . -37.45 1.38 -51.64
O3 NAG K . -36.46 0.32 -54.07
O4 NAG K . -33.74 0.88 -54.77
O5 NAG K . -34.49 3.58 -52.42
O6 NAG K . -33.43 4.08 -55.17
O7 NAG K . -39.50 0.64 -51.14
C1 BMA K . -34.23 1.05 -56.12
C2 BMA K . -33.16 1.22 -57.25
C3 BMA K . -33.85 1.53 -58.61
C4 BMA K . -35.16 0.72 -58.93
C5 BMA K . -36.08 0.70 -57.70
C6 BMA K . -37.25 -0.23 -57.87
O2 BMA K . -32.41 0.03 -57.41
O3 BMA K . -32.93 1.37 -59.66
O4 BMA K . -35.83 1.33 -60.01
O5 BMA K . -35.33 0.23 -56.55
O6 BMA K . -36.97 -1.42 -57.17
C1 NAG L . -52.35 -8.34 8.21
C2 NAG L . -52.64 -9.04 9.51
C3 NAG L . -54.10 -8.82 9.93
C4 NAG L . -54.43 -7.33 10.03
C5 NAG L . -54.12 -6.62 8.72
C6 NAG L . -54.22 -5.13 8.85
C7 NAG L . -51.16 -10.96 9.66
C8 NAG L . -51.02 -12.45 9.52
N2 NAG L . -52.36 -10.46 9.41
O3 NAG L . -54.34 -9.44 11.18
O4 NAG L . -55.81 -7.17 10.32
O5 NAG L . -52.77 -6.90 8.30
O6 NAG L . -53.53 -4.69 10.02
O7 NAG L . -50.21 -10.26 9.98
C1 NAG L . -55.87 -6.91 11.59
C2 NAG L . -57.32 -6.59 11.85
C3 NAG L . -57.54 -6.34 13.35
C4 NAG L . -57.04 -7.50 14.20
C5 NAG L . -55.61 -7.93 13.84
C6 NAG L . -55.22 -9.26 14.44
C7 NAG L . -58.82 -5.38 10.24
C8 NAG L . -59.69 -6.61 10.13
N2 NAG L . -57.75 -5.45 11.07
O3 NAG L . -58.92 -6.15 13.55
O4 NAG L . -57.03 -7.11 15.57
O5 NAG L . -55.47 -8.06 12.41
O6 NAG L . -55.20 -10.27 13.44
O7 NAG L . -59.06 -4.36 9.61
C1 NAG M . -46.40 28.41 7.50
C2 NAG M . -45.77 29.40 8.46
C3 NAG M . -46.81 30.43 8.90
C4 NAG M . -47.46 31.15 7.71
C5 NAG M . -47.99 30.13 6.68
C6 NAG M . -48.38 30.78 5.37
C7 NAG M . -43.96 29.03 10.06
C8 NAG M . -43.52 28.25 11.26
N2 NAG M . -45.19 28.75 9.61
O3 NAG M . -46.19 31.39 9.74
O4 NAG M . -48.54 31.94 8.17
O5 NAG M . -47.00 29.14 6.36
O6 NAG M . -49.63 31.45 5.43
O7 NAG M . -43.26 29.87 9.53
C01 QMR N . -61.08 36.34 -9.62
N02 QMR N . -60.75 34.84 -10.00
C03 QMR N . -59.83 34.54 -11.28
C04 QMR N . -59.57 35.89 -12.05
C05 QMR N . -59.52 36.87 -11.30
C06 QMR N . -60.55 37.30 -10.76
C07 QMR N . -61.71 37.16 -11.99
C08 QMR N . -62.89 37.63 -12.31
C09 QMR N . -63.53 37.22 -13.54
N10 QMR N . -64.72 37.70 -13.86
C11 QMR N . -65.33 37.34 -14.98
C12 QMR N . -64.70 36.42 -15.85
N13 QMR N . -63.51 35.94 -15.52
C14 QMR N . -62.89 36.30 -14.41
C15 QMR N . -61.59 35.79 -14.06
C16 QMR N . -60.99 36.15 -12.94
C1 NAG O . -34.68 37.25 -27.31
C2 NAG O . -33.95 38.39 -28.00
C3 NAG O . -34.86 39.02 -29.06
C4 NAG O . -35.32 38.00 -30.08
C5 NAG O . -35.99 36.81 -29.38
C6 NAG O . -36.26 35.67 -30.33
C7 NAG O . -32.39 39.29 -26.32
C8 NAG O . -32.12 40.40 -25.36
N2 NAG O . -33.53 39.39 -27.02
O3 NAG O . -34.18 40.08 -29.71
O4 NAG O . -36.29 38.60 -30.93
O5 NAG O . -35.15 36.30 -28.34
O6 NAG O . -35.12 35.44 -31.15
O7 NAG O . -31.62 38.35 -26.45
C1 NAG P . -33.52 5.15 -47.39
C2 NAG P . -32.58 5.13 -48.56
C3 NAG P . -33.40 5.35 -49.84
C4 NAG P . -34.43 4.24 -50.02
C5 NAG P . -35.30 4.03 -48.76
C6 NAG P . -35.97 2.68 -48.78
C7 NAG P . -30.24 5.80 -48.60
C8 NAG P . -29.26 6.91 -48.45
N2 NAG P . -31.53 6.13 -48.45
O3 NAG P . -32.51 5.35 -50.94
O4 NAG P . -35.30 4.59 -51.09
O5 NAG P . -34.52 4.07 -47.55
O6 NAG P . -34.97 1.67 -48.73
O7 NAG P . -29.90 4.65 -48.86
C1 NAG Q . -43.95 -23.18 -25.68
C2 NAG Q . -43.88 -24.58 -26.28
C3 NAG Q . -45.28 -25.08 -26.64
C4 NAG Q . -46.23 -25.04 -25.44
C5 NAG Q . -46.28 -23.63 -24.84
C6 NAG Q . -47.02 -23.58 -23.53
C7 NAG Q . -41.76 -25.05 -27.35
C8 NAG Q . -40.97 -25.03 -28.62
N2 NAG Q . -43.01 -24.62 -27.42
O3 NAG Q . -45.17 -26.40 -27.14
O4 NAG Q . -47.53 -25.44 -25.83
O5 NAG Q . -44.94 -23.16 -24.56
O6 NAG Q . -46.42 -24.42 -22.56
O7 NAG Q . -41.28 -25.45 -26.30
C01 QMR R . -65.73 -17.71 -19.26
N02 QMR R . -65.12 -16.34 -19.82
C03 QMR R . -64.75 -15.17 -18.81
C04 QMR R . -65.24 -15.58 -17.36
C05 QMR R . -65.17 -16.80 -17.16
C06 QMR R . -65.97 -17.55 -17.71
C07 QMR R . -67.43 -16.71 -17.67
C08 QMR R . -68.71 -16.90 -17.79
C09 QMR R . -69.63 -15.80 -17.68
N10 QMR R . -70.92 -16.02 -17.78
C11 QMR R . -71.80 -15.03 -17.69
C12 QMR R . -71.34 -13.69 -17.48
N13 QMR R . -70.03 -13.48 -17.36
C14 QMR R . -69.15 -14.48 -17.45
C15 QMR R . -67.73 -14.26 -17.32
C16 QMR R . -66.90 -15.26 -17.42
C1 BMA S . -58.44 -7.63 16.08
C2 BMA S . -58.21 -8.56 17.29
C3 BMA S . -59.58 -9.19 17.65
C4 BMA S . -60.69 -8.14 17.95
C5 BMA S . -60.75 -7.07 16.81
C6 BMA S . -61.55 -5.85 17.19
O2 BMA S . -57.81 -7.80 18.39
O3 BMA S . -59.47 -10.09 18.72
O4 BMA S . -61.93 -8.80 18.05
O5 BMA S . -59.39 -6.63 16.45
O6 BMA S . -60.79 -5.10 18.12
#